data_4FR8
#
_entry.id   4FR8
#
_cell.length_a   101.663
_cell.length_b   175.916
_cell.length_c   102.296
_cell.angle_alpha   90.00
_cell.angle_beta   95.01
_cell.angle_gamma   90.00
#
_symmetry.space_group_name_H-M   'P 1 21 1'
#
loop_
_entity.id
_entity.type
_entity.pdbx_description
1 polymer 'Aldehyde dehydrogenase, mitochondrial'
2 non-polymer 'propane-1,2,3-triyl trinitrate'
3 non-polymer NICOTINAMIDE-ADENINE-DINUCLEOTIDE
4 non-polymer 'MAGNESIUM ION'
5 non-polymer UREA
6 non-polymer 'SODIUM ION'
7 non-polymer "ADENOSINE-5'-DIPHOSPHATE"
8 non-polymer 2-[BIS-(2-HYDROXY-ETHYL)-AMINO]-2-HYDROXYMETHYL-PROPANE-1,3-DIOL
9 water water
#
_entity_poly.entity_id   1
_entity_poly.type   'polypeptide(L)'
_entity_poly.pdbx_seq_one_letter_code
;SAAATQAVPAPNQQPEVFCNQIFINNEWHDAVSRKTFPTVNPSTGEVICQVAEGDKEDVDKAVKAARAAFQLGSPWRRMD
ASHRGRLLNRLADLIERDRTYLAALETLDNGKPYVISYLVDLDMVLKCLRYYAGWADKYHGKTIPIDGDFFSYTRHEPVG
VCGQIIPWNFPLLMQAWKLGPALATGNVVVMKVAEQTPLTALYVANLIKEAGFPPGVVNIVPGFGPTAGAAIASHEDVDK
VAFTGSTEIGRVIQVAAGSSNLKRVTLQLGGKSPNIIMSDADMDWAVEQAHFALFFNQGQSCSAGSRTFVQEDIYDEFVE
RSVARAKSRVVGNPFDSKTEQGPQVDETQFKKILGYINTGKQEGAKLLCGGGIAADRGYFIQPTVFGDVQDGMTIAKEEI
FGPVMQILKFKTIEEVVGRANNSTYGLAAAVFTKDLDKANYLSQALQAGTVWVNCYDVFGAQSPFGGYKMSGSGRELGEY
GLQAYTEVKTVTVKVPQKNS
;
_entity_poly.pdbx_strand_id   A,B,C,D,E,F,G,H
#
loop_
_chem_comp.id
_chem_comp.type
_chem_comp.name
_chem_comp.formula
ADP non-polymer ADENOSINE-5'-DIPHOSPHATE 'C10 H15 N5 O10 P2'
BTB non-polymer 2-[BIS-(2-HYDROXY-ETHYL)-AMINO]-2-HYDROXYMETHYL-PROPANE-1,3-DIOL 'C8 H19 N O5'
MG non-polymer 'MAGNESIUM ION' 'Mg 2'
NA non-polymer 'SODIUM ION' 'Na 1'
NAD non-polymer NICOTINAMIDE-ADENINE-DINUCLEOTIDE 'C21 H27 N7 O14 P2'
TNG non-polymer 'propane-1,2,3-triyl trinitrate' 'C3 H5 N3 O9'
URE non-polymer UREA 'C H4 N2 O'
#
# COMPACT_ATOMS: atom_id res chain seq x y z
N VAL A 8 -38.80 -27.74 42.23
CA VAL A 8 -40.23 -27.68 41.94
C VAL A 8 -41.00 -27.05 43.09
N PRO A 9 -41.58 -25.87 42.86
CA PRO A 9 -42.39 -25.13 43.83
C PRO A 9 -43.63 -25.92 44.24
N ALA A 10 -44.06 -25.78 45.50
CA ALA A 10 -45.16 -26.58 46.04
C ALA A 10 -46.47 -26.33 45.29
N PRO A 11 -47.24 -27.41 45.06
CA PRO A 11 -48.52 -27.32 44.33
C PRO A 11 -49.68 -26.97 45.24
N ASN A 12 -50.78 -26.51 44.64
CA ASN A 12 -52.07 -26.46 45.29
C ASN A 12 -52.82 -27.68 44.77
N GLN A 13 -53.03 -28.67 45.63
CA GLN A 13 -53.62 -29.93 45.19
C GLN A 13 -55.13 -29.85 45.00
N GLN A 14 -55.68 -28.68 45.32
CA GLN A 14 -57.10 -28.42 45.09
C GLN A 14 -57.29 -27.07 44.41
N PRO A 15 -56.84 -26.95 43.17
CA PRO A 15 -56.96 -25.64 42.52
C PRO A 15 -58.42 -25.29 42.26
N GLU A 16 -58.75 -24.01 42.40
CA GLU A 16 -60.09 -23.54 42.13
C GLU A 16 -60.27 -23.33 40.62
N VAL A 17 -61.42 -23.73 40.09
CA VAL A 17 -61.69 -23.60 38.67
C VAL A 17 -62.33 -22.25 38.37
N PHE A 18 -61.81 -21.56 37.37
CA PHE A 18 -62.31 -20.23 37.02
C PHE A 18 -63.09 -20.24 35.70
N CYS A 19 -62.80 -21.21 34.84
CA CYS A 19 -63.40 -21.24 33.51
C CYS A 19 -63.91 -22.63 33.13
N ASN A 20 -65.20 -22.73 32.80
CA ASN A 20 -65.78 -24.00 32.38
C ASN A 20 -66.86 -23.83 31.32
N GLN A 21 -66.78 -22.74 30.56
CA GLN A 21 -67.78 -22.46 29.53
C GLN A 21 -67.16 -22.41 28.14
N ILE A 22 -67.96 -21.94 27.19
CA ILE A 22 -67.52 -21.82 25.80
C ILE A 22 -66.92 -20.44 25.59
N PHE A 23 -65.79 -20.38 24.91
CA PHE A 23 -65.04 -19.15 24.74
C PHE A 23 -65.18 -18.65 23.31
N ILE A 24 -65.96 -17.59 23.13
CA ILE A 24 -66.17 -16.97 21.83
C ILE A 24 -66.08 -15.45 21.95
N ASN A 25 -65.36 -14.82 21.03
CA ASN A 25 -65.16 -13.37 21.03
C ASN A 25 -64.63 -12.83 22.36
N ASN A 26 -63.73 -13.61 22.95
CA ASN A 26 -63.14 -13.29 24.25
C ASN A 26 -64.11 -13.27 25.45
N GLU A 27 -65.33 -13.76 25.22
N GLU A 27 -65.34 -13.77 25.23
CA GLU A 27 -66.32 -13.86 26.30
CA GLU A 27 -66.33 -13.83 26.30
C GLU A 27 -66.59 -15.32 26.65
C GLU A 27 -66.75 -15.28 26.57
N TRP A 28 -67.30 -15.53 27.76
CA TRP A 28 -67.71 -16.87 28.16
C TRP A 28 -69.21 -17.10 27.92
N HIS A 29 -69.54 -18.20 27.25
CA HIS A 29 -70.94 -18.52 26.93
C HIS A 29 -71.31 -19.92 27.40
N ASP A 30 -72.56 -20.08 27.85
CA ASP A 30 -73.09 -21.42 28.07
C ASP A 30 -73.38 -22.02 26.70
N ALA A 31 -73.52 -23.34 26.66
CA ALA A 31 -73.96 -24.00 25.43
C ALA A 31 -75.36 -23.49 25.10
N VAL A 32 -75.68 -23.45 23.81
CA VAL A 32 -77.01 -23.03 23.38
C VAL A 32 -78.08 -23.90 24.03
N SER A 33 -77.81 -25.21 24.09
CA SER A 33 -78.69 -26.17 24.73
C SER A 33 -78.63 -26.09 26.26
N ARG A 34 -77.70 -25.28 26.77
CA ARG A 34 -77.47 -25.11 28.21
C ARG A 34 -77.05 -26.41 28.92
N LYS A 35 -76.79 -27.44 28.12
CA LYS A 35 -76.31 -28.72 28.66
C LYS A 35 -74.86 -28.61 29.13
N THR A 36 -74.52 -29.43 30.13
CA THR A 36 -73.15 -29.48 30.63
C THR A 36 -72.69 -30.93 30.70
N PHE A 37 -71.39 -31.13 30.84
CA PHE A 37 -70.85 -32.46 31.03
C PHE A 37 -69.79 -32.46 32.13
N PRO A 38 -69.71 -33.56 32.90
CA PRO A 38 -68.74 -33.64 33.98
C PRO A 38 -67.34 -33.95 33.46
N THR A 39 -66.33 -33.33 34.06
CA THR A 39 -64.95 -33.75 33.85
C THR A 39 -64.44 -34.35 35.16
N VAL A 40 -63.74 -35.47 35.05
CA VAL A 40 -63.41 -36.28 36.22
C VAL A 40 -61.91 -36.22 36.59
N ASN A 41 -61.62 -36.22 37.90
CA ASN A 41 -60.27 -36.40 38.40
C ASN A 41 -59.95 -37.89 38.36
N PRO A 42 -59.10 -38.32 37.42
CA PRO A 42 -58.82 -39.75 37.22
C PRO A 42 -58.12 -40.42 38.40
N SER A 43 -57.62 -39.64 39.35
CA SER A 43 -56.93 -40.20 40.50
C SER A 43 -57.93 -40.69 41.54
N THR A 44 -59.06 -39.98 41.64
CA THR A 44 -60.07 -40.31 42.63
C THR A 44 -61.36 -40.79 41.99
N GLY A 45 -61.53 -40.50 40.71
CA GLY A 45 -62.75 -40.86 40.00
C GLY A 45 -63.91 -39.93 40.33
N GLU A 46 -63.62 -38.84 41.02
CA GLU A 46 -64.66 -37.89 41.42
C GLU A 46 -64.83 -36.78 40.38
N VAL A 47 -66.05 -36.23 40.30
CA VAL A 47 -66.33 -35.15 39.37
C VAL A 47 -65.70 -33.85 39.82
N ILE A 48 -64.89 -33.26 38.96
CA ILE A 48 -64.24 -31.98 39.27
C ILE A 48 -65.25 -30.85 39.15
N CYS A 49 -65.92 -30.79 38.00
CA CYS A 49 -66.94 -29.77 37.78
C CYS A 49 -67.69 -30.06 36.50
N GLN A 50 -68.74 -29.27 36.25
CA GLN A 50 -69.47 -29.32 35.00
C GLN A 50 -68.86 -28.36 33.99
N VAL A 51 -68.90 -28.75 32.72
CA VAL A 51 -68.39 -27.94 31.64
C VAL A 51 -69.46 -27.79 30.56
N ALA A 52 -69.62 -26.59 30.03
CA ALA A 52 -70.57 -26.35 28.93
C ALA A 52 -70.34 -27.35 27.80
N GLU A 53 -71.42 -28.00 27.37
CA GLU A 53 -71.31 -29.00 26.32
C GLU A 53 -71.59 -28.40 24.95
N GLY A 54 -70.54 -27.94 24.29
CA GLY A 54 -70.67 -27.31 22.99
C GLY A 54 -71.01 -28.31 21.89
N ASP A 55 -71.92 -27.92 21.01
CA ASP A 55 -72.32 -28.77 19.90
C ASP A 55 -72.26 -27.96 18.61
N LYS A 56 -72.93 -28.45 17.57
CA LYS A 56 -72.97 -27.81 16.27
C LYS A 56 -73.31 -26.31 16.33
N GLU A 57 -74.43 -25.98 16.96
CA GLU A 57 -74.87 -24.59 17.05
C GLU A 57 -73.84 -23.68 17.68
N ASP A 58 -73.11 -24.20 18.67
CA ASP A 58 -72.08 -23.44 19.35
C ASP A 58 -70.86 -23.27 18.46
N VAL A 59 -70.51 -24.33 17.72
CA VAL A 59 -69.41 -24.28 16.76
C VAL A 59 -69.66 -23.22 15.69
N ASP A 60 -70.91 -23.14 15.24
CA ASP A 60 -71.32 -22.14 14.25
C ASP A 60 -71.08 -20.70 14.72
N LYS A 61 -71.37 -20.43 15.99
CA LYS A 61 -71.14 -19.10 16.55
C LYS A 61 -69.66 -18.78 16.62
N ALA A 62 -68.85 -19.79 16.93
CA ALA A 62 -67.40 -19.64 16.96
C ALA A 62 -66.85 -19.37 15.55
N VAL A 63 -67.33 -20.13 14.56
CA VAL A 63 -66.86 -19.97 13.19
C VAL A 63 -67.20 -18.58 12.66
N LYS A 64 -68.34 -18.05 13.05
CA LYS A 64 -68.71 -16.69 12.69
C LYS A 64 -67.83 -15.65 13.36
N ALA A 65 -67.49 -15.88 14.62
CA ALA A 65 -66.61 -14.99 15.36
C ALA A 65 -65.24 -14.95 14.70
N ALA A 66 -64.74 -16.14 14.35
CA ALA A 66 -63.45 -16.28 13.72
C ALA A 66 -63.45 -15.62 12.34
N ARG A 67 -64.48 -15.92 11.55
CA ARG A 67 -64.61 -15.39 10.21
C ARG A 67 -64.59 -13.86 10.18
N ALA A 68 -65.27 -13.24 11.15
CA ALA A 68 -65.33 -11.79 11.22
C ALA A 68 -64.02 -11.17 11.71
N ALA A 69 -63.28 -11.90 12.53
CA ALA A 69 -61.98 -11.44 12.98
C ALA A 69 -60.94 -11.52 11.85
N PHE A 70 -61.23 -12.35 10.86
CA PHE A 70 -60.31 -12.58 9.74
C PHE A 70 -60.63 -11.70 8.52
N GLN A 71 -61.69 -10.90 8.61
CA GLN A 71 -62.07 -10.02 7.52
C GLN A 71 -60.97 -9.00 7.20
N LEU A 72 -60.83 -8.68 5.92
CA LEU A 72 -59.82 -7.74 5.47
C LEU A 72 -60.04 -6.39 6.17
N GLY A 73 -58.98 -5.84 6.73
CA GLY A 73 -59.06 -4.56 7.41
C GLY A 73 -59.40 -4.66 8.88
N SER A 74 -59.47 -5.89 9.40
CA SER A 74 -59.74 -6.11 10.83
C SER A 74 -58.47 -5.89 11.64
N PRO A 75 -58.62 -5.67 12.96
CA PRO A 75 -57.45 -5.51 13.83
C PRO A 75 -56.43 -6.63 13.67
N TRP A 76 -56.89 -7.87 13.59
CA TRP A 76 -55.98 -9.01 13.45
C TRP A 76 -55.29 -9.10 12.08
N ARG A 77 -55.98 -8.72 11.01
CA ARG A 77 -55.38 -8.75 9.66
C ARG A 77 -54.40 -7.59 9.46
N ARG A 78 -54.64 -6.47 10.13
CA ARG A 78 -53.86 -5.26 9.95
C ARG A 78 -52.68 -5.17 10.90
N MET A 79 -52.77 -5.91 12.00
CA MET A 79 -51.72 -5.93 13.01
C MET A 79 -50.36 -6.33 12.41
N ASP A 80 -49.32 -5.58 12.77
CA ASP A 80 -47.97 -5.91 12.36
C ASP A 80 -47.61 -7.33 12.73
N ALA A 81 -46.89 -8.01 11.83
CA ALA A 81 -46.44 -9.38 12.09
C ALA A 81 -45.63 -9.46 13.38
N SER A 82 -44.76 -8.48 13.59
CA SER A 82 -43.93 -8.43 14.79
C SER A 82 -44.76 -8.30 16.05
N HIS A 83 -45.93 -7.66 15.93
CA HIS A 83 -46.81 -7.46 17.07
C HIS A 83 -47.50 -8.77 17.43
N ARG A 84 -47.78 -9.60 16.42
CA ARG A 84 -48.27 -10.96 16.68
C ARG A 84 -47.23 -11.68 17.55
N GLY A 85 -45.96 -11.43 17.29
CA GLY A 85 -44.89 -11.95 18.11
C GLY A 85 -44.92 -11.42 19.54
N ARG A 86 -45.23 -10.14 19.70
CA ARG A 86 -45.35 -9.53 21.02
C ARG A 86 -46.48 -10.16 21.84
N LEU A 87 -47.61 -10.41 21.19
CA LEU A 87 -48.77 -10.98 21.85
C LEU A 87 -48.53 -12.42 22.30
N LEU A 88 -47.81 -13.18 21.48
CA LEU A 88 -47.47 -14.56 21.81
C LEU A 88 -46.47 -14.65 22.97
N ASN A 89 -45.54 -13.69 23.02
CA ASN A 89 -44.59 -13.62 24.12
C ASN A 89 -45.25 -13.17 25.43
N ARG A 90 -46.30 -12.36 25.29
CA ARG A 90 -47.05 -11.86 26.44
C ARG A 90 -47.92 -12.96 27.04
N LEU A 91 -48.54 -13.76 26.17
CA LEU A 91 -49.28 -14.94 26.60
C LEU A 91 -48.35 -15.93 27.30
N ALA A 92 -47.14 -16.08 26.77
CA ALA A 92 -46.14 -16.91 27.42
C ALA A 92 -45.80 -16.41 28.83
N ASP A 93 -45.64 -15.10 28.98
CA ASP A 93 -45.33 -14.49 30.28
C ASP A 93 -46.47 -14.71 31.27
N LEU A 94 -47.70 -14.65 30.76
CA LEU A 94 -48.89 -14.84 31.59
C LEU A 94 -49.00 -16.29 32.03
N ILE A 95 -48.62 -17.20 31.14
CA ILE A 95 -48.64 -18.63 31.44
C ILE A 95 -47.56 -18.97 32.47
N GLU A 96 -46.37 -18.35 32.33
CA GLU A 96 -45.28 -18.57 33.28
C GLU A 96 -45.63 -18.06 34.68
N ARG A 97 -46.37 -16.96 34.73
CA ARG A 97 -46.88 -16.42 35.98
C ARG A 97 -47.76 -17.46 36.69
N ASP A 98 -48.75 -17.96 35.97
CA ASP A 98 -49.70 -18.92 36.53
C ASP A 98 -49.22 -20.35 36.33
N ARG A 99 -47.91 -20.54 36.31
CA ARG A 99 -47.31 -21.84 35.99
C ARG A 99 -47.70 -22.95 36.98
N THR A 100 -47.60 -22.65 38.27
CA THR A 100 -47.87 -23.65 39.31
C THR A 100 -49.36 -23.99 39.34
N TYR A 101 -50.19 -22.99 39.06
CA TYR A 101 -51.63 -23.20 39.01
C TYR A 101 -52.03 -24.12 37.85
N LEU A 102 -51.47 -23.85 36.68
CA LEU A 102 -51.79 -24.64 35.49
C LEU A 102 -51.20 -26.05 35.57
N ALA A 103 -50.03 -26.17 36.19
CA ALA A 103 -49.38 -27.47 36.35
C ALA A 103 -50.17 -28.34 37.31
N ALA A 104 -50.82 -27.71 38.28
CA ALA A 104 -51.64 -28.39 39.26
C ALA A 104 -53.01 -28.77 38.67
N LEU A 105 -53.58 -27.86 37.88
CA LEU A 105 -54.83 -28.11 37.20
C LEU A 105 -54.67 -29.15 36.09
N GLU A 106 -53.48 -29.20 35.49
CA GLU A 106 -53.18 -30.21 34.48
C GLU A 106 -53.17 -31.59 35.12
N THR A 107 -52.55 -31.67 36.29
CA THR A 107 -52.45 -32.91 37.04
C THR A 107 -53.79 -33.35 37.59
N LEU A 108 -54.60 -32.38 38.03
CA LEU A 108 -55.91 -32.66 38.58
C LEU A 108 -56.81 -33.31 37.54
N ASP A 109 -56.83 -32.71 36.35
CA ASP A 109 -57.79 -33.07 35.29
C ASP A 109 -57.29 -34.23 34.41
N ASN A 110 -55.97 -34.38 34.32
CA ASN A 110 -55.37 -35.41 33.46
C ASN A 110 -54.82 -36.63 34.23
N GLY A 111 -54.23 -36.38 35.38
CA GLY A 111 -53.71 -37.47 36.20
C GLY A 111 -52.19 -37.60 36.28
N LYS A 112 -51.49 -36.94 35.36
CA LYS A 112 -50.04 -37.01 35.31
C LYS A 112 -49.41 -36.36 36.54
N PRO A 113 -48.24 -36.88 36.97
CA PRO A 113 -47.55 -36.37 38.16
C PRO A 113 -47.31 -34.86 38.08
N TYR A 114 -47.57 -34.16 39.18
CA TYR A 114 -47.41 -32.72 39.25
C TYR A 114 -45.99 -32.29 38.90
N VAL A 115 -45.01 -33.07 39.34
CA VAL A 115 -43.61 -32.78 39.05
C VAL A 115 -43.37 -32.76 37.53
N ILE A 116 -44.01 -33.68 36.82
CA ILE A 116 -43.91 -33.72 35.36
C ILE A 116 -44.70 -32.60 34.68
N SER A 117 -45.92 -32.37 35.16
CA SER A 117 -46.72 -31.25 34.69
C SER A 117 -45.95 -29.94 34.78
N TYR A 118 -45.28 -29.72 35.91
CA TYR A 118 -44.57 -28.47 36.14
C TYR A 118 -43.27 -28.34 35.35
N LEU A 119 -42.45 -29.39 35.37
CA LEU A 119 -41.11 -29.32 34.80
C LEU A 119 -41.03 -29.63 33.32
N VAL A 120 -42.01 -30.40 32.82
CA VAL A 120 -42.00 -30.82 31.42
C VAL A 120 -43.09 -30.12 30.62
N ASP A 121 -44.34 -30.48 30.89
CA ASP A 121 -45.48 -29.94 30.14
C ASP A 121 -45.50 -28.42 30.06
N LEU A 122 -45.43 -27.75 31.22
CA LEU A 122 -45.51 -26.30 31.25
C LEU A 122 -44.27 -25.63 30.67
N ASP A 123 -43.12 -26.27 30.85
CA ASP A 123 -41.88 -25.75 30.30
C ASP A 123 -41.87 -25.83 28.77
N MET A 124 -42.44 -26.91 28.24
CA MET A 124 -42.55 -27.11 26.80
C MET A 124 -43.59 -26.18 26.19
N VAL A 125 -44.65 -25.90 26.94
CA VAL A 125 -45.67 -24.95 26.53
C VAL A 125 -45.06 -23.56 26.33
N LEU A 126 -44.28 -23.11 27.31
CA LEU A 126 -43.62 -21.82 27.27
C LEU A 126 -42.60 -21.73 26.14
N LYS A 127 -41.82 -22.79 25.97
CA LYS A 127 -40.81 -22.83 24.94
C LYS A 127 -41.41 -22.90 23.54
N CYS A 128 -42.56 -23.56 23.41
CA CYS A 128 -43.24 -23.64 22.13
C CYS A 128 -43.79 -22.27 21.70
N LEU A 129 -44.45 -21.59 22.63
CA LEU A 129 -45.08 -20.30 22.33
C LEU A 129 -44.07 -19.20 22.07
N ARG A 130 -42.96 -19.24 22.80
CA ARG A 130 -41.91 -18.25 22.63
C ARG A 130 -41.12 -18.50 21.35
N TYR A 131 -40.96 -19.78 20.99
CA TYR A 131 -40.34 -20.13 19.72
C TYR A 131 -41.17 -19.56 18.56
N TYR A 132 -42.46 -19.84 18.56
CA TYR A 132 -43.30 -19.42 17.44
C TYR A 132 -43.53 -17.91 17.39
N ALA A 133 -43.36 -17.25 18.53
CA ALA A 133 -43.42 -15.80 18.59
C ALA A 133 -42.31 -15.21 17.72
N GLY A 134 -41.19 -15.94 17.66
CA GLY A 134 -40.06 -15.50 16.86
C GLY A 134 -40.34 -15.64 15.38
N TRP A 135 -41.24 -16.55 15.03
CA TRP A 135 -41.53 -16.84 13.64
C TRP A 135 -42.48 -15.84 13.01
N ALA A 136 -43.24 -15.14 13.85
CA ALA A 136 -44.33 -14.28 13.40
C ALA A 136 -43.97 -13.38 12.21
N ASP A 137 -42.79 -12.76 12.27
CA ASP A 137 -42.40 -11.81 11.23
C ASP A 137 -41.18 -12.26 10.41
N LYS A 138 -41.02 -13.58 10.25
CA LYS A 138 -39.81 -14.11 9.59
C LYS A 138 -40.09 -15.19 8.54
N TYR A 139 -41.35 -15.53 8.34
CA TYR A 139 -41.71 -16.56 7.38
C TYR A 139 -41.93 -15.95 6.00
N HIS A 140 -40.83 -15.56 5.35
CA HIS A 140 -40.88 -14.82 4.09
C HIS A 140 -41.47 -15.58 2.92
N GLY A 141 -42.17 -14.87 2.06
CA GLY A 141 -42.51 -15.36 0.74
C GLY A 141 -41.30 -15.17 -0.15
N LYS A 142 -41.48 -15.24 -1.46
CA LYS A 142 -40.33 -15.18 -2.37
C LYS A 142 -40.52 -14.16 -3.49
N THR A 143 -39.40 -13.70 -4.05
CA THR A 143 -39.42 -13.02 -5.33
C THR A 143 -38.76 -13.98 -6.33
N ILE A 144 -39.38 -14.14 -7.49
CA ILE A 144 -39.09 -15.30 -8.34
C ILE A 144 -38.71 -14.89 -9.77
N PRO A 145 -37.54 -15.35 -10.25
CA PRO A 145 -37.07 -14.92 -11.57
C PRO A 145 -37.77 -15.65 -12.72
N ILE A 146 -39.06 -15.41 -12.88
CA ILE A 146 -39.87 -16.02 -13.93
C ILE A 146 -39.37 -15.58 -15.32
N ASP A 147 -39.70 -16.36 -16.36
CA ASP A 147 -39.36 -15.97 -17.73
C ASP A 147 -40.20 -14.77 -18.14
N GLY A 148 -39.70 -13.99 -19.09
CA GLY A 148 -40.48 -12.90 -19.66
C GLY A 148 -40.37 -11.59 -18.92
N ASP A 149 -41.02 -10.57 -19.46
CA ASP A 149 -40.99 -9.24 -18.85
C ASP A 149 -42.01 -9.14 -17.74
N PHE A 150 -41.74 -9.88 -16.66
CA PHE A 150 -42.65 -9.90 -15.52
C PHE A 150 -41.89 -9.87 -14.21
N PHE A 151 -42.55 -9.33 -13.18
CA PHE A 151 -42.08 -9.47 -11.82
C PHE A 151 -43.03 -10.43 -11.13
N SER A 152 -42.49 -11.51 -10.59
CA SER A 152 -43.31 -12.51 -9.93
C SER A 152 -42.85 -12.71 -8.49
N TYR A 153 -43.80 -12.68 -7.57
CA TYR A 153 -43.50 -12.91 -6.16
C TYR A 153 -44.63 -13.66 -5.47
N THR A 154 -44.37 -14.16 -4.27
CA THR A 154 -45.42 -14.80 -3.49
C THR A 154 -45.69 -14.09 -2.17
N ARG A 155 -46.96 -14.04 -1.80
CA ARG A 155 -47.35 -13.57 -0.49
C ARG A 155 -47.69 -14.79 0.37
N HIS A 156 -47.11 -14.87 1.56
CA HIS A 156 -47.45 -15.93 2.49
C HIS A 156 -48.57 -15.47 3.41
N GLU A 157 -49.80 -15.67 2.94
CA GLU A 157 -50.99 -15.23 3.65
C GLU A 157 -51.46 -16.30 4.64
N PRO A 158 -52.33 -15.93 5.59
CA PRO A 158 -52.88 -16.97 6.46
C PRO A 158 -53.88 -17.82 5.69
N VAL A 159 -54.07 -19.07 6.10
CA VAL A 159 -55.04 -19.94 5.44
C VAL A 159 -56.47 -19.55 5.81
N GLY A 160 -56.66 -19.02 7.01
CA GLY A 160 -57.94 -18.45 7.40
C GLY A 160 -58.49 -19.01 8.70
N VAL A 161 -59.74 -19.47 8.66
CA VAL A 161 -60.37 -20.06 9.83
C VAL A 161 -59.90 -21.50 10.00
N CYS A 162 -59.11 -21.72 11.05
CA CYS A 162 -58.56 -23.05 11.31
C CYS A 162 -59.30 -23.75 12.43
N GLY A 163 -59.81 -24.94 12.15
CA GLY A 163 -60.39 -25.79 13.16
C GLY A 163 -59.30 -26.64 13.77
N GLN A 164 -59.20 -26.63 15.10
CA GLN A 164 -58.14 -27.37 15.77
C GLN A 164 -58.66 -28.34 16.82
N ILE A 165 -58.49 -29.63 16.57
CA ILE A 165 -59.03 -30.67 17.43
C ILE A 165 -57.91 -31.46 18.10
N ILE A 166 -57.90 -31.44 19.44
CA ILE A 166 -56.76 -31.93 20.22
C ILE A 166 -57.10 -33.05 21.22
N PRO A 167 -56.10 -33.86 21.61
CA PRO A 167 -56.41 -34.98 22.50
C PRO A 167 -56.14 -34.64 23.96
N TRP A 168 -56.14 -35.64 24.84
CA TRP A 168 -56.10 -35.39 26.28
C TRP A 168 -54.78 -35.75 26.96
N ASN A 169 -53.85 -36.32 26.21
CA ASN A 169 -52.61 -36.80 26.81
C ASN A 169 -51.66 -35.68 27.24
N PHE A 170 -51.65 -34.58 26.47
CA PHE A 170 -50.87 -33.40 26.81
C PHE A 170 -51.68 -32.15 26.57
N PRO A 171 -52.75 -31.93 27.36
CA PRO A 171 -53.74 -30.87 27.12
C PRO A 171 -53.14 -29.50 26.82
N LEU A 172 -52.24 -29.02 27.67
CA LEU A 172 -51.63 -27.71 27.48
C LEU A 172 -50.65 -27.66 26.30
N LEU A 173 -49.77 -28.64 26.24
CA LEU A 173 -48.79 -28.72 25.16
C LEU A 173 -49.46 -28.83 23.80
N MET A 174 -50.47 -29.67 23.70
CA MET A 174 -51.19 -29.86 22.44
C MET A 174 -51.87 -28.59 21.99
N GLN A 175 -52.37 -27.82 22.94
CA GLN A 175 -52.97 -26.52 22.67
C GLN A 175 -51.91 -25.57 22.11
N ALA A 176 -50.76 -25.51 22.80
CA ALA A 176 -49.64 -24.68 22.38
C ALA A 176 -49.13 -25.06 20.98
N TRP A 177 -48.99 -26.35 20.71
CA TRP A 177 -48.55 -26.83 19.40
C TRP A 177 -49.45 -26.33 18.27
N LYS A 178 -50.72 -26.15 18.57
CA LYS A 178 -51.70 -25.69 17.59
C LYS A 178 -51.70 -24.17 17.49
N LEU A 179 -51.88 -23.51 18.63
CA LEU A 179 -51.97 -22.04 18.70
C LEU A 179 -50.70 -21.31 18.25
N GLY A 180 -49.53 -21.82 18.63
CA GLY A 180 -48.26 -21.23 18.25
C GLY A 180 -48.14 -20.84 16.79
N PRO A 181 -48.11 -21.83 15.87
CA PRO A 181 -47.92 -21.62 14.43
C PRO A 181 -49.12 -20.93 13.78
N ALA A 182 -50.33 -21.22 14.27
CA ALA A 182 -51.52 -20.63 13.68
C ALA A 182 -51.60 -19.12 13.90
N LEU A 183 -51.26 -18.69 15.12
CA LEU A 183 -51.34 -17.29 15.47
C LEU A 183 -50.13 -16.51 14.97
N ALA A 184 -48.98 -17.18 14.93
CA ALA A 184 -47.76 -16.59 14.39
C ALA A 184 -47.97 -16.09 12.97
N THR A 185 -48.72 -16.86 12.18
CA THR A 185 -48.96 -16.53 10.78
C THR A 185 -50.28 -15.79 10.55
N GLY A 186 -50.94 -15.40 11.65
CA GLY A 186 -52.10 -14.54 11.56
C GLY A 186 -53.42 -15.21 11.24
N ASN A 187 -53.52 -16.50 11.52
CA ASN A 187 -54.77 -17.22 11.34
C ASN A 187 -55.71 -17.01 12.52
N VAL A 188 -56.97 -17.40 12.34
CA VAL A 188 -57.93 -17.43 13.45
C VAL A 188 -58.28 -18.88 13.77
N VAL A 189 -58.78 -19.12 14.98
CA VAL A 189 -58.88 -20.48 15.50
C VAL A 189 -60.23 -20.80 16.15
N VAL A 190 -60.80 -21.93 15.78
CA VAL A 190 -61.89 -22.56 16.53
C VAL A 190 -61.32 -23.87 17.03
N MET A 191 -61.10 -23.96 18.34
CA MET A 191 -60.44 -25.11 18.93
C MET A 191 -61.40 -25.97 19.74
N LYS A 192 -61.34 -27.28 19.51
CA LYS A 192 -62.17 -28.24 20.24
C LYS A 192 -61.26 -29.09 21.11
N VAL A 193 -61.35 -28.90 22.42
CA VAL A 193 -60.50 -29.64 23.35
C VAL A 193 -61.16 -30.95 23.79
N ALA A 194 -60.35 -31.91 24.22
CA ALA A 194 -60.85 -33.22 24.63
C ALA A 194 -61.78 -33.10 25.83
N GLU A 195 -62.91 -33.81 25.78
CA GLU A 195 -63.87 -33.79 26.87
C GLU A 195 -63.26 -34.28 28.18
N GLN A 196 -62.23 -35.12 28.07
CA GLN A 196 -61.55 -35.64 29.25
C GLN A 196 -60.74 -34.58 29.98
N THR A 197 -60.19 -33.62 29.22
CA THR A 197 -59.31 -32.61 29.81
C THR A 197 -59.57 -31.22 29.22
N PRO A 198 -60.65 -30.57 29.65
CA PRO A 198 -61.00 -29.27 29.08
C PRO A 198 -60.51 -28.06 29.86
N LEU A 199 -60.14 -28.26 31.12
CA LEU A 199 -59.98 -27.13 32.05
C LEU A 199 -58.77 -26.22 31.80
N THR A 200 -57.60 -26.80 31.61
CA THR A 200 -56.40 -25.99 31.45
C THR A 200 -56.46 -25.12 30.20
N ALA A 201 -56.95 -25.68 29.10
CA ALA A 201 -57.09 -24.96 27.84
C ALA A 201 -58.09 -23.81 27.95
N LEU A 202 -59.15 -24.01 28.72
CA LEU A 202 -60.13 -22.95 28.94
C LEU A 202 -59.56 -21.83 29.80
N TYR A 203 -58.62 -22.17 30.68
CA TYR A 203 -57.95 -21.14 31.48
C TYR A 203 -56.99 -20.34 30.62
N VAL A 204 -56.29 -21.01 29.71
CA VAL A 204 -55.41 -20.33 28.79
C VAL A 204 -56.18 -19.30 27.95
N ALA A 205 -57.42 -19.64 27.58
CA ALA A 205 -58.30 -18.70 26.86
C ALA A 205 -58.45 -17.39 27.62
N ASN A 206 -58.58 -17.50 28.94
CA ASN A 206 -58.64 -16.33 29.81
C ASN A 206 -57.36 -15.50 29.70
N LEU A 207 -56.23 -16.19 29.53
CA LEU A 207 -54.93 -15.51 29.43
C LEU A 207 -54.75 -14.92 28.04
N ILE A 208 -55.35 -15.57 27.05
CA ILE A 208 -55.37 -15.05 25.68
C ILE A 208 -56.08 -13.69 25.65
N LYS A 209 -57.24 -13.62 26.28
CA LYS A 209 -57.95 -12.35 26.46
C LYS A 209 -57.07 -11.33 27.17
N GLU A 210 -56.48 -11.73 28.30
CA GLU A 210 -55.66 -10.85 29.12
C GLU A 210 -54.45 -10.31 28.35
N ALA A 211 -53.84 -11.17 27.53
CA ALA A 211 -52.69 -10.80 26.73
C ALA A 211 -53.04 -9.74 25.69
N GLY A 212 -54.31 -9.66 25.31
CA GLY A 212 -54.74 -8.65 24.37
C GLY A 212 -55.00 -9.11 22.94
N PHE A 213 -55.13 -10.41 22.74
CA PHE A 213 -55.53 -10.91 21.42
C PHE A 213 -56.94 -10.43 21.12
N PRO A 214 -57.16 -9.93 19.89
CA PRO A 214 -58.48 -9.43 19.48
C PRO A 214 -59.55 -10.50 19.60
N PRO A 215 -60.79 -10.11 19.93
CA PRO A 215 -61.91 -11.04 20.02
C PRO A 215 -62.07 -11.86 18.75
N GLY A 216 -62.23 -13.17 18.89
CA GLY A 216 -62.52 -14.04 17.76
C GLY A 216 -61.30 -14.65 17.11
N VAL A 217 -60.12 -14.15 17.49
CA VAL A 217 -58.87 -14.73 16.98
C VAL A 217 -58.68 -16.14 17.51
N VAL A 218 -59.00 -16.35 18.79
CA VAL A 218 -59.02 -17.70 19.34
C VAL A 218 -60.36 -17.97 20.03
N ASN A 219 -61.04 -19.02 19.57
CA ASN A 219 -62.30 -19.44 20.16
C ASN A 219 -62.23 -20.93 20.52
N ILE A 220 -62.64 -21.26 21.75
CA ILE A 220 -62.54 -22.64 22.22
C ILE A 220 -63.90 -23.21 22.59
N VAL A 221 -64.22 -24.36 22.00
CA VAL A 221 -65.52 -25.01 22.20
C VAL A 221 -65.31 -26.37 22.83
N PRO A 222 -65.48 -26.47 24.16
CA PRO A 222 -65.46 -27.78 24.82
C PRO A 222 -66.70 -28.58 24.42
N GLY A 223 -66.59 -29.90 24.43
CA GLY A 223 -67.69 -30.76 24.06
C GLY A 223 -67.19 -32.09 23.56
N PHE A 224 -68.09 -32.89 22.99
CA PHE A 224 -67.72 -34.22 22.53
C PHE A 224 -67.21 -34.20 21.10
N GLY A 225 -66.66 -35.33 20.69
CA GLY A 225 -66.12 -35.49 19.36
C GLY A 225 -67.15 -35.53 18.24
N PRO A 226 -68.01 -36.56 18.23
CA PRO A 226 -68.99 -36.72 17.14
C PRO A 226 -69.96 -35.55 17.03
N THR A 227 -70.06 -34.75 18.08
CA THR A 227 -70.87 -33.54 18.05
C THR A 227 -70.04 -32.32 17.66
N ALA A 228 -69.32 -31.74 18.62
CA ALA A 228 -68.58 -30.51 18.39
C ALA A 228 -67.43 -30.69 17.41
N GLY A 229 -66.67 -31.77 17.57
CA GLY A 229 -65.56 -32.07 16.68
C GLY A 229 -65.99 -32.24 15.24
N ALA A 230 -66.96 -33.10 15.01
CA ALA A 230 -67.47 -33.34 13.67
C ALA A 230 -68.06 -32.06 13.04
N ALA A 231 -68.65 -31.21 13.88
CA ALA A 231 -69.24 -29.96 13.41
C ALA A 231 -68.17 -29.05 12.80
N ILE A 232 -67.00 -29.04 13.42
CA ILE A 232 -65.87 -28.27 12.94
C ILE A 232 -65.30 -28.86 11.65
N ALA A 233 -65.17 -30.19 11.63
CA ALA A 233 -64.59 -30.91 10.50
C ALA A 233 -65.40 -30.79 9.20
N SER A 234 -66.71 -30.73 9.35
N SER A 234 -66.72 -30.77 9.30
CA SER A 234 -67.62 -30.69 8.20
CA SER A 234 -67.56 -30.68 8.11
C SER A 234 -68.10 -29.27 7.91
C SER A 234 -68.12 -29.27 7.92
N HIS A 235 -67.59 -28.30 8.65
CA HIS A 235 -68.09 -26.93 8.53
C HIS A 235 -67.74 -26.31 7.18
N GLU A 236 -68.70 -25.60 6.60
CA GLU A 236 -68.56 -25.04 5.25
C GLU A 236 -67.72 -23.76 5.21
N ASP A 237 -67.50 -23.15 6.38
CA ASP A 237 -66.74 -21.91 6.46
C ASP A 237 -65.44 -22.07 7.24
N VAL A 238 -65.05 -23.32 7.48
CA VAL A 238 -63.76 -23.59 8.07
C VAL A 238 -62.78 -23.93 6.95
N ASP A 239 -61.69 -23.18 6.86
CA ASP A 239 -60.77 -23.31 5.73
C ASP A 239 -59.76 -24.42 5.90
N LYS A 240 -59.46 -24.75 7.14
CA LYS A 240 -58.40 -25.70 7.44
C LYS A 240 -58.73 -26.44 8.73
N VAL A 241 -58.45 -27.73 8.77
CA VAL A 241 -58.59 -28.48 10.00
C VAL A 241 -57.29 -29.20 10.34
N ALA A 242 -56.94 -29.21 11.60
CA ALA A 242 -55.76 -29.88 12.10
C ALA A 242 -56.18 -30.76 13.27
N PHE A 243 -55.86 -32.05 13.18
CA PHE A 243 -56.36 -33.02 14.14
C PHE A 243 -55.28 -33.91 14.73
N THR A 244 -55.29 -34.03 16.05
CA THR A 244 -54.45 -35.02 16.72
C THR A 244 -55.32 -35.96 17.55
N GLY A 245 -55.15 -37.26 17.33
CA GLY A 245 -55.96 -38.27 17.99
C GLY A 245 -55.75 -39.64 17.37
N SER A 246 -56.78 -40.47 17.39
CA SER A 246 -56.67 -41.83 16.89
C SER A 246 -56.73 -41.89 15.37
N THR A 247 -56.07 -42.89 14.79
CA THR A 247 -56.06 -43.11 13.36
C THR A 247 -57.49 -43.34 12.86
N GLU A 248 -58.27 -44.01 13.68
CA GLU A 248 -59.69 -44.24 13.44
C GLU A 248 -60.43 -42.94 13.15
N ILE A 249 -60.28 -41.97 14.04
CA ILE A 249 -61.00 -40.69 13.91
C ILE A 249 -60.36 -39.80 12.83
N GLY A 250 -59.06 -39.98 12.61
CA GLY A 250 -58.38 -39.33 11.51
C GLY A 250 -59.11 -39.52 10.19
N ARG A 251 -59.55 -40.74 9.93
CA ARG A 251 -60.32 -41.05 8.73
C ARG A 251 -61.62 -40.26 8.67
N VAL A 252 -62.30 -40.19 9.81
CA VAL A 252 -63.56 -39.47 9.90
C VAL A 252 -63.35 -37.99 9.57
N ILE A 253 -62.25 -37.42 10.07
CA ILE A 253 -61.91 -36.02 9.77
C ILE A 253 -61.68 -35.82 8.28
N GLN A 254 -60.85 -36.67 7.69
CA GLN A 254 -60.49 -36.55 6.28
C GLN A 254 -61.67 -36.80 5.33
N VAL A 255 -62.56 -37.70 5.72
CA VAL A 255 -63.77 -37.94 4.95
C VAL A 255 -64.72 -36.75 5.04
N ALA A 256 -64.85 -36.22 6.24
CA ALA A 256 -65.73 -35.09 6.50
C ALA A 256 -65.32 -33.84 5.70
N ALA A 257 -64.01 -33.59 5.67
CA ALA A 257 -63.45 -32.46 4.95
C ALA A 257 -63.73 -32.56 3.45
N GLY A 258 -63.55 -33.76 2.89
CA GLY A 258 -63.82 -34.02 1.49
C GLY A 258 -65.29 -34.00 1.14
N SER A 259 -66.14 -34.40 2.10
CA SER A 259 -67.58 -34.41 1.91
C SER A 259 -68.21 -33.04 2.12
N SER A 260 -67.44 -32.12 2.71
CA SER A 260 -67.96 -30.78 2.99
C SER A 260 -67.43 -29.76 2.00
N ASN A 261 -66.38 -29.05 2.38
CA ASN A 261 -65.88 -27.94 1.55
C ASN A 261 -64.45 -28.11 1.03
N LEU A 262 -63.92 -29.32 1.12
CA LEU A 262 -62.54 -29.60 0.70
C LEU A 262 -61.51 -28.74 1.43
N LYS A 263 -61.74 -28.53 2.72
CA LYS A 263 -60.83 -27.78 3.57
C LYS A 263 -59.49 -28.51 3.67
N ARG A 264 -58.41 -27.75 3.87
CA ARG A 264 -57.08 -28.31 4.08
C ARG A 264 -57.01 -29.10 5.38
N VAL A 265 -56.35 -30.26 5.33
CA VAL A 265 -56.32 -31.21 6.44
C VAL A 265 -54.91 -31.70 6.75
N THR A 266 -54.52 -31.61 8.02
CA THR A 266 -53.31 -32.26 8.50
C THR A 266 -53.66 -33.09 9.73
N LEU A 267 -52.98 -34.21 9.89
CA LEU A 267 -53.30 -35.17 10.95
C LEU A 267 -52.04 -35.63 11.64
N GLN A 268 -52.12 -35.82 12.95
CA GLN A 268 -51.09 -36.52 13.70
C GLN A 268 -51.77 -37.61 14.50
N LEU A 269 -51.40 -38.86 14.23
CA LEU A 269 -52.16 -40.00 14.72
C LEU A 269 -51.31 -40.93 15.58
N GLY A 270 -51.79 -42.16 15.77
CA GLY A 270 -51.16 -43.09 16.68
C GLY A 270 -49.85 -43.67 16.19
N GLY A 271 -49.27 -44.56 17.00
CA GLY A 271 -48.03 -45.23 16.64
C GLY A 271 -47.84 -46.57 17.32
N LYS A 272 -46.84 -47.31 16.83
CA LYS A 272 -46.36 -48.53 17.47
C LYS A 272 -44.87 -48.49 17.26
N SER A 273 -44.26 -47.44 17.83
CA SER A 273 -42.89 -47.07 17.52
C SER A 273 -41.85 -48.08 18.00
N PRO A 274 -40.94 -48.49 17.11
CA PRO A 274 -39.88 -49.42 17.49
C PRO A 274 -38.72 -48.74 18.20
N ASN A 275 -38.31 -49.30 19.35
CA ASN A 275 -37.11 -48.86 20.03
C ASN A 275 -36.08 -49.99 19.92
N ILE A 276 -35.01 -49.76 19.18
CA ILE A 276 -34.09 -50.81 18.80
C ILE A 276 -32.76 -50.75 19.56
N ILE A 277 -32.46 -51.81 20.31
CA ILE A 277 -31.27 -51.87 21.16
C ILE A 277 -30.25 -52.84 20.58
N MET A 278 -29.15 -52.32 20.04
CA MET A 278 -28.09 -53.17 19.49
C MET A 278 -27.24 -53.73 20.63
N SER A 279 -26.53 -54.82 20.36
CA SER A 279 -25.76 -55.49 21.41
C SER A 279 -24.62 -54.61 21.92
N ASP A 280 -24.26 -53.59 21.16
CA ASP A 280 -23.18 -52.71 21.57
C ASP A 280 -23.67 -51.44 22.25
N ALA A 281 -24.96 -51.41 22.60
CA ALA A 281 -25.53 -50.27 23.30
C ALA A 281 -25.02 -50.19 24.73
N ASP A 282 -25.03 -48.98 25.29
CA ASP A 282 -24.79 -48.81 26.71
C ASP A 282 -25.98 -49.40 27.46
N MET A 283 -25.76 -50.50 28.17
CA MET A 283 -26.83 -51.23 28.84
C MET A 283 -27.60 -50.40 29.86
N ASP A 284 -26.89 -49.77 30.79
CA ASP A 284 -27.55 -48.99 31.85
C ASP A 284 -28.41 -47.89 31.26
N TRP A 285 -27.84 -47.18 30.29
CA TRP A 285 -28.54 -46.11 29.63
C TRP A 285 -29.75 -46.63 28.82
N ALA A 286 -29.53 -47.66 28.01
CA ALA A 286 -30.59 -48.18 27.14
C ALA A 286 -31.79 -48.71 27.93
N VAL A 287 -31.52 -49.28 29.10
CA VAL A 287 -32.58 -49.84 29.94
C VAL A 287 -33.46 -48.75 30.54
N GLU A 288 -32.85 -47.71 31.08
CA GLU A 288 -33.62 -46.61 31.66
C GLU A 288 -34.41 -45.86 30.58
N GLN A 289 -33.77 -45.68 29.42
CA GLN A 289 -34.39 -44.96 28.30
C GLN A 289 -35.51 -45.76 27.65
N ALA A 290 -35.37 -47.08 27.59
CA ALA A 290 -36.42 -47.93 27.06
C ALA A 290 -37.60 -47.90 28.00
N HIS A 291 -37.30 -47.74 29.29
CA HIS A 291 -38.33 -47.69 30.29
C HIS A 291 -39.12 -46.40 30.14
N PHE A 292 -38.39 -45.29 30.04
CA PHE A 292 -39.00 -43.99 29.79
C PHE A 292 -39.77 -43.96 28.46
N ALA A 293 -39.20 -44.61 27.44
CA ALA A 293 -39.79 -44.62 26.10
C ALA A 293 -41.21 -45.17 26.08
N LEU A 294 -41.48 -46.13 26.96
CA LEU A 294 -42.77 -46.81 27.00
C LEU A 294 -43.67 -46.22 28.08
N PHE A 295 -43.10 -46.03 29.27
CA PHE A 295 -43.88 -45.69 30.46
C PHE A 295 -44.20 -44.20 30.65
N PHE A 296 -43.48 -43.32 29.97
CA PHE A 296 -43.67 -41.88 30.14
C PHE A 296 -45.14 -41.49 29.95
N ASN A 297 -45.62 -40.61 30.81
CA ASN A 297 -47.01 -40.13 30.76
C ASN A 297 -48.02 -41.27 30.88
N GLN A 298 -47.78 -42.18 31.82
CA GLN A 298 -48.64 -43.34 32.05
C GLN A 298 -48.81 -44.14 30.77
N GLY A 299 -47.76 -44.16 29.95
CA GLY A 299 -47.80 -44.85 28.68
C GLY A 299 -48.75 -44.22 27.68
N GLN A 300 -49.26 -43.03 28.01
CA GLN A 300 -50.23 -42.34 27.15
C GLN A 300 -49.55 -41.32 26.23
N SER A 301 -48.73 -41.84 25.33
CA SER A 301 -48.02 -41.02 24.36
C SER A 301 -48.10 -41.72 23.01
N CYS A 302 -48.36 -40.93 21.98
N CYS A 302 -48.36 -40.96 21.96
CA CYS A 302 -48.49 -41.45 20.63
CA CYS A 302 -48.49 -41.56 20.64
C CYS A 302 -47.16 -42.04 20.14
C CYS A 302 -47.14 -42.04 20.10
N SER A 303 -46.05 -41.47 20.63
CA SER A 303 -44.72 -41.87 20.18
C SER A 303 -44.08 -42.92 21.09
N ALA A 304 -44.87 -43.54 21.96
CA ALA A 304 -44.35 -44.49 22.93
C ALA A 304 -43.55 -45.61 22.26
N GLY A 305 -42.41 -45.95 22.84
CA GLY A 305 -41.61 -47.07 22.36
C GLY A 305 -42.25 -48.41 22.73
N SER A 306 -43.35 -48.73 22.04
CA SER A 306 -44.15 -49.89 22.39
C SER A 306 -43.69 -51.20 21.76
N ARG A 307 -42.63 -51.13 20.96
CA ARG A 307 -41.94 -52.33 20.50
C ARG A 307 -40.45 -52.21 20.77
N THR A 308 -40.01 -52.82 21.86
CA THR A 308 -38.60 -52.78 22.24
C THR A 308 -37.86 -53.98 21.67
N PHE A 309 -37.18 -53.78 20.54
CA PHE A 309 -36.39 -54.83 19.90
C PHE A 309 -35.02 -54.89 20.54
N VAL A 310 -34.66 -56.06 21.06
CA VAL A 310 -33.37 -56.21 21.73
C VAL A 310 -32.57 -57.32 21.07
N GLN A 311 -31.30 -57.04 20.78
CA GLN A 311 -30.41 -58.01 20.16
C GLN A 311 -30.23 -59.20 21.10
N GLU A 312 -30.13 -60.40 20.53
CA GLU A 312 -30.22 -61.63 21.30
C GLU A 312 -29.09 -61.85 22.30
N ASP A 313 -27.93 -61.27 22.03
CA ASP A 313 -26.77 -61.44 22.90
C ASP A 313 -26.96 -60.75 24.25
N ILE A 314 -27.80 -59.72 24.28
CA ILE A 314 -28.02 -58.96 25.51
C ILE A 314 -29.46 -59.06 25.98
N TYR A 315 -30.28 -59.83 25.24
CA TYR A 315 -31.70 -59.95 25.53
C TYR A 315 -32.01 -60.26 26.99
N ASP A 316 -31.42 -61.32 27.52
CA ASP A 316 -31.76 -61.76 28.88
C ASP A 316 -31.42 -60.71 29.94
N GLU A 317 -30.23 -60.13 29.84
CA GLU A 317 -29.82 -59.13 30.81
C GLU A 317 -30.72 -57.90 30.75
N PHE A 318 -31.05 -57.48 29.53
CA PHE A 318 -31.90 -56.31 29.32
C PHE A 318 -33.29 -56.55 29.87
N VAL A 319 -33.84 -57.73 29.59
CA VAL A 319 -35.17 -58.10 30.07
C VAL A 319 -35.24 -58.12 31.60
N GLU A 320 -34.23 -58.72 32.22
CA GLU A 320 -34.19 -58.80 33.67
C GLU A 320 -34.13 -57.41 34.31
N ARG A 321 -33.26 -56.55 33.77
CA ARG A 321 -33.14 -55.17 34.26
C ARG A 321 -34.42 -54.37 34.04
N SER A 322 -35.02 -54.52 32.86
CA SER A 322 -36.27 -53.85 32.52
C SER A 322 -37.39 -54.25 33.47
N VAL A 323 -37.49 -55.54 33.77
CA VAL A 323 -38.47 -56.04 34.71
C VAL A 323 -38.26 -55.44 36.10
N ALA A 324 -37.01 -55.34 36.52
CA ALA A 324 -36.68 -54.80 37.84
C ALA A 324 -37.04 -53.33 37.94
N ARG A 325 -36.77 -52.58 36.88
CA ARG A 325 -37.11 -51.16 36.82
C ARG A 325 -38.63 -50.96 36.76
N ALA A 326 -39.33 -51.85 36.06
CA ALA A 326 -40.78 -51.74 35.97
C ALA A 326 -41.42 -52.01 37.32
N LYS A 327 -40.90 -53.01 38.03
CA LYS A 327 -41.43 -53.34 39.36
C LYS A 327 -41.17 -52.25 40.38
N SER A 328 -40.15 -51.43 40.14
CA SER A 328 -39.79 -50.38 41.08
C SER A 328 -40.50 -49.06 40.78
N ARG A 329 -41.10 -48.96 39.59
CA ARG A 329 -41.81 -47.74 39.19
C ARG A 329 -42.97 -47.41 40.13
N VAL A 330 -42.88 -46.27 40.80
CA VAL A 330 -43.86 -45.89 41.83
C VAL A 330 -45.18 -45.39 41.27
N VAL A 331 -46.24 -46.13 41.56
CA VAL A 331 -47.61 -45.73 41.21
C VAL A 331 -48.26 -45.10 42.44
N GLY A 332 -48.99 -44.01 42.25
CA GLY A 332 -49.69 -43.39 43.35
C GLY A 332 -50.27 -42.02 43.05
N ASN A 333 -50.52 -41.26 44.10
CA ASN A 333 -51.03 -39.91 44.01
C ASN A 333 -50.08 -39.03 43.20
N PRO A 334 -50.56 -38.51 42.06
CA PRO A 334 -49.76 -37.69 41.14
C PRO A 334 -49.24 -36.40 41.79
N PHE A 335 -49.87 -35.98 42.87
CA PHE A 335 -49.43 -34.79 43.60
C PHE A 335 -48.31 -35.12 44.59
N ASP A 336 -48.11 -36.40 44.86
CA ASP A 336 -47.03 -36.85 45.73
C ASP A 336 -45.72 -36.82 44.95
N SER A 337 -44.70 -36.21 45.53
CA SER A 337 -43.44 -35.98 44.83
C SER A 337 -42.75 -37.27 44.38
N LYS A 338 -43.11 -38.38 45.02
CA LYS A 338 -42.45 -39.66 44.74
C LYS A 338 -43.09 -40.44 43.60
N THR A 339 -44.36 -40.13 43.30
CA THR A 339 -45.09 -40.82 42.23
C THR A 339 -44.44 -40.64 40.86
N GLU A 340 -44.20 -41.75 40.16
CA GLU A 340 -43.67 -41.70 38.81
C GLU A 340 -44.79 -41.94 37.81
N GLN A 341 -45.82 -42.66 38.23
CA GLN A 341 -46.94 -42.98 37.36
C GLN A 341 -48.28 -42.74 38.03
N GLY A 342 -49.06 -41.81 37.50
CA GLY A 342 -50.38 -41.55 38.01
C GLY A 342 -51.40 -42.54 37.46
N PRO A 343 -52.69 -42.18 37.52
CA PRO A 343 -53.73 -43.02 36.94
C PRO A 343 -53.81 -42.84 35.43
N GLN A 344 -54.59 -43.70 34.77
CA GLN A 344 -54.90 -43.50 33.36
C GLN A 344 -55.99 -42.44 33.26
N VAL A 345 -56.27 -41.95 32.06
CA VAL A 345 -57.09 -40.74 31.92
C VAL A 345 -58.57 -40.93 32.24
N ASP A 346 -59.11 -42.11 31.92
CA ASP A 346 -60.51 -42.38 32.20
C ASP A 346 -60.84 -43.87 32.15
N GLU A 347 -62.12 -44.16 32.40
CA GLU A 347 -62.59 -45.54 32.43
C GLU A 347 -62.40 -46.24 31.09
N THR A 348 -62.76 -45.55 30.01
CA THR A 348 -62.64 -46.11 28.67
C THR A 348 -61.21 -46.57 28.40
N GLN A 349 -60.25 -45.70 28.66
CA GLN A 349 -58.84 -46.05 28.51
C GLN A 349 -58.46 -47.16 29.48
N PHE A 350 -58.96 -47.06 30.71
CA PHE A 350 -58.71 -48.07 31.75
C PHE A 350 -59.10 -49.46 31.27
N LYS A 351 -60.30 -49.57 30.72
CA LYS A 351 -60.82 -50.86 30.29
C LYS A 351 -60.09 -51.35 29.05
N LYS A 352 -59.74 -50.43 28.16
CA LYS A 352 -59.07 -50.79 26.93
C LYS A 352 -57.69 -51.38 27.19
N ILE A 353 -56.96 -50.80 28.15
CA ILE A 353 -55.64 -51.31 28.53
C ILE A 353 -55.72 -52.70 29.16
N LEU A 354 -56.70 -52.91 30.04
CA LEU A 354 -56.90 -54.23 30.65
C LEU A 354 -57.22 -55.27 29.57
N GLY A 355 -57.97 -54.85 28.56
CA GLY A 355 -58.29 -55.71 27.44
C GLY A 355 -57.08 -56.18 26.65
N TYR A 356 -56.11 -55.28 26.46
CA TYR A 356 -54.88 -55.64 25.74
C TYR A 356 -53.98 -56.53 26.57
N ILE A 357 -53.95 -56.28 27.88
CA ILE A 357 -53.23 -57.15 28.80
C ILE A 357 -53.78 -58.57 28.76
N ASN A 358 -55.11 -58.69 28.74
CA ASN A 358 -55.75 -59.99 28.63
C ASN A 358 -55.44 -60.66 27.30
N THR A 359 -55.35 -59.83 26.27
CA THR A 359 -54.98 -60.26 24.94
C THR A 359 -53.54 -60.79 24.92
N GLY A 360 -52.65 -60.11 25.64
CA GLY A 360 -51.27 -60.55 25.73
C GLY A 360 -51.12 -61.91 26.39
N LYS A 361 -51.87 -62.13 27.45
CA LYS A 361 -51.87 -63.41 28.15
C LYS A 361 -52.50 -64.52 27.31
N GLN A 362 -53.61 -64.20 26.64
CA GLN A 362 -54.32 -65.17 25.81
C GLN A 362 -53.49 -65.67 24.61
N GLU A 363 -52.57 -64.83 24.15
CA GLU A 363 -51.81 -65.16 22.94
C GLU A 363 -50.43 -65.75 23.23
N GLY A 364 -50.11 -65.92 24.50
CA GLY A 364 -48.93 -66.65 24.89
C GLY A 364 -47.70 -65.81 25.16
N ALA A 365 -47.87 -64.50 25.21
CA ALA A 365 -46.79 -63.60 25.57
C ALA A 365 -46.45 -63.81 27.04
N LYS A 366 -45.16 -63.74 27.37
CA LYS A 366 -44.72 -64.01 28.73
C LYS A 366 -44.88 -62.79 29.64
N LEU A 367 -45.93 -62.80 30.47
CA LEU A 367 -46.14 -61.75 31.47
C LEU A 367 -45.04 -61.83 32.52
N LEU A 368 -44.20 -60.80 32.58
CA LEU A 368 -43.03 -60.84 33.46
C LEU A 368 -43.25 -60.08 34.77
N CYS A 369 -44.21 -59.15 34.75
CA CYS A 369 -44.59 -58.39 35.94
C CYS A 369 -45.81 -57.53 35.64
N GLY A 370 -46.46 -57.02 36.69
CA GLY A 370 -47.64 -56.21 36.53
C GLY A 370 -48.81 -56.98 35.96
N GLY A 371 -49.71 -56.28 35.27
CA GLY A 371 -50.81 -56.92 34.58
C GLY A 371 -52.17 -56.70 35.22
N GLY A 372 -52.19 -56.18 36.44
CA GLY A 372 -53.44 -56.01 37.16
C GLY A 372 -53.83 -54.58 37.48
N ILE A 373 -54.91 -54.44 38.23
CA ILE A 373 -55.37 -53.15 38.73
C ILE A 373 -54.49 -52.79 39.92
N ALA A 374 -54.03 -51.54 39.97
CA ALA A 374 -53.02 -51.13 40.94
C ALA A 374 -53.58 -50.38 42.15
N ALA A 375 -54.86 -50.01 42.08
CA ALA A 375 -55.51 -49.31 43.19
C ALA A 375 -57.01 -49.60 43.20
N ASP A 376 -57.66 -49.25 44.31
CA ASP A 376 -59.07 -49.58 44.48
C ASP A 376 -60.00 -48.51 43.91
N ARG A 377 -59.55 -47.25 43.92
CA ARG A 377 -60.27 -46.17 43.26
C ARG A 377 -59.35 -45.33 42.39
N GLY A 378 -59.91 -44.82 41.29
CA GLY A 378 -59.12 -44.15 40.28
C GLY A 378 -58.92 -45.10 39.13
N TYR A 379 -57.97 -44.78 38.25
CA TYR A 379 -57.71 -45.64 37.10
C TYR A 379 -56.25 -46.06 37.03
N PHE A 380 -55.76 -46.65 38.12
CA PHE A 380 -54.36 -47.02 38.24
C PHE A 380 -54.09 -48.43 37.76
N ILE A 381 -53.10 -48.58 36.89
CA ILE A 381 -52.73 -49.87 36.36
C ILE A 381 -51.26 -50.15 36.64
N GLN A 382 -50.96 -51.37 37.11
CA GLN A 382 -49.61 -51.79 37.41
C GLN A 382 -48.74 -51.74 36.15
N PRO A 383 -47.50 -51.25 36.29
CA PRO A 383 -46.51 -51.27 35.21
C PRO A 383 -46.29 -52.69 34.72
N THR A 384 -46.56 -52.92 33.44
CA THR A 384 -46.67 -54.27 32.93
C THR A 384 -45.67 -54.54 31.81
N VAL A 385 -44.96 -55.66 31.90
CA VAL A 385 -43.96 -56.00 30.90
C VAL A 385 -44.22 -57.39 30.31
N PHE A 386 -44.38 -57.45 28.99
CA PHE A 386 -44.47 -58.72 28.29
C PHE A 386 -43.14 -59.04 27.60
N GLY A 387 -42.69 -60.28 27.74
CA GLY A 387 -41.48 -60.73 27.10
C GLY A 387 -41.75 -61.80 26.06
N ASP A 388 -40.73 -62.10 25.26
CA ASP A 388 -40.85 -63.04 24.14
C ASP A 388 -42.01 -62.71 23.22
N VAL A 389 -42.23 -61.42 23.01
CA VAL A 389 -43.31 -60.94 22.16
C VAL A 389 -42.99 -61.22 20.70
N GLN A 390 -44.00 -61.66 19.94
CA GLN A 390 -43.85 -61.96 18.52
C GLN A 390 -44.59 -60.91 17.69
N ASP A 391 -44.10 -60.69 16.47
CA ASP A 391 -44.65 -59.65 15.59
C ASP A 391 -46.15 -59.79 15.34
N GLY A 392 -46.64 -61.04 15.40
CA GLY A 392 -48.03 -61.33 15.07
C GLY A 392 -49.02 -61.12 16.20
N MET A 393 -48.52 -60.92 17.41
CA MET A 393 -49.41 -60.74 18.57
C MET A 393 -50.12 -59.39 18.49
N THR A 394 -51.28 -59.30 19.12
CA THR A 394 -52.07 -58.08 19.08
C THR A 394 -51.35 -56.94 19.81
N ILE A 395 -50.73 -57.27 20.94
CA ILE A 395 -50.00 -56.28 21.72
C ILE A 395 -48.73 -55.80 21.01
N ALA A 396 -48.37 -56.47 19.93
CA ALA A 396 -47.20 -56.10 19.14
C ALA A 396 -47.61 -55.28 17.92
N LYS A 397 -48.92 -55.26 17.65
CA LYS A 397 -49.43 -54.59 16.46
C LYS A 397 -50.24 -53.34 16.77
N GLU A 398 -51.10 -53.41 17.79
CA GLU A 398 -52.01 -52.32 18.09
C GLU A 398 -51.50 -51.40 19.19
N GLU A 399 -51.89 -50.13 19.11
CA GLU A 399 -51.52 -49.13 20.09
C GLU A 399 -52.33 -49.33 21.37
N ILE A 400 -51.63 -49.52 22.49
CA ILE A 400 -52.26 -49.80 23.77
C ILE A 400 -52.55 -48.52 24.55
N PHE A 401 -51.60 -47.58 24.49
CA PHE A 401 -51.73 -46.29 25.17
C PHE A 401 -51.79 -46.45 26.69
N GLY A 402 -51.01 -47.39 27.21
CA GLY A 402 -50.95 -47.63 28.65
C GLY A 402 -49.61 -48.21 29.09
N PRO A 403 -49.44 -48.40 30.41
CA PRO A 403 -48.18 -48.88 30.99
C PRO A 403 -47.96 -50.36 30.70
N VAL A 404 -47.85 -50.69 29.42
CA VAL A 404 -47.66 -52.08 28.99
C VAL A 404 -46.50 -52.14 27.99
N MET A 405 -45.49 -52.94 28.33
CA MET A 405 -44.26 -52.98 27.55
C MET A 405 -44.09 -54.28 26.78
N GLN A 406 -43.67 -54.18 25.52
CA GLN A 406 -43.42 -55.35 24.68
C GLN A 406 -41.94 -55.48 24.37
N ILE A 407 -41.34 -56.58 24.81
CA ILE A 407 -39.93 -56.84 24.51
C ILE A 407 -39.77 -57.97 23.50
N LEU A 408 -39.19 -57.64 22.36
CA LEU A 408 -39.02 -58.59 21.27
C LEU A 408 -37.53 -58.86 21.04
N LYS A 409 -37.22 -60.07 20.59
CA LYS A 409 -35.85 -60.47 20.36
C LYS A 409 -35.53 -60.46 18.87
N PHE A 410 -34.33 -59.99 18.51
CA PHE A 410 -33.87 -60.03 17.13
C PHE A 410 -32.40 -60.40 17.01
N LYS A 411 -31.96 -60.76 15.80
CA LYS A 411 -30.61 -61.22 15.56
C LYS A 411 -29.78 -60.25 14.71
N THR A 412 -30.27 -59.94 13.51
CA THR A 412 -29.50 -59.10 12.59
C THR A 412 -30.10 -57.73 12.34
N ILE A 413 -29.29 -56.83 11.81
CA ILE A 413 -29.66 -55.44 11.64
C ILE A 413 -30.67 -55.30 10.50
N GLU A 414 -30.55 -56.18 9.50
CA GLU A 414 -31.46 -56.18 8.35
C GLU A 414 -32.79 -56.84 8.69
N GLU A 415 -32.76 -57.78 9.64
CA GLU A 415 -33.97 -58.41 10.13
C GLU A 415 -34.81 -57.41 10.91
N VAL A 416 -34.16 -56.66 11.79
CA VAL A 416 -34.87 -55.71 12.64
C VAL A 416 -35.38 -54.51 11.85
N VAL A 417 -34.70 -54.16 10.76
CA VAL A 417 -35.18 -53.11 9.86
C VAL A 417 -36.51 -53.52 9.25
N GLY A 418 -36.56 -54.74 8.72
CA GLY A 418 -37.76 -55.23 8.09
C GLY A 418 -38.90 -55.36 9.09
N ARG A 419 -38.57 -55.80 10.30
CA ARG A 419 -39.56 -56.04 11.34
C ARG A 419 -40.08 -54.74 11.95
N ALA A 420 -39.19 -53.78 12.18
CA ALA A 420 -39.59 -52.46 12.67
C ALA A 420 -40.48 -51.74 11.67
N ASN A 421 -40.13 -51.84 10.39
CA ASN A 421 -40.86 -51.15 9.33
C ASN A 421 -42.16 -51.84 8.91
N ASN A 422 -42.33 -53.09 9.34
CA ASN A 422 -43.55 -53.84 9.04
C ASN A 422 -44.70 -53.41 9.95
N SER A 423 -45.32 -52.29 9.61
CA SER A 423 -46.40 -51.70 10.39
C SER A 423 -47.04 -50.62 9.53
N THR A 424 -48.32 -50.33 9.77
CA THR A 424 -48.98 -49.23 9.06
C THR A 424 -48.79 -47.94 9.84
N TYR A 425 -48.07 -48.05 10.95
CA TYR A 425 -47.68 -46.91 11.76
C TYR A 425 -46.27 -46.51 11.37
N GLY A 426 -45.92 -45.24 11.58
CA GLY A 426 -44.57 -44.80 11.28
C GLY A 426 -44.29 -43.43 11.89
N LEU A 427 -44.63 -43.27 13.16
CA LEU A 427 -44.55 -41.97 13.81
C LEU A 427 -43.17 -41.69 14.38
N ALA A 428 -42.62 -42.66 15.09
CA ALA A 428 -41.28 -42.50 15.63
C ALA A 428 -40.56 -43.83 15.72
N ALA A 429 -39.27 -43.74 16.05
CA ALA A 429 -38.45 -44.92 16.25
C ALA A 429 -37.22 -44.49 17.03
N ALA A 430 -36.45 -45.45 17.51
CA ALA A 430 -35.17 -45.13 18.12
C ALA A 430 -34.15 -46.24 17.95
N VAL A 431 -32.87 -45.87 17.99
N VAL A 431 -32.87 -45.85 18.04
CA VAL A 431 -31.79 -46.84 17.91
CA VAL A 431 -31.75 -46.77 17.89
C VAL A 431 -30.71 -46.55 18.94
C VAL A 431 -30.74 -46.52 19.01
N PHE A 432 -30.39 -47.55 19.75
CA PHE A 432 -29.35 -47.44 20.76
C PHE A 432 -28.13 -48.27 20.36
N THR A 433 -27.01 -47.60 20.19
CA THR A 433 -25.78 -48.22 19.69
C THR A 433 -24.62 -47.24 19.85
N LYS A 434 -23.41 -47.76 19.93
CA LYS A 434 -22.24 -46.90 20.05
C LYS A 434 -21.55 -46.75 18.69
N ASP A 435 -22.05 -47.50 17.71
CA ASP A 435 -21.42 -47.61 16.40
C ASP A 435 -21.97 -46.61 15.38
N LEU A 436 -21.06 -45.84 14.79
CA LEU A 436 -21.42 -44.79 13.84
C LEU A 436 -22.16 -45.31 12.60
N ASP A 437 -21.66 -46.38 12.00
CA ASP A 437 -22.23 -46.90 10.76
C ASP A 437 -23.62 -47.51 10.96
N LYS A 438 -23.79 -48.25 12.04
CA LYS A 438 -25.09 -48.80 12.41
C LYS A 438 -26.09 -47.69 12.66
N ALA A 439 -25.67 -46.66 13.37
CA ALA A 439 -26.54 -45.53 13.71
C ALA A 439 -26.99 -44.78 12.45
N ASN A 440 -26.09 -44.64 11.49
CA ASN A 440 -26.42 -43.94 10.26
C ASN A 440 -27.33 -44.79 9.38
N TYR A 441 -27.02 -46.08 9.26
CA TYR A 441 -27.82 -46.97 8.43
C TYR A 441 -29.25 -47.11 8.96
N LEU A 442 -29.39 -47.25 10.28
CA LEU A 442 -30.72 -47.42 10.86
C LEU A 442 -31.58 -46.16 10.82
N SER A 443 -30.99 -45.00 11.10
CA SER A 443 -31.76 -43.75 11.06
C SER A 443 -32.30 -43.48 9.66
N GLN A 444 -31.57 -43.94 8.65
CA GLN A 444 -31.97 -43.76 7.25
C GLN A 444 -32.99 -44.81 6.80
N ALA A 445 -32.79 -46.05 7.24
CA ALA A 445 -33.65 -47.17 6.85
C ALA A 445 -35.03 -47.16 7.52
N LEU A 446 -35.10 -46.72 8.78
CA LEU A 446 -36.36 -46.75 9.52
C LEU A 446 -37.39 -45.78 8.95
N GLN A 447 -38.58 -46.30 8.65
CA GLN A 447 -39.66 -45.49 8.13
C GLN A 447 -40.48 -44.86 9.26
N ALA A 448 -39.89 -43.84 9.87
CA ALA A 448 -40.47 -43.16 11.02
C ALA A 448 -40.33 -41.65 10.91
N GLY A 449 -41.31 -40.92 11.42
CA GLY A 449 -41.29 -39.47 11.41
C GLY A 449 -40.13 -38.85 12.17
N THR A 450 -39.84 -39.38 13.35
CA THR A 450 -38.65 -38.98 14.12
C THR A 450 -37.85 -40.23 14.48
N VAL A 451 -36.55 -40.20 14.25
CA VAL A 451 -35.67 -41.27 14.72
C VAL A 451 -34.72 -40.73 15.78
N TRP A 452 -34.80 -41.28 16.99
CA TRP A 452 -33.92 -40.89 18.09
C TRP A 452 -32.71 -41.83 18.14
N VAL A 453 -31.53 -41.25 18.36
CA VAL A 453 -30.31 -42.03 18.45
C VAL A 453 -29.70 -41.91 19.85
N ASN A 454 -29.71 -43.01 20.59
CA ASN A 454 -29.24 -43.04 21.98
C ASN A 454 -30.02 -42.13 22.93
N CYS A 455 -31.26 -41.84 22.56
CA CYS A 455 -32.17 -41.13 23.44
C CYS A 455 -33.59 -41.50 23.05
N TYR A 456 -34.57 -40.90 23.71
CA TYR A 456 -35.97 -41.12 23.37
C TYR A 456 -36.83 -39.97 23.86
N ASP A 457 -37.90 -39.70 23.11
CA ASP A 457 -38.89 -38.70 23.49
C ASP A 457 -38.27 -37.33 23.68
N VAL A 458 -37.26 -37.04 22.87
CA VAL A 458 -36.61 -35.74 22.89
C VAL A 458 -37.26 -34.82 21.86
N PHE A 459 -38.12 -33.92 22.34
CA PHE A 459 -38.84 -32.99 21.49
C PHE A 459 -38.33 -31.58 21.74
N GLY A 460 -38.42 -30.75 20.71
CA GLY A 460 -38.12 -29.34 20.84
C GLY A 460 -39.01 -28.61 19.86
N ALA A 461 -39.42 -27.39 20.20
CA ALA A 461 -40.23 -26.61 19.30
C ALA A 461 -39.52 -26.34 17.97
N GLN A 462 -38.20 -26.50 17.96
CA GLN A 462 -37.38 -26.25 16.77
C GLN A 462 -37.44 -27.37 15.73
N SER A 463 -37.63 -28.60 16.20
CA SER A 463 -37.59 -29.76 15.31
C SER A 463 -38.97 -30.33 15.04
N PRO A 464 -39.30 -30.57 13.75
CA PRO A 464 -40.64 -30.98 13.35
C PRO A 464 -40.99 -32.40 13.82
N PHE A 465 -42.28 -32.66 13.98
CA PHE A 465 -42.76 -33.95 14.47
C PHE A 465 -44.03 -34.32 13.74
N GLY A 466 -44.14 -35.58 13.34
CA GLY A 466 -45.30 -36.05 12.61
C GLY A 466 -45.03 -37.43 12.09
N GLY A 467 -46.03 -38.05 11.48
CA GLY A 467 -45.92 -39.45 11.11
C GLY A 467 -45.69 -39.78 9.64
N TYR A 468 -45.07 -40.94 9.43
CA TYR A 468 -45.08 -41.62 8.15
C TYR A 468 -46.35 -42.46 8.11
N LYS A 469 -46.73 -42.93 6.93
CA LYS A 469 -47.82 -43.89 6.78
C LYS A 469 -49.12 -43.43 7.44
N MET A 470 -49.70 -44.28 8.28
CA MET A 470 -50.98 -43.93 8.92
C MET A 470 -50.84 -43.29 10.31
N SER A 471 -49.64 -42.84 10.63
CA SER A 471 -49.40 -42.11 11.88
C SER A 471 -49.67 -40.63 11.72
N GLY A 472 -50.02 -40.21 10.50
CA GLY A 472 -50.36 -38.84 10.25
C GLY A 472 -49.83 -38.31 8.93
N SER A 473 -50.13 -37.05 8.65
CA SER A 473 -49.64 -36.38 7.46
C SER A 473 -49.30 -34.95 7.84
N GLY A 474 -48.25 -34.41 7.23
CA GLY A 474 -47.78 -33.09 7.59
C GLY A 474 -46.93 -33.12 8.85
N ARG A 475 -46.38 -31.96 9.18
CA ARG A 475 -45.53 -31.82 10.36
C ARG A 475 -45.97 -30.67 11.24
N GLU A 476 -45.74 -30.82 12.54
CA GLU A 476 -45.88 -29.74 13.49
C GLU A 476 -44.53 -29.43 14.12
N LEU A 477 -44.44 -28.29 14.78
CA LEU A 477 -43.19 -27.74 15.32
C LEU A 477 -42.21 -27.34 14.21
N GLY A 478 -41.14 -26.66 14.58
CA GLY A 478 -40.16 -26.16 13.64
C GLY A 478 -40.72 -25.18 12.61
N GLU A 479 -39.90 -24.87 11.62
CA GLU A 479 -40.34 -24.04 10.50
C GLU A 479 -41.40 -24.75 9.68
N TYR A 480 -41.30 -26.08 9.62
CA TYR A 480 -42.24 -26.89 8.86
C TYR A 480 -43.67 -26.73 9.35
N GLY A 481 -43.84 -26.48 10.65
CA GLY A 481 -45.15 -26.33 11.24
C GLY A 481 -45.92 -25.11 10.76
N LEU A 482 -45.25 -24.25 10.00
CA LEU A 482 -45.88 -23.04 9.49
C LEU A 482 -46.55 -23.28 8.14
N GLN A 483 -46.11 -24.34 7.45
CA GLN A 483 -46.53 -24.62 6.09
C GLN A 483 -48.04 -24.82 5.93
N ALA A 484 -48.63 -25.62 6.81
CA ALA A 484 -50.06 -25.90 6.73
C ALA A 484 -50.91 -24.70 7.15
N TYR A 485 -50.28 -23.68 7.73
CA TYR A 485 -51.02 -22.50 8.18
C TYR A 485 -50.78 -21.30 7.28
N THR A 486 -50.23 -21.56 6.09
CA THR A 486 -49.97 -20.52 5.12
C THR A 486 -50.76 -20.83 3.85
N GLU A 487 -51.30 -19.80 3.21
CA GLU A 487 -51.91 -19.95 1.89
C GLU A 487 -51.08 -19.13 0.92
N VAL A 488 -50.45 -19.81 -0.03
CA VAL A 488 -49.50 -19.16 -0.91
C VAL A 488 -50.20 -18.46 -2.07
N LYS A 489 -49.95 -17.15 -2.20
CA LYS A 489 -50.46 -16.41 -3.34
C LYS A 489 -49.31 -15.94 -4.21
N THR A 490 -49.38 -16.28 -5.49
CA THR A 490 -48.45 -15.76 -6.48
C THR A 490 -49.01 -14.48 -7.09
N VAL A 491 -48.21 -13.42 -7.09
CA VAL A 491 -48.59 -12.21 -7.80
C VAL A 491 -47.62 -12.02 -8.97
N THR A 492 -48.15 -12.04 -10.18
CA THR A 492 -47.31 -11.91 -11.38
C THR A 492 -47.68 -10.64 -12.15
N VAL A 493 -46.73 -9.71 -12.19
CA VAL A 493 -46.97 -8.37 -12.73
C VAL A 493 -46.19 -8.13 -14.02
N LYS A 494 -46.87 -7.63 -15.04
CA LYS A 494 -46.21 -7.20 -16.27
C LYS A 494 -45.38 -5.95 -15.98
N VAL A 495 -44.12 -5.96 -16.44
CA VAL A 495 -43.23 -4.83 -16.26
C VAL A 495 -42.65 -4.37 -17.60
N PRO A 496 -42.31 -3.06 -17.72
CA PRO A 496 -41.78 -2.52 -18.97
C PRO A 496 -40.61 -3.31 -19.54
N GLN A 497 -39.69 -3.74 -18.67
CA GLN A 497 -38.55 -4.53 -19.12
C GLN A 497 -37.87 -5.28 -17.98
N LYS A 498 -37.91 -6.62 -18.06
CA LYS A 498 -37.25 -7.45 -17.06
C LYS A 498 -35.74 -7.42 -17.21
N ASN A 499 -35.06 -7.08 -16.12
CA ASN A 499 -33.60 -7.17 -16.02
C ASN A 499 -33.21 -7.98 -14.80
N SER A 500 -32.08 -8.69 -14.88
CA SER A 500 -31.59 -9.49 -13.77
C SER A 500 -31.32 -8.65 -12.52
N VAL B 8 -42.18 -22.11 -37.17
CA VAL B 8 -42.84 -23.35 -36.79
C VAL B 8 -42.76 -24.40 -37.89
N PRO B 9 -42.17 -25.57 -37.57
CA PRO B 9 -42.03 -26.70 -38.50
C PRO B 9 -43.38 -27.21 -38.98
N ALA B 10 -43.50 -27.47 -40.27
CA ALA B 10 -44.75 -27.97 -40.85
C ALA B 10 -45.16 -29.29 -40.20
N PRO B 11 -46.41 -29.35 -39.70
CA PRO B 11 -46.90 -30.50 -38.94
C PRO B 11 -47.22 -31.70 -39.83
N ASN B 12 -47.14 -32.90 -39.26
CA ASN B 12 -47.76 -34.05 -39.87
C ASN B 12 -49.21 -34.07 -39.41
N GLN B 13 -50.12 -33.78 -40.33
CA GLN B 13 -51.55 -33.66 -40.00
C GLN B 13 -52.18 -35.00 -39.61
N GLN B 14 -51.51 -36.10 -39.94
CA GLN B 14 -51.94 -37.43 -39.51
C GLN B 14 -50.78 -38.22 -38.91
N PRO B 15 -50.34 -37.86 -37.69
CA PRO B 15 -49.19 -38.56 -37.10
C PRO B 15 -49.58 -39.97 -36.66
N GLU B 16 -48.65 -40.91 -36.76
CA GLU B 16 -48.91 -42.28 -36.38
C GLU B 16 -48.92 -42.44 -34.86
N VAL B 17 -49.62 -43.46 -34.38
CA VAL B 17 -49.63 -43.78 -32.96
C VAL B 17 -48.78 -45.02 -32.75
N PHE B 18 -47.82 -44.94 -31.83
CA PHE B 18 -46.93 -46.07 -31.59
C PHE B 18 -47.21 -46.73 -30.25
N CYS B 19 -47.89 -46.00 -29.37
CA CYS B 19 -48.13 -46.44 -28.01
C CYS B 19 -49.59 -46.27 -27.64
N ASN B 20 -50.28 -47.37 -27.36
CA ASN B 20 -51.68 -47.31 -26.95
C ASN B 20 -52.03 -48.37 -25.90
N GLN B 21 -51.03 -48.78 -25.13
CA GLN B 21 -51.21 -49.82 -24.11
C GLN B 21 -50.92 -49.29 -22.72
N ILE B 22 -50.88 -50.19 -21.74
CA ILE B 22 -50.56 -49.84 -20.36
C ILE B 22 -49.06 -49.99 -20.11
N PHE B 23 -48.46 -49.00 -19.46
CA PHE B 23 -47.00 -48.93 -19.25
C PHE B 23 -46.63 -49.28 -17.81
N ILE B 24 -45.97 -50.42 -17.63
CA ILE B 24 -45.56 -50.88 -16.30
C ILE B 24 -44.19 -51.54 -16.39
N ASN B 25 -43.27 -51.17 -15.50
CA ASN B 25 -41.91 -51.72 -15.51
C ASN B 25 -41.20 -51.56 -16.85
N ASN B 26 -41.35 -50.40 -17.47
CA ASN B 26 -40.73 -50.10 -18.76
C ASN B 26 -41.17 -51.07 -19.87
N GLU B 27 -42.37 -51.63 -19.73
CA GLU B 27 -42.90 -52.55 -20.74
C GLU B 27 -44.38 -52.28 -21.02
N TRP B 28 -44.81 -52.64 -22.22
CA TRP B 28 -46.20 -52.43 -22.61
C TRP B 28 -47.05 -53.67 -22.36
N HIS B 29 -48.19 -53.47 -21.72
CA HIS B 29 -49.12 -54.56 -21.42
C HIS B 29 -50.50 -54.25 -21.97
N ASP B 30 -51.22 -55.29 -22.38
CA ASP B 30 -52.65 -55.16 -22.59
C ASP B 30 -53.30 -55.12 -21.22
N ALA B 31 -54.54 -54.67 -21.15
CA ALA B 31 -55.29 -54.76 -19.91
C ALA B 31 -55.51 -56.23 -19.58
N VAL B 32 -55.64 -56.53 -18.29
CA VAL B 32 -55.90 -57.90 -17.85
C VAL B 32 -57.20 -58.43 -18.46
N SER B 33 -58.18 -57.54 -18.60
CA SER B 33 -59.46 -57.86 -19.21
C SER B 33 -59.38 -57.96 -20.73
N ARG B 34 -58.25 -57.54 -21.29
CA ARG B 34 -58.05 -57.44 -22.74
C ARG B 34 -58.94 -56.40 -23.42
N LYS B 35 -59.71 -55.65 -22.64
CA LYS B 35 -60.61 -54.64 -23.20
C LYS B 35 -59.87 -53.40 -23.68
N THR B 36 -60.43 -52.73 -24.68
CA THR B 36 -59.89 -51.45 -25.14
C THR B 36 -60.99 -50.38 -25.19
N PHE B 37 -60.58 -49.13 -25.36
CA PHE B 37 -61.51 -48.02 -25.52
C PHE B 37 -61.05 -47.09 -26.64
N PRO B 38 -62.00 -46.40 -27.30
CA PRO B 38 -61.63 -45.53 -28.41
C PRO B 38 -61.25 -44.12 -27.96
N THR B 39 -60.25 -43.54 -28.60
CA THR B 39 -59.99 -42.12 -28.49
C THR B 39 -60.22 -41.44 -29.85
N VAL B 40 -60.89 -40.31 -29.81
CA VAL B 40 -61.42 -39.67 -31.02
C VAL B 40 -60.63 -38.40 -31.39
N ASN B 41 -60.49 -38.15 -32.70
CA ASN B 41 -60.02 -36.87 -33.19
C ASN B 41 -61.19 -35.89 -33.15
N PRO B 42 -61.14 -34.93 -32.22
CA PRO B 42 -62.27 -34.01 -31.98
C PRO B 42 -62.54 -33.06 -33.15
N SER B 43 -61.62 -33.00 -34.10
CA SER B 43 -61.80 -32.13 -35.27
C SER B 43 -62.63 -32.82 -36.35
N THR B 44 -62.75 -34.14 -36.24
CA THR B 44 -63.47 -34.91 -37.25
C THR B 44 -64.53 -35.82 -36.63
N GLY B 45 -64.35 -36.14 -35.35
CA GLY B 45 -65.26 -37.05 -34.67
C GLY B 45 -64.91 -38.52 -34.92
N GLU B 46 -63.83 -38.75 -35.67
CA GLU B 46 -63.41 -40.10 -36.01
C GLU B 46 -62.46 -40.68 -34.98
N VAL B 47 -62.52 -42.00 -34.83
CA VAL B 47 -61.63 -42.71 -33.93
C VAL B 47 -60.19 -42.68 -34.43
N ILE B 48 -59.27 -42.30 -33.55
CA ILE B 48 -57.85 -42.33 -33.87
C ILE B 48 -57.36 -43.77 -33.79
N CYS B 49 -57.62 -44.41 -32.66
CA CYS B 49 -57.26 -45.80 -32.43
C CYS B 49 -57.92 -46.29 -31.15
N GLN B 50 -57.68 -47.57 -30.83
CA GLN B 50 -58.14 -48.13 -29.57
C GLN B 50 -57.01 -48.08 -28.55
N VAL B 51 -57.37 -47.91 -27.28
CA VAL B 51 -56.39 -47.81 -26.20
C VAL B 51 -56.73 -48.83 -25.12
N ALA B 52 -55.70 -49.48 -24.56
CA ALA B 52 -55.92 -50.46 -23.50
C ALA B 52 -56.68 -49.85 -22.30
N GLU B 53 -57.80 -50.46 -21.95
CA GLU B 53 -58.64 -49.95 -20.87
C GLU B 53 -58.22 -50.50 -19.51
N GLY B 54 -57.31 -49.82 -18.84
CA GLY B 54 -56.86 -50.25 -17.52
C GLY B 54 -57.93 -50.13 -16.46
N ASP B 55 -57.91 -51.05 -15.50
CA ASP B 55 -58.86 -51.05 -14.39
C ASP B 55 -58.10 -51.32 -13.10
N LYS B 56 -58.80 -51.71 -12.05
CA LYS B 56 -58.17 -51.96 -10.75
C LYS B 56 -57.07 -53.02 -10.82
N GLU B 57 -57.31 -54.10 -11.56
CA GLU B 57 -56.34 -55.18 -11.65
C GLU B 57 -55.04 -54.72 -12.28
N ASP B 58 -55.14 -53.76 -13.20
CA ASP B 58 -53.95 -53.22 -13.87
C ASP B 58 -53.27 -52.19 -12.99
N VAL B 59 -54.08 -51.40 -12.28
CA VAL B 59 -53.57 -50.45 -11.31
C VAL B 59 -52.77 -51.21 -10.25
N ASP B 60 -53.26 -52.38 -9.85
CA ASP B 60 -52.59 -53.22 -8.87
C ASP B 60 -51.19 -53.69 -9.30
N LYS B 61 -51.01 -53.94 -10.60
CA LYS B 61 -49.71 -54.36 -11.10
C LYS B 61 -48.73 -53.19 -11.11
N ALA B 62 -49.23 -52.02 -11.47
CA ALA B 62 -48.42 -50.81 -11.56
C ALA B 62 -47.88 -50.43 -10.19
N VAL B 63 -48.73 -50.52 -9.18
CA VAL B 63 -48.34 -50.19 -7.81
C VAL B 63 -47.26 -51.13 -7.29
N LYS B 64 -47.42 -52.42 -7.57
CA LYS B 64 -46.41 -53.41 -7.19
C LYS B 64 -45.07 -53.08 -7.84
N ALA B 65 -45.11 -52.72 -9.12
CA ALA B 65 -43.91 -52.34 -9.85
C ALA B 65 -43.25 -51.11 -9.24
N ALA B 66 -44.08 -50.11 -8.90
CA ALA B 66 -43.61 -48.89 -8.26
C ALA B 66 -43.05 -49.16 -6.86
N ARG B 67 -43.78 -49.95 -6.07
CA ARG B 67 -43.35 -50.29 -4.72
C ARG B 67 -42.00 -50.98 -4.72
N ALA B 68 -41.82 -51.91 -5.66
CA ALA B 68 -40.56 -52.63 -5.79
C ALA B 68 -39.45 -51.67 -6.19
N ALA B 69 -39.76 -50.76 -7.11
CA ALA B 69 -38.78 -49.78 -7.56
C ALA B 69 -38.34 -48.86 -6.43
N PHE B 70 -39.19 -48.71 -5.41
CA PHE B 70 -38.95 -47.79 -4.32
C PHE B 70 -38.33 -48.50 -3.10
N GLN B 71 -38.02 -49.79 -3.22
CA GLN B 71 -37.48 -50.52 -2.09
C GLN B 71 -36.09 -50.02 -1.73
N LEU B 72 -35.78 -49.99 -0.44
CA LEU B 72 -34.47 -49.52 0.02
C LEU B 72 -33.37 -50.33 -0.67
N GLY B 73 -32.36 -49.65 -1.19
CA GLY B 73 -31.26 -50.32 -1.84
C GLY B 73 -31.47 -50.55 -3.34
N SER B 74 -32.65 -50.17 -3.84
CA SER B 74 -32.94 -50.30 -5.26
C SER B 74 -32.10 -49.30 -6.09
N PRO B 75 -32.01 -49.50 -7.41
CA PRO B 75 -31.24 -48.57 -8.24
C PRO B 75 -31.74 -47.13 -8.13
N TRP B 76 -33.05 -46.96 -7.98
CA TRP B 76 -33.68 -45.64 -7.91
C TRP B 76 -33.49 -44.99 -6.54
N ARG B 77 -33.47 -45.79 -5.49
CA ARG B 77 -33.30 -45.25 -4.13
C ARG B 77 -31.84 -44.90 -3.86
N ARG B 78 -30.92 -45.57 -4.57
CA ARG B 78 -29.50 -45.39 -4.34
C ARG B 78 -28.90 -44.36 -5.26
N MET B 79 -29.63 -44.03 -6.32
CA MET B 79 -29.13 -43.12 -7.34
C MET B 79 -28.84 -41.73 -6.79
N ASP B 80 -27.71 -41.16 -7.21
CA ASP B 80 -27.35 -39.80 -6.83
C ASP B 80 -28.45 -38.84 -7.21
N ALA B 81 -28.83 -37.99 -6.26
CA ALA B 81 -29.81 -36.95 -6.49
C ALA B 81 -29.49 -36.13 -7.74
N SER B 82 -28.22 -35.85 -7.94
CA SER B 82 -27.76 -35.12 -9.12
C SER B 82 -28.03 -35.91 -10.39
N HIS B 83 -27.98 -37.24 -10.29
CA HIS B 83 -28.20 -38.09 -11.45
C HIS B 83 -29.67 -38.17 -11.83
N ARG B 84 -30.56 -38.08 -10.83
CA ARG B 84 -31.99 -37.93 -11.10
C ARG B 84 -32.21 -36.66 -11.94
N GLY B 85 -31.34 -35.66 -11.72
CA GLY B 85 -31.38 -34.44 -12.50
C GLY B 85 -30.92 -34.67 -13.93
N ARG B 86 -29.89 -35.48 -14.11
CA ARG B 86 -29.41 -35.82 -15.45
C ARG B 86 -30.50 -36.54 -16.23
N LEU B 87 -31.27 -37.37 -15.54
CA LEU B 87 -32.32 -38.15 -16.19
C LEU B 87 -33.50 -37.29 -16.63
N LEU B 88 -33.88 -36.33 -15.79
CA LEU B 88 -34.94 -35.39 -16.17
C LEU B 88 -34.51 -34.49 -17.35
N ASN B 89 -33.23 -34.10 -17.37
CA ASN B 89 -32.69 -33.33 -18.49
C ASN B 89 -32.66 -34.16 -19.78
N ARG B 90 -32.28 -35.42 -19.64
CA ARG B 90 -32.23 -36.35 -20.75
C ARG B 90 -33.63 -36.59 -21.30
N LEU B 91 -34.60 -36.69 -20.41
CA LEU B 91 -35.99 -36.87 -20.83
C LEU B 91 -36.46 -35.68 -21.65
N ALA B 92 -36.15 -34.47 -21.18
CA ALA B 92 -36.52 -33.26 -21.88
C ALA B 92 -35.82 -33.18 -23.24
N ASP B 93 -34.55 -33.56 -23.28
CA ASP B 93 -33.81 -33.62 -24.54
C ASP B 93 -34.51 -34.51 -25.57
N LEU B 94 -35.00 -35.66 -25.12
CA LEU B 94 -35.67 -36.61 -26.01
C LEU B 94 -37.01 -36.04 -26.49
N ILE B 95 -37.72 -35.41 -25.57
CA ILE B 95 -38.98 -34.75 -25.90
C ILE B 95 -38.76 -33.64 -26.93
N GLU B 96 -37.66 -32.91 -26.80
CA GLU B 96 -37.32 -31.87 -27.77
C GLU B 96 -36.96 -32.45 -29.13
N ARG B 97 -36.29 -33.60 -29.14
CA ARG B 97 -36.00 -34.31 -30.37
C ARG B 97 -37.29 -34.62 -31.11
N ASP B 98 -38.28 -35.10 -30.36
CA ASP B 98 -39.55 -35.54 -30.93
C ASP B 98 -40.62 -34.46 -30.78
N ARG B 99 -40.19 -33.21 -30.65
CA ARG B 99 -41.10 -32.08 -30.43
C ARG B 99 -42.15 -31.91 -31.51
N THR B 100 -41.73 -31.99 -32.77
CA THR B 100 -42.63 -31.76 -33.90
C THR B 100 -43.70 -32.84 -33.98
N TYR B 101 -43.30 -34.08 -33.72
CA TYR B 101 -44.21 -35.20 -33.73
C TYR B 101 -45.21 -35.13 -32.58
N LEU B 102 -44.70 -34.93 -31.37
CA LEU B 102 -45.55 -34.83 -30.18
C LEU B 102 -46.55 -33.68 -30.25
N ALA B 103 -46.13 -32.54 -30.82
CA ALA B 103 -47.01 -31.40 -30.98
C ALA B 103 -48.20 -31.71 -31.89
N ALA B 104 -47.97 -32.46 -32.96
CA ALA B 104 -49.02 -32.84 -33.89
C ALA B 104 -49.95 -33.88 -33.29
N LEU B 105 -49.38 -34.83 -32.55
CA LEU B 105 -50.16 -35.86 -31.90
C LEU B 105 -50.99 -35.24 -30.77
N GLU B 106 -50.44 -34.22 -30.12
CA GLU B 106 -51.16 -33.49 -29.10
C GLU B 106 -52.41 -32.86 -29.72
N THR B 107 -52.22 -32.20 -30.86
CA THR B 107 -53.29 -31.58 -31.63
C THR B 107 -54.30 -32.60 -32.16
N LEU B 108 -53.81 -33.72 -32.67
CA LEU B 108 -54.65 -34.78 -33.20
C LEU B 108 -55.64 -35.31 -32.17
N ASP B 109 -55.16 -35.52 -30.96
CA ASP B 109 -55.93 -36.17 -29.91
C ASP B 109 -56.71 -35.15 -29.05
N ASN B 110 -56.21 -33.91 -28.98
CA ASN B 110 -56.83 -32.88 -28.14
C ASN B 110 -57.67 -31.86 -28.89
N GLY B 111 -57.18 -31.44 -30.06
CA GLY B 111 -57.90 -30.47 -30.86
C GLY B 111 -57.33 -29.06 -30.83
N LYS B 112 -56.39 -28.80 -29.95
CA LYS B 112 -55.80 -27.46 -29.87
C LYS B 112 -54.94 -27.22 -31.11
N PRO B 113 -54.86 -25.95 -31.56
CA PRO B 113 -54.06 -25.62 -32.76
C PRO B 113 -52.62 -26.09 -32.66
N TYR B 114 -52.11 -26.69 -33.74
CA TYR B 114 -50.74 -27.19 -33.76
C TYR B 114 -49.69 -26.13 -33.45
N VAL B 115 -49.92 -24.90 -33.90
CA VAL B 115 -49.01 -23.80 -33.61
C VAL B 115 -48.87 -23.58 -32.10
N ILE B 116 -49.98 -23.71 -31.39
CA ILE B 116 -49.97 -23.57 -29.94
C ILE B 116 -49.30 -24.77 -29.25
N SER B 117 -49.63 -25.99 -29.69
CA SER B 117 -48.98 -27.18 -29.15
C SER B 117 -47.47 -27.07 -29.22
N TYR B 118 -46.98 -26.61 -30.37
CA TYR B 118 -45.54 -26.54 -30.61
C TYR B 118 -44.86 -25.41 -29.84
N LEU B 119 -45.44 -24.22 -29.91
CA LEU B 119 -44.81 -23.02 -29.34
C LEU B 119 -45.09 -22.85 -27.84
N VAL B 120 -46.26 -23.30 -27.40
CA VAL B 120 -46.65 -23.14 -26.01
C VAL B 120 -46.51 -24.45 -25.23
N ASP B 121 -47.42 -25.39 -25.48
CA ASP B 121 -47.46 -26.65 -24.73
C ASP B 121 -46.11 -27.36 -24.66
N LEU B 122 -45.51 -27.66 -25.81
CA LEU B 122 -44.24 -28.39 -25.81
C LEU B 122 -43.10 -27.58 -25.18
N ASP B 123 -43.10 -26.28 -25.43
CA ASP B 123 -42.10 -25.39 -24.85
C ASP B 123 -42.18 -25.38 -23.32
N MET B 124 -43.40 -25.36 -22.79
N MET B 124 -43.40 -25.36 -22.79
CA MET B 124 -43.61 -25.33 -21.34
CA MET B 124 -43.60 -25.33 -21.35
C MET B 124 -43.27 -26.69 -20.72
C MET B 124 -43.27 -26.69 -20.72
N VAL B 125 -43.50 -27.76 -21.47
CA VAL B 125 -43.13 -29.10 -21.03
C VAL B 125 -41.61 -29.20 -20.85
N LEU B 126 -40.88 -28.73 -21.85
CA LEU B 126 -39.42 -28.73 -21.79
C LEU B 126 -38.94 -27.88 -20.63
N LYS B 127 -39.54 -26.70 -20.47
CA LYS B 127 -39.14 -25.79 -19.41
C LYS B 127 -39.45 -26.33 -18.02
N CYS B 128 -40.57 -27.04 -17.88
CA CYS B 128 -40.97 -27.60 -16.59
C CYS B 128 -40.02 -28.71 -16.16
N LEU B 129 -39.80 -29.68 -17.05
CA LEU B 129 -38.91 -30.80 -16.76
C LEU B 129 -37.50 -30.34 -16.45
N ARG B 130 -37.02 -29.37 -17.22
CA ARG B 130 -35.68 -28.84 -17.02
C ARG B 130 -35.55 -27.97 -15.77
N TYR B 131 -36.63 -27.29 -15.40
CA TYR B 131 -36.63 -26.55 -14.14
C TYR B 131 -36.47 -27.51 -12.97
N TYR B 132 -37.25 -28.58 -12.97
CA TYR B 132 -37.23 -29.53 -11.86
C TYR B 132 -35.99 -30.41 -11.82
N ALA B 133 -35.35 -30.61 -12.96
CA ALA B 133 -34.06 -31.31 -13.00
C ALA B 133 -33.05 -30.58 -12.14
N GLY B 134 -33.14 -29.25 -12.14
CA GLY B 134 -32.26 -28.42 -11.34
C GLY B 134 -32.53 -28.55 -9.86
N TRP B 135 -33.75 -28.92 -9.48
CA TRP B 135 -34.13 -29.05 -8.08
C TRP B 135 -33.70 -30.37 -7.43
N ALA B 136 -33.31 -31.33 -8.25
CA ALA B 136 -33.08 -32.71 -7.80
C ALA B 136 -32.06 -32.87 -6.65
N ASP B 137 -31.05 -32.00 -6.60
CA ASP B 137 -30.03 -32.09 -5.56
C ASP B 137 -29.89 -30.81 -4.75
N LYS B 138 -30.97 -30.05 -4.64
CA LYS B 138 -30.90 -28.74 -4.01
C LYS B 138 -31.96 -28.52 -2.94
N TYR B 139 -32.89 -29.46 -2.81
CA TYR B 139 -33.97 -29.33 -1.85
C TYR B 139 -33.53 -29.79 -0.47
N HIS B 140 -32.65 -29.01 0.15
CA HIS B 140 -32.00 -29.40 1.39
C HIS B 140 -32.96 -29.54 2.57
N GLY B 141 -32.62 -30.45 3.48
CA GLY B 141 -33.25 -30.48 4.79
C GLY B 141 -32.45 -29.55 5.69
N LYS B 142 -32.62 -29.68 7.01
CA LYS B 142 -32.07 -28.71 7.94
C LYS B 142 -31.22 -29.33 9.04
N THR B 143 -30.27 -28.57 9.58
CA THR B 143 -29.66 -28.89 10.87
C THR B 143 -30.22 -27.90 11.89
N ILE B 144 -30.71 -28.42 13.01
CA ILE B 144 -31.58 -27.64 13.88
C ILE B 144 -31.03 -27.44 15.30
N PRO B 145 -30.89 -26.18 15.74
CA PRO B 145 -30.27 -25.91 17.05
C PRO B 145 -31.21 -26.18 18.23
N ILE B 146 -31.55 -27.44 18.44
CA ILE B 146 -32.46 -27.87 19.51
C ILE B 146 -31.83 -27.69 20.89
N ASP B 147 -32.66 -27.55 21.92
CA ASP B 147 -32.16 -27.45 23.29
C ASP B 147 -31.46 -28.74 23.70
N GLY B 148 -30.55 -28.64 24.67
CA GLY B 148 -29.93 -29.82 25.24
C GLY B 148 -28.73 -30.36 24.49
N ASP B 149 -28.10 -31.38 25.04
CA ASP B 149 -26.94 -32.00 24.40
C ASP B 149 -27.37 -32.95 23.28
N PHE B 150 -27.92 -32.37 22.23
CA PHE B 150 -28.39 -33.13 21.07
C PHE B 150 -28.00 -32.47 19.74
N PHE B 151 -27.83 -33.28 18.72
CA PHE B 151 -27.73 -32.79 17.37
C PHE B 151 -28.97 -33.23 16.61
N SER B 152 -29.77 -32.27 16.16
CA SER B 152 -31.00 -32.60 15.43
C SER B 152 -30.94 -32.15 13.99
N TYR B 153 -31.36 -33.02 13.07
CA TYR B 153 -31.43 -32.64 11.66
C TYR B 153 -32.62 -33.27 10.96
N THR B 154 -32.97 -32.74 9.79
CA THR B 154 -34.02 -33.36 8.99
C THR B 154 -33.48 -33.87 7.66
N ARG B 155 -33.98 -35.05 7.27
CA ARG B 155 -33.75 -35.59 5.95
C ARG B 155 -34.99 -35.33 5.12
N HIS B 156 -34.80 -34.94 3.87
CA HIS B 156 -35.91 -34.80 2.93
C HIS B 156 -35.98 -36.07 2.08
N GLU B 157 -36.88 -36.97 2.46
CA GLU B 157 -37.04 -38.25 1.79
C GLU B 157 -38.22 -38.17 0.82
N PRO B 158 -38.30 -39.10 -0.14
CA PRO B 158 -39.47 -39.10 -1.02
C PRO B 158 -40.70 -39.56 -0.25
N VAL B 159 -41.90 -39.18 -0.67
CA VAL B 159 -43.11 -39.64 -0.01
C VAL B 159 -43.44 -41.09 -0.42
N GLY B 160 -42.95 -41.51 -1.58
CA GLY B 160 -43.01 -42.90 -1.99
C GLY B 160 -43.75 -43.15 -3.30
N VAL B 161 -44.74 -44.05 -3.24
CA VAL B 161 -45.56 -44.34 -4.40
C VAL B 161 -46.64 -43.27 -4.54
N CYS B 162 -46.53 -42.48 -5.62
CA CYS B 162 -47.42 -41.35 -5.83
C CYS B 162 -48.40 -41.62 -6.95
N GLY B 163 -49.69 -41.65 -6.61
CA GLY B 163 -50.73 -41.76 -7.61
C GLY B 163 -50.96 -40.39 -8.22
N GLN B 164 -50.94 -40.33 -9.55
CA GLN B 164 -51.09 -39.06 -10.22
C GLN B 164 -52.18 -39.12 -11.28
N ILE B 165 -53.23 -38.32 -11.05
CA ILE B 165 -54.42 -38.34 -11.87
C ILE B 165 -54.60 -36.98 -12.55
N ILE B 166 -54.60 -36.98 -13.88
CA ILE B 166 -54.57 -35.72 -14.64
C ILE B 166 -55.70 -35.64 -15.67
N PRO B 167 -56.02 -34.41 -16.13
CA PRO B 167 -57.10 -34.27 -17.11
C PRO B 167 -56.62 -34.12 -18.56
N TRP B 168 -57.50 -33.63 -19.43
CA TRP B 168 -57.26 -33.65 -20.88
C TRP B 168 -56.96 -32.29 -21.52
N ASN B 169 -57.06 -31.21 -20.76
CA ASN B 169 -56.94 -29.87 -21.33
C ASN B 169 -55.52 -29.49 -21.79
N PHE B 170 -54.52 -29.88 -21.00
CA PHE B 170 -53.13 -29.75 -21.39
C PHE B 170 -52.45 -31.09 -21.10
N PRO B 171 -52.68 -32.08 -21.96
CA PRO B 171 -52.24 -33.47 -21.74
C PRO B 171 -50.76 -33.62 -21.40
N LEU B 172 -49.89 -33.05 -22.23
CA LEU B 172 -48.45 -33.18 -22.02
C LEU B 172 -47.94 -32.32 -20.87
N LEU B 173 -48.51 -31.12 -20.74
CA LEU B 173 -48.06 -30.20 -19.72
C LEU B 173 -48.48 -30.66 -18.33
N MET B 174 -49.66 -31.26 -18.22
CA MET B 174 -50.14 -31.78 -16.96
C MET B 174 -49.29 -32.97 -16.50
N GLN B 175 -48.84 -33.77 -17.46
CA GLN B 175 -47.95 -34.89 -17.18
C GLN B 175 -46.62 -34.38 -16.63
N ALA B 176 -46.07 -33.37 -17.28
CA ALA B 176 -44.79 -32.79 -16.89
C ALA B 176 -44.87 -32.10 -15.52
N TRP B 177 -46.02 -31.48 -15.22
CA TRP B 177 -46.23 -30.85 -13.92
C TRP B 177 -46.18 -31.87 -12.78
N LYS B 178 -46.63 -33.08 -13.09
CA LYS B 178 -46.67 -34.16 -12.11
C LYS B 178 -45.34 -34.89 -12.00
N LEU B 179 -44.75 -35.21 -13.16
CA LEU B 179 -43.55 -36.03 -13.19
C LEU B 179 -42.30 -35.28 -12.69
N GLY B 180 -42.21 -34.00 -13.05
CA GLY B 180 -41.05 -33.18 -12.71
C GLY B 180 -40.68 -33.19 -11.24
N PRO B 181 -41.56 -32.68 -10.37
CA PRO B 181 -41.29 -32.64 -8.93
C PRO B 181 -41.30 -34.01 -8.29
N ALA B 182 -42.07 -34.94 -8.84
CA ALA B 182 -42.11 -36.29 -8.28
C ALA B 182 -40.79 -37.02 -8.48
N LEU B 183 -40.25 -36.97 -9.70
CA LEU B 183 -39.01 -37.68 -10.01
C LEU B 183 -37.77 -36.96 -9.46
N ALA B 184 -37.83 -35.63 -9.42
CA ALA B 184 -36.72 -34.84 -8.89
C ALA B 184 -36.45 -35.18 -7.44
N THR B 185 -37.49 -35.53 -6.70
CA THR B 185 -37.37 -35.80 -5.27
C THR B 185 -37.26 -37.30 -4.94
N GLY B 186 -37.21 -38.14 -5.98
CA GLY B 186 -36.93 -39.56 -5.79
C GLY B 186 -38.15 -40.46 -5.63
N ASN B 187 -39.34 -39.93 -5.91
CA ASN B 187 -40.55 -40.72 -5.82
C ASN B 187 -40.73 -41.68 -7.00
N VAL B 188 -41.68 -42.59 -6.86
CA VAL B 188 -42.11 -43.42 -7.98
C VAL B 188 -43.57 -43.10 -8.29
N VAL B 189 -44.01 -43.38 -9.52
CA VAL B 189 -45.28 -42.85 -10.00
C VAL B 189 -46.21 -43.90 -10.63
N VAL B 190 -47.49 -43.83 -10.30
CA VAL B 190 -48.52 -44.55 -11.03
C VAL B 190 -49.44 -43.49 -11.59
N MET B 191 -49.35 -43.25 -12.89
CA MET B 191 -50.10 -42.15 -13.49
C MET B 191 -51.35 -42.61 -14.24
N LYS B 192 -52.44 -41.89 -14.04
CA LYS B 192 -53.67 -42.15 -14.77
C LYS B 192 -53.96 -40.95 -15.66
N VAL B 193 -53.82 -41.15 -16.97
CA VAL B 193 -54.12 -40.11 -17.94
C VAL B 193 -55.61 -40.09 -18.31
N ALA B 194 -56.07 -38.96 -18.82
CA ALA B 194 -57.47 -38.80 -19.18
C ALA B 194 -57.83 -39.68 -20.37
N GLU B 195 -59.01 -40.30 -20.33
CA GLU B 195 -59.43 -41.19 -21.41
C GLU B 195 -59.60 -40.44 -22.73
N GLN B 196 -59.84 -39.13 -22.63
CA GLN B 196 -60.04 -38.30 -23.80
C GLN B 196 -58.72 -38.03 -24.54
N THR B 197 -57.60 -38.04 -23.82
CA THR B 197 -56.30 -37.71 -24.42
C THR B 197 -55.15 -38.55 -23.85
N PRO B 198 -55.14 -39.87 -24.12
CA PRO B 198 -54.10 -40.71 -23.51
C PRO B 198 -52.79 -40.81 -24.30
N LEU B 199 -52.83 -40.58 -25.60
CA LEU B 199 -51.75 -40.95 -26.52
C LEU B 199 -50.39 -40.27 -26.29
N THR B 200 -50.38 -38.95 -26.11
CA THR B 200 -49.12 -38.22 -25.96
C THR B 200 -48.35 -38.60 -24.68
N ALA B 201 -49.08 -38.83 -23.59
CA ALA B 201 -48.44 -39.26 -22.35
C ALA B 201 -47.89 -40.67 -22.49
N LEU B 202 -48.55 -41.50 -23.29
CA LEU B 202 -48.09 -42.86 -23.54
C LEU B 202 -46.80 -42.84 -24.34
N TYR B 203 -46.66 -41.89 -25.26
CA TYR B 203 -45.43 -41.78 -26.03
C TYR B 203 -44.27 -41.32 -25.16
N VAL B 204 -44.54 -40.40 -24.25
CA VAL B 204 -43.51 -39.91 -23.34
C VAL B 204 -42.98 -41.05 -22.48
N ALA B 205 -43.86 -41.98 -22.15
CA ALA B 205 -43.47 -43.18 -21.41
C ALA B 205 -42.40 -43.96 -22.15
N ASN B 206 -42.57 -44.07 -23.47
CA ASN B 206 -41.54 -44.67 -24.32
C ASN B 206 -40.21 -43.94 -24.15
N LEU B 207 -40.28 -42.61 -24.07
CA LEU B 207 -39.09 -41.78 -23.90
C LEU B 207 -38.53 -41.83 -22.48
N ILE B 208 -39.39 -42.12 -21.51
CA ILE B 208 -38.97 -42.33 -20.14
C ILE B 208 -38.10 -43.58 -20.05
N LYS B 209 -38.49 -44.63 -20.76
CA LYS B 209 -37.68 -45.83 -20.84
C LYS B 209 -36.35 -45.54 -21.52
N GLU B 210 -36.41 -44.86 -22.65
CA GLU B 210 -35.23 -44.52 -23.44
C GLU B 210 -34.25 -43.62 -22.67
N ALA B 211 -34.81 -42.72 -21.86
CA ALA B 211 -34.00 -41.81 -21.04
C ALA B 211 -33.20 -42.57 -19.99
N GLY B 212 -33.70 -43.73 -19.56
CA GLY B 212 -32.96 -44.58 -18.65
C GLY B 212 -33.46 -44.68 -17.22
N PHE B 213 -34.65 -44.15 -16.96
CA PHE B 213 -35.28 -44.31 -15.65
C PHE B 213 -35.51 -45.79 -15.38
N PRO B 214 -35.16 -46.25 -14.17
CA PRO B 214 -35.35 -47.65 -13.80
C PRO B 214 -36.81 -48.09 -13.94
N PRO B 215 -37.04 -49.37 -14.23
CA PRO B 215 -38.40 -49.89 -14.37
C PRO B 215 -39.18 -49.79 -13.05
N GLY B 216 -40.43 -49.35 -13.15
CA GLY B 216 -41.28 -49.19 -11.98
C GLY B 216 -41.37 -47.75 -11.51
N VAL B 217 -40.40 -46.95 -11.92
CA VAL B 217 -40.29 -45.57 -11.49
C VAL B 217 -41.42 -44.71 -12.07
N VAL B 218 -41.70 -44.90 -13.35
CA VAL B 218 -42.93 -44.34 -13.91
C VAL B 218 -43.76 -45.42 -14.57
N ASN B 219 -44.97 -45.60 -14.09
CA ASN B 219 -45.93 -46.51 -14.72
C ASN B 219 -47.18 -45.73 -15.09
N ILE B 220 -47.64 -45.90 -16.33
CA ILE B 220 -48.81 -45.18 -16.82
C ILE B 220 -49.97 -46.10 -17.18
N VAL B 221 -51.14 -45.79 -16.63
CA VAL B 221 -52.32 -46.63 -16.83
C VAL B 221 -53.48 -45.83 -17.45
N PRO B 222 -53.67 -45.96 -18.77
CA PRO B 222 -54.81 -45.33 -19.44
C PRO B 222 -56.10 -46.07 -19.07
N GLY B 223 -57.23 -45.38 -19.13
CA GLY B 223 -58.49 -45.97 -18.73
C GLY B 223 -59.43 -44.93 -18.18
N PHE B 224 -60.55 -45.37 -17.61
CA PHE B 224 -61.57 -44.44 -17.13
C PHE B 224 -61.35 -44.00 -15.69
N GLY B 225 -62.14 -43.02 -15.27
CA GLY B 225 -62.02 -42.45 -13.94
C GLY B 225 -62.53 -43.33 -12.81
N PRO B 226 -63.84 -43.63 -12.80
CA PRO B 226 -64.42 -44.44 -11.72
C PRO B 226 -63.82 -45.85 -11.60
N THR B 227 -63.08 -46.29 -12.61
CA THR B 227 -62.42 -47.59 -12.58
C THR B 227 -60.94 -47.48 -12.20
N ALA B 228 -60.12 -47.09 -13.17
CA ALA B 228 -58.67 -47.00 -12.96
C ALA B 228 -58.28 -45.90 -11.96
N GLY B 229 -58.89 -44.73 -12.10
CA GLY B 229 -58.62 -43.60 -11.23
C GLY B 229 -59.03 -43.80 -9.78
N ALA B 230 -60.21 -44.35 -9.57
CA ALA B 230 -60.70 -44.64 -8.23
C ALA B 230 -59.83 -45.70 -7.54
N ALA B 231 -59.38 -46.68 -8.32
CA ALA B 231 -58.51 -47.73 -7.81
C ALA B 231 -57.21 -47.14 -7.27
N ILE B 232 -56.73 -46.09 -7.92
CA ILE B 232 -55.54 -45.37 -7.45
C ILE B 232 -55.81 -44.61 -6.16
N ALA B 233 -56.93 -43.89 -6.11
CA ALA B 233 -57.27 -43.08 -4.93
C ALA B 233 -57.58 -43.93 -3.70
N SER B 234 -58.09 -45.14 -3.94
CA SER B 234 -58.49 -46.05 -2.87
C SER B 234 -57.42 -47.08 -2.51
N HIS B 235 -56.30 -47.07 -3.23
CA HIS B 235 -55.31 -48.13 -3.06
C HIS B 235 -54.61 -48.05 -1.72
N GLU B 236 -54.31 -49.21 -1.13
CA GLU B 236 -53.76 -49.29 0.22
C GLU B 236 -52.23 -49.17 0.27
N ASP B 237 -51.58 -49.24 -0.89
CA ASP B 237 -50.12 -49.15 -0.94
C ASP B 237 -49.70 -47.92 -1.74
N VAL B 238 -50.63 -47.00 -1.92
CA VAL B 238 -50.31 -45.70 -2.50
C VAL B 238 -50.22 -44.70 -1.35
N ASP B 239 -49.05 -44.08 -1.22
CA ASP B 239 -48.75 -43.21 -0.09
C ASP B 239 -49.31 -41.80 -0.27
N LYS B 240 -49.42 -41.37 -1.52
CA LYS B 240 -49.78 -40.01 -1.86
C LYS B 240 -50.54 -39.96 -3.17
N VAL B 241 -51.52 -39.07 -3.25
CA VAL B 241 -52.24 -38.86 -4.49
C VAL B 241 -52.27 -37.38 -4.88
N ALA B 242 -51.98 -37.12 -6.15
CA ALA B 242 -52.12 -35.77 -6.69
C ALA B 242 -53.21 -35.81 -7.77
N PHE B 243 -54.24 -34.96 -7.65
CA PHE B 243 -55.33 -34.93 -8.62
C PHE B 243 -55.48 -33.55 -9.25
N THR B 244 -55.79 -33.53 -10.54
CA THR B 244 -56.17 -32.29 -11.22
C THR B 244 -57.42 -32.57 -12.06
N GLY B 245 -58.45 -31.76 -11.86
CA GLY B 245 -59.69 -31.94 -12.57
C GLY B 245 -60.84 -31.21 -11.91
N SER B 246 -62.06 -31.73 -12.09
CA SER B 246 -63.26 -31.09 -11.58
C SER B 246 -63.32 -31.08 -10.06
N THR B 247 -64.02 -30.10 -9.50
CA THR B 247 -64.20 -30.01 -8.05
C THR B 247 -65.00 -31.21 -7.54
N GLU B 248 -65.97 -31.64 -8.34
CA GLU B 248 -66.75 -32.86 -8.07
C GLU B 248 -65.90 -34.06 -7.72
N ILE B 249 -65.00 -34.42 -8.62
CA ILE B 249 -64.16 -35.60 -8.45
C ILE B 249 -63.10 -35.39 -7.36
N GLY B 250 -62.67 -34.14 -7.18
CA GLY B 250 -61.77 -33.78 -6.10
C GLY B 250 -62.30 -34.22 -4.75
N ARG B 251 -63.60 -34.10 -4.55
CA ARG B 251 -64.24 -34.57 -3.33
C ARG B 251 -64.13 -36.09 -3.22
N VAL B 252 -64.39 -36.76 -4.32
CA VAL B 252 -64.33 -38.22 -4.39
C VAL B 252 -62.94 -38.74 -4.04
N ILE B 253 -61.91 -38.08 -4.56
CA ILE B 253 -60.52 -38.44 -4.28
C ILE B 253 -60.21 -38.32 -2.79
N GLN B 254 -60.60 -37.20 -2.19
CA GLN B 254 -60.35 -36.94 -0.79
C GLN B 254 -61.05 -37.97 0.11
N VAL B 255 -62.30 -38.28 -0.21
CA VAL B 255 -63.04 -39.28 0.54
C VAL B 255 -62.42 -40.66 0.41
N ALA B 256 -62.02 -41.03 -0.82
CA ALA B 256 -61.37 -42.31 -1.04
C ALA B 256 -60.04 -42.41 -0.30
N ALA B 257 -59.34 -41.29 -0.19
CA ALA B 257 -58.08 -41.23 0.52
C ALA B 257 -58.29 -41.46 2.01
N GLY B 258 -59.23 -40.72 2.60
CA GLY B 258 -59.56 -40.89 4.00
C GLY B 258 -60.19 -42.23 4.32
N SER B 259 -60.91 -42.79 3.36
CA SER B 259 -61.58 -44.07 3.56
C SER B 259 -60.62 -45.25 3.47
N SER B 260 -59.58 -45.11 2.64
CA SER B 260 -58.59 -46.17 2.47
C SER B 260 -57.47 -46.12 3.50
N ASN B 261 -56.31 -45.59 3.12
CA ASN B 261 -55.12 -45.66 3.97
C ASN B 261 -54.61 -44.30 4.45
N LEU B 262 -55.46 -43.28 4.39
CA LEU B 262 -55.06 -41.92 4.75
C LEU B 262 -53.84 -41.41 3.97
N LYS B 263 -53.77 -41.78 2.69
CA LYS B 263 -52.72 -41.28 1.81
C LYS B 263 -52.75 -39.75 1.78
N ARG B 264 -51.59 -39.14 1.57
CA ARG B 264 -51.52 -37.70 1.44
C ARG B 264 -52.19 -37.25 0.13
N VAL B 265 -52.90 -36.13 0.18
CA VAL B 265 -53.66 -35.65 -0.96
C VAL B 265 -53.37 -34.19 -1.28
N THR B 266 -53.22 -33.88 -2.56
CA THR B 266 -53.24 -32.50 -3.03
C THR B 266 -54.16 -32.43 -4.26
N LEU B 267 -54.88 -31.32 -4.40
CA LEU B 267 -55.86 -31.18 -5.47
C LEU B 267 -55.68 -29.87 -6.22
N GLN B 268 -55.95 -29.89 -7.53
CA GLN B 268 -56.10 -28.64 -8.29
C GLN B 268 -57.39 -28.74 -9.07
N LEU B 269 -58.35 -27.90 -8.71
CA LEU B 269 -59.70 -28.04 -9.20
C LEU B 269 -60.09 -26.91 -10.16
N GLY B 270 -61.38 -26.71 -10.35
CA GLY B 270 -61.86 -25.72 -11.29
C GLY B 270 -61.78 -24.31 -10.76
N GLY B 271 -62.26 -23.36 -11.56
CA GLY B 271 -62.30 -21.97 -11.14
C GLY B 271 -63.39 -21.16 -11.81
N LYS B 272 -63.60 -19.95 -11.32
CA LYS B 272 -64.47 -18.98 -11.96
C LYS B 272 -63.77 -17.64 -11.82
N SER B 273 -62.53 -17.60 -12.30
CA SER B 273 -61.61 -16.50 -12.01
C SER B 273 -62.12 -15.15 -12.51
N PRO B 274 -62.03 -14.13 -11.64
CA PRO B 274 -62.39 -12.76 -12.02
C PRO B 274 -61.22 -12.04 -12.70
N ASN B 275 -61.52 -11.41 -13.84
CA ASN B 275 -60.56 -10.56 -14.54
C ASN B 275 -61.07 -9.12 -14.46
N ILE B 276 -60.37 -8.27 -13.73
CA ILE B 276 -60.90 -6.94 -13.38
C ILE B 276 -60.25 -5.78 -14.15
N ILE B 277 -61.05 -5.13 -14.98
CA ILE B 277 -60.57 -4.01 -15.80
C ILE B 277 -60.98 -2.66 -15.20
N MET B 278 -60.03 -1.96 -14.60
CA MET B 278 -60.26 -0.62 -14.06
C MET B 278 -60.33 0.39 -15.19
N SER B 279 -61.03 1.50 -14.95
CA SER B 279 -61.25 2.52 -15.98
C SER B 279 -59.95 3.15 -16.50
N ASP B 280 -58.88 3.03 -15.74
CA ASP B 280 -57.59 3.60 -16.15
C ASP B 280 -56.67 2.56 -16.78
N ALA B 281 -57.24 1.44 -17.22
CA ALA B 281 -56.47 0.41 -17.87
C ALA B 281 -56.17 0.80 -19.32
N ASP B 282 -55.05 0.32 -19.83
CA ASP B 282 -54.72 0.45 -21.24
C ASP B 282 -55.77 -0.34 -22.01
N MET B 283 -56.68 0.37 -22.68
CA MET B 283 -57.82 -0.27 -23.35
C MET B 283 -57.43 -1.38 -24.34
N ASP B 284 -56.50 -1.10 -25.26
CA ASP B 284 -56.11 -2.06 -26.27
C ASP B 284 -55.55 -3.34 -25.66
N TRP B 285 -54.57 -3.18 -24.77
CA TRP B 285 -53.95 -4.29 -24.09
C TRP B 285 -54.97 -5.10 -23.30
N ALA B 286 -55.85 -4.39 -22.57
CA ALA B 286 -56.85 -5.05 -21.73
C ALA B 286 -57.85 -5.86 -22.53
N VAL B 287 -58.27 -5.34 -23.70
CA VAL B 287 -59.24 -6.03 -24.54
C VAL B 287 -58.64 -7.33 -25.12
N GLU B 288 -57.40 -7.25 -25.57
CA GLU B 288 -56.73 -8.42 -26.13
C GLU B 288 -56.43 -9.46 -25.05
N GLN B 289 -56.01 -8.97 -23.89
CA GLN B 289 -55.71 -9.87 -22.78
C GLN B 289 -56.95 -10.56 -22.23
N ALA B 290 -58.06 -9.82 -22.11
CA ALA B 290 -59.32 -10.40 -21.65
C ALA B 290 -59.85 -11.45 -22.62
N HIS B 291 -59.64 -11.22 -23.91
CA HIS B 291 -60.00 -12.18 -24.94
C HIS B 291 -59.19 -13.47 -24.76
N PHE B 292 -57.89 -13.30 -24.55
CA PHE B 292 -56.99 -14.43 -24.33
C PHE B 292 -57.33 -15.14 -23.01
N ALA B 293 -57.64 -14.34 -21.99
CA ALA B 293 -57.94 -14.86 -20.66
C ALA B 293 -59.09 -15.87 -20.65
N LEU B 294 -60.05 -15.66 -21.54
CA LEU B 294 -61.23 -16.50 -21.62
C LEU B 294 -61.11 -17.58 -22.70
N PHE B 295 -60.73 -17.16 -23.90
CA PHE B 295 -60.78 -18.03 -25.07
C PHE B 295 -59.60 -18.98 -25.27
N PHE B 296 -58.49 -18.74 -24.58
CA PHE B 296 -57.31 -19.60 -24.68
C PHE B 296 -57.64 -21.09 -24.50
N ASN B 297 -57.12 -21.93 -25.40
CA ASN B 297 -57.31 -23.38 -25.35
C ASN B 297 -58.80 -23.78 -25.45
N GLN B 298 -59.50 -23.16 -26.38
CA GLN B 298 -60.92 -23.43 -26.60
C GLN B 298 -61.75 -23.18 -25.33
N GLY B 299 -61.25 -22.29 -24.48
CA GLY B 299 -61.90 -21.96 -23.22
C GLY B 299 -61.66 -23.01 -22.14
N GLN B 300 -60.82 -24.00 -22.46
CA GLN B 300 -60.64 -25.17 -21.61
C GLN B 300 -59.40 -25.02 -20.70
N SER B 301 -59.46 -24.03 -19.83
CA SER B 301 -58.42 -23.80 -18.82
C SER B 301 -59.09 -23.58 -17.47
N CYS B 302 -58.52 -24.18 -16.43
CA CYS B 302 -59.07 -24.08 -15.09
C CYS B 302 -58.99 -22.65 -14.58
N SER B 303 -58.01 -21.91 -15.07
CA SER B 303 -57.74 -20.54 -14.62
C SER B 303 -58.36 -19.48 -15.53
N ALA B 304 -59.24 -19.90 -16.44
CA ALA B 304 -59.83 -18.98 -17.41
C ALA B 304 -60.49 -17.77 -16.74
N GLY B 305 -60.30 -16.59 -17.33
CA GLY B 305 -60.94 -15.39 -16.84
C GLY B 305 -62.38 -15.29 -17.29
N SER B 306 -63.23 -16.09 -16.64
CA SER B 306 -64.63 -16.24 -17.07
C SER B 306 -65.57 -15.26 -16.38
N ARG B 307 -65.03 -14.39 -15.55
CA ARG B 307 -65.79 -13.24 -15.03
C ARG B 307 -65.02 -11.96 -15.33
N THR B 308 -65.35 -11.31 -16.44
CA THR B 308 -64.68 -10.07 -16.82
C THR B 308 -65.40 -8.85 -16.24
N PHE B 309 -64.88 -8.33 -15.13
CA PHE B 309 -65.44 -7.13 -14.51
C PHE B 309 -64.85 -5.86 -15.12
N VAL B 310 -65.68 -5.09 -15.80
CA VAL B 310 -65.26 -3.86 -16.46
C VAL B 310 -65.91 -2.64 -15.81
N GLN B 311 -65.09 -1.66 -15.43
N GLN B 311 -65.10 -1.67 -15.42
CA GLN B 311 -65.60 -0.46 -14.77
CA GLN B 311 -65.61 -0.47 -14.74
C GLN B 311 -66.60 0.26 -15.68
C GLN B 311 -66.57 0.28 -15.66
N GLU B 312 -67.67 0.77 -15.08
CA GLU B 312 -68.80 1.31 -15.85
C GLU B 312 -68.47 2.42 -16.85
N ASP B 313 -67.36 3.12 -16.61
CA ASP B 313 -66.97 4.23 -17.48
C ASP B 313 -66.37 3.79 -18.81
N ILE B 314 -65.84 2.57 -18.87
CA ILE B 314 -65.25 2.05 -20.09
C ILE B 314 -65.96 0.80 -20.61
N TYR B 315 -67.05 0.42 -19.94
CA TYR B 315 -67.79 -0.79 -20.28
C TYR B 315 -68.21 -0.86 -21.75
N ASP B 316 -68.90 0.17 -22.23
CA ASP B 316 -69.46 0.13 -23.59
C ASP B 316 -68.38 -0.05 -24.66
N GLU B 317 -67.26 0.64 -24.51
CA GLU B 317 -66.16 0.53 -25.45
C GLU B 317 -65.48 -0.83 -25.36
N PHE B 318 -65.25 -1.29 -24.14
CA PHE B 318 -64.59 -2.58 -23.91
C PHE B 318 -65.41 -3.70 -24.53
N VAL B 319 -66.72 -3.64 -24.33
CA VAL B 319 -67.64 -4.62 -24.89
C VAL B 319 -67.59 -4.57 -26.42
N GLU B 320 -67.70 -3.37 -26.95
CA GLU B 320 -67.62 -3.10 -28.39
C GLU B 320 -66.40 -3.75 -29.02
N ARG B 321 -65.23 -3.49 -28.43
CA ARG B 321 -63.97 -4.00 -28.96
C ARG B 321 -63.81 -5.50 -28.72
N SER B 322 -64.45 -6.00 -27.66
CA SER B 322 -64.40 -7.42 -27.34
C SER B 322 -65.26 -8.25 -28.28
N VAL B 323 -66.39 -7.69 -28.68
CA VAL B 323 -67.27 -8.33 -29.65
C VAL B 323 -66.58 -8.44 -31.01
N ALA B 324 -65.91 -7.36 -31.40
CA ALA B 324 -65.21 -7.31 -32.68
C ALA B 324 -64.10 -8.35 -32.74
N ARG B 325 -63.40 -8.52 -31.62
CA ARG B 325 -62.32 -9.49 -31.53
C ARG B 325 -62.87 -10.92 -31.55
N ALA B 326 -63.93 -11.16 -30.80
CA ALA B 326 -64.58 -12.47 -30.75
C ALA B 326 -65.11 -12.87 -32.11
N LYS B 327 -65.69 -11.90 -32.82
CA LYS B 327 -66.26 -12.17 -34.13
C LYS B 327 -65.20 -12.51 -35.17
N SER B 328 -63.96 -12.08 -34.94
CA SER B 328 -62.89 -12.30 -35.91
C SER B 328 -61.94 -13.42 -35.50
N ARG B 329 -62.20 -14.02 -34.34
CA ARG B 329 -61.41 -15.16 -33.89
C ARG B 329 -61.60 -16.37 -34.79
N VAL B 330 -60.51 -16.79 -35.44
CA VAL B 330 -60.58 -17.85 -36.44
C VAL B 330 -60.79 -19.23 -35.86
N VAL B 331 -61.96 -19.80 -36.14
CA VAL B 331 -62.25 -21.19 -35.80
C VAL B 331 -62.05 -22.05 -37.03
N GLY B 332 -61.35 -23.17 -36.89
CA GLY B 332 -61.13 -24.07 -38.01
C GLY B 332 -60.22 -25.24 -37.68
N ASN B 333 -59.70 -25.87 -38.74
CA ASN B 333 -58.75 -26.97 -38.62
C ASN B 333 -57.53 -26.58 -37.78
N PRO B 334 -57.28 -27.30 -36.68
CA PRO B 334 -56.17 -26.98 -35.77
C PRO B 334 -54.80 -27.04 -36.46
N PHE B 335 -54.72 -27.75 -37.58
CA PHE B 335 -53.45 -27.84 -38.32
C PHE B 335 -53.26 -26.70 -39.33
N ASP B 336 -54.30 -25.90 -39.54
CA ASP B 336 -54.20 -24.72 -40.40
C ASP B 336 -53.61 -23.60 -39.56
N SER B 337 -52.53 -23.00 -40.03
CA SER B 337 -51.78 -22.04 -39.23
C SER B 337 -52.59 -20.81 -38.82
N LYS B 338 -53.66 -20.53 -39.56
CA LYS B 338 -54.49 -19.36 -39.29
C LYS B 338 -55.48 -19.61 -38.17
N THR B 339 -55.66 -20.87 -37.80
CA THR B 339 -56.63 -21.25 -36.77
C THR B 339 -56.23 -20.79 -35.37
N GLU B 340 -57.11 -20.03 -34.72
CA GLU B 340 -56.92 -19.60 -33.34
C GLU B 340 -57.65 -20.52 -32.36
N GLN B 341 -58.72 -21.14 -32.83
CA GLN B 341 -59.56 -22.00 -32.00
C GLN B 341 -59.94 -23.30 -32.72
N GLY B 342 -59.51 -24.42 -32.16
CA GLY B 342 -59.90 -25.73 -32.68
C GLY B 342 -61.25 -26.14 -32.11
N PRO B 343 -61.55 -27.44 -32.14
CA PRO B 343 -62.80 -27.95 -31.56
C PRO B 343 -62.68 -28.14 -30.05
N GLN B 344 -63.80 -28.41 -29.38
CA GLN B 344 -63.77 -28.81 -27.99
C GLN B 344 -63.32 -30.27 -27.92
N VAL B 345 -62.92 -30.73 -26.74
CA VAL B 345 -62.24 -32.02 -26.62
C VAL B 345 -63.11 -33.21 -27.04
N ASP B 346 -64.41 -33.14 -26.74
CA ASP B 346 -65.32 -34.22 -27.10
C ASP B 346 -66.78 -33.79 -27.15
N GLU B 347 -67.64 -34.72 -27.54
CA GLU B 347 -69.06 -34.46 -27.71
C GLU B 347 -69.75 -34.08 -26.39
N THR B 348 -69.28 -34.68 -25.30
CA THR B 348 -69.82 -34.40 -23.98
C THR B 348 -69.61 -32.93 -23.58
N GLN B 349 -68.37 -32.46 -23.68
CA GLN B 349 -68.07 -31.05 -23.40
C GLN B 349 -68.79 -30.14 -24.38
N PHE B 350 -68.83 -30.57 -25.64
CA PHE B 350 -69.54 -29.88 -26.71
C PHE B 350 -70.97 -29.57 -26.29
N LYS B 351 -71.70 -30.62 -25.90
CA LYS B 351 -73.10 -30.47 -25.47
C LYS B 351 -73.22 -29.63 -24.21
N LYS B 352 -72.30 -29.84 -23.27
CA LYS B 352 -72.32 -29.13 -21.99
C LYS B 352 -72.16 -27.62 -22.19
N ILE B 353 -71.21 -27.22 -23.05
CA ILE B 353 -71.00 -25.81 -23.36
C ILE B 353 -72.22 -25.22 -24.05
N LEU B 354 -72.75 -25.95 -25.04
CA LEU B 354 -73.96 -25.52 -25.74
C LEU B 354 -75.13 -25.37 -24.77
N GLY B 355 -75.19 -26.28 -23.80
CA GLY B 355 -76.18 -26.20 -22.74
C GLY B 355 -76.05 -24.92 -21.93
N TYR B 356 -74.82 -24.57 -21.56
CA TYR B 356 -74.59 -23.36 -20.77
C TYR B 356 -74.98 -22.11 -21.54
N ILE B 357 -74.68 -22.09 -22.84
CA ILE B 357 -75.08 -21.00 -23.71
C ILE B 357 -76.60 -20.84 -23.67
N ASN B 358 -77.31 -21.95 -23.81
CA ASN B 358 -78.76 -21.94 -23.73
C ASN B 358 -79.27 -21.37 -22.40
N THR B 359 -78.59 -21.73 -21.32
CA THR B 359 -78.93 -21.22 -20.00
C THR B 359 -78.70 -19.71 -19.90
N GLY B 360 -77.64 -19.23 -20.52
CA GLY B 360 -77.29 -17.81 -20.46
C GLY B 360 -78.34 -16.92 -21.08
N LYS B 361 -78.83 -17.31 -22.26
CA LYS B 361 -79.91 -16.58 -22.92
C LYS B 361 -81.21 -16.64 -22.11
N GLN B 362 -81.50 -17.81 -21.55
CA GLN B 362 -82.71 -18.03 -20.76
C GLN B 362 -82.77 -17.12 -19.53
N GLU B 363 -81.62 -16.94 -18.87
CA GLU B 363 -81.53 -16.22 -17.61
C GLU B 363 -81.31 -14.71 -17.77
N GLY B 364 -81.50 -14.21 -18.98
CA GLY B 364 -81.48 -12.78 -19.18
C GLY B 364 -80.14 -12.15 -19.53
N ALA B 365 -79.11 -12.97 -19.74
CA ALA B 365 -77.82 -12.43 -20.17
C ALA B 365 -77.94 -12.02 -21.63
N LYS B 366 -77.17 -11.02 -22.03
CA LYS B 366 -77.29 -10.46 -23.37
C LYS B 366 -76.27 -11.08 -24.33
N LEU B 367 -76.75 -11.91 -25.25
CA LEU B 367 -75.90 -12.55 -26.25
C LEU B 367 -75.43 -11.52 -27.27
N LEU B 368 -74.11 -11.34 -27.38
CA LEU B 368 -73.56 -10.28 -28.22
C LEU B 368 -73.02 -10.82 -29.54
N CYS B 369 -72.57 -12.07 -29.52
CA CYS B 369 -72.12 -12.74 -30.74
C CYS B 369 -71.97 -14.22 -30.46
N GLY B 370 -71.70 -15.00 -31.50
CA GLY B 370 -71.58 -16.44 -31.38
C GLY B 370 -72.88 -17.05 -30.87
N GLY B 371 -72.76 -18.08 -30.05
CA GLY B 371 -73.92 -18.68 -29.40
C GLY B 371 -74.35 -20.02 -29.96
N GLY B 372 -73.65 -20.51 -30.99
CA GLY B 372 -74.02 -21.74 -31.63
C GLY B 372 -72.88 -22.56 -32.18
N ILE B 373 -73.22 -23.63 -32.89
CA ILE B 373 -72.24 -24.53 -33.48
C ILE B 373 -71.50 -23.83 -34.62
N ALA B 374 -70.22 -24.12 -34.79
CA ALA B 374 -69.41 -23.45 -35.80
C ALA B 374 -69.04 -24.35 -36.99
N ALA B 375 -69.42 -25.62 -36.93
CA ALA B 375 -69.09 -26.55 -38.00
C ALA B 375 -69.97 -27.80 -38.03
N ASP B 376 -70.15 -28.37 -39.21
CA ASP B 376 -70.94 -29.59 -39.39
C ASP B 376 -70.22 -30.79 -38.81
N ARG B 377 -68.89 -30.77 -38.91
CA ARG B 377 -68.06 -31.91 -38.54
C ARG B 377 -67.17 -31.55 -37.36
N GLY B 378 -67.11 -32.44 -36.38
CA GLY B 378 -66.33 -32.19 -35.18
C GLY B 378 -67.14 -31.40 -34.16
N TYR B 379 -66.46 -30.85 -33.17
CA TYR B 379 -67.13 -30.17 -32.07
C TYR B 379 -66.68 -28.72 -31.99
N PHE B 380 -66.98 -27.94 -33.02
CA PHE B 380 -66.60 -26.53 -33.07
C PHE B 380 -67.73 -25.64 -32.60
N ILE B 381 -67.39 -24.68 -31.75
CA ILE B 381 -68.37 -23.75 -31.20
C ILE B 381 -67.95 -22.32 -31.50
N GLN B 382 -68.91 -21.48 -31.87
CA GLN B 382 -68.62 -20.08 -32.14
C GLN B 382 -68.16 -19.39 -30.85
N PRO B 383 -67.12 -18.55 -30.96
CA PRO B 383 -66.73 -17.72 -29.82
C PRO B 383 -67.90 -16.88 -29.36
N THR B 384 -68.27 -17.02 -28.09
CA THR B 384 -69.54 -16.52 -27.61
C THR B 384 -69.36 -15.51 -26.49
N VAL B 385 -69.99 -14.35 -26.63
CA VAL B 385 -69.87 -13.30 -25.65
C VAL B 385 -71.22 -12.88 -25.06
N PHE B 386 -71.34 -12.98 -23.74
CA PHE B 386 -72.52 -12.51 -23.03
C PHE B 386 -72.19 -11.22 -22.32
N GLY B 387 -73.02 -10.19 -22.55
CA GLY B 387 -72.90 -8.92 -21.85
C GLY B 387 -73.99 -8.79 -20.81
N ASP B 388 -73.88 -7.75 -19.98
CA ASP B 388 -74.83 -7.51 -18.89
C ASP B 388 -75.04 -8.73 -18.01
N VAL B 389 -73.95 -9.43 -17.67
CA VAL B 389 -74.01 -10.61 -16.84
C VAL B 389 -74.06 -10.18 -15.37
N GLN B 390 -74.91 -10.84 -14.58
CA GLN B 390 -75.06 -10.54 -13.16
C GLN B 390 -74.51 -11.68 -12.32
N ASP B 391 -74.06 -11.37 -11.11
CA ASP B 391 -73.38 -12.34 -10.25
C ASP B 391 -74.18 -13.62 -9.96
N GLY B 392 -75.51 -13.51 -10.00
CA GLY B 392 -76.37 -14.63 -9.64
C GLY B 392 -76.77 -15.55 -10.77
N MET B 393 -76.33 -15.23 -11.99
CA MET B 393 -76.60 -16.09 -13.15
C MET B 393 -75.73 -17.34 -13.16
N THR B 394 -76.30 -18.44 -13.62
CA THR B 394 -75.62 -19.73 -13.71
C THR B 394 -74.26 -19.61 -14.42
N ILE B 395 -74.22 -18.82 -15.48
CA ILE B 395 -73.02 -18.65 -16.30
C ILE B 395 -71.97 -17.74 -15.66
N ALA B 396 -72.35 -17.05 -14.58
CA ALA B 396 -71.42 -16.22 -13.82
C ALA B 396 -70.95 -16.93 -12.56
N LYS B 397 -71.41 -18.17 -12.38
CA LYS B 397 -71.13 -18.91 -11.16
C LYS B 397 -70.46 -20.25 -11.45
N GLU B 398 -70.90 -20.88 -12.54
CA GLU B 398 -70.45 -22.22 -12.89
C GLU B 398 -69.39 -22.22 -13.99
N GLU B 399 -68.46 -23.16 -13.88
CA GLU B 399 -67.38 -23.31 -14.84
C GLU B 399 -67.87 -23.95 -16.14
N ILE B 400 -67.86 -23.16 -17.20
CA ILE B 400 -68.38 -23.57 -18.50
C ILE B 400 -67.36 -24.42 -19.27
N PHE B 401 -66.09 -24.01 -19.18
CA PHE B 401 -64.97 -24.69 -19.84
C PHE B 401 -65.09 -24.69 -21.37
N GLY B 402 -65.50 -23.55 -21.92
CA GLY B 402 -65.64 -23.39 -23.36
C GLY B 402 -65.50 -21.94 -23.80
N PRO B 403 -65.67 -21.68 -25.10
CA PRO B 403 -65.49 -20.33 -25.65
C PRO B 403 -66.68 -19.41 -25.38
N VAL B 404 -67.05 -19.28 -24.11
CA VAL B 404 -68.19 -18.47 -23.71
C VAL B 404 -67.74 -17.42 -22.69
N MET B 405 -67.87 -16.14 -23.05
CA MET B 405 -67.34 -15.04 -22.25
C MET B 405 -68.40 -14.30 -21.47
N GLN B 406 -68.07 -13.96 -20.22
CA GLN B 406 -68.97 -13.21 -19.34
C GLN B 406 -68.41 -11.84 -19.01
N ILE B 407 -69.15 -10.80 -19.36
CA ILE B 407 -68.73 -9.44 -19.05
C ILE B 407 -69.69 -8.80 -18.06
N LEU B 408 -69.15 -8.36 -16.94
CA LEU B 408 -69.94 -7.78 -15.87
C LEU B 408 -69.50 -6.35 -15.66
N LYS B 409 -70.42 -5.52 -15.19
CA LYS B 409 -70.15 -4.10 -14.96
C LYS B 409 -70.08 -3.81 -13.46
N PHE B 410 -69.11 -2.99 -13.06
CA PHE B 410 -68.98 -2.58 -11.67
C PHE B 410 -68.65 -1.09 -11.59
N LYS B 411 -68.86 -0.50 -10.42
CA LYS B 411 -68.59 0.92 -10.23
C LYS B 411 -67.31 1.22 -9.44
N THR B 412 -67.16 0.59 -8.27
CA THR B 412 -66.07 0.92 -7.35
C THR B 412 -65.11 -0.24 -7.05
N ILE B 413 -63.95 0.10 -6.50
CA ILE B 413 -62.95 -0.88 -6.06
C ILE B 413 -63.50 -1.80 -4.99
N GLU B 414 -64.11 -1.22 -3.95
CA GLU B 414 -64.70 -1.98 -2.85
C GLU B 414 -65.76 -2.95 -3.34
N GLU B 415 -66.62 -2.47 -4.24
CA GLU B 415 -67.64 -3.31 -4.84
C GLU B 415 -67.02 -4.50 -5.58
N VAL B 416 -66.01 -4.22 -6.38
CA VAL B 416 -65.47 -5.27 -7.25
C VAL B 416 -64.68 -6.33 -6.47
N VAL B 417 -64.08 -5.93 -5.35
CA VAL B 417 -63.43 -6.87 -4.43
C VAL B 417 -64.43 -7.86 -3.85
N GLY B 418 -65.54 -7.35 -3.33
CA GLY B 418 -66.60 -8.19 -2.77
C GLY B 418 -67.20 -9.16 -3.77
N ARG B 419 -67.47 -8.68 -4.97
CA ARG B 419 -68.09 -9.52 -6.00
C ARG B 419 -67.12 -10.57 -6.54
N ALA B 420 -65.87 -10.17 -6.76
CA ALA B 420 -64.83 -11.09 -7.24
C ALA B 420 -64.51 -12.18 -6.22
N ASN B 421 -64.57 -11.83 -4.95
CA ASN B 421 -64.30 -12.79 -3.87
C ASN B 421 -65.52 -13.62 -3.49
N ASN B 422 -66.72 -13.15 -3.87
CA ASN B 422 -67.94 -13.89 -3.57
C ASN B 422 -68.08 -15.13 -4.45
N SER B 423 -67.25 -16.12 -4.16
CA SER B 423 -67.19 -17.34 -4.95
C SER B 423 -66.55 -18.44 -4.11
N THR B 424 -66.97 -19.68 -4.33
CA THR B 424 -66.35 -20.81 -3.64
C THR B 424 -65.12 -21.28 -4.43
N TYR B 425 -64.87 -20.65 -5.57
CA TYR B 425 -63.65 -20.86 -6.34
C TYR B 425 -62.62 -19.80 -5.98
N GLY B 426 -61.35 -20.06 -6.25
CA GLY B 426 -60.31 -19.09 -5.98
C GLY B 426 -58.97 -19.47 -6.57
N LEU B 427 -58.97 -19.83 -7.84
CA LEU B 427 -57.77 -20.37 -8.48
C LEU B 427 -56.87 -19.27 -9.00
N ALA B 428 -57.46 -18.31 -9.71
CA ALA B 428 -56.70 -17.21 -10.26
C ALA B 428 -57.51 -15.92 -10.26
N ALA B 429 -56.88 -14.84 -10.70
CA ALA B 429 -57.54 -13.55 -10.85
C ALA B 429 -56.60 -12.59 -11.56
N ALA B 430 -57.14 -11.48 -12.05
CA ALA B 430 -56.29 -10.43 -12.62
C ALA B 430 -56.86 -9.04 -12.40
N VAL B 431 -55.97 -8.06 -12.38
CA VAL B 431 -56.36 -6.66 -12.33
C VAL B 431 -55.58 -5.87 -13.38
N PHE B 432 -56.31 -5.12 -14.21
CA PHE B 432 -55.70 -4.26 -15.21
C PHE B 432 -55.89 -2.80 -14.83
N THR B 433 -54.77 -2.12 -14.53
CA THR B 433 -54.79 -0.73 -14.09
C THR B 433 -53.42 -0.09 -14.28
N LYS B 434 -53.39 1.23 -14.45
CA LYS B 434 -52.11 1.93 -14.56
C LYS B 434 -51.62 2.40 -13.20
N ASP B 435 -52.51 2.33 -12.21
CA ASP B 435 -52.26 2.88 -10.89
C ASP B 435 -51.63 1.87 -9.94
N LEU B 436 -50.49 2.26 -9.38
CA LEU B 436 -49.74 1.46 -8.41
C LEU B 436 -50.55 1.04 -7.18
N ASP B 437 -51.25 1.99 -6.56
CA ASP B 437 -51.98 1.72 -5.33
C ASP B 437 -53.16 0.77 -5.54
N LYS B 438 -53.87 0.97 -6.65
CA LYS B 438 -55.01 0.12 -6.99
C LYS B 438 -54.56 -1.31 -7.24
N ALA B 439 -53.45 -1.47 -7.97
CA ALA B 439 -52.89 -2.79 -8.25
C ALA B 439 -52.48 -3.49 -6.95
N ASN B 440 -51.77 -2.78 -6.08
CA ASN B 440 -51.35 -3.32 -4.79
C ASN B 440 -52.52 -3.66 -3.86
N TYR B 441 -53.49 -2.76 -3.76
CA TYR B 441 -54.66 -3.05 -2.94
C TYR B 441 -55.40 -4.28 -3.43
N LEU B 442 -55.61 -4.36 -4.74
CA LEU B 442 -56.38 -5.47 -5.32
C LEU B 442 -55.67 -6.81 -5.25
N SER B 443 -54.37 -6.83 -5.56
CA SER B 443 -53.61 -8.07 -5.53
C SER B 443 -53.53 -8.63 -4.11
N GLN B 444 -53.61 -7.76 -3.12
CA GLN B 444 -53.66 -8.19 -1.74
C GLN B 444 -55.07 -8.64 -1.33
N ALA B 445 -56.09 -7.92 -1.82
CA ALA B 445 -57.47 -8.17 -1.43
C ALA B 445 -58.11 -9.38 -2.13
N LEU B 446 -57.63 -9.69 -3.33
CA LEU B 446 -58.22 -10.79 -4.10
C LEU B 446 -57.87 -12.15 -3.51
N GLN B 447 -58.89 -12.94 -3.26
CA GLN B 447 -58.72 -14.27 -2.66
C GLN B 447 -58.55 -15.30 -3.75
N ALA B 448 -57.40 -15.29 -4.42
CA ALA B 448 -57.13 -16.20 -5.52
C ALA B 448 -55.69 -16.67 -5.43
N GLY B 449 -55.45 -17.90 -5.88
CA GLY B 449 -54.11 -18.47 -5.82
C GLY B 449 -53.07 -17.66 -6.56
N THR B 450 -53.41 -17.26 -7.78
CA THR B 450 -52.52 -16.45 -8.59
C THR B 450 -53.24 -15.15 -8.95
N VAL B 451 -52.55 -14.02 -8.79
CA VAL B 451 -53.08 -12.75 -9.26
C VAL B 451 -52.15 -12.15 -10.30
N TRP B 452 -52.68 -11.97 -11.50
CA TRP B 452 -51.93 -11.34 -12.57
C TRP B 452 -52.23 -9.84 -12.62
N VAL B 453 -51.20 -9.03 -12.84
CA VAL B 453 -51.38 -7.58 -12.94
C VAL B 453 -50.99 -7.10 -14.35
N ASN B 454 -51.98 -6.63 -15.10
CA ASN B 454 -51.80 -6.21 -16.49
C ASN B 454 -51.34 -7.35 -17.41
N CYS B 455 -51.74 -8.56 -17.05
CA CYS B 455 -51.52 -9.73 -17.89
C CYS B 455 -52.48 -10.85 -17.48
N TYR B 456 -52.38 -11.99 -18.14
CA TYR B 456 -53.21 -13.14 -17.78
C TYR B 456 -52.55 -14.41 -18.28
N ASP B 457 -52.72 -15.50 -17.53
CA ASP B 457 -52.24 -16.81 -17.95
C ASP B 457 -50.75 -16.75 -18.21
N VAL B 458 -50.03 -16.04 -17.36
CA VAL B 458 -48.58 -16.06 -17.39
C VAL B 458 -48.11 -17.07 -16.36
N PHE B 459 -47.67 -18.22 -16.86
CA PHE B 459 -47.22 -19.31 -16.01
C PHE B 459 -45.73 -19.47 -16.17
N GLY B 460 -45.08 -19.93 -15.12
CA GLY B 460 -43.66 -20.23 -15.17
C GLY B 460 -43.39 -21.34 -14.20
N ALA B 461 -42.54 -22.28 -14.60
CA ALA B 461 -42.20 -23.42 -13.75
C ALA B 461 -41.64 -22.98 -12.39
N GLN B 462 -41.19 -21.73 -12.32
CA GLN B 462 -40.58 -21.17 -11.12
C GLN B 462 -41.61 -20.66 -10.11
N SER B 463 -42.77 -20.22 -10.61
CA SER B 463 -43.80 -19.65 -9.77
C SER B 463 -44.93 -20.65 -9.49
N PRO B 464 -45.26 -20.84 -8.21
CA PRO B 464 -46.25 -21.85 -7.82
C PRO B 464 -47.66 -21.57 -8.35
N PHE B 465 -48.45 -22.62 -8.53
CA PHE B 465 -49.82 -22.49 -9.00
C PHE B 465 -50.73 -23.42 -8.20
N GLY B 466 -51.88 -22.88 -7.78
CA GLY B 466 -52.81 -23.64 -6.98
C GLY B 466 -53.93 -22.74 -6.50
N GLY B 467 -55.03 -23.32 -6.04
CA GLY B 467 -56.19 -22.53 -5.71
C GLY B 467 -56.41 -22.23 -4.24
N TYR B 468 -57.12 -21.13 -3.98
CA TYR B 468 -57.70 -20.87 -2.68
C TYR B 468 -59.03 -21.61 -2.67
N LYS B 469 -59.61 -21.77 -1.49
CA LYS B 469 -60.94 -22.36 -1.35
C LYS B 469 -61.08 -23.71 -2.05
N MET B 470 -62.15 -23.88 -2.81
CA MET B 470 -62.43 -25.16 -3.44
C MET B 470 -61.87 -25.27 -4.85
N SER B 471 -60.87 -24.43 -5.15
CA SER B 471 -60.14 -24.54 -6.40
C SER B 471 -58.93 -25.45 -6.24
N GLY B 472 -58.77 -26.01 -5.04
CA GLY B 472 -57.69 -26.94 -4.77
C GLY B 472 -56.99 -26.70 -3.45
N SER B 473 -56.02 -27.56 -3.14
CA SER B 473 -55.18 -27.37 -1.96
C SER B 473 -53.76 -27.76 -2.30
N GLY B 474 -52.80 -27.08 -1.70
CA GLY B 474 -51.41 -27.31 -2.01
C GLY B 474 -51.03 -26.54 -3.26
N ARG B 475 -49.74 -26.55 -3.58
CA ARG B 475 -49.25 -25.81 -4.74
C ARG B 475 -48.42 -26.71 -5.65
N GLU B 476 -48.52 -26.47 -6.95
CA GLU B 476 -47.60 -27.07 -7.91
C GLU B 476 -46.71 -26.00 -8.50
N LEU B 477 -45.65 -26.43 -9.19
CA LEU B 477 -44.62 -25.55 -9.75
C LEU B 477 -43.78 -24.87 -8.65
N GLY B 478 -42.61 -24.36 -9.04
CA GLY B 478 -41.72 -23.68 -8.12
C GLY B 478 -41.11 -24.57 -7.06
N GLU B 479 -40.49 -23.95 -6.06
CA GLU B 479 -39.94 -24.70 -4.94
C GLU B 479 -41.07 -25.38 -4.16
N TYR B 480 -42.20 -24.70 -4.09
CA TYR B 480 -43.37 -25.17 -3.37
C TYR B 480 -43.85 -26.53 -3.86
N GLY B 481 -43.67 -26.79 -5.15
CA GLY B 481 -44.12 -28.03 -5.76
C GLY B 481 -43.40 -29.27 -5.27
N LEU B 482 -42.35 -29.08 -4.48
CA LEU B 482 -41.58 -30.18 -3.93
C LEU B 482 -42.09 -30.61 -2.57
N GLN B 483 -42.81 -29.71 -1.90
CA GLN B 483 -43.29 -29.93 -0.54
C GLN B 483 -44.19 -31.16 -0.40
N ALA B 484 -45.14 -31.33 -1.31
CA ALA B 484 -46.07 -32.46 -1.25
C ALA B 484 -45.42 -33.79 -1.67
N TYR B 485 -44.22 -33.74 -2.24
CA TYR B 485 -43.52 -34.96 -2.67
C TYR B 485 -42.38 -35.34 -1.74
N THR B 486 -42.34 -34.69 -0.59
CA THR B 486 -41.30 -34.93 0.39
C THR B 486 -41.88 -35.44 1.70
N GLU B 487 -41.30 -36.51 2.23
CA GLU B 487 -41.62 -36.96 3.58
C GLU B 487 -40.48 -36.54 4.49
N VAL B 488 -40.78 -35.71 5.47
CA VAL B 488 -39.76 -35.14 6.34
C VAL B 488 -39.47 -36.05 7.54
N LYS B 489 -38.21 -36.42 7.70
CA LYS B 489 -37.79 -37.21 8.85
C LYS B 489 -36.83 -36.42 9.73
N THR B 490 -37.16 -36.31 11.00
CA THR B 490 -36.28 -35.70 11.97
C THR B 490 -35.40 -36.78 12.59
N VAL B 491 -34.11 -36.51 12.67
CA VAL B 491 -33.18 -37.39 13.37
C VAL B 491 -32.53 -36.61 14.51
N THR B 492 -32.82 -37.01 15.74
CA THR B 492 -32.28 -36.33 16.91
C THR B 492 -31.33 -37.26 17.66
N VAL B 493 -30.09 -36.81 17.81
CA VAL B 493 -29.00 -37.66 18.31
C VAL B 493 -28.41 -37.08 19.58
N LYS B 494 -28.20 -37.93 20.58
CA LYS B 494 -27.54 -37.53 21.80
C LYS B 494 -26.04 -37.34 21.54
N VAL B 495 -25.51 -36.18 21.95
CA VAL B 495 -24.09 -35.91 21.77
C VAL B 495 -23.42 -35.70 23.13
N PRO B 496 -22.10 -35.91 23.22
CA PRO B 496 -21.38 -35.69 24.48
C PRO B 496 -21.58 -34.28 25.02
N GLN B 497 -21.43 -33.28 24.17
CA GLN B 497 -21.60 -31.90 24.61
C GLN B 497 -21.92 -30.94 23.47
N LYS B 498 -23.15 -30.44 23.45
CA LYS B 498 -23.54 -29.48 22.43
C LYS B 498 -22.89 -28.12 22.61
N ASN B 499 -22.28 -27.62 21.54
CA ASN B 499 -21.75 -26.26 21.49
C ASN B 499 -22.29 -25.55 20.25
N SER B 500 -22.40 -24.22 20.32
CA SER B 500 -22.87 -23.44 19.17
C SER B 500 -21.98 -23.64 17.95
N THR C 5 -50.61 4.54 21.00
CA THR C 5 -50.49 5.86 21.63
C THR C 5 -49.02 6.33 21.61
N GLN C 6 -48.84 7.57 21.17
CA GLN C 6 -47.52 8.18 21.05
C GLN C 6 -47.42 9.46 21.90
N ALA C 7 -47.45 9.26 23.21
CA ALA C 7 -47.23 10.33 24.17
C ALA C 7 -45.89 10.06 24.88
N VAL C 8 -45.21 11.12 25.29
CA VAL C 8 -43.87 11.01 25.84
C VAL C 8 -43.86 11.50 27.28
N PRO C 9 -43.22 10.74 28.19
CA PRO C 9 -43.08 11.18 29.58
C PRO C 9 -42.13 12.36 29.70
N ALA C 10 -42.44 13.32 30.59
CA ALA C 10 -41.54 14.44 30.82
C ALA C 10 -40.13 13.96 31.16
N PRO C 11 -39.12 14.49 30.46
CA PRO C 11 -37.75 14.02 30.63
C PRO C 11 -37.00 14.68 31.77
N ASN C 12 -36.08 13.94 32.36
CA ASN C 12 -35.02 14.54 33.17
C ASN C 12 -34.03 15.17 32.19
N GLN C 13 -33.87 16.49 32.26
CA GLN C 13 -33.04 17.21 31.29
C GLN C 13 -31.55 17.16 31.63
N GLN C 14 -31.23 16.83 32.88
CA GLN C 14 -29.85 16.55 33.26
C GLN C 14 -29.76 15.14 33.82
N PRO C 15 -29.88 14.13 32.93
CA PRO C 15 -29.84 12.74 33.40
C PRO C 15 -28.50 12.44 34.04
N GLU C 16 -28.52 11.72 35.15
CA GLU C 16 -27.29 11.32 35.81
C GLU C 16 -26.57 10.28 34.96
N VAL C 17 -25.25 10.38 34.89
CA VAL C 17 -24.44 9.37 34.23
C VAL C 17 -23.92 8.36 35.25
N PHE C 18 -24.15 7.08 35.00
CA PHE C 18 -23.71 6.04 35.92
C PHE C 18 -22.51 5.27 35.38
N CYS C 19 -22.33 5.31 34.07
CA CYS C 19 -21.28 4.50 33.45
C CYS C 19 -20.39 5.34 32.54
N ASN C 20 -19.09 5.33 32.81
CA ASN C 20 -18.15 6.11 32.00
C ASN C 20 -16.79 5.44 31.86
N GLN C 21 -16.78 4.11 31.89
CA GLN C 21 -15.53 3.36 31.88
C GLN C 21 -15.53 2.26 30.82
N ILE C 22 -14.43 1.53 30.75
CA ILE C 22 -14.32 0.41 29.81
C ILE C 22 -14.99 -0.82 30.38
N PHE C 23 -15.85 -1.44 29.58
CA PHE C 23 -16.62 -2.58 30.03
C PHE C 23 -16.00 -3.88 29.51
N ILE C 24 -15.44 -4.66 30.43
CA ILE C 24 -14.76 -5.92 30.09
C ILE C 24 -15.09 -6.99 31.13
N ASN C 25 -15.54 -8.16 30.66
CA ASN C 25 -15.94 -9.25 31.55
C ASN C 25 -16.99 -8.81 32.56
N ASN C 26 -18.00 -8.07 32.09
CA ASN C 26 -19.09 -7.60 32.94
C ASN C 26 -18.64 -6.72 34.11
N GLU C 27 -17.53 -6.01 33.94
CA GLU C 27 -17.02 -5.11 34.98
C GLU C 27 -16.46 -3.84 34.38
N TRP C 28 -16.38 -2.79 35.20
CA TRP C 28 -15.91 -1.48 34.74
C TRP C 28 -14.44 -1.26 35.07
N HIS C 29 -13.67 -0.91 34.05
CA HIS C 29 -12.23 -0.71 34.18
C HIS C 29 -11.87 0.70 33.75
N ASP C 30 -10.83 1.26 34.34
CA ASP C 30 -10.26 2.50 33.81
C ASP C 30 -9.38 2.10 32.63
N ALA C 31 -9.02 3.08 31.80
CA ALA C 31 -8.02 2.83 30.78
C ALA C 31 -6.72 2.45 31.47
N VAL C 32 -5.95 1.57 30.84
CA VAL C 32 -4.64 1.16 31.36
C VAL C 32 -3.76 2.39 31.59
N SER C 33 -3.91 3.41 30.73
CA SER C 33 -3.17 4.65 30.84
C SER C 33 -3.77 5.61 31.86
N ARG C 34 -4.95 5.25 32.39
CA ARG C 34 -5.70 6.10 33.31
C ARG C 34 -6.20 7.40 32.66
N LYS C 35 -5.92 7.59 31.38
CA LYS C 35 -6.36 8.79 30.67
C LYS C 35 -7.84 8.73 30.34
N THR C 36 -8.50 9.90 30.39
CA THR C 36 -9.90 10.00 30.01
C THR C 36 -10.11 11.07 28.94
N PHE C 37 -11.29 11.09 28.34
CA PHE C 37 -11.63 12.13 27.37
C PHE C 37 -13.04 12.67 27.65
N PRO C 38 -13.27 13.95 27.30
CA PRO C 38 -14.58 14.55 27.58
C PRO C 38 -15.60 14.25 26.49
N THR C 39 -16.83 13.94 26.90
CA THR C 39 -17.94 13.95 25.97
C THR C 39 -18.76 15.21 26.23
N VAL C 40 -19.21 15.83 25.15
CA VAL C 40 -19.79 17.16 25.18
C VAL C 40 -21.30 17.13 24.90
N ASN C 41 -22.04 18.02 25.54
CA ASN C 41 -23.44 18.26 25.18
C ASN C 41 -23.41 19.25 24.03
N PRO C 42 -23.84 18.80 22.83
CA PRO C 42 -23.77 19.65 21.62
C PRO C 42 -24.77 20.80 21.64
N SER C 43 -25.67 20.80 22.61
CA SER C 43 -26.64 21.88 22.71
C SER C 43 -25.99 23.12 23.32
N THR C 44 -24.93 22.92 24.08
CA THR C 44 -24.23 24.00 24.77
C THR C 44 -22.74 24.06 24.45
N GLY C 45 -22.19 22.92 24.02
CA GLY C 45 -20.76 22.83 23.74
C GLY C 45 -19.95 22.53 24.98
N GLU C 46 -20.64 22.18 26.06
CA GLU C 46 -19.99 21.97 27.34
C GLU C 46 -19.87 20.50 27.71
N VAL C 47 -18.83 20.18 28.47
CA VAL C 47 -18.53 18.82 28.87
C VAL C 47 -19.63 18.23 29.76
N ILE C 48 -20.01 16.99 29.48
CA ILE C 48 -20.98 16.28 30.32
C ILE C 48 -20.24 15.52 31.41
N CYS C 49 -19.19 14.81 31.01
CA CYS C 49 -18.31 14.09 31.93
C CYS C 49 -17.10 13.56 31.20
N GLN C 50 -16.17 12.98 31.95
CA GLN C 50 -15.02 12.30 31.36
C GLN C 50 -15.35 10.83 31.15
N VAL C 51 -14.84 10.27 30.06
CA VAL C 51 -14.99 8.85 29.78
C VAL C 51 -13.61 8.24 29.63
N ALA C 52 -13.43 7.03 30.12
CA ALA C 52 -12.15 6.33 30.03
C ALA C 52 -11.70 6.20 28.58
N GLU C 53 -10.48 6.62 28.29
CA GLU C 53 -9.98 6.60 26.93
C GLU C 53 -9.27 5.29 26.60
N GLY C 54 -10.03 4.31 26.12
CA GLY C 54 -9.48 3.02 25.76
C GLY C 54 -8.50 3.11 24.60
N ASP C 55 -7.39 2.41 24.71
CA ASP C 55 -6.40 2.36 23.65
C ASP C 55 -6.13 0.90 23.29
N LYS C 56 -5.02 0.64 22.62
CA LYS C 56 -4.70 -0.71 22.17
C LYS C 56 -4.56 -1.73 23.32
N GLU C 57 -4.03 -1.28 24.46
CA GLU C 57 -3.87 -2.19 25.59
C GLU C 57 -5.21 -2.59 26.18
N ASP C 58 -6.16 -1.67 26.13
CA ASP C 58 -7.50 -1.93 26.66
C ASP C 58 -8.27 -2.86 25.74
N VAL C 59 -8.07 -2.65 24.44
CA VAL C 59 -8.61 -3.52 23.41
C VAL C 59 -8.09 -4.96 23.54
N ASP C 60 -6.79 -5.09 23.82
CA ASP C 60 -6.17 -6.40 24.03
C ASP C 60 -6.85 -7.17 25.17
N LYS C 61 -7.11 -6.46 26.27
CA LYS C 61 -7.80 -7.04 27.43
C LYS C 61 -9.22 -7.44 27.06
N ALA C 62 -9.89 -6.60 26.27
CA ALA C 62 -11.23 -6.90 25.80
C ALA C 62 -11.25 -8.15 24.93
N VAL C 63 -10.30 -8.25 24.01
CA VAL C 63 -10.24 -9.38 23.09
C VAL C 63 -9.94 -10.70 23.79
N LYS C 64 -9.08 -10.67 24.80
CA LYS C 64 -8.77 -11.88 25.55
C LYS C 64 -10.00 -12.38 26.32
N ALA C 65 -10.79 -11.43 26.81
CA ALA C 65 -12.03 -11.75 27.52
C ALA C 65 -13.04 -12.38 26.59
N ALA C 66 -13.20 -11.78 25.41
CA ALA C 66 -14.10 -12.31 24.39
C ALA C 66 -13.66 -13.71 23.98
N ARG C 67 -12.37 -13.89 23.72
CA ARG C 67 -11.82 -15.19 23.34
C ARG C 67 -12.09 -16.27 24.41
N ALA C 68 -11.95 -15.90 25.68
CA ALA C 68 -12.18 -16.84 26.77
C ALA C 68 -13.66 -17.24 26.87
N ALA C 69 -14.56 -16.28 26.70
CA ALA C 69 -15.98 -16.56 26.74
C ALA C 69 -16.41 -17.36 25.51
N PHE C 70 -15.57 -17.37 24.49
CA PHE C 70 -15.88 -18.12 23.26
C PHE C 70 -15.27 -19.53 23.25
N GLN C 71 -14.53 -19.88 24.30
CA GLN C 71 -13.93 -21.22 24.37
C GLN C 71 -14.98 -22.32 24.32
N LEU C 72 -14.66 -23.42 23.65
CA LEU C 72 -15.55 -24.58 23.61
C LEU C 72 -15.81 -25.09 25.02
N GLY C 73 -17.07 -25.33 25.35
CA GLY C 73 -17.45 -25.77 26.67
C GLY C 73 -17.77 -24.63 27.61
N SER C 74 -17.66 -23.40 27.13
CA SER C 74 -17.96 -22.23 27.96
C SER C 74 -19.47 -22.10 28.10
N PRO C 75 -19.93 -21.34 29.09
CA PRO C 75 -21.38 -21.17 29.28
C PRO C 75 -22.08 -20.59 28.06
N TRP C 76 -21.39 -19.72 27.33
CA TRP C 76 -21.97 -19.06 26.16
C TRP C 76 -22.03 -19.96 24.92
N ARG C 77 -21.06 -20.84 24.78
CA ARG C 77 -21.05 -21.81 23.67
C ARG C 77 -22.03 -22.94 23.94
N ARG C 78 -22.13 -23.34 25.20
CA ARG C 78 -22.97 -24.47 25.59
C ARG C 78 -24.43 -24.06 25.74
N MET C 79 -24.67 -22.76 25.87
CA MET C 79 -26.02 -22.25 26.07
C MET C 79 -26.95 -22.61 24.93
N ASP C 80 -28.17 -23.04 25.25
CA ASP C 80 -29.16 -23.33 24.21
C ASP C 80 -29.40 -22.10 23.37
N ALA C 81 -29.53 -22.30 22.06
CA ALA C 81 -29.80 -21.21 21.14
C ALA C 81 -31.07 -20.46 21.55
N SER C 82 -32.08 -21.21 22.00
CA SER C 82 -33.33 -20.61 22.44
C SER C 82 -33.11 -19.70 23.64
N HIS C 83 -32.12 -20.04 24.46
CA HIS C 83 -31.84 -19.25 25.65
C HIS C 83 -31.10 -17.95 25.31
N ARG C 84 -30.27 -17.98 24.28
CA ARG C 84 -29.69 -16.76 23.73
C ARG C 84 -30.84 -15.83 23.35
N GLY C 85 -31.89 -16.40 22.80
CA GLY C 85 -33.07 -15.64 22.44
C GLY C 85 -33.72 -15.00 23.64
N ARG C 86 -33.78 -15.74 24.74
CA ARG C 86 -34.40 -15.23 25.97
C ARG C 86 -33.59 -14.13 26.63
N LEU C 87 -32.28 -14.20 26.47
CA LEU C 87 -31.42 -13.16 27.04
C LEU C 87 -31.55 -11.85 26.25
N LEU C 88 -31.66 -11.96 24.92
CA LEU C 88 -31.86 -10.78 24.09
C LEU C 88 -33.19 -10.11 24.42
N ASN C 89 -34.21 -10.94 24.65
CA ASN C 89 -35.56 -10.48 25.00
C ASN C 89 -35.58 -9.81 26.38
N ARG C 90 -34.77 -10.34 27.28
CA ARG C 90 -34.61 -9.80 28.63
C ARG C 90 -33.91 -8.45 28.57
N LEU C 91 -32.85 -8.37 27.77
CA LEU C 91 -32.14 -7.11 27.55
C LEU C 91 -33.07 -6.04 27.00
N ALA C 92 -33.95 -6.43 26.08
CA ALA C 92 -34.93 -5.50 25.50
C ALA C 92 -35.86 -4.99 26.59
N ASP C 93 -36.38 -5.90 27.41
CA ASP C 93 -37.24 -5.55 28.54
C ASP C 93 -36.57 -4.53 29.46
N LEU C 94 -35.29 -4.74 29.75
CA LEU C 94 -34.54 -3.82 30.62
C LEU C 94 -34.41 -2.43 30.01
N ILE C 95 -34.12 -2.38 28.71
CA ILE C 95 -34.02 -1.12 27.99
C ILE C 95 -35.36 -0.39 27.96
N GLU C 96 -36.45 -1.16 27.84
CA GLU C 96 -37.79 -0.59 27.94
C GLU C 96 -38.07 -0.05 29.34
N ARG C 97 -37.55 -0.73 30.36
CA ARG C 97 -37.69 -0.27 31.74
C ARG C 97 -37.04 1.10 31.94
N ASP C 98 -35.86 1.27 31.34
CA ASP C 98 -35.08 2.50 31.47
C ASP C 98 -35.21 3.38 30.23
N ARG C 99 -36.34 3.26 29.53
CA ARG C 99 -36.57 3.95 28.26
C ARG C 99 -36.57 5.48 28.36
N THR C 100 -37.34 6.01 29.31
CA THR C 100 -37.40 7.45 29.52
C THR C 100 -36.02 8.02 29.87
N TYR C 101 -35.28 7.30 30.71
CA TYR C 101 -33.92 7.71 31.08
C TYR C 101 -32.96 7.63 29.89
N LEU C 102 -32.96 6.50 29.20
CA LEU C 102 -32.07 6.29 28.06
C LEU C 102 -32.29 7.29 26.94
N ALA C 103 -33.56 7.63 26.72
CA ALA C 103 -33.91 8.61 25.69
C ALA C 103 -33.33 9.99 26.01
N ALA C 104 -33.36 10.34 27.29
CA ALA C 104 -32.89 11.66 27.72
C ALA C 104 -31.37 11.76 27.63
N LEU C 105 -30.69 10.70 28.06
CA LEU C 105 -29.23 10.62 27.96
C LEU C 105 -28.75 10.58 26.50
N GLU C 106 -29.55 9.95 25.63
CA GLU C 106 -29.25 9.91 24.20
C GLU C 106 -29.31 11.32 23.62
N THR C 107 -30.29 12.09 24.08
CA THR C 107 -30.49 13.47 23.64
C THR C 107 -29.40 14.38 24.19
N LEU C 108 -29.04 14.18 25.45
CA LEU C 108 -27.97 14.94 26.10
C LEU C 108 -26.66 14.82 25.35
N ASP C 109 -26.30 13.59 25.00
CA ASP C 109 -25.01 13.27 24.40
C ASP C 109 -24.95 13.52 22.89
N ASN C 110 -26.07 13.29 22.21
CA ASN C 110 -26.12 13.36 20.75
C ASN C 110 -26.70 14.66 20.20
N GLY C 111 -27.72 15.19 20.87
CA GLY C 111 -28.34 16.45 20.45
C GLY C 111 -29.72 16.32 19.82
N LYS C 112 -30.07 15.13 19.35
CA LYS C 112 -31.37 14.92 18.72
C LYS C 112 -32.53 15.19 19.69
N PRO C 113 -33.68 15.66 19.17
CA PRO C 113 -34.85 15.95 20.01
C PRO C 113 -35.25 14.76 20.87
N TYR C 114 -35.62 15.03 22.12
CA TYR C 114 -35.98 14.00 23.07
C TYR C 114 -37.20 13.18 22.63
N VAL C 115 -38.19 13.84 22.03
CA VAL C 115 -39.39 13.16 21.55
C VAL C 115 -39.02 12.10 20.52
N ILE C 116 -37.99 12.38 19.72
CA ILE C 116 -37.52 11.45 18.71
C ILE C 116 -36.70 10.32 19.33
N SER C 117 -35.82 10.66 20.28
CA SER C 117 -35.06 9.63 20.98
C SER C 117 -36.01 8.63 21.63
N TYR C 118 -37.06 9.15 22.26
CA TYR C 118 -38.02 8.29 22.94
C TYR C 118 -38.87 7.48 21.95
N LEU C 119 -39.53 8.17 21.03
CA LEU C 119 -40.52 7.53 20.14
C LEU C 119 -39.93 6.79 18.95
N VAL C 120 -38.73 7.18 18.51
CA VAL C 120 -38.12 6.56 17.34
C VAL C 120 -36.94 5.66 17.70
N ASP C 121 -35.85 6.26 18.17
CA ASP C 121 -34.63 5.51 18.50
C ASP C 121 -34.85 4.37 19.47
N LEU C 122 -35.48 4.65 20.62
CA LEU C 122 -35.70 3.63 21.64
C LEU C 122 -36.67 2.55 21.16
N ASP C 123 -37.70 2.98 20.42
CA ASP C 123 -38.65 2.05 19.83
C ASP C 123 -37.94 1.07 18.90
N MET C 124 -37.11 1.63 18.01
CA MET C 124 -36.39 0.84 17.02
C MET C 124 -35.39 -0.12 17.64
N VAL C 125 -34.74 0.33 18.72
CA VAL C 125 -33.83 -0.50 19.49
C VAL C 125 -34.59 -1.71 20.06
N LEU C 126 -35.75 -1.45 20.64
CA LEU C 126 -36.58 -2.50 21.20
C LEU C 126 -36.97 -3.52 20.13
N LYS C 127 -37.42 -3.02 18.98
CA LYS C 127 -37.91 -3.88 17.91
C LYS C 127 -36.81 -4.70 17.27
N CYS C 128 -35.60 -4.14 17.25
CA CYS C 128 -34.45 -4.79 16.64
C CYS C 128 -33.96 -5.95 17.48
N LEU C 129 -33.87 -5.73 18.79
CA LEU C 129 -33.42 -6.75 19.72
C LEU C 129 -34.45 -7.86 19.83
N ARG C 130 -35.72 -7.48 19.87
CA ARG C 130 -36.80 -8.46 19.95
C ARG C 130 -36.95 -9.25 18.65
N TYR C 131 -36.66 -8.59 17.53
CA TYR C 131 -36.63 -9.29 16.23
C TYR C 131 -35.55 -10.37 16.21
N TYR C 132 -34.33 -9.98 16.54
CA TYR C 132 -33.20 -10.91 16.44
C TYR C 132 -33.21 -12.00 17.50
N ALA C 133 -33.87 -11.74 18.62
CA ALA C 133 -34.06 -12.74 19.66
C ALA C 133 -34.75 -13.96 19.06
N GLY C 134 -35.69 -13.71 18.16
CA GLY C 134 -36.46 -14.76 17.53
C GLY C 134 -35.63 -15.56 16.54
N TRP C 135 -34.54 -14.98 16.05
CA TRP C 135 -33.67 -15.67 15.09
C TRP C 135 -32.71 -16.66 15.74
N ALA C 136 -32.55 -16.56 17.06
CA ALA C 136 -31.51 -17.30 17.77
C ALA C 136 -31.51 -18.80 17.52
N ASP C 137 -32.68 -19.40 17.42
CA ASP C 137 -32.81 -20.85 17.24
C ASP C 137 -33.46 -21.25 15.92
N LYS C 138 -33.37 -20.38 14.92
CA LYS C 138 -34.01 -20.62 13.63
C LYS C 138 -33.11 -20.49 12.41
N TYR C 139 -31.85 -20.11 12.62
CA TYR C 139 -30.94 -19.96 11.47
C TYR C 139 -30.31 -21.30 11.10
N HIS C 140 -31.11 -22.15 10.48
CA HIS C 140 -30.75 -23.53 10.18
C HIS C 140 -29.61 -23.70 9.18
N GLY C 141 -28.79 -24.72 9.40
CA GLY C 141 -27.88 -25.20 8.38
C GLY C 141 -28.63 -26.21 7.54
N LYS C 142 -27.90 -26.96 6.70
CA LYS C 142 -28.56 -27.81 5.73
C LYS C 142 -28.09 -29.26 5.78
N THR C 143 -28.97 -30.17 5.38
CA THR C 143 -28.56 -31.52 5.01
C THR C 143 -28.61 -31.61 3.49
N ILE C 144 -27.55 -32.15 2.90
CA ILE C 144 -27.24 -31.93 1.49
C ILE C 144 -27.04 -33.26 0.74
N PRO C 145 -27.86 -33.51 -0.28
CA PRO C 145 -27.85 -34.78 -1.03
C PRO C 145 -26.66 -34.91 -1.97
N ILE C 146 -25.47 -34.93 -1.38
CA ILE C 146 -24.22 -35.04 -2.13
C ILE C 146 -24.13 -36.41 -2.82
N ASP C 147 -23.32 -36.51 -3.87
CA ASP C 147 -23.14 -37.77 -4.59
C ASP C 147 -22.48 -38.82 -3.72
N GLY C 148 -22.81 -40.09 -3.97
CA GLY C 148 -22.09 -41.20 -3.36
C GLY C 148 -22.60 -41.63 -2.02
N ASP C 149 -21.97 -42.65 -1.45
CA ASP C 149 -22.35 -43.15 -0.13
C ASP C 149 -21.79 -42.25 0.98
N PHE C 150 -22.39 -41.06 1.10
CA PHE C 150 -21.99 -40.09 2.11
C PHE C 150 -23.23 -39.40 2.64
N PHE C 151 -23.12 -38.86 3.85
CA PHE C 151 -24.15 -38.01 4.41
C PHE C 151 -23.47 -36.69 4.68
N SER C 152 -23.92 -35.63 4.01
CA SER C 152 -23.26 -34.35 4.11
C SER C 152 -24.20 -33.33 4.71
N TYR C 153 -23.66 -32.44 5.53
CA TYR C 153 -24.50 -31.42 6.15
C TYR C 153 -23.68 -30.21 6.59
N THR C 154 -24.37 -29.12 6.89
CA THR C 154 -23.67 -27.93 7.36
C THR C 154 -24.07 -27.54 8.77
N ARG C 155 -23.07 -27.11 9.55
CA ARG C 155 -23.33 -26.50 10.83
C ARG C 155 -23.20 -24.98 10.69
N HIS C 156 -24.15 -24.25 11.22
CA HIS C 156 -24.06 -22.80 11.25
C HIS C 156 -23.49 -22.35 12.59
N GLU C 157 -22.16 -22.22 12.63
CA GLU C 157 -21.44 -21.85 13.85
C GLU C 157 -21.27 -20.34 13.94
N PRO C 158 -20.87 -19.84 15.12
CA PRO C 158 -20.53 -18.41 15.19
C PRO C 158 -19.16 -18.15 14.58
N VAL C 159 -18.96 -16.95 14.06
CA VAL C 159 -17.67 -16.56 13.48
C VAL C 159 -16.61 -16.47 14.57
N GLY C 160 -17.01 -16.01 15.76
CA GLY C 160 -16.11 -15.93 16.89
C GLY C 160 -16.06 -14.55 17.50
N VAL C 161 -14.86 -14.05 17.73
CA VAL C 161 -14.68 -12.72 18.28
C VAL C 161 -14.96 -11.67 17.20
N CYS C 162 -15.94 -10.82 17.46
CA CYS C 162 -16.38 -9.85 16.48
C CYS C 162 -16.13 -8.42 16.96
N GLY C 163 -15.24 -7.72 16.26
CA GLY C 163 -15.03 -6.31 16.54
C GLY C 163 -16.09 -5.46 15.87
N GLN C 164 -16.73 -4.58 16.64
CA GLN C 164 -17.83 -3.77 16.10
C GLN C 164 -17.62 -2.28 16.33
N ILE C 165 -17.42 -1.54 15.25
CA ILE C 165 -17.12 -0.11 15.32
C ILE C 165 -18.29 0.71 14.75
N ILE C 166 -18.84 1.60 15.58
CA ILE C 166 -20.07 2.32 15.25
C ILE C 166 -19.93 3.86 15.31
N PRO C 167 -20.80 4.58 14.57
CA PRO C 167 -20.79 6.05 14.61
C PRO C 167 -21.69 6.65 15.69
N TRP C 168 -21.90 7.97 15.62
CA TRP C 168 -22.56 8.73 16.68
C TRP C 168 -23.97 9.23 16.32
N ASN C 169 -24.37 9.03 15.07
CA ASN C 169 -25.65 9.60 14.61
C ASN C 169 -26.88 8.94 15.23
N PHE C 170 -26.82 7.62 15.42
CA PHE C 170 -27.89 6.89 16.11
C PHE C 170 -27.25 5.94 17.11
N PRO C 171 -26.68 6.48 18.20
CA PRO C 171 -25.82 5.74 19.13
C PRO C 171 -26.42 4.41 19.65
N LEU C 172 -27.63 4.45 20.17
CA LEU C 172 -28.29 3.24 20.68
C LEU C 172 -28.74 2.27 19.59
N LEU C 173 -29.27 2.79 18.49
CA LEU C 173 -29.78 1.94 17.40
C LEU C 173 -28.64 1.24 16.66
N MET C 174 -27.52 1.93 16.54
CA MET C 174 -26.36 1.37 15.86
C MET C 174 -25.79 0.25 16.69
N GLN C 175 -25.80 0.45 18.01
CA GLN C 175 -25.39 -0.59 18.94
C GLN C 175 -26.30 -1.81 18.82
N ALA C 176 -27.61 -1.59 18.73
CA ALA C 176 -28.54 -2.71 18.63
C ALA C 176 -28.38 -3.46 17.31
N TRP C 177 -28.14 -2.73 16.22
CA TRP C 177 -27.99 -3.33 14.89
C TRP C 177 -26.81 -4.29 14.87
N LYS C 178 -25.86 -4.07 15.78
CA LYS C 178 -24.66 -4.87 15.85
C LYS C 178 -24.86 -6.05 16.80
N LEU C 179 -25.34 -5.75 18.00
CA LEU C 179 -25.48 -6.77 19.04
C LEU C 179 -26.58 -7.78 18.72
N GLY C 180 -27.68 -7.32 18.14
CA GLY C 180 -28.81 -8.18 17.81
C GLY C 180 -28.41 -9.43 17.05
N PRO C 181 -27.89 -9.25 15.82
CA PRO C 181 -27.50 -10.42 15.02
C PRO C 181 -26.29 -11.18 15.58
N ALA C 182 -25.32 -10.47 16.11
CA ALA C 182 -24.11 -11.11 16.66
C ALA C 182 -24.43 -12.02 17.84
N LEU C 183 -25.24 -11.53 18.77
CA LEU C 183 -25.58 -12.29 19.96
C LEU C 183 -26.56 -13.41 19.65
N ALA C 184 -27.42 -13.18 18.66
CA ALA C 184 -28.42 -14.18 18.28
C ALA C 184 -27.73 -15.43 17.74
N THR C 185 -26.59 -15.23 17.09
CA THR C 185 -25.88 -16.31 16.41
C THR C 185 -24.75 -16.90 17.24
N GLY C 186 -24.63 -16.44 18.49
CA GLY C 186 -23.71 -17.04 19.43
C GLY C 186 -22.30 -16.48 19.44
N ASN C 187 -22.12 -15.30 18.86
CA ASN C 187 -20.80 -14.67 18.83
C ASN C 187 -20.50 -13.90 20.11
N VAL C 188 -19.25 -13.48 20.26
CA VAL C 188 -18.87 -12.57 21.33
C VAL C 188 -18.39 -11.25 20.71
N VAL C 189 -18.48 -10.17 21.47
CA VAL C 189 -18.30 -8.84 20.91
C VAL C 189 -17.25 -7.99 21.63
N VAL C 190 -16.42 -7.29 20.86
CA VAL C 190 -15.67 -6.14 21.35
C VAL C 190 -16.10 -4.94 20.52
N MET C 191 -16.88 -4.05 21.14
CA MET C 191 -17.49 -2.92 20.45
C MET C 191 -16.76 -1.63 20.77
N LYS C 192 -16.48 -0.85 19.73
CA LYS C 192 -15.86 0.47 19.89
C LYS C 192 -16.90 1.52 19.55
N VAL C 193 -17.40 2.23 20.57
CA VAL C 193 -18.41 3.25 20.36
C VAL C 193 -17.79 4.60 19.99
N ALA C 194 -18.55 5.46 19.33
CA ALA C 194 -18.06 6.76 18.91
C ALA C 194 -17.70 7.62 20.11
N GLU C 195 -16.60 8.36 20.00
CA GLU C 195 -16.13 9.21 21.08
C GLU C 195 -17.11 10.35 21.33
N GLN C 196 -17.84 10.73 20.28
CA GLN C 196 -18.82 11.81 20.36
C GLN C 196 -20.04 11.42 21.19
N THR C 197 -20.31 10.12 21.27
CA THR C 197 -21.53 9.62 21.94
C THR C 197 -21.33 8.28 22.65
N PRO C 198 -20.46 8.22 23.67
CA PRO C 198 -20.22 6.91 24.27
C PRO C 198 -21.23 6.52 25.36
N LEU C 199 -21.95 7.48 25.93
CA LEU C 199 -22.67 7.27 27.19
C LEU C 199 -23.80 6.24 27.20
N THR C 200 -24.75 6.36 26.29
CA THR C 200 -25.90 5.45 26.28
C THR C 200 -25.49 4.01 26.01
N ALA C 201 -24.47 3.83 25.19
CA ALA C 201 -23.98 2.49 24.88
C ALA C 201 -23.35 1.85 26.12
N LEU C 202 -22.68 2.67 26.92
CA LEU C 202 -22.07 2.17 28.14
C LEU C 202 -23.14 1.77 29.18
N TYR C 203 -24.21 2.55 29.27
CA TYR C 203 -25.30 2.21 30.18
C TYR C 203 -25.99 0.91 29.78
N VAL C 204 -26.05 0.65 28.48
CA VAL C 204 -26.64 -0.56 27.96
C VAL C 204 -25.78 -1.78 28.33
N ALA C 205 -24.48 -1.56 28.45
CA ALA C 205 -23.55 -2.59 28.91
C ALA C 205 -23.91 -3.04 30.33
N ASN C 206 -24.34 -2.08 31.15
CA ASN C 206 -24.77 -2.37 32.51
C ASN C 206 -26.01 -3.28 32.50
N LEU C 207 -26.90 -3.02 31.55
CA LEU C 207 -28.11 -3.83 31.39
C LEU C 207 -27.79 -5.22 30.84
N ILE C 208 -26.74 -5.31 30.02
CA ILE C 208 -26.28 -6.60 29.50
C ILE C 208 -25.86 -7.52 30.63
N LYS C 209 -25.12 -6.96 31.59
CA LYS C 209 -24.70 -7.68 32.79
C LYS C 209 -25.92 -8.08 33.63
N GLU C 210 -26.88 -7.17 33.77
CA GLU C 210 -28.09 -7.40 34.55
C GLU C 210 -28.97 -8.48 33.93
N ALA C 211 -29.01 -8.53 32.60
CA ALA C 211 -29.83 -9.50 31.89
C ALA C 211 -29.26 -10.91 31.99
N GLY C 212 -27.99 -11.00 32.39
CA GLY C 212 -27.38 -12.30 32.65
C GLY C 212 -26.50 -12.88 31.55
N PHE C 213 -26.09 -12.06 30.59
CA PHE C 213 -25.11 -12.53 29.61
C PHE C 213 -23.80 -12.87 30.32
N PRO C 214 -23.20 -14.02 29.97
CA PRO C 214 -21.93 -14.43 30.56
C PRO C 214 -20.83 -13.39 30.35
N PRO C 215 -19.92 -13.27 31.33
CA PRO C 215 -18.82 -12.30 31.28
C PRO C 215 -17.95 -12.48 30.04
N GLY C 216 -17.67 -11.40 29.34
CA GLY C 216 -16.80 -11.45 28.16
C GLY C 216 -17.56 -11.62 26.86
N VAL C 217 -18.86 -11.87 26.96
CA VAL C 217 -19.69 -12.02 25.77
C VAL C 217 -19.79 -10.69 25.03
N VAL C 218 -20.05 -9.61 25.77
CA VAL C 218 -20.01 -8.27 25.19
C VAL C 218 -19.02 -7.39 25.96
N ASN C 219 -18.04 -6.85 25.23
CA ASN C 219 -17.09 -5.92 25.81
C ASN C 219 -17.14 -4.61 25.04
N ILE C 220 -17.13 -3.49 25.77
CA ILE C 220 -17.20 -2.19 25.14
C ILE C 220 -16.02 -1.32 25.58
N VAL C 221 -15.27 -0.85 24.60
CA VAL C 221 -14.10 -0.01 24.85
C VAL C 221 -14.34 1.36 24.23
N PRO C 222 -14.76 2.34 25.06
CA PRO C 222 -14.90 3.69 24.53
C PRO C 222 -13.52 4.29 24.24
N GLY C 223 -13.44 5.24 23.33
CA GLY C 223 -12.16 5.83 22.97
C GLY C 223 -12.15 6.37 21.56
N PHE C 224 -10.95 6.73 21.07
CA PHE C 224 -10.84 7.33 19.74
C PHE C 224 -10.64 6.30 18.63
N GLY C 225 -10.77 6.75 17.39
CA GLY C 225 -10.70 5.88 16.23
C GLY C 225 -9.35 5.25 15.95
N PRO C 226 -8.35 6.07 15.56
CA PRO C 226 -7.00 5.61 15.23
C PRO C 226 -6.30 4.85 16.37
N THR C 227 -6.85 4.95 17.57
CA THR C 227 -6.31 4.25 18.72
C THR C 227 -7.06 2.95 19.00
N ALA C 228 -8.22 3.07 19.65
CA ALA C 228 -9.05 1.91 20.00
C ALA C 228 -9.60 1.19 18.77
N GLY C 229 -10.18 1.96 17.85
CA GLY C 229 -10.82 1.39 16.66
C GLY C 229 -9.85 0.68 15.74
N ALA C 230 -8.68 1.27 15.54
CA ALA C 230 -7.65 0.68 14.69
C ALA C 230 -7.07 -0.58 15.32
N ALA C 231 -6.99 -0.58 16.65
CA ALA C 231 -6.46 -1.73 17.37
C ALA C 231 -7.35 -2.95 17.15
N ILE C 232 -8.66 -2.70 17.06
CA ILE C 232 -9.62 -3.75 16.78
C ILE C 232 -9.53 -4.23 15.33
N ALA C 233 -9.43 -3.30 14.38
CA ALA C 233 -9.38 -3.68 12.98
C ALA C 233 -8.11 -4.47 12.66
N SER C 234 -7.06 -4.20 13.43
CA SER C 234 -5.75 -4.80 13.18
C SER C 234 -5.40 -5.97 14.12
N HIS C 235 -6.25 -6.23 15.11
CA HIS C 235 -5.99 -7.27 16.08
C HIS C 235 -5.83 -8.66 15.44
N GLU C 236 -4.83 -9.41 15.90
CA GLU C 236 -4.54 -10.72 15.32
C GLU C 236 -5.51 -11.80 15.79
N ASP C 237 -6.31 -11.49 16.81
CA ASP C 237 -7.22 -12.48 17.38
C ASP C 237 -8.69 -12.06 17.28
N VAL C 238 -8.96 -11.06 16.46
CA VAL C 238 -10.33 -10.71 16.13
C VAL C 238 -10.66 -11.40 14.81
N ASP C 239 -11.77 -12.12 14.78
CA ASP C 239 -12.13 -12.94 13.62
C ASP C 239 -12.86 -12.12 12.57
N LYS C 240 -13.59 -11.10 13.01
CA LYS C 240 -14.47 -10.35 12.13
C LYS C 240 -14.70 -8.93 12.63
N VAL C 241 -14.60 -7.96 11.72
CA VAL C 241 -14.95 -6.59 12.05
C VAL C 241 -16.13 -6.11 11.21
N ALA C 242 -17.06 -5.44 11.87
CA ALA C 242 -18.17 -4.78 11.19
C ALA C 242 -18.08 -3.30 11.54
N PHE C 243 -18.13 -2.45 10.52
CA PHE C 243 -17.90 -1.02 10.68
C PHE C 243 -18.98 -0.21 9.99
N THR C 244 -19.47 0.80 10.69
CA THR C 244 -20.37 1.79 10.12
C THR C 244 -19.73 3.16 10.31
N GLY C 245 -19.73 3.97 9.26
CA GLY C 245 -19.11 5.28 9.31
C GLY C 245 -18.75 5.80 7.94
N SER C 246 -17.75 6.68 7.87
CA SER C 246 -17.35 7.26 6.58
C SER C 246 -16.70 6.23 5.66
N THR C 247 -16.98 6.38 4.37
CA THR C 247 -16.34 5.57 3.34
C THR C 247 -14.83 5.60 3.50
N GLU C 248 -14.31 6.79 3.80
CA GLU C 248 -12.88 6.99 4.01
C GLU C 248 -12.26 6.05 5.04
N ILE C 249 -12.90 5.94 6.20
CA ILE C 249 -12.41 5.06 7.26
C ILE C 249 -12.66 3.58 6.94
N GLY C 250 -13.70 3.33 6.14
CA GLY C 250 -13.99 1.98 5.67
C GLY C 250 -12.82 1.38 4.91
N ARG C 251 -12.17 2.21 4.09
CA ARG C 251 -10.93 1.84 3.39
C ARG C 251 -9.84 1.42 4.37
N VAL C 252 -9.67 2.22 5.43
CA VAL C 252 -8.67 1.98 6.46
C VAL C 252 -8.94 0.65 7.17
N ILE C 253 -10.23 0.39 7.42
CA ILE C 253 -10.69 -0.84 8.05
C ILE C 253 -10.37 -2.06 7.19
N GLN C 254 -10.62 -1.94 5.88
CA GLN C 254 -10.35 -3.03 4.94
C GLN C 254 -8.86 -3.30 4.75
N VAL C 255 -8.07 -2.24 4.68
CA VAL C 255 -6.62 -2.36 4.55
C VAL C 255 -6.03 -3.01 5.81
N ALA C 256 -6.48 -2.55 6.97
CA ALA C 256 -5.98 -3.08 8.25
C ALA C 256 -6.29 -4.57 8.40
N ALA C 257 -7.43 -5.00 7.89
CA ALA C 257 -7.83 -6.40 7.99
C ALA C 257 -6.93 -7.26 7.10
N GLY C 258 -6.74 -6.83 5.85
CA GLY C 258 -5.86 -7.54 4.95
C GLY C 258 -4.40 -7.53 5.40
N SER C 259 -4.01 -6.49 6.12
CA SER C 259 -2.63 -6.34 6.57
C SER C 259 -2.37 -7.12 7.85
N SER C 260 -3.43 -7.58 8.51
CA SER C 260 -3.27 -8.32 9.75
C SER C 260 -3.61 -9.79 9.56
N ASN C 261 -4.70 -10.25 10.16
CA ASN C 261 -5.05 -11.67 10.10
C ASN C 261 -6.13 -12.00 9.07
N LEU C 262 -6.33 -11.14 8.09
CA LEU C 262 -7.35 -11.35 7.06
C LEU C 262 -8.74 -11.63 7.63
N LYS C 263 -9.07 -10.97 8.74
CA LYS C 263 -10.39 -11.09 9.36
C LYS C 263 -11.51 -10.74 8.38
N ARG C 264 -12.71 -11.25 8.61
CA ARG C 264 -13.85 -10.94 7.74
C ARG C 264 -14.33 -9.50 7.97
N VAL C 265 -14.65 -8.82 6.87
CA VAL C 265 -15.07 -7.43 6.95
C VAL C 265 -16.43 -7.20 6.28
N THR C 266 -17.32 -6.50 6.98
CA THR C 266 -18.51 -5.94 6.37
C THR C 266 -18.54 -4.44 6.69
N LEU C 267 -19.11 -3.65 5.80
CA LEU C 267 -19.06 -2.20 5.93
C LEU C 267 -20.40 -1.59 5.60
N GLN C 268 -20.75 -0.55 6.34
CA GLN C 268 -21.88 0.31 5.98
C GLN C 268 -21.36 1.74 5.99
N LEU C 269 -21.30 2.34 4.82
CA LEU C 269 -20.63 3.63 4.69
C LEU C 269 -21.61 4.74 4.33
N GLY C 270 -21.09 5.82 3.76
CA GLY C 270 -21.89 6.99 3.45
C GLY C 270 -22.70 6.89 2.17
N GLY C 271 -23.42 7.97 1.86
CA GLY C 271 -24.23 8.01 0.66
C GLY C 271 -24.47 9.40 0.11
N LYS C 272 -25.19 9.44 -1.01
CA LYS C 272 -25.63 10.68 -1.61
C LYS C 272 -26.88 10.29 -2.36
N SER C 273 -27.84 9.79 -1.59
CA SER C 273 -29.03 9.14 -2.11
C SER C 273 -29.94 10.08 -2.87
N PRO C 274 -30.34 9.67 -4.08
CA PRO C 274 -31.27 10.43 -4.93
C PRO C 274 -32.72 10.23 -4.51
N ASN C 275 -33.42 11.33 -4.24
CA ASN C 275 -34.86 11.28 -4.00
C ASN C 275 -35.57 11.83 -5.24
N ILE C 276 -36.31 10.96 -5.94
CA ILE C 276 -36.85 11.28 -7.26
C ILE C 276 -38.35 11.55 -7.27
N ILE C 277 -38.73 12.76 -7.65
CA ILE C 277 -40.12 13.19 -7.63
C ILE C 277 -40.64 13.34 -9.05
N MET C 278 -41.38 12.35 -9.53
CA MET C 278 -41.99 12.41 -10.86
C MET C 278 -43.13 13.42 -10.85
N SER C 279 -43.54 13.86 -12.03
CA SER C 279 -44.55 14.89 -12.15
C SER C 279 -45.92 14.41 -11.70
N ASP C 280 -46.11 13.10 -11.61
CA ASP C 280 -47.40 12.56 -11.22
C ASP C 280 -47.47 12.16 -9.74
N ALA C 281 -46.49 12.59 -8.96
CA ALA C 281 -46.47 12.32 -7.53
C ALA C 281 -47.54 13.11 -6.79
N ASP C 282 -47.96 12.61 -5.64
CA ASP C 282 -48.79 13.41 -4.74
C ASP C 282 -47.92 14.53 -4.20
N MET C 283 -48.28 15.76 -4.54
CA MET C 283 -47.46 16.93 -4.19
C MET C 283 -47.24 17.12 -2.69
N ASP C 284 -48.32 17.08 -1.90
CA ASP C 284 -48.20 17.32 -0.46
C ASP C 284 -47.34 16.28 0.22
N TRP C 285 -47.55 15.01 -0.14
CA TRP C 285 -46.81 13.89 0.43
C TRP C 285 -45.32 13.96 0.03
N ALA C 286 -45.07 14.14 -1.25
CA ALA C 286 -43.70 14.24 -1.78
C ALA C 286 -42.90 15.36 -1.11
N VAL C 287 -43.56 16.49 -0.86
CA VAL C 287 -42.92 17.63 -0.21
C VAL C 287 -42.54 17.35 1.23
N GLU C 288 -43.46 16.77 1.99
CA GLU C 288 -43.21 16.46 3.39
C GLU C 288 -42.23 15.29 3.54
N GLN C 289 -42.36 14.29 2.67
CA GLN C 289 -41.43 13.16 2.68
C GLN C 289 -40.00 13.53 2.29
N ALA C 290 -39.86 14.46 1.35
CA ALA C 290 -38.55 14.91 0.91
C ALA C 290 -37.88 15.76 1.96
N HIS C 291 -38.69 16.52 2.69
CA HIS C 291 -38.20 17.32 3.80
C HIS C 291 -37.68 16.39 4.88
N PHE C 292 -38.48 15.39 5.22
CA PHE C 292 -38.09 14.37 6.18
C PHE C 292 -36.86 13.60 5.69
N ALA C 293 -36.87 13.23 4.41
CA ALA C 293 -35.76 12.51 3.79
C ALA C 293 -34.40 13.19 3.96
N LEU C 294 -34.39 14.52 3.93
CA LEU C 294 -33.15 15.28 4.05
C LEU C 294 -32.84 15.64 5.49
N PHE C 295 -33.82 16.24 6.16
CA PHE C 295 -33.58 16.90 7.44
C PHE C 295 -33.67 15.98 8.67
N PHE C 296 -34.03 14.72 8.47
CA PHE C 296 -34.17 13.80 9.60
C PHE C 296 -32.87 13.70 10.39
N ASN C 297 -32.97 13.74 11.71
CA ASN C 297 -31.82 13.60 12.59
C ASN C 297 -30.73 14.63 12.29
N GLN C 298 -31.13 15.89 12.15
CA GLN C 298 -30.21 17.01 11.90
C GLN C 298 -29.44 16.85 10.58
N GLY C 299 -30.00 16.05 9.68
CA GLY C 299 -29.37 15.76 8.39
C GLY C 299 -28.32 14.69 8.53
N GLN C 300 -28.19 14.16 9.75
CA GLN C 300 -27.11 13.23 10.08
C GLN C 300 -27.55 11.78 9.93
N SER C 301 -27.91 11.42 8.70
CA SER C 301 -28.29 10.07 8.36
C SER C 301 -27.51 9.69 7.10
N CYS C 302 -26.92 8.50 7.11
N CYS C 302 -26.92 8.51 7.11
CA CYS C 302 -26.13 8.03 5.96
CA CYS C 302 -26.13 8.04 5.97
C CYS C 302 -26.98 7.86 4.71
C CYS C 302 -26.98 7.91 4.71
N SER C 303 -28.28 7.73 4.91
CA SER C 303 -29.19 7.47 3.81
C SER C 303 -30.03 8.68 3.39
N ALA C 304 -29.66 9.86 3.89
CA ALA C 304 -30.39 11.08 3.60
C ALA C 304 -30.57 11.33 2.09
N GLY C 305 -31.78 11.72 1.70
CA GLY C 305 -32.06 12.06 0.32
C GLY C 305 -31.46 13.41 -0.04
N SER C 306 -30.16 13.42 -0.26
CA SER C 306 -29.39 14.66 -0.40
C SER C 306 -29.26 15.11 -1.86
N ARG C 307 -29.97 14.43 -2.73
CA ARG C 307 -30.17 14.89 -4.11
C ARG C 307 -31.65 14.72 -4.43
N THR C 308 -32.41 15.80 -4.32
CA THR C 308 -33.83 15.76 -4.60
C THR C 308 -34.09 16.11 -6.07
N PHE C 309 -34.36 15.09 -6.88
CA PHE C 309 -34.64 15.27 -8.30
C PHE C 309 -36.11 15.51 -8.56
N VAL C 310 -36.44 16.67 -9.11
CA VAL C 310 -37.83 17.04 -9.33
C VAL C 310 -38.08 17.29 -10.82
N GLN C 311 -39.09 16.63 -11.38
N GLN C 311 -39.10 16.64 -11.38
CA GLN C 311 -39.40 16.78 -12.81
CA GLN C 311 -39.43 16.81 -12.79
C GLN C 311 -39.85 18.22 -13.08
C GLN C 311 -39.78 18.26 -13.03
N GLU C 312 -39.35 18.79 -14.17
CA GLU C 312 -39.50 20.22 -14.46
C GLU C 312 -40.90 20.83 -14.32
N ASP C 313 -41.94 20.06 -14.63
CA ASP C 313 -43.32 20.57 -14.60
C ASP C 313 -43.82 20.88 -13.19
N ILE C 314 -43.17 20.31 -12.19
CA ILE C 314 -43.58 20.53 -10.81
C ILE C 314 -42.43 21.13 -9.99
N TYR C 315 -41.34 21.44 -10.66
CA TYR C 315 -40.15 21.98 -9.99
C TYR C 315 -40.44 23.25 -9.18
N ASP C 316 -41.05 24.24 -9.81
CA ASP C 316 -41.32 25.52 -9.15
C ASP C 316 -42.20 25.36 -7.92
N GLU C 317 -43.29 24.62 -8.09
CA GLU C 317 -44.23 24.34 -7.01
C GLU C 317 -43.55 23.60 -5.85
N PHE C 318 -42.75 22.59 -6.18
CA PHE C 318 -42.09 21.76 -5.17
C PHE C 318 -41.10 22.58 -4.35
N VAL C 319 -40.35 23.43 -5.04
CA VAL C 319 -39.32 24.23 -4.39
C VAL C 319 -39.94 25.26 -3.44
N GLU C 320 -40.98 25.95 -3.91
CA GLU C 320 -41.69 26.92 -3.10
C GLU C 320 -42.22 26.30 -1.80
N ARG C 321 -42.73 25.07 -1.91
CA ARG C 321 -43.30 24.37 -0.76
C ARG C 321 -42.20 23.85 0.17
N SER C 322 -41.10 23.39 -0.41
CA SER C 322 -39.97 22.88 0.35
C SER C 322 -39.28 23.99 1.14
N VAL C 323 -39.17 25.16 0.53
CA VAL C 323 -38.56 26.32 1.18
C VAL C 323 -39.41 26.78 2.36
N ALA C 324 -40.72 26.84 2.14
CA ALA C 324 -41.67 27.21 3.20
C ALA C 324 -41.56 26.26 4.38
N ARG C 325 -41.49 24.96 4.08
CA ARG C 325 -41.38 23.94 5.12
C ARG C 325 -40.05 24.02 5.90
N ALA C 326 -38.96 24.29 5.17
CA ALA C 326 -37.64 24.38 5.80
C ALA C 326 -37.51 25.63 6.68
N LYS C 327 -38.18 26.70 6.29
CA LYS C 327 -38.18 27.94 7.06
C LYS C 327 -38.98 27.78 8.35
N SER C 328 -40.00 26.94 8.32
CA SER C 328 -40.86 26.76 9.48
C SER C 328 -40.36 25.66 10.42
N ARG C 329 -39.28 24.99 10.02
CA ARG C 329 -38.70 23.93 10.82
C ARG C 329 -38.00 24.49 12.06
N VAL C 330 -38.50 24.13 13.24
CA VAL C 330 -38.04 24.73 14.49
C VAL C 330 -36.71 24.16 15.00
N VAL C 331 -35.71 25.03 15.11
CA VAL C 331 -34.41 24.66 15.66
C VAL C 331 -34.29 25.15 17.10
N GLY C 332 -33.81 24.29 18.00
CA GLY C 332 -33.64 24.68 19.39
C GLY C 332 -33.27 23.57 20.35
N ASN C 333 -33.51 23.80 21.64
CA ASN C 333 -33.26 22.82 22.69
C ASN C 333 -34.03 21.54 22.42
N PRO C 334 -33.32 20.42 22.25
CA PRO C 334 -33.90 19.11 21.95
C PRO C 334 -34.87 18.61 23.03
N PHE C 335 -34.74 19.11 24.25
CA PHE C 335 -35.70 18.76 25.31
C PHE C 335 -36.92 19.67 25.30
N ASP C 336 -36.93 20.67 24.42
CA ASP C 336 -38.11 21.53 24.28
C ASP C 336 -39.08 20.90 23.29
N SER C 337 -40.36 20.92 23.63
CA SER C 337 -41.40 20.23 22.85
C SER C 337 -41.58 20.77 21.44
N LYS C 338 -41.14 22.01 21.21
CA LYS C 338 -41.31 22.64 19.90
C LYS C 338 -40.23 22.23 18.91
N THR C 339 -39.14 21.66 19.42
CA THR C 339 -37.94 21.46 18.62
C THR C 339 -38.02 20.28 17.64
N GLU C 340 -37.82 20.59 16.36
CA GLU C 340 -37.76 19.57 15.32
C GLU C 340 -36.30 19.28 14.98
N GLN C 341 -35.44 20.26 15.21
CA GLN C 341 -34.03 20.12 14.89
C GLN C 341 -33.13 20.57 16.04
N GLY C 342 -32.31 19.66 16.53
CA GLY C 342 -31.34 19.99 17.57
C GLY C 342 -30.05 20.46 16.93
N PRO C 343 -28.97 20.48 17.71
CA PRO C 343 -27.66 20.89 17.16
C PRO C 343 -26.97 19.75 16.43
N GLN C 344 -25.92 20.06 15.66
CA GLN C 344 -25.06 19.02 15.11
C GLN C 344 -24.27 18.42 16.26
N VAL C 345 -23.72 17.23 16.06
CA VAL C 345 -23.16 16.45 17.17
C VAL C 345 -21.91 17.08 17.81
N ASP C 346 -21.13 17.81 17.03
CA ASP C 346 -19.95 18.47 17.57
C ASP C 346 -19.49 19.66 16.73
N GLU C 347 -18.38 20.26 17.13
CA GLU C 347 -17.86 21.46 16.47
C GLU C 347 -17.25 21.16 15.11
N THR C 348 -16.65 19.97 14.97
CA THR C 348 -16.06 19.56 13.72
C THR C 348 -17.10 19.43 12.61
N GLN C 349 -18.18 18.71 12.89
CA GLN C 349 -19.27 18.57 11.93
C GLN C 349 -19.91 19.92 11.65
N PHE C 350 -20.09 20.70 12.72
CA PHE C 350 -20.66 22.04 12.66
C PHE C 350 -19.95 22.93 11.63
N LYS C 351 -18.64 23.03 11.75
CA LYS C 351 -17.85 23.82 10.82
C LYS C 351 -17.78 23.16 9.46
N LYS C 352 -17.85 21.82 9.44
CA LYS C 352 -17.74 21.08 8.19
C LYS C 352 -18.97 21.31 7.31
N ILE C 353 -20.14 21.33 7.93
CA ILE C 353 -21.38 21.61 7.22
C ILE C 353 -21.42 23.07 6.75
N LEU C 354 -20.97 23.98 7.61
CA LEU C 354 -20.90 25.39 7.26
C LEU C 354 -19.96 25.58 6.08
N GLY C 355 -18.88 24.81 6.07
CA GLY C 355 -17.95 24.79 4.94
C GLY C 355 -18.61 24.40 3.63
N TYR C 356 -19.47 23.39 3.68
CA TYR C 356 -20.17 22.95 2.48
C TYR C 356 -21.21 23.96 1.99
N ILE C 357 -21.89 24.61 2.94
CA ILE C 357 -22.84 25.65 2.61
C ILE C 357 -22.18 26.79 1.84
N ASN C 358 -21.01 27.20 2.31
CA ASN C 358 -20.23 28.24 1.65
C ASN C 358 -19.86 27.87 0.22
N THR C 359 -19.46 26.62 0.02
CA THR C 359 -19.16 26.11 -1.31
C THR C 359 -20.40 26.14 -2.21
N GLY C 360 -21.56 25.82 -1.65
CA GLY C 360 -22.81 25.85 -2.37
C GLY C 360 -23.14 27.22 -2.93
N LYS C 361 -22.90 28.26 -2.13
CA LYS C 361 -23.07 29.64 -2.57
C LYS C 361 -22.03 29.99 -3.61
N GLN C 362 -20.81 29.49 -3.39
CA GLN C 362 -19.69 29.79 -4.27
C GLN C 362 -19.95 29.29 -5.69
N GLU C 363 -20.49 28.07 -5.79
CA GLU C 363 -20.64 27.42 -7.09
C GLU C 363 -21.87 27.82 -7.87
N GLY C 364 -22.67 28.74 -7.33
CA GLY C 364 -23.77 29.28 -8.10
C GLY C 364 -25.12 28.60 -7.86
N ALA C 365 -25.19 27.82 -6.80
CA ALA C 365 -26.47 27.24 -6.40
C ALA C 365 -27.25 28.33 -5.66
N LYS C 366 -28.54 28.43 -5.95
CA LYS C 366 -29.37 29.43 -5.33
C LYS C 366 -29.66 29.10 -3.88
N LEU C 367 -29.16 29.94 -2.97
CA LEU C 367 -29.48 29.82 -1.55
C LEU C 367 -30.91 30.31 -1.34
N LEU C 368 -31.82 29.37 -1.10
CA LEU C 368 -33.24 29.72 -1.02
C LEU C 368 -33.73 29.99 0.40
N CYS C 369 -33.02 29.46 1.39
CA CYS C 369 -33.27 29.78 2.79
C CYS C 369 -32.13 29.27 3.67
N GLY C 370 -32.06 29.78 4.90
CA GLY C 370 -31.03 29.38 5.84
C GLY C 370 -29.63 29.75 5.37
N GLY C 371 -28.67 28.87 5.61
CA GLY C 371 -27.32 29.06 5.11
C GLY C 371 -26.30 29.45 6.16
N GLY C 372 -26.76 29.65 7.40
CA GLY C 372 -25.86 30.11 8.45
C GLY C 372 -26.08 29.48 9.81
N ILE C 373 -25.45 30.07 10.82
CA ILE C 373 -25.56 29.62 12.20
C ILE C 373 -26.88 30.13 12.80
N ALA C 374 -27.52 29.30 13.61
CA ALA C 374 -28.85 29.59 14.13
C ALA C 374 -28.86 30.07 15.58
N ALA C 375 -27.72 29.94 16.27
CA ALA C 375 -27.62 30.36 17.66
C ALA C 375 -26.16 30.52 18.09
N ASP C 376 -25.92 31.41 19.05
CA ASP C 376 -24.56 31.69 19.49
C ASP C 376 -24.12 30.76 20.62
N ARG C 377 -24.92 29.73 20.87
CA ARG C 377 -24.55 28.71 21.85
C ARG C 377 -24.88 27.32 21.31
N GLY C 378 -23.89 26.42 21.33
CA GLY C 378 -24.09 25.09 20.80
C GLY C 378 -23.75 25.02 19.33
N TYR C 379 -24.22 23.97 18.64
CA TYR C 379 -23.88 23.74 17.24
C TYR C 379 -25.11 23.68 16.36
N PHE C 380 -25.91 24.75 16.40
CA PHE C 380 -27.16 24.81 15.66
C PHE C 380 -26.95 25.45 14.29
N ILE C 381 -27.53 24.83 13.27
CA ILE C 381 -27.44 25.34 11.91
C ILE C 381 -28.84 25.55 11.34
N GLN C 382 -29.02 26.67 10.66
CA GLN C 382 -30.28 26.96 10.00
C GLN C 382 -30.56 25.92 8.92
N PRO C 383 -31.83 25.46 8.84
CA PRO C 383 -32.28 24.59 7.75
C PRO C 383 -32.06 25.28 6.41
N THR C 384 -31.25 24.64 5.56
CA THR C 384 -30.76 25.26 4.34
C THR C 384 -31.28 24.54 3.10
N VAL C 385 -31.79 25.30 2.14
CA VAL C 385 -32.27 24.73 0.89
C VAL C 385 -31.56 25.39 -0.29
N PHE C 386 -30.93 24.58 -1.13
CA PHE C 386 -30.32 25.05 -2.37
C PHE C 386 -31.17 24.64 -3.55
N GLY C 387 -31.47 25.59 -4.43
CA GLY C 387 -32.20 25.31 -5.65
C GLY C 387 -31.30 25.41 -6.88
N ASP C 388 -31.80 24.90 -8.00
CA ASP C 388 -31.06 24.90 -9.27
C ASP C 388 -29.70 24.22 -9.15
N VAL C 389 -29.63 23.16 -8.37
CA VAL C 389 -28.39 22.41 -8.18
C VAL C 389 -28.04 21.58 -9.42
N GLN C 390 -26.76 21.57 -9.79
CA GLN C 390 -26.26 20.83 -10.93
C GLN C 390 -25.39 19.67 -10.46
N ASP C 391 -25.27 18.64 -11.28
CA ASP C 391 -24.61 17.39 -10.89
C ASP C 391 -23.15 17.55 -10.47
N GLY C 392 -22.44 18.47 -11.11
CA GLY C 392 -21.02 18.64 -10.88
C GLY C 392 -20.67 19.53 -9.70
N MET C 393 -21.68 20.14 -9.10
CA MET C 393 -21.48 20.96 -7.90
C MET C 393 -21.03 20.09 -6.72
N THR C 394 -20.15 20.64 -5.88
CA THR C 394 -19.63 19.93 -4.71
C THR C 394 -20.75 19.47 -3.78
N ILE C 395 -21.73 20.33 -3.53
CA ILE C 395 -22.86 19.98 -2.68
C ILE C 395 -23.76 18.91 -3.31
N ALA C 396 -23.54 18.62 -4.59
CA ALA C 396 -24.33 17.59 -5.26
C ALA C 396 -23.65 16.22 -5.23
N LYS C 397 -22.35 16.21 -4.94
CA LYS C 397 -21.55 14.99 -5.02
C LYS C 397 -21.11 14.45 -3.66
N GLU C 398 -20.78 15.37 -2.75
CA GLU C 398 -20.24 14.99 -1.46
C GLU C 398 -21.27 14.96 -0.34
N GLU C 399 -21.13 14.00 0.57
CA GLU C 399 -22.03 13.87 1.70
C GLU C 399 -21.86 15.01 2.70
N ILE C 400 -22.88 15.84 2.84
CA ILE C 400 -22.82 16.99 3.73
C ILE C 400 -23.04 16.58 5.19
N PHE C 401 -24.01 15.69 5.42
CA PHE C 401 -24.34 15.18 6.74
C PHE C 401 -24.85 16.31 7.66
N GLY C 402 -25.62 17.22 7.09
CA GLY C 402 -26.24 18.30 7.85
C GLY C 402 -27.53 18.74 7.20
N PRO C 403 -28.21 19.73 7.81
CA PRO C 403 -29.50 20.21 7.30
C PRO C 403 -29.35 21.08 6.04
N VAL C 404 -28.83 20.48 4.97
CA VAL C 404 -28.62 21.21 3.72
C VAL C 404 -29.24 20.43 2.56
N MET C 405 -30.26 21.02 1.94
CA MET C 405 -31.04 20.33 0.93
C MET C 405 -30.69 20.75 -0.50
N GLN C 406 -30.45 19.75 -1.35
CA GLN C 406 -30.17 20.00 -2.76
C GLN C 406 -31.35 19.59 -3.62
N ILE C 407 -31.83 20.53 -4.45
CA ILE C 407 -32.96 20.28 -5.32
C ILE C 407 -32.55 20.45 -6.78
N LEU C 408 -32.68 19.37 -7.55
CA LEU C 408 -32.24 19.37 -8.94
C LEU C 408 -33.43 19.16 -9.87
N LYS C 409 -33.35 19.77 -11.05
CA LYS C 409 -34.42 19.66 -12.04
C LYS C 409 -34.05 18.69 -13.14
N PHE C 410 -35.03 17.91 -13.61
CA PHE C 410 -34.81 17.01 -14.73
C PHE C 410 -36.03 16.97 -15.64
N LYS C 411 -35.86 16.34 -16.80
CA LYS C 411 -36.89 16.33 -17.82
C LYS C 411 -37.53 14.96 -17.97
N THR C 412 -36.70 13.97 -18.29
CA THR C 412 -37.18 12.63 -18.63
C THR C 412 -36.80 11.58 -17.60
N ILE C 413 -37.41 10.41 -17.73
CA ILE C 413 -37.17 9.32 -16.79
C ILE C 413 -35.84 8.63 -17.10
N GLU C 414 -35.47 8.56 -18.37
CA GLU C 414 -34.19 7.99 -18.77
C GLU C 414 -33.05 8.85 -18.25
N GLU C 415 -33.26 10.16 -18.30
CA GLU C 415 -32.30 11.13 -17.79
C GLU C 415 -32.07 10.96 -16.30
N VAL C 416 -33.15 10.93 -15.53
CA VAL C 416 -33.04 10.88 -14.08
C VAL C 416 -32.45 9.55 -13.60
N VAL C 417 -32.66 8.47 -14.36
CA VAL C 417 -32.02 7.18 -14.06
C VAL C 417 -30.50 7.28 -14.13
N GLY C 418 -30.00 7.81 -15.24
CA GLY C 418 -28.57 7.94 -15.45
C GLY C 418 -27.91 8.92 -14.49
N ARG C 419 -28.62 9.99 -14.16
CA ARG C 419 -28.10 11.00 -13.25
C ARG C 419 -28.08 10.52 -11.80
N ALA C 420 -29.14 9.84 -11.39
CA ALA C 420 -29.23 9.29 -10.04
C ALA C 420 -28.19 8.20 -9.81
N ASN C 421 -28.00 7.35 -10.82
CA ASN C 421 -27.02 6.27 -10.75
C ASN C 421 -25.58 6.75 -10.93
N ASN C 422 -25.41 7.95 -11.46
CA ASN C 422 -24.07 8.49 -11.68
C ASN C 422 -23.45 8.95 -10.37
N SER C 423 -23.02 7.98 -9.57
CA SER C 423 -22.48 8.24 -8.25
C SER C 423 -21.66 7.04 -7.81
N THR C 424 -20.61 7.28 -7.03
CA THR C 424 -19.85 6.18 -6.44
C THR C 424 -20.56 5.67 -5.17
N TYR C 425 -21.57 6.40 -4.72
CA TYR C 425 -22.43 5.96 -3.62
C TYR C 425 -23.64 5.22 -4.16
N GLY C 426 -24.25 4.38 -3.33
CA GLY C 426 -25.42 3.63 -3.74
C GLY C 426 -26.16 3.00 -2.58
N LEU C 427 -26.30 3.76 -1.49
CA LEU C 427 -26.88 3.24 -0.26
C LEU C 427 -28.41 3.16 -0.34
N ALA C 428 -29.03 4.24 -0.79
CA ALA C 428 -30.47 4.30 -0.86
C ALA C 428 -30.94 5.12 -2.05
N ALA C 429 -32.23 5.04 -2.33
CA ALA C 429 -32.87 5.85 -3.36
C ALA C 429 -34.36 5.89 -3.10
N ALA C 430 -35.06 6.84 -3.73
CA ALA C 430 -36.51 6.87 -3.61
C ALA C 430 -37.19 7.35 -4.88
N VAL C 431 -38.41 6.88 -5.08
N VAL C 431 -38.43 6.89 -5.06
CA VAL C 431 -39.23 7.36 -6.19
CA VAL C 431 -39.25 7.32 -6.19
C VAL C 431 -40.65 7.69 -5.74
C VAL C 431 -40.65 7.69 -5.72
N PHE C 432 -41.10 8.89 -6.10
CA PHE C 432 -42.46 9.30 -5.81
C PHE C 432 -43.25 9.43 -7.11
N THR C 433 -44.21 8.53 -7.27
CA THR C 433 -45.03 8.46 -8.47
C THR C 433 -46.32 7.70 -8.15
N LYS C 434 -47.36 7.92 -8.95
CA LYS C 434 -48.61 7.17 -8.82
C LYS C 434 -48.64 6.03 -9.84
N ASP C 435 -47.70 6.04 -10.77
CA ASP C 435 -47.71 5.11 -11.88
C ASP C 435 -47.04 3.79 -11.53
N LEU C 436 -47.70 2.69 -11.87
CA LEU C 436 -47.22 1.36 -11.58
C LEU C 436 -45.93 1.02 -12.34
N ASP C 437 -45.95 1.24 -13.65
CA ASP C 437 -44.81 0.91 -14.50
C ASP C 437 -43.57 1.76 -14.16
N LYS C 438 -43.77 3.05 -13.89
CA LYS C 438 -42.68 3.93 -13.52
C LYS C 438 -42.00 3.50 -12.23
N ALA C 439 -42.81 3.10 -11.25
CA ALA C 439 -42.28 2.68 -9.95
C ALA C 439 -41.51 1.38 -10.09
N ASN C 440 -42.06 0.43 -10.84
CA ASN C 440 -41.37 -0.83 -11.09
C ASN C 440 -40.10 -0.64 -11.90
N TYR C 441 -40.16 0.19 -12.93
CA TYR C 441 -38.99 0.41 -13.77
C TYR C 441 -37.87 1.07 -12.97
N LEU C 442 -38.22 2.09 -12.20
CA LEU C 442 -37.22 2.83 -11.44
C LEU C 442 -36.62 2.01 -10.30
N SER C 443 -37.46 1.24 -9.60
CA SER C 443 -36.99 0.43 -8.48
C SER C 443 -35.99 -0.64 -8.93
N GLN C 444 -36.19 -1.16 -10.14
CA GLN C 444 -35.27 -2.13 -10.72
C GLN C 444 -34.00 -1.47 -11.28
N ALA C 445 -34.15 -0.26 -11.83
CA ALA C 445 -33.06 0.44 -12.51
C ALA C 445 -32.09 1.15 -11.57
N LEU C 446 -32.59 1.63 -10.43
CA LEU C 446 -31.77 2.36 -9.49
C LEU C 446 -30.75 1.44 -8.82
N GLN C 447 -29.48 1.83 -8.87
CA GLN C 447 -28.41 1.05 -8.28
C GLN C 447 -28.20 1.46 -6.82
N ALA C 448 -29.14 1.05 -5.98
CA ALA C 448 -29.14 1.40 -4.57
C ALA C 448 -29.57 0.21 -3.74
N GLY C 449 -29.03 0.11 -2.52
CA GLY C 449 -29.31 -1.00 -1.64
C GLY C 449 -30.76 -1.08 -1.20
N THR C 450 -31.33 0.08 -0.87
CA THR C 450 -32.76 0.17 -0.54
C THR C 450 -33.41 1.21 -1.44
N VAL C 451 -34.49 0.84 -2.11
CA VAL C 451 -35.28 1.78 -2.88
C VAL C 451 -36.66 1.94 -2.25
N TRP C 452 -37.00 3.17 -1.86
CA TRP C 452 -38.32 3.45 -1.32
C TRP C 452 -39.26 3.98 -2.40
N VAL C 453 -40.50 3.49 -2.38
CA VAL C 453 -41.51 3.96 -3.31
C VAL C 453 -42.63 4.69 -2.56
N ASN C 454 -42.78 5.98 -2.84
CA ASN C 454 -43.76 6.83 -2.17
C ASN C 454 -43.54 6.95 -0.66
N CYS C 455 -42.28 6.82 -0.25
CA CYS C 455 -41.89 6.99 1.13
C CYS C 455 -40.39 7.19 1.19
N TYR C 456 -39.86 7.39 2.40
CA TYR C 456 -38.43 7.49 2.61
C TYR C 456 -38.10 7.13 4.05
N ASP C 457 -36.88 6.63 4.26
CA ASP C 457 -36.41 6.28 5.61
C ASP C 457 -37.33 5.31 6.33
N VAL C 458 -37.95 4.42 5.58
CA VAL C 458 -38.76 3.36 6.17
C VAL C 458 -37.88 2.16 6.43
N PHE C 459 -37.47 2.02 7.70
CA PHE C 459 -36.58 0.95 8.12
C PHE C 459 -37.38 -0.04 8.96
N GLY C 460 -37.00 -1.30 8.88
CA GLY C 460 -37.60 -2.33 9.69
C GLY C 460 -36.58 -3.41 9.94
N ALA C 461 -36.60 -3.98 11.13
CA ALA C 461 -35.65 -5.03 11.51
C ALA C 461 -35.74 -6.22 10.56
N GLN C 462 -36.89 -6.35 9.90
CA GLN C 462 -37.17 -7.49 9.04
C GLN C 462 -36.54 -7.34 7.66
N SER C 463 -36.35 -6.09 7.24
CA SER C 463 -35.80 -5.80 5.91
C SER C 463 -34.34 -5.36 5.96
N PRO C 464 -33.48 -6.02 5.16
CA PRO C 464 -32.04 -5.78 5.13
C PRO C 464 -31.64 -4.41 4.65
N PHE C 465 -30.54 -3.89 5.18
CA PHE C 465 -30.06 -2.56 4.83
C PHE C 465 -28.56 -2.58 4.59
N GLY C 466 -28.12 -1.98 3.49
CA GLY C 466 -26.72 -1.90 3.15
C GLY C 466 -26.54 -1.28 1.79
N GLY C 467 -25.29 -0.98 1.43
CA GLY C 467 -25.04 -0.21 0.23
C GLY C 467 -24.61 -0.98 -1.02
N TYR C 468 -24.89 -0.37 -2.17
CA TYR C 468 -24.23 -0.75 -3.41
C TYR C 468 -22.95 0.07 -3.47
N LYS C 469 -22.04 -0.35 -4.35
CA LYS C 469 -20.85 0.44 -4.66
C LYS C 469 -20.00 0.75 -3.42
N MET C 470 -19.70 2.04 -3.23
CA MET C 470 -18.85 2.45 -2.12
C MET C 470 -19.65 2.89 -0.90
N SER C 471 -20.93 2.55 -0.87
CA SER C 471 -21.75 2.82 0.30
C SER C 471 -21.71 1.65 1.29
N GLY C 472 -20.91 0.64 0.98
CA GLY C 472 -20.74 -0.50 1.88
C GLY C 472 -20.71 -1.84 1.18
N SER C 473 -20.57 -2.89 1.97
CA SER C 473 -20.64 -4.26 1.46
C SER C 473 -21.31 -5.16 2.48
N GLY C 474 -22.23 -6.00 2.02
CA GLY C 474 -22.98 -6.86 2.92
C GLY C 474 -24.20 -6.13 3.43
N ARG C 475 -25.04 -6.84 4.17
CA ARG C 475 -26.31 -6.28 4.62
C ARG C 475 -26.50 -6.45 6.12
N GLU C 476 -27.20 -5.49 6.72
CA GLU C 476 -27.62 -5.62 8.10
C GLU C 476 -29.14 -5.69 8.14
N LEU C 477 -29.68 -6.07 9.30
CA LEU C 477 -31.12 -6.30 9.48
C LEU C 477 -31.64 -7.50 8.66
N GLY C 478 -32.83 -7.98 9.02
CA GLY C 478 -33.42 -9.13 8.38
C GLY C 478 -32.65 -10.42 8.62
N GLU C 479 -33.01 -11.46 7.86
CA GLU C 479 -32.30 -12.73 7.89
C GLU C 479 -30.87 -12.58 7.38
N TYR C 480 -30.71 -11.66 6.42
CA TYR C 480 -29.41 -11.41 5.80
C TYR C 480 -28.34 -10.94 6.79
N GLY C 481 -28.76 -10.19 7.81
CA GLY C 481 -27.83 -9.65 8.77
C GLY C 481 -27.18 -10.71 9.65
N LEU C 482 -27.55 -11.96 9.42
CA LEU C 482 -27.04 -13.09 10.18
C LEU C 482 -25.89 -13.78 9.43
N GLN C 483 -25.83 -13.55 8.13
CA GLN C 483 -24.88 -14.24 7.27
C GLN C 483 -23.43 -13.93 7.65
N ALA C 484 -23.15 -12.67 7.95
CA ALA C 484 -21.79 -12.24 8.26
C ALA C 484 -21.35 -12.69 9.65
N TYR C 485 -22.31 -13.12 10.48
CA TYR C 485 -22.00 -13.56 11.84
C TYR C 485 -22.04 -15.06 11.95
N THR C 486 -22.02 -15.72 10.79
CA THR C 486 -22.11 -17.17 10.73
C THR C 486 -20.89 -17.75 10.03
N GLU C 487 -20.30 -18.77 10.65
CA GLU C 487 -19.25 -19.54 9.98
C GLU C 487 -19.83 -20.90 9.59
N VAL C 488 -19.78 -21.21 8.31
CA VAL C 488 -20.41 -22.43 7.80
C VAL C 488 -19.40 -23.58 7.77
N LYS C 489 -19.76 -24.68 8.40
CA LYS C 489 -18.94 -25.87 8.40
C LYS C 489 -19.64 -27.04 7.74
N THR C 490 -18.99 -27.63 6.75
CA THR C 490 -19.51 -28.79 6.06
C THR C 490 -18.95 -30.05 6.70
N VAL C 491 -19.86 -30.95 7.10
CA VAL C 491 -19.44 -32.25 7.63
C VAL C 491 -19.90 -33.34 6.67
N THR C 492 -18.94 -34.12 6.17
CA THR C 492 -19.24 -35.15 5.18
C THR C 492 -18.77 -36.51 5.71
N VAL C 493 -19.73 -37.41 5.90
CA VAL C 493 -19.52 -38.68 6.58
C VAL C 493 -19.73 -39.87 5.67
N LYS C 494 -18.79 -40.79 5.63
CA LYS C 494 -18.95 -42.01 4.86
C LYS C 494 -20.01 -42.90 5.51
N VAL C 495 -21.02 -43.29 4.73
CA VAL C 495 -22.09 -44.17 5.21
C VAL C 495 -22.08 -45.50 4.44
N PRO C 496 -22.63 -46.57 5.04
CA PRO C 496 -22.65 -47.88 4.38
C PRO C 496 -23.37 -47.89 3.03
N GLN C 497 -24.46 -47.16 2.90
CA GLN C 497 -25.24 -47.15 1.65
C GLN C 497 -26.22 -45.99 1.58
N LYS C 498 -25.87 -44.97 0.81
CA LYS C 498 -26.73 -43.80 0.64
C LYS C 498 -28.05 -44.16 -0.04
N ASN C 499 -29.15 -43.80 0.59
CA ASN C 499 -30.47 -43.88 -0.02
C ASN C 499 -31.15 -42.52 0.01
N SER C 500 -32.03 -42.26 -0.94
CA SER C 500 -32.81 -41.03 -0.94
C SER C 500 -33.68 -40.96 0.30
N VAL D 8 -10.82 -45.32 -19.80
CA VAL D 8 -10.40 -44.04 -20.36
C VAL D 8 -9.87 -44.20 -21.79
N PRO D 9 -10.25 -43.28 -22.69
CA PRO D 9 -9.72 -43.29 -24.05
C PRO D 9 -8.22 -43.01 -24.00
N ALA D 10 -7.44 -43.67 -24.85
CA ALA D 10 -6.01 -43.42 -24.90
C ALA D 10 -5.76 -41.96 -25.22
N PRO D 11 -4.87 -41.31 -24.46
CA PRO D 11 -4.64 -39.87 -24.62
C PRO D 11 -3.78 -39.55 -25.83
N ASN D 12 -3.94 -38.33 -26.34
CA ASN D 12 -2.96 -37.72 -27.23
C ASN D 12 -1.91 -37.12 -26.31
N GLN D 13 -0.70 -37.66 -26.34
CA GLN D 13 0.34 -37.21 -25.42
C GLN D 13 0.99 -35.91 -25.86
N GLN D 14 0.61 -35.44 -27.05
CA GLN D 14 1.03 -34.14 -27.55
C GLN D 14 -0.15 -33.42 -28.20
N PRO D 15 -1.14 -33.01 -27.40
CA PRO D 15 -2.31 -32.35 -27.98
C PRO D 15 -1.94 -30.98 -28.54
N GLU D 16 -2.63 -30.59 -29.61
CA GLU D 16 -2.38 -29.32 -30.26
C GLU D 16 -3.03 -28.18 -29.47
N VAL D 17 -2.39 -27.01 -29.48
CA VAL D 17 -2.93 -25.82 -28.83
C VAL D 17 -3.65 -24.93 -29.85
N PHE D 18 -4.91 -24.60 -29.59
CA PHE D 18 -5.71 -23.80 -30.52
C PHE D 18 -5.96 -22.40 -29.98
N CYS D 19 -5.87 -22.24 -28.67
CA CYS D 19 -6.14 -20.95 -28.06
C CYS D 19 -4.98 -20.53 -27.16
N ASN D 20 -4.35 -19.40 -27.49
CA ASN D 20 -3.26 -18.89 -26.66
C ASN D 20 -3.23 -17.36 -26.57
N GLN D 21 -4.40 -16.74 -26.66
CA GLN D 21 -4.48 -15.28 -26.65
C GLN D 21 -5.37 -14.74 -25.55
N ILE D 22 -5.70 -13.45 -25.63
CA ILE D 22 -6.58 -12.82 -24.66
C ILE D 22 -8.02 -12.89 -25.16
N PHE D 23 -8.93 -13.31 -24.28
CA PHE D 23 -10.33 -13.51 -24.66
C PHE D 23 -11.21 -12.35 -24.17
N ILE D 24 -11.64 -11.51 -25.10
CA ILE D 24 -12.47 -10.35 -24.78
C ILE D 24 -13.58 -10.19 -25.81
N ASN D 25 -14.81 -10.02 -25.36
CA ASN D 25 -15.98 -9.95 -26.25
C ASN D 25 -16.03 -11.11 -27.24
N ASN D 26 -15.87 -12.34 -26.74
CA ASN D 26 -15.93 -13.54 -27.57
C ASN D 26 -14.96 -13.56 -28.77
N GLU D 27 -13.88 -12.79 -28.66
CA GLU D 27 -12.86 -12.72 -29.70
C GLU D 27 -11.48 -12.90 -29.08
N TRP D 28 -10.50 -13.26 -29.92
CA TRP D 28 -9.14 -13.46 -29.44
C TRP D 28 -8.23 -12.29 -29.81
N HIS D 29 -7.45 -11.83 -28.83
CA HIS D 29 -6.59 -10.66 -29.01
C HIS D 29 -5.17 -10.94 -28.54
N ASP D 30 -4.19 -10.34 -29.21
CA ASP D 30 -2.84 -10.33 -28.69
C ASP D 30 -2.83 -9.30 -27.56
N ALA D 31 -1.82 -9.35 -26.70
CA ALA D 31 -1.66 -8.28 -25.72
C ALA D 31 -1.46 -6.97 -26.46
N VAL D 32 -1.90 -5.87 -25.86
CA VAL D 32 -1.70 -4.55 -26.44
C VAL D 32 -0.22 -4.34 -26.78
N SER D 33 0.65 -4.84 -25.89
CA SER D 33 2.10 -4.74 -26.03
C SER D 33 2.69 -5.80 -26.96
N ARG D 34 1.83 -6.67 -27.47
CA ARG D 34 2.23 -7.78 -28.35
C ARG D 34 3.06 -8.85 -27.63
N LYS D 35 3.27 -8.68 -26.33
CA LYS D 35 4.11 -9.60 -25.56
C LYS D 35 3.44 -10.97 -25.39
N THR D 36 4.27 -12.01 -25.38
CA THR D 36 3.82 -13.34 -25.02
C THR D 36 4.72 -13.91 -23.92
N PHE D 37 4.30 -15.00 -23.30
CA PHE D 37 5.13 -15.71 -22.33
C PHE D 37 5.00 -17.21 -22.55
N PRO D 38 6.09 -17.95 -22.32
CA PRO D 38 6.02 -19.40 -22.56
C PRO D 38 5.39 -20.15 -21.40
N THR D 39 4.56 -21.16 -21.70
CA THR D 39 4.13 -22.10 -20.68
C THR D 39 4.85 -23.43 -20.88
N VAL D 40 5.21 -24.06 -19.77
CA VAL D 40 6.15 -25.18 -19.78
C VAL D 40 5.48 -26.51 -19.42
N ASN D 41 5.95 -27.60 -20.04
CA ASN D 41 5.54 -28.94 -19.66
C ASN D 41 6.35 -29.37 -18.44
N PRO D 42 5.70 -29.49 -17.28
CA PRO D 42 6.40 -29.83 -16.03
C PRO D 42 7.01 -31.23 -16.02
N SER D 43 6.59 -32.08 -16.95
CA SER D 43 7.10 -33.45 -17.05
C SER D 43 8.42 -33.53 -17.81
N THR D 44 8.70 -32.50 -18.61
CA THR D 44 9.89 -32.46 -19.47
C THR D 44 10.71 -31.19 -19.27
N GLY D 45 10.05 -30.13 -18.85
CA GLY D 45 10.71 -28.85 -18.69
C GLY D 45 10.79 -28.09 -20.01
N GLU D 46 10.06 -28.59 -21.02
CA GLU D 46 10.09 -27.99 -22.35
C GLU D 46 8.92 -27.05 -22.55
N VAL D 47 9.15 -25.96 -23.30
CA VAL D 47 8.12 -24.98 -23.60
C VAL D 47 7.00 -25.59 -24.46
N ILE D 48 5.75 -25.47 -24.02
CA ILE D 48 4.63 -25.98 -24.82
C ILE D 48 4.32 -25.01 -25.97
N CYS D 49 4.12 -23.75 -25.60
CA CYS D 49 3.89 -22.69 -26.57
C CYS D 49 4.01 -21.35 -25.87
N GLN D 50 3.71 -20.28 -26.59
CA GLN D 50 3.66 -18.96 -25.98
C GLN D 50 2.20 -18.54 -25.82
N VAL D 51 1.95 -17.64 -24.87
CA VAL D 51 0.59 -17.18 -24.60
C VAL D 51 0.62 -15.67 -24.44
N ALA D 52 -0.42 -15.00 -24.95
CA ALA D 52 -0.54 -13.55 -24.81
C ALA D 52 -0.32 -13.12 -23.36
N GLU D 53 0.59 -12.18 -23.15
CA GLU D 53 0.90 -11.71 -21.80
C GLU D 53 0.07 -10.47 -21.46
N GLY D 54 -1.12 -10.69 -20.93
CA GLY D 54 -2.00 -9.61 -20.55
C GLY D 54 -1.48 -8.79 -19.37
N ASP D 55 -1.69 -7.48 -19.43
CA ASP D 55 -1.27 -6.57 -18.39
C ASP D 55 -2.41 -5.62 -18.09
N LYS D 56 -2.10 -4.50 -17.45
CA LYS D 56 -3.10 -3.52 -17.02
C LYS D 56 -4.01 -3.04 -18.16
N GLU D 57 -3.41 -2.72 -19.31
CA GLU D 57 -4.19 -2.22 -20.44
C GLU D 57 -5.13 -3.28 -21.00
N ASP D 58 -4.72 -4.53 -20.91
CA ASP D 58 -5.58 -5.62 -21.39
C ASP D 58 -6.74 -5.85 -20.45
N VAL D 59 -6.46 -5.80 -19.14
CA VAL D 59 -7.48 -5.92 -18.12
C VAL D 59 -8.52 -4.79 -18.27
N ASP D 60 -8.03 -3.58 -18.55
N ASP D 60 -8.07 -3.59 -18.57
CA ASP D 60 -8.87 -2.40 -18.78
CA ASP D 60 -8.99 -2.47 -18.72
C ASP D 60 -9.89 -2.64 -19.90
C ASP D 60 -9.95 -2.68 -19.90
N LYS D 61 -9.44 -3.28 -20.97
CA LYS D 61 -10.29 -3.61 -22.11
C LYS D 61 -11.31 -4.68 -21.74
N ALA D 62 -10.88 -5.66 -20.96
CA ALA D 62 -11.76 -6.73 -20.52
C ALA D 62 -12.85 -6.19 -19.60
N VAL D 63 -12.48 -5.29 -18.70
CA VAL D 63 -13.43 -4.69 -17.77
C VAL D 63 -14.47 -3.81 -18.48
N LYS D 64 -14.03 -3.02 -19.46
CA LYS D 64 -14.95 -2.21 -20.25
C LYS D 64 -15.97 -3.08 -20.98
N ALA D 65 -15.52 -4.21 -21.49
CA ALA D 65 -16.38 -5.15 -22.20
C ALA D 65 -17.36 -5.83 -21.26
N ALA D 66 -16.87 -6.23 -20.09
CA ALA D 66 -17.74 -6.81 -19.06
C ALA D 66 -18.75 -5.77 -18.58
N ARG D 67 -18.28 -4.55 -18.32
CA ARG D 67 -19.18 -3.47 -17.91
C ARG D 67 -20.27 -3.21 -18.94
N ALA D 68 -19.90 -3.27 -20.22
CA ALA D 68 -20.85 -3.04 -21.31
C ALA D 68 -21.90 -4.14 -21.40
N ALA D 69 -21.50 -5.38 -21.18
CA ALA D 69 -22.42 -6.51 -21.26
C ALA D 69 -23.36 -6.54 -20.06
N PHE D 70 -22.98 -5.85 -19.00
CA PHE D 70 -23.78 -5.77 -17.78
C PHE D 70 -24.69 -4.53 -17.76
N GLN D 71 -24.74 -3.79 -18.87
CA GLN D 71 -25.59 -2.61 -18.93
C GLN D 71 -27.07 -2.96 -18.91
N LEU D 72 -27.87 -2.14 -18.22
CA LEU D 72 -29.29 -2.36 -18.12
C LEU D 72 -29.89 -2.42 -19.52
N GLY D 73 -30.70 -3.44 -19.78
CA GLY D 73 -31.31 -3.62 -21.08
C GLY D 73 -30.46 -4.38 -22.08
N SER D 74 -29.29 -4.85 -21.65
CA SER D 74 -28.42 -5.61 -22.54
C SER D 74 -28.95 -7.03 -22.71
N PRO D 75 -28.49 -7.76 -23.74
CA PRO D 75 -28.86 -9.17 -23.92
C PRO D 75 -28.67 -10.02 -22.66
N TRP D 76 -27.59 -9.79 -21.92
CA TRP D 76 -27.29 -10.58 -20.74
C TRP D 76 -28.17 -10.21 -19.55
N ARG D 77 -28.42 -8.92 -19.36
CA ARG D 77 -29.29 -8.48 -18.27
C ARG D 77 -30.74 -8.90 -18.53
N ARG D 78 -31.16 -8.87 -19.78
CA ARG D 78 -32.55 -9.18 -20.14
C ARG D 78 -32.84 -10.67 -20.24
N MET D 79 -31.78 -11.45 -20.43
CA MET D 79 -31.93 -12.90 -20.60
C MET D 79 -32.64 -13.56 -19.42
N ASP D 80 -33.63 -14.40 -19.72
CA ASP D 80 -34.35 -15.15 -18.71
C ASP D 80 -33.38 -15.94 -17.85
N ALA D 81 -33.61 -15.96 -16.54
CA ALA D 81 -32.74 -16.70 -15.64
C ALA D 81 -32.64 -18.17 -16.03
N SER D 82 -33.76 -18.75 -16.46
CA SER D 82 -33.77 -20.16 -16.86
C SER D 82 -32.89 -20.42 -18.08
N HIS D 83 -32.68 -19.39 -18.90
CA HIS D 83 -31.86 -19.54 -20.11
C HIS D 83 -30.38 -19.46 -19.77
N ARG D 84 -30.04 -18.75 -18.69
CA ARG D 84 -28.69 -18.79 -18.15
C ARG D 84 -28.36 -20.25 -17.81
N GLY D 85 -29.36 -20.96 -17.29
CA GLY D 85 -29.23 -22.37 -16.97
C GLY D 85 -28.98 -23.20 -18.21
N ARG D 86 -29.75 -22.96 -19.27
CA ARG D 86 -29.60 -23.67 -20.54
C ARG D 86 -28.18 -23.50 -21.06
N LEU D 87 -27.66 -22.27 -20.96
CA LEU D 87 -26.32 -21.95 -21.42
C LEU D 87 -25.23 -22.68 -20.64
N LEU D 88 -25.36 -22.69 -19.31
CA LEU D 88 -24.43 -23.41 -18.46
C LEU D 88 -24.45 -24.91 -18.78
N ASN D 89 -25.64 -25.44 -18.98
CA ASN D 89 -25.79 -26.84 -19.37
C ASN D 89 -25.19 -27.12 -20.75
N ARG D 90 -25.34 -26.17 -21.67
CA ARG D 90 -24.75 -26.29 -22.99
C ARG D 90 -23.23 -26.25 -22.89
N LEU D 91 -22.72 -25.33 -22.08
CA LEU D 91 -21.28 -25.27 -21.82
C LEU D 91 -20.76 -26.61 -21.29
N ALA D 92 -21.52 -27.25 -20.40
CA ALA D 92 -21.11 -28.53 -19.86
C ALA D 92 -21.09 -29.62 -20.94
N ASP D 93 -22.11 -29.65 -21.80
CA ASP D 93 -22.16 -30.60 -22.91
C ASP D 93 -20.97 -30.45 -23.86
N LEU D 94 -20.61 -29.19 -24.15
CA LEU D 94 -19.47 -28.93 -25.04
C LEU D 94 -18.15 -29.37 -24.40
N ILE D 95 -18.03 -29.18 -23.09
CA ILE D 95 -16.85 -29.62 -22.35
C ILE D 95 -16.74 -31.14 -22.36
N GLU D 96 -17.87 -31.82 -22.23
CA GLU D 96 -17.90 -33.28 -22.21
C GLU D 96 -17.59 -33.84 -23.60
N ARG D 97 -18.07 -33.16 -24.63
CA ARG D 97 -17.79 -33.56 -26.01
C ARG D 97 -16.29 -33.60 -26.26
N ASP D 98 -15.59 -32.62 -25.69
CA ASP D 98 -14.15 -32.47 -25.87
C ASP D 98 -13.37 -32.92 -24.65
N ARG D 99 -13.98 -33.78 -23.84
CA ARG D 99 -13.40 -34.23 -22.58
C ARG D 99 -12.00 -34.82 -22.71
N THR D 100 -11.81 -35.67 -23.72
CA THR D 100 -10.52 -36.37 -23.91
C THR D 100 -9.40 -35.40 -24.27
N TYR D 101 -9.67 -34.49 -25.20
CA TYR D 101 -8.69 -33.47 -25.54
C TYR D 101 -8.30 -32.61 -24.33
N LEU D 102 -9.32 -32.11 -23.64
CA LEU D 102 -9.12 -31.23 -22.49
C LEU D 102 -8.37 -31.91 -21.34
N ALA D 103 -8.69 -33.17 -21.08
CA ALA D 103 -8.00 -33.94 -20.06
C ALA D 103 -6.50 -34.08 -20.39
N ALA D 104 -6.20 -34.30 -21.67
CA ALA D 104 -4.82 -34.42 -22.11
C ALA D 104 -4.10 -33.09 -22.00
N LEU D 105 -4.78 -32.03 -22.43
CA LEU D 105 -4.20 -30.69 -22.36
C LEU D 105 -3.95 -30.29 -20.91
N GLU D 106 -4.86 -30.68 -20.02
CA GLU D 106 -4.72 -30.39 -18.59
C GLU D 106 -3.46 -31.02 -18.01
N THR D 107 -3.19 -32.26 -18.42
CA THR D 107 -2.01 -32.99 -17.96
C THR D 107 -0.72 -32.43 -18.54
N LEU D 108 -0.76 -32.03 -19.80
CA LEU D 108 0.39 -31.45 -20.49
C LEU D 108 0.89 -30.20 -19.78
N ASP D 109 -0.04 -29.33 -19.43
CA ASP D 109 0.28 -28.01 -18.89
C ASP D 109 0.47 -28.03 -17.37
N ASN D 110 -0.18 -28.97 -16.69
CA ASN D 110 -0.16 -29.00 -15.23
C ASN D 110 0.69 -30.13 -14.63
N GLY D 111 0.70 -31.28 -15.29
CA GLY D 111 1.54 -32.38 -14.88
C GLY D 111 0.81 -33.54 -14.21
N LYS D 112 -0.42 -33.31 -13.78
CA LYS D 112 -1.19 -34.36 -13.10
C LYS D 112 -1.46 -35.55 -14.02
N PRO D 113 -1.62 -36.75 -13.46
CA PRO D 113 -1.86 -37.93 -14.28
C PRO D 113 -3.10 -37.78 -15.17
N TYR D 114 -3.02 -38.24 -16.41
CA TYR D 114 -4.09 -38.09 -17.38
C TYR D 114 -5.36 -38.84 -16.99
N VAL D 115 -5.18 -39.98 -16.33
CA VAL D 115 -6.32 -40.77 -15.86
C VAL D 115 -7.10 -39.94 -14.85
N ILE D 116 -6.39 -39.18 -14.03
CA ILE D 116 -7.03 -38.35 -13.02
C ILE D 116 -7.68 -37.12 -13.65
N SER D 117 -7.00 -36.50 -14.61
CA SER D 117 -7.59 -35.37 -15.34
C SER D 117 -8.93 -35.76 -15.95
N TYR D 118 -8.95 -36.93 -16.57
CA TYR D 118 -10.16 -37.41 -17.25
C TYR D 118 -11.27 -37.80 -16.28
N LEU D 119 -10.96 -38.69 -15.34
CA LEU D 119 -11.97 -39.29 -14.48
C LEU D 119 -12.39 -38.42 -13.31
N VAL D 120 -11.48 -37.56 -12.86
CA VAL D 120 -11.75 -36.72 -11.70
C VAL D 120 -12.00 -35.26 -12.10
N ASP D 121 -10.94 -34.56 -12.53
CA ASP D 121 -11.06 -33.12 -12.84
C ASP D 121 -12.19 -32.81 -13.82
N LEU D 122 -12.16 -33.44 -14.98
CA LEU D 122 -13.17 -33.19 -15.99
C LEU D 122 -14.58 -33.57 -15.52
N ASP D 123 -14.68 -34.64 -14.74
CA ASP D 123 -15.96 -35.09 -14.19
C ASP D 123 -16.52 -34.08 -13.20
N MET D 124 -15.64 -33.52 -12.37
N MET D 124 -15.65 -33.51 -12.37
CA MET D 124 -16.03 -32.55 -11.36
CA MET D 124 -16.07 -32.56 -11.35
C MET D 124 -16.40 -31.22 -11.96
C MET D 124 -16.40 -31.20 -11.95
N VAL D 125 -15.78 -30.89 -13.09
CA VAL D 125 -16.10 -29.68 -13.84
C VAL D 125 -17.51 -29.78 -14.41
N LEU D 126 -17.80 -30.92 -15.04
CA LEU D 126 -19.11 -31.17 -15.61
C LEU D 126 -20.19 -31.12 -14.55
N LYS D 127 -19.89 -31.73 -13.42
CA LYS D 127 -20.85 -31.80 -12.32
C LYS D 127 -21.04 -30.43 -11.68
N CYS D 128 -19.98 -29.62 -11.63
CA CYS D 128 -20.07 -28.29 -11.07
C CYS D 128 -20.95 -27.39 -11.93
N LEU D 129 -20.69 -27.39 -13.23
CA LEU D 129 -21.45 -26.57 -14.16
C LEU D 129 -22.92 -27.01 -14.26
N ARG D 130 -23.15 -28.31 -14.26
CA ARG D 130 -24.52 -28.80 -14.35
C ARG D 130 -25.31 -28.53 -13.09
N TYR D 131 -24.63 -28.57 -11.95
CA TYR D 131 -25.25 -28.22 -10.69
C TYR D 131 -25.68 -26.75 -10.67
N TYR D 132 -24.77 -25.86 -11.03
CA TYR D 132 -25.04 -24.43 -10.98
C TYR D 132 -26.03 -23.97 -12.05
N ALA D 133 -26.09 -24.69 -13.15
CA ALA D 133 -27.11 -24.45 -14.16
C ALA D 133 -28.49 -24.53 -13.52
N GLY D 134 -28.66 -25.44 -12.57
CA GLY D 134 -29.94 -25.64 -11.91
C GLY D 134 -30.32 -24.51 -10.97
N TRP D 135 -29.32 -23.76 -10.50
CA TRP D 135 -29.55 -22.68 -9.55
C TRP D 135 -30.01 -21.39 -10.22
N ALA D 136 -29.82 -21.31 -11.53
CA ALA D 136 -29.98 -20.05 -12.26
C ALA D 136 -31.30 -19.34 -11.99
N ASP D 137 -32.38 -20.10 -11.89
CA ASP D 137 -33.70 -19.52 -11.71
C ASP D 137 -34.39 -19.91 -10.39
N LYS D 138 -33.59 -20.17 -9.35
CA LYS D 138 -34.13 -20.65 -8.07
C LYS D 138 -33.57 -19.92 -6.84
N TYR D 139 -32.70 -18.95 -7.04
CA TYR D 139 -32.13 -18.24 -5.90
C TYR D 139 -33.04 -17.06 -5.54
N HIS D 140 -34.21 -17.37 -5.00
CA HIS D 140 -35.25 -16.38 -4.75
C HIS D 140 -34.81 -15.30 -3.78
N GLY D 141 -35.35 -14.11 -3.98
CA GLY D 141 -35.32 -13.07 -2.96
C GLY D 141 -36.48 -13.33 -2.01
N LYS D 142 -36.85 -12.33 -1.25
CA LYS D 142 -37.87 -12.52 -0.22
C LYS D 142 -38.94 -11.44 -0.27
N THR D 143 -40.17 -11.79 0.12
CA THR D 143 -41.15 -10.79 0.48
C THR D 143 -41.22 -10.79 2.00
N ILE D 144 -41.20 -9.61 2.59
CA ILE D 144 -40.91 -9.47 4.01
C ILE D 144 -41.99 -8.71 4.79
N PRO D 145 -42.50 -9.31 5.87
CA PRO D 145 -43.57 -8.71 6.69
C PRO D 145 -43.13 -7.54 7.57
N ILE D 146 -42.69 -6.45 6.96
CA ILE D 146 -42.27 -5.24 7.67
C ILE D 146 -43.47 -4.55 8.37
N ASP D 147 -43.18 -3.76 9.40
CA ASP D 147 -44.25 -3.03 10.11
C ASP D 147 -44.82 -1.91 9.26
N GLY D 148 -46.00 -1.43 9.64
CA GLY D 148 -46.61 -0.28 9.00
C GLY D 148 -47.31 -0.63 7.71
N ASP D 149 -47.91 0.38 7.09
CA ASP D 149 -48.61 0.19 5.82
C ASP D 149 -47.63 0.21 4.65
N PHE D 150 -46.85 -0.86 4.53
CA PHE D 150 -45.87 -0.99 3.45
C PHE D 150 -45.84 -2.44 2.96
N PHE D 151 -45.46 -2.62 1.70
CA PHE D 151 -45.04 -3.94 1.23
C PHE D 151 -43.55 -3.89 0.92
N SER D 152 -42.80 -4.83 1.49
CA SER D 152 -41.35 -4.83 1.35
C SER D 152 -40.85 -6.17 0.79
N TYR D 153 -39.87 -6.09 -0.10
CA TYR D 153 -39.30 -7.29 -0.70
C TYR D 153 -37.86 -7.06 -1.10
N THR D 154 -37.13 -8.16 -1.35
CA THR D 154 -35.77 -8.04 -1.84
C THR D 154 -35.60 -8.59 -3.23
N ARG D 155 -34.78 -7.90 -4.03
CA ARG D 155 -34.35 -8.41 -5.31
C ARG D 155 -32.96 -9.00 -5.15
N HIS D 156 -32.77 -10.21 -5.67
CA HIS D 156 -31.43 -10.76 -5.77
C HIS D 156 -30.85 -10.46 -7.15
N GLU D 157 -30.00 -9.43 -7.18
CA GLU D 157 -29.42 -8.90 -8.41
C GLU D 157 -27.97 -9.32 -8.49
N PRO D 158 -27.37 -9.29 -9.70
CA PRO D 158 -25.96 -9.67 -9.75
C PRO D 158 -25.09 -8.57 -9.12
N VAL D 159 -23.94 -8.94 -8.58
CA VAL D 159 -23.04 -7.95 -7.99
C VAL D 159 -22.43 -7.09 -9.11
N GLY D 160 -22.26 -7.69 -10.29
CA GLY D 160 -21.83 -6.96 -11.46
C GLY D 160 -20.60 -7.53 -12.12
N VAL D 161 -19.60 -6.69 -12.33
CA VAL D 161 -18.34 -7.10 -12.92
C VAL D 161 -17.48 -7.79 -11.86
N CYS D 162 -17.19 -9.07 -12.10
CA CYS D 162 -16.49 -9.89 -11.12
C CYS D 162 -15.11 -10.29 -11.63
N GLY D 163 -14.09 -9.87 -10.92
CA GLY D 163 -12.74 -10.31 -11.21
C GLY D 163 -12.51 -11.64 -10.50
N GLN D 164 -12.01 -12.62 -11.24
CA GLN D 164 -11.75 -13.94 -10.67
C GLN D 164 -10.32 -14.37 -10.95
N ILE D 165 -9.54 -14.48 -9.89
CA ILE D 165 -8.13 -14.83 -9.99
C ILE D 165 -7.93 -16.25 -9.43
N ILE D 166 -7.44 -17.16 -10.26
CA ILE D 166 -7.40 -18.58 -9.92
C ILE D 166 -5.98 -19.16 -10.00
N PRO D 167 -5.72 -20.24 -9.23
CA PRO D 167 -4.40 -20.89 -9.24
C PRO D 167 -4.24 -21.96 -10.31
N TRP D 168 -3.17 -22.74 -10.16
CA TRP D 168 -2.75 -23.72 -11.15
C TRP D 168 -2.97 -25.18 -10.76
N ASN D 169 -3.31 -25.41 -9.50
CA ASN D 169 -3.40 -26.79 -8.98
C ASN D 169 -4.52 -27.62 -9.61
N PHE D 170 -5.66 -26.98 -9.86
CA PHE D 170 -6.77 -27.59 -10.58
C PHE D 170 -7.35 -26.57 -11.56
N PRO D 171 -6.66 -26.36 -12.70
CA PRO D 171 -7.01 -25.26 -13.62
C PRO D 171 -8.45 -25.28 -14.13
N LEU D 172 -8.89 -26.40 -14.70
CA LEU D 172 -10.27 -26.49 -15.19
C LEU D 172 -11.31 -26.41 -14.08
N LEU D 173 -11.04 -27.10 -12.97
CA LEU D 173 -12.01 -27.16 -11.88
C LEU D 173 -12.11 -25.83 -11.13
N MET D 174 -10.99 -25.13 -10.99
CA MET D 174 -11.00 -23.81 -10.37
C MET D 174 -11.74 -22.81 -11.24
N GLN D 175 -11.55 -22.92 -12.56
CA GLN D 175 -12.31 -22.09 -13.49
C GLN D 175 -13.82 -22.36 -13.34
N ALA D 176 -14.17 -23.63 -13.29
CA ALA D 176 -15.57 -24.03 -13.16
C ALA D 176 -16.20 -23.55 -11.83
N TRP D 177 -15.45 -23.70 -10.74
CA TRP D 177 -15.90 -23.25 -9.42
C TRP D 177 -16.23 -21.76 -9.42
N LYS D 178 -15.51 -21.00 -10.24
CA LYS D 178 -15.70 -19.56 -10.33
C LYS D 178 -16.83 -19.16 -11.29
N LEU D 179 -16.84 -19.75 -12.49
CA LEU D 179 -17.82 -19.40 -13.51
C LEU D 179 -19.24 -19.87 -13.17
N GLY D 180 -19.35 -21.08 -12.63
CA GLY D 180 -20.63 -21.66 -12.29
C GLY D 180 -21.59 -20.74 -11.55
N PRO D 181 -21.24 -20.36 -10.32
CA PRO D 181 -22.09 -19.48 -9.51
C PRO D 181 -22.18 -18.05 -10.06
N ALA D 182 -21.08 -17.54 -10.61
CA ALA D 182 -21.09 -16.18 -11.15
C ALA D 182 -22.07 -16.05 -12.32
N LEU D 183 -22.03 -17.02 -13.23
CA LEU D 183 -22.89 -17.00 -14.41
C LEU D 183 -24.33 -17.41 -14.11
N ALA D 184 -24.52 -18.27 -13.13
CA ALA D 184 -25.87 -18.67 -12.73
C ALA D 184 -26.66 -17.46 -12.25
N THR D 185 -25.97 -16.51 -11.61
CA THR D 185 -26.65 -15.36 -11.02
C THR D 185 -26.64 -14.11 -11.91
N GLY D 186 -26.10 -14.24 -13.11
CA GLY D 186 -26.21 -13.19 -14.11
C GLY D 186 -25.12 -12.13 -14.06
N ASN D 187 -23.99 -12.47 -13.46
CA ASN D 187 -22.85 -11.58 -13.41
C ASN D 187 -22.04 -11.64 -14.69
N VAL D 188 -21.04 -10.78 -14.79
CA VAL D 188 -20.08 -10.85 -15.88
C VAL D 188 -18.69 -10.99 -15.26
N VAL D 189 -17.78 -11.60 -16.02
CA VAL D 189 -16.53 -12.06 -15.46
C VAL D 189 -15.30 -11.53 -16.19
N VAL D 190 -14.29 -11.13 -15.43
CA VAL D 190 -12.96 -10.93 -15.95
C VAL D 190 -12.05 -11.89 -15.18
N MET D 191 -11.62 -12.96 -15.85
CA MET D 191 -10.87 -14.03 -15.20
C MET D 191 -9.38 -13.94 -15.48
N LYS D 192 -8.57 -14.09 -14.43
CA LYS D 192 -7.12 -14.16 -14.60
C LYS D 192 -6.66 -15.56 -14.22
N VAL D 193 -6.33 -16.36 -15.22
CA VAL D 193 -5.87 -17.73 -15.00
C VAL D 193 -4.39 -17.73 -14.66
N ALA D 194 -3.91 -18.82 -14.08
CA ALA D 194 -2.53 -18.89 -13.63
C ALA D 194 -1.58 -18.93 -14.81
N GLU D 195 -0.42 -18.28 -14.66
CA GLU D 195 0.57 -18.22 -15.72
C GLU D 195 1.21 -19.59 -15.97
N GLN D 196 1.14 -20.47 -14.97
CA GLN D 196 1.65 -21.83 -15.12
C GLN D 196 0.72 -22.72 -15.90
N THR D 197 -0.58 -22.45 -15.82
CA THR D 197 -1.58 -23.31 -16.46
C THR D 197 -2.69 -22.54 -17.18
N PRO D 198 -2.35 -21.80 -18.24
CA PRO D 198 -3.38 -20.97 -18.88
C PRO D 198 -4.20 -21.69 -19.95
N LEU D 199 -3.66 -22.76 -20.51
CA LEU D 199 -4.14 -23.32 -21.77
C LEU D 199 -5.57 -23.88 -21.76
N THR D 200 -5.88 -24.72 -20.77
CA THR D 200 -7.20 -25.36 -20.73
C THR D 200 -8.34 -24.36 -20.56
N ALA D 201 -8.11 -23.31 -19.78
CA ALA D 201 -9.13 -22.29 -19.55
C ALA D 201 -9.33 -21.43 -20.79
N LEU D 202 -8.28 -21.27 -21.58
CA LEU D 202 -8.39 -20.55 -22.84
C LEU D 202 -9.24 -21.34 -23.83
N TYR D 203 -9.06 -22.66 -23.88
CA TYR D 203 -9.86 -23.50 -24.75
C TYR D 203 -11.34 -23.46 -24.37
N VAL D 204 -11.61 -23.52 -23.07
CA VAL D 204 -12.96 -23.42 -22.54
C VAL D 204 -13.63 -22.07 -22.89
N ALA D 205 -12.83 -21.01 -22.97
CA ALA D 205 -13.32 -19.72 -23.45
C ALA D 205 -13.93 -19.82 -24.85
N ASN D 206 -13.34 -20.63 -25.71
N ASN D 206 -13.36 -20.63 -25.73
CA ASN D 206 -13.87 -20.87 -27.03
CA ASN D 206 -13.93 -20.82 -27.06
C ASN D 206 -15.20 -21.61 -26.98
C ASN D 206 -15.21 -21.67 -27.03
N LEU D 207 -15.34 -22.52 -26.01
CA LEU D 207 -16.55 -23.30 -25.83
C LEU D 207 -17.64 -22.43 -25.22
N ILE D 208 -17.23 -21.47 -24.40
CA ILE D 208 -18.15 -20.46 -23.87
C ILE D 208 -18.81 -19.70 -25.03
N LYS D 209 -18.00 -19.29 -26.00
CA LYS D 209 -18.50 -18.64 -27.19
C LYS D 209 -19.42 -19.57 -28.01
N GLU D 210 -18.96 -20.79 -28.22
CA GLU D 210 -19.74 -21.79 -28.94
C GLU D 210 -21.09 -22.09 -28.26
N ALA D 211 -21.09 -22.09 -26.93
CA ALA D 211 -22.30 -22.36 -26.16
C ALA D 211 -23.35 -21.28 -26.35
N GLY D 212 -22.90 -20.07 -26.67
CA GLY D 212 -23.80 -18.99 -27.00
C GLY D 212 -23.92 -17.88 -25.97
N PHE D 213 -22.97 -17.83 -25.03
CA PHE D 213 -22.93 -16.72 -24.08
C PHE D 213 -22.67 -15.44 -24.83
N PRO D 214 -23.37 -14.36 -24.47
CA PRO D 214 -23.18 -13.06 -25.13
C PRO D 214 -21.74 -12.55 -24.95
N PRO D 215 -21.24 -11.80 -25.95
CA PRO D 215 -19.89 -11.22 -25.88
C PRO D 215 -19.73 -10.30 -24.67
N GLY D 216 -18.61 -10.45 -23.96
CA GLY D 216 -18.34 -9.62 -22.80
C GLY D 216 -18.75 -10.25 -21.47
N VAL D 217 -19.59 -11.28 -21.52
CA VAL D 217 -20.08 -11.92 -20.30
C VAL D 217 -18.97 -12.65 -19.57
N VAL D 218 -18.11 -13.32 -20.33
CA VAL D 218 -16.89 -13.92 -19.78
C VAL D 218 -15.67 -13.45 -20.58
N ASN D 219 -14.70 -12.88 -19.88
CA ASN D 219 -13.47 -12.42 -20.49
C ASN D 219 -12.29 -13.00 -19.72
N ILE D 220 -11.35 -13.62 -20.44
CA ILE D 220 -10.21 -14.22 -19.77
C ILE D 220 -8.90 -13.53 -20.16
N VAL D 221 -8.10 -13.17 -19.17
CA VAL D 221 -6.83 -12.51 -19.43
C VAL D 221 -5.68 -13.32 -18.87
N PRO D 222 -5.01 -14.09 -19.72
CA PRO D 222 -3.81 -14.81 -19.29
C PRO D 222 -2.68 -13.82 -19.02
N GLY D 223 -1.82 -14.13 -18.06
CA GLY D 223 -0.73 -13.23 -17.72
C GLY D 223 -0.29 -13.42 -16.28
N PHE D 224 0.63 -12.57 -15.82
CA PHE D 224 1.20 -12.71 -14.50
C PHE D 224 0.40 -12.00 -13.41
N GLY D 225 0.73 -12.31 -12.16
CA GLY D 225 -0.02 -11.82 -11.02
C GLY D 225 0.10 -10.35 -10.66
N PRO D 226 1.34 -9.89 -10.38
CA PRO D 226 1.52 -8.49 -9.97
C PRO D 226 1.19 -7.50 -11.09
N THR D 227 0.95 -8.03 -12.29
CA THR D 227 0.57 -7.20 -13.43
C THR D 227 -0.92 -7.33 -13.70
N ALA D 228 -1.34 -8.45 -14.29
CA ALA D 228 -2.74 -8.65 -14.67
C ALA D 228 -3.65 -8.83 -13.45
N GLY D 229 -3.26 -9.71 -12.54
CA GLY D 229 -4.03 -9.96 -11.34
C GLY D 229 -4.18 -8.72 -10.48
N ALA D 230 -3.08 -7.99 -10.30
CA ALA D 230 -3.08 -6.78 -9.51
C ALA D 230 -3.95 -5.69 -10.14
N ALA D 231 -3.95 -5.64 -11.47
CA ALA D 231 -4.79 -4.67 -12.19
C ALA D 231 -6.28 -4.93 -11.96
N ILE D 232 -6.68 -6.20 -11.94
CA ILE D 232 -8.06 -6.58 -11.64
C ILE D 232 -8.45 -6.20 -10.21
N ALA D 233 -7.58 -6.53 -9.26
CA ALA D 233 -7.86 -6.31 -7.84
C ALA D 233 -7.92 -4.82 -7.47
N SER D 234 -7.17 -4.01 -8.21
CA SER D 234 -7.10 -2.57 -7.95
C SER D 234 -8.04 -1.75 -8.83
N HIS D 235 -8.68 -2.40 -9.79
CA HIS D 235 -9.50 -1.68 -10.78
C HIS D 235 -10.72 -0.99 -10.16
N GLU D 236 -10.93 0.25 -10.59
CA GLU D 236 -11.99 1.10 -10.04
C GLU D 236 -13.38 0.73 -10.54
N ASP D 237 -13.44 -0.12 -11.55
CA ASP D 237 -14.73 -0.53 -12.11
C ASP D 237 -14.99 -2.02 -12.01
N VAL D 238 -14.24 -2.70 -11.15
CA VAL D 238 -14.53 -4.09 -10.82
C VAL D 238 -15.32 -4.10 -9.51
N ASP D 239 -16.49 -4.73 -9.54
CA ASP D 239 -17.41 -4.66 -8.39
C ASP D 239 -17.07 -5.67 -7.30
N LYS D 240 -16.54 -6.82 -7.69
CA LYS D 240 -16.26 -7.89 -6.74
C LYS D 240 -15.08 -8.72 -7.23
N VAL D 241 -14.20 -9.13 -6.31
CA VAL D 241 -13.12 -10.02 -6.67
C VAL D 241 -13.20 -11.32 -5.88
N ALA D 242 -12.91 -12.43 -6.55
CA ALA D 242 -12.79 -13.71 -5.88
C ALA D 242 -11.41 -14.26 -6.17
N PHE D 243 -10.69 -14.61 -5.11
CA PHE D 243 -9.32 -15.04 -5.27
C PHE D 243 -9.12 -16.41 -4.65
N THR D 244 -8.42 -17.29 -5.37
CA THR D 244 -7.93 -18.52 -4.79
C THR D 244 -6.42 -18.56 -5.03
N GLY D 245 -5.66 -18.80 -3.97
CA GLY D 245 -4.22 -18.84 -4.06
C GLY D 245 -3.56 -18.82 -2.70
N SER D 246 -2.33 -18.31 -2.63
CA SER D 246 -1.58 -18.25 -1.38
C SER D 246 -2.18 -17.26 -0.39
N THR D 247 -1.94 -17.48 0.89
CA THR D 247 -2.41 -16.59 1.94
C THR D 247 -1.78 -15.21 1.79
N GLU D 248 -0.51 -15.18 1.41
CA GLU D 248 0.22 -13.92 1.24
C GLU D 248 -0.34 -13.01 0.14
N ILE D 249 -0.84 -13.60 -0.95
CA ILE D 249 -1.43 -12.81 -2.02
C ILE D 249 -2.87 -12.42 -1.65
N GLY D 250 -3.49 -13.25 -0.82
CA GLY D 250 -4.80 -12.92 -0.26
C GLY D 250 -4.78 -11.57 0.46
N ARG D 251 -3.68 -11.29 1.15
CA ARG D 251 -3.50 -10.00 1.83
C ARG D 251 -3.41 -8.87 0.82
N VAL D 252 -2.57 -9.08 -0.20
CA VAL D 252 -2.40 -8.12 -1.27
C VAL D 252 -3.73 -7.78 -1.93
N ILE D 253 -4.52 -8.83 -2.24
CA ILE D 253 -5.83 -8.64 -2.83
C ILE D 253 -6.73 -7.79 -1.94
N GLN D 254 -6.85 -8.19 -0.67
N GLN D 254 -6.85 -8.17 -0.67
CA GLN D 254 -7.69 -7.51 0.30
CA GLN D 254 -7.73 -7.48 0.26
C GLN D 254 -7.28 -6.05 0.47
C GLN D 254 -7.29 -6.03 0.49
N VAL D 255 -5.98 -5.83 0.63
CA VAL D 255 -5.43 -4.47 0.72
C VAL D 255 -5.73 -3.65 -0.53
N ALA D 256 -5.55 -4.28 -1.70
CA ALA D 256 -5.81 -3.60 -2.97
C ALA D 256 -7.27 -3.21 -3.14
N ALA D 257 -8.18 -4.00 -2.57
CA ALA D 257 -9.61 -3.72 -2.65
C ALA D 257 -9.99 -2.51 -1.79
N GLY D 258 -9.45 -2.48 -0.58
CA GLY D 258 -9.69 -1.35 0.31
C GLY D 258 -9.03 -0.07 -0.15
N SER D 259 -7.92 -0.19 -0.90
CA SER D 259 -7.18 0.97 -1.36
C SER D 259 -7.74 1.56 -2.64
N SER D 260 -8.59 0.81 -3.33
CA SER D 260 -9.18 1.30 -4.57
C SER D 260 -10.64 1.72 -4.40
N ASN D 261 -11.57 0.82 -4.69
CA ASN D 261 -12.99 1.16 -4.73
C ASN D 261 -13.87 0.40 -3.73
N LEU D 262 -13.23 -0.23 -2.74
CA LEU D 262 -13.95 -1.02 -1.73
C LEU D 262 -14.82 -2.12 -2.34
N LYS D 263 -14.34 -2.71 -3.44
CA LYS D 263 -15.01 -3.85 -4.07
C LYS D 263 -15.15 -5.03 -3.10
N ARG D 264 -16.18 -5.84 -3.32
CA ARG D 264 -16.41 -7.01 -2.49
C ARG D 264 -15.30 -8.05 -2.71
N VAL D 265 -14.89 -8.72 -1.64
CA VAL D 265 -13.79 -9.67 -1.70
C VAL D 265 -14.13 -11.00 -1.03
N THR D 266 -13.81 -12.11 -1.69
CA THR D 266 -13.79 -13.40 -1.03
C THR D 266 -12.46 -14.08 -1.36
N LEU D 267 -12.01 -14.95 -0.46
CA LEU D 267 -10.71 -15.58 -0.60
C LEU D 267 -10.81 -17.04 -0.19
N GLN D 268 -10.11 -17.90 -0.94
CA GLN D 268 -9.87 -19.27 -0.49
C GLN D 268 -8.38 -19.50 -0.56
N LEU D 269 -7.77 -19.70 0.61
CA LEU D 269 -6.32 -19.71 0.71
C LEU D 269 -5.79 -21.09 1.10
N GLY D 270 -4.59 -21.14 1.66
CA GLY D 270 -3.97 -22.41 1.99
C GLY D 270 -4.48 -23.02 3.27
N GLY D 271 -3.91 -24.16 3.64
CA GLY D 271 -4.26 -24.81 4.89
C GLY D 271 -3.13 -25.66 5.44
N LYS D 272 -3.33 -26.16 6.66
CA LYS D 272 -2.47 -27.18 7.24
C LYS D 272 -3.40 -28.18 7.95
N SER D 273 -4.23 -28.84 7.15
CA SER D 273 -5.37 -29.59 7.66
C SER D 273 -5.00 -30.85 8.43
N PRO D 274 -5.57 -31.00 9.64
CA PRO D 274 -5.29 -32.16 10.49
C PRO D 274 -6.13 -33.38 10.14
N ASN D 275 -5.46 -34.50 9.86
CA ASN D 275 -6.13 -35.77 9.64
C ASN D 275 -5.94 -36.65 10.88
N ILE D 276 -7.01 -36.87 11.62
CA ILE D 276 -6.92 -37.54 12.92
C ILE D 276 -7.37 -38.99 12.88
N ILE D 277 -6.47 -39.89 13.27
CA ILE D 277 -6.75 -41.32 13.23
C ILE D 277 -6.87 -41.87 14.65
N MET D 278 -8.09 -42.20 15.07
CA MET D 278 -8.29 -42.74 16.41
C MET D 278 -7.88 -44.22 16.43
N SER D 279 -7.62 -44.75 17.62
CA SER D 279 -7.15 -46.12 17.76
C SER D 279 -8.18 -47.16 17.30
N ASP D 280 -9.43 -46.73 17.22
CA ASP D 280 -10.52 -47.63 16.83
C ASP D 280 -10.86 -47.51 15.35
N ALA D 281 -10.07 -46.75 14.62
CA ALA D 281 -10.29 -46.61 13.18
C ALA D 281 -9.98 -47.90 12.43
N ASP D 282 -10.65 -48.10 11.30
CA ASP D 282 -10.28 -49.16 10.36
C ASP D 282 -8.90 -48.82 9.81
N MET D 283 -7.91 -49.65 10.15
CA MET D 283 -6.52 -49.40 9.78
C MET D 283 -6.22 -49.42 8.28
N ASP D 284 -6.76 -50.39 7.53
CA ASP D 284 -6.51 -50.46 6.09
C ASP D 284 -7.05 -49.21 5.40
N TRP D 285 -8.31 -48.90 5.71
CA TRP D 285 -8.99 -47.75 5.14
C TRP D 285 -8.33 -46.44 5.57
N ALA D 286 -7.92 -46.36 6.83
CA ALA D 286 -7.34 -45.12 7.36
C ALA D 286 -5.98 -44.84 6.73
N VAL D 287 -5.19 -45.88 6.55
CA VAL D 287 -3.87 -45.75 5.94
C VAL D 287 -3.97 -45.31 4.47
N GLU D 288 -4.84 -45.95 3.71
CA GLU D 288 -5.03 -45.59 2.30
C GLU D 288 -5.61 -44.19 2.16
N GLN D 289 -6.58 -43.85 3.01
CA GLN D 289 -7.19 -42.52 2.97
C GLN D 289 -6.23 -41.43 3.41
N ALA D 290 -5.37 -41.74 4.39
CA ALA D 290 -4.35 -40.78 4.84
C ALA D 290 -3.31 -40.55 3.74
N HIS D 291 -3.02 -41.58 2.98
CA HIS D 291 -2.09 -41.48 1.86
C HIS D 291 -2.66 -40.56 0.79
N PHE D 292 -3.90 -40.86 0.39
CA PHE D 292 -4.63 -40.05 -0.56
C PHE D 292 -4.79 -38.60 -0.08
N ALA D 293 -5.14 -38.44 1.20
CA ALA D 293 -5.36 -37.12 1.81
C ALA D 293 -4.18 -36.18 1.65
N LEU D 294 -2.97 -36.73 1.67
CA LEU D 294 -1.76 -35.92 1.60
C LEU D 294 -1.22 -35.84 0.16
N PHE D 295 -1.13 -37.00 -0.49
CA PHE D 295 -0.42 -37.12 -1.76
C PHE D 295 -1.24 -36.81 -3.02
N PHE D 296 -2.55 -36.67 -2.89
CA PHE D 296 -3.40 -36.38 -4.05
C PHE D 296 -2.92 -35.16 -4.82
N ASN D 297 -2.97 -35.23 -6.15
CA ASN D 297 -2.58 -34.13 -7.02
C ASN D 297 -1.15 -33.63 -6.73
N GLN D 298 -0.22 -34.56 -6.60
CA GLN D 298 1.19 -34.24 -6.35
C GLN D 298 1.38 -33.49 -5.02
N GLY D 299 0.42 -33.65 -4.12
CA GLY D 299 0.43 -32.95 -2.85
C GLY D 299 -0.03 -31.51 -2.99
N GLN D 300 -0.55 -31.18 -4.17
CA GLN D 300 -0.89 -29.80 -4.50
C GLN D 300 -2.39 -29.54 -4.37
N SER D 301 -2.88 -29.72 -3.15
CA SER D 301 -4.27 -29.47 -2.82
C SER D 301 -4.30 -28.59 -1.57
N CYS D 302 -5.06 -27.50 -1.64
CA CYS D 302 -5.18 -26.57 -0.52
C CYS D 302 -5.69 -27.29 0.74
N SER D 303 -6.48 -28.34 0.55
CA SER D 303 -7.06 -29.07 1.67
C SER D 303 -6.31 -30.35 2.05
N ALA D 304 -5.06 -30.48 1.61
CA ALA D 304 -4.27 -31.68 1.92
C ALA D 304 -4.18 -31.92 3.43
N GLY D 305 -4.36 -33.17 3.84
CA GLY D 305 -4.22 -33.55 5.23
C GLY D 305 -2.76 -33.66 5.60
N SER D 306 -2.13 -32.50 5.81
CA SER D 306 -0.68 -32.41 6.01
C SER D 306 -0.25 -32.54 7.48
N ARG D 307 -1.22 -32.75 8.35
CA ARG D 307 -0.93 -33.11 9.74
C ARG D 307 -1.69 -34.38 10.08
N THR D 308 -1.03 -35.52 9.96
CA THR D 308 -1.65 -36.79 10.26
C THR D 308 -1.42 -37.15 11.72
N PHE D 309 -2.45 -36.91 12.54
CA PHE D 309 -2.42 -37.28 13.95
C PHE D 309 -2.87 -38.74 14.10
N VAL D 310 -2.02 -39.54 14.73
CA VAL D 310 -2.30 -40.95 14.95
C VAL D 310 -2.21 -41.24 16.44
N GLN D 311 -3.23 -41.88 17.00
N GLN D 311 -3.23 -41.89 16.99
CA GLN D 311 -3.23 -42.23 18.42
CA GLN D 311 -3.23 -42.23 18.42
C GLN D 311 -2.10 -43.21 18.71
C GLN D 311 -2.09 -43.20 18.70
N GLU D 312 -1.42 -43.00 19.84
CA GLU D 312 -0.19 -43.74 20.16
C GLU D 312 -0.25 -45.28 20.12
N ASP D 313 -1.42 -45.85 20.38
CA ASP D 313 -1.57 -47.30 20.39
C ASP D 313 -1.46 -47.90 19.00
N ILE D 314 -1.80 -47.13 17.97
CA ILE D 314 -1.72 -47.61 16.60
C ILE D 314 -0.70 -46.84 15.77
N TYR D 315 0.15 -46.07 16.44
CA TYR D 315 1.12 -45.21 15.75
C TYR D 315 2.14 -45.98 14.93
N ASP D 316 2.83 -46.91 15.59
CA ASP D 316 3.92 -47.66 14.95
C ASP D 316 3.43 -48.38 13.70
N GLU D 317 2.28 -49.05 13.82
CA GLU D 317 1.71 -49.82 12.72
C GLU D 317 1.26 -48.91 11.57
N PHE D 318 0.68 -47.77 11.93
CA PHE D 318 0.24 -46.80 10.94
C PHE D 318 1.43 -46.29 10.15
N VAL D 319 2.46 -45.88 10.88
CA VAL D 319 3.68 -45.33 10.28
C VAL D 319 4.31 -46.34 9.33
N GLU D 320 4.47 -47.57 9.80
CA GLU D 320 5.03 -48.65 9.00
C GLU D 320 4.25 -48.83 7.68
N ARG D 321 2.93 -48.90 7.80
CA ARG D 321 2.06 -49.04 6.63
C ARG D 321 2.11 -47.82 5.70
N SER D 322 2.13 -46.63 6.31
CA SER D 322 2.18 -45.38 5.54
C SER D 322 3.45 -45.26 4.71
N VAL D 323 4.57 -45.67 5.31
CA VAL D 323 5.87 -45.64 4.64
C VAL D 323 5.89 -46.62 3.48
N ALA D 324 5.34 -47.81 3.69
CA ALA D 324 5.23 -48.84 2.66
C ALA D 324 4.43 -48.35 1.43
N ARG D 325 3.31 -47.69 1.69
CA ARG D 325 2.43 -47.21 0.62
C ARG D 325 3.04 -46.05 -0.16
N ALA D 326 3.88 -45.25 0.53
CA ALA D 326 4.51 -44.09 -0.08
C ALA D 326 5.67 -44.52 -0.95
N LYS D 327 6.33 -45.60 -0.57
CA LYS D 327 7.42 -46.15 -1.37
C LYS D 327 6.91 -46.85 -2.61
N SER D 328 5.65 -47.26 -2.60
N SER D 328 5.65 -47.28 -2.55
CA SER D 328 5.10 -47.97 -3.76
CA SER D 328 5.02 -47.97 -3.66
C SER D 328 4.37 -47.05 -4.72
C SER D 328 4.45 -47.03 -4.72
N ARG D 329 4.15 -45.80 -4.31
CA ARG D 329 3.51 -44.81 -5.18
C ARG D 329 4.30 -44.54 -6.46
N VAL D 330 3.69 -44.83 -7.59
CA VAL D 330 4.38 -44.74 -8.88
C VAL D 330 4.52 -43.30 -9.37
N VAL D 331 5.78 -42.87 -9.47
CA VAL D 331 6.12 -41.58 -10.03
C VAL D 331 6.63 -41.79 -11.45
N GLY D 332 6.07 -41.05 -12.41
CA GLY D 332 6.54 -41.12 -13.77
C GLY D 332 5.77 -40.25 -14.74
N ASN D 333 5.88 -40.59 -16.01
CA ASN D 333 5.15 -39.92 -17.08
C ASN D 333 3.64 -39.93 -16.79
N PRO D 334 3.04 -38.75 -16.58
CA PRO D 334 1.63 -38.66 -16.19
C PRO D 334 0.69 -39.23 -17.25
N PHE D 335 1.18 -39.36 -18.49
CA PHE D 335 0.40 -40.01 -19.54
C PHE D 335 0.46 -41.54 -19.47
N ASP D 336 1.39 -42.07 -18.69
CA ASP D 336 1.48 -43.51 -18.50
C ASP D 336 0.45 -43.93 -17.46
N SER D 337 -0.40 -44.89 -17.81
CA SER D 337 -1.54 -45.26 -16.96
C SER D 337 -1.15 -45.79 -15.58
N LYS D 338 0.06 -46.31 -15.44
CA LYS D 338 0.56 -46.81 -14.17
C LYS D 338 0.87 -45.67 -13.20
N THR D 339 1.05 -44.48 -13.74
CA THR D 339 1.51 -43.33 -12.96
C THR D 339 0.46 -42.81 -11.97
N GLU D 340 0.87 -42.72 -10.71
CA GLU D 340 0.01 -42.15 -9.66
C GLU D 340 0.40 -40.71 -9.39
N GLN D 341 1.69 -40.42 -9.56
CA GLN D 341 2.24 -39.10 -9.25
C GLN D 341 3.05 -38.53 -10.39
N GLY D 342 2.60 -37.38 -10.91
CA GLY D 342 3.32 -36.70 -11.95
C GLY D 342 4.35 -35.78 -11.32
N PRO D 343 4.81 -34.77 -12.08
CA PRO D 343 5.76 -33.80 -11.54
C PRO D 343 5.02 -32.69 -10.79
N GLN D 344 5.76 -31.90 -10.03
CA GLN D 344 5.21 -30.67 -9.46
C GLN D 344 4.97 -29.69 -10.60
N VAL D 345 4.30 -28.58 -10.33
CA VAL D 345 3.80 -27.74 -11.41
C VAL D 345 4.88 -26.92 -12.12
N ASP D 346 5.91 -26.51 -11.38
CA ASP D 346 6.99 -25.72 -11.98
C ASP D 346 8.26 -25.75 -11.14
N GLU D 347 9.30 -25.06 -11.61
CA GLU D 347 10.59 -25.07 -10.93
C GLU D 347 10.52 -24.36 -9.58
N THR D 348 9.70 -23.31 -9.53
CA THR D 348 9.52 -22.56 -8.29
C THR D 348 8.97 -23.44 -7.18
N GLN D 349 7.90 -24.18 -7.47
CA GLN D 349 7.32 -25.09 -6.49
C GLN D 349 8.27 -26.21 -6.13
N PHE D 350 8.90 -26.78 -7.15
CA PHE D 350 9.94 -27.79 -7.02
C PHE D 350 10.98 -27.42 -5.95
N LYS D 351 11.54 -26.21 -6.06
CA LYS D 351 12.55 -25.73 -5.10
C LYS D 351 11.97 -25.41 -3.73
N LYS D 352 10.75 -24.91 -3.71
CA LYS D 352 10.08 -24.57 -2.47
C LYS D 352 9.87 -25.85 -1.65
N ILE D 353 9.63 -26.95 -2.35
CA ILE D 353 9.41 -28.22 -1.67
C ILE D 353 10.73 -28.83 -1.18
N LEU D 354 11.79 -28.70 -1.97
CA LEU D 354 13.10 -29.18 -1.55
C LEU D 354 13.58 -28.44 -0.30
N GLY D 355 13.26 -27.15 -0.22
CA GLY D 355 13.58 -26.35 0.93
C GLY D 355 12.83 -26.76 2.19
N TYR D 356 11.55 -27.11 2.04
CA TYR D 356 10.76 -27.59 3.18
C TYR D 356 11.24 -28.96 3.65
N ILE D 357 11.62 -29.81 2.71
CA ILE D 357 12.19 -31.12 3.03
C ILE D 357 13.46 -30.99 3.86
N ASN D 358 14.37 -30.12 3.40
CA ASN D 358 15.61 -29.86 4.13
C ASN D 358 15.32 -29.27 5.51
N THR D 359 14.36 -28.35 5.56
CA THR D 359 13.90 -27.74 6.82
C THR D 359 13.48 -28.79 7.85
N GLY D 360 12.68 -29.77 7.42
CA GLY D 360 12.23 -30.83 8.29
C GLY D 360 13.36 -31.67 8.86
N LYS D 361 14.37 -31.93 8.04
CA LYS D 361 15.55 -32.66 8.48
C LYS D 361 16.37 -31.88 9.51
N GLN D 362 16.51 -30.58 9.28
CA GLN D 362 17.29 -29.73 10.17
C GLN D 362 16.65 -29.60 11.55
N GLU D 363 15.31 -29.55 11.57
CA GLU D 363 14.58 -29.29 12.81
C GLU D 363 14.20 -30.56 13.58
N GLY D 364 14.79 -31.68 13.19
CA GLY D 364 14.69 -32.88 13.98
C GLY D 364 13.56 -33.84 13.65
N ALA D 365 12.85 -33.59 12.55
CA ALA D 365 11.81 -34.52 12.12
C ALA D 365 12.47 -35.77 11.54
N LYS D 366 11.83 -36.92 11.71
CA LYS D 366 12.43 -38.18 11.30
C LYS D 366 12.06 -38.58 9.88
N LEU D 367 13.04 -38.51 8.97
CA LEU D 367 12.83 -38.85 7.57
C LEU D 367 12.72 -40.37 7.41
N LEU D 368 11.56 -40.85 6.99
CA LEU D 368 11.31 -42.28 6.92
C LEU D 368 11.47 -42.85 5.50
N CYS D 369 11.18 -42.04 4.50
CA CYS D 369 11.39 -42.43 3.10
C CYS D 369 11.44 -41.20 2.20
N GLY D 370 11.86 -41.39 0.95
CA GLY D 370 11.96 -40.31 -0.01
C GLY D 370 12.84 -39.17 0.46
N GLY D 371 12.42 -37.93 0.16
CA GLY D 371 13.15 -36.75 0.57
C GLY D 371 14.04 -36.15 -0.50
N GLY D 372 14.02 -36.75 -1.69
CA GLY D 372 14.90 -36.29 -2.76
C GLY D 372 14.23 -36.18 -4.12
N ILE D 373 15.01 -35.78 -5.11
CA ILE D 373 14.56 -35.63 -6.49
C ILE D 373 14.38 -36.99 -7.16
N ALA D 374 13.22 -37.19 -7.79
CA ALA D 374 12.84 -38.50 -8.33
C ALA D 374 13.27 -38.78 -9.77
N ALA D 375 13.69 -37.75 -10.50
CA ALA D 375 14.07 -37.93 -11.91
C ALA D 375 14.97 -36.81 -12.43
N ASP D 376 15.53 -37.01 -13.63
CA ASP D 376 16.48 -36.05 -14.21
C ASP D 376 15.82 -34.89 -14.97
N ARG D 377 14.73 -35.17 -15.68
CA ARG D 377 14.02 -34.13 -16.40
C ARG D 377 12.67 -33.88 -15.71
N GLY D 378 12.21 -32.64 -15.78
CA GLY D 378 10.94 -32.28 -15.17
C GLY D 378 11.11 -31.94 -13.71
N TYR D 379 10.00 -31.86 -12.99
CA TYR D 379 10.03 -31.48 -11.58
C TYR D 379 9.42 -32.55 -10.68
N PHE D 380 10.00 -33.76 -10.74
CA PHE D 380 9.51 -34.88 -9.98
C PHE D 380 10.20 -34.99 -8.62
N ILE D 381 9.40 -35.22 -7.57
CA ILE D 381 9.92 -35.37 -6.21
C ILE D 381 9.42 -36.67 -5.57
N GLN D 382 10.33 -37.37 -4.91
CA GLN D 382 10.00 -38.63 -4.24
C GLN D 382 8.97 -38.40 -3.16
N PRO D 383 7.99 -39.31 -3.05
CA PRO D 383 7.03 -39.23 -1.95
C PRO D 383 7.77 -39.28 -0.62
N THR D 384 7.53 -38.30 0.22
CA THR D 384 8.32 -38.13 1.43
C THR D 384 7.46 -38.23 2.67
N VAL D 385 7.92 -39.00 3.65
CA VAL D 385 7.20 -39.15 4.90
C VAL D 385 8.11 -38.81 6.08
N PHE D 386 7.66 -37.85 6.90
CA PHE D 386 8.34 -37.50 8.13
C PHE D 386 7.56 -38.07 9.31
N GLY D 387 8.27 -38.71 10.24
CA GLY D 387 7.66 -39.23 11.45
C GLY D 387 8.10 -38.46 12.68
N ASP D 388 7.41 -38.68 13.79
CA ASP D 388 7.68 -38.00 15.05
C ASP D 388 7.70 -36.49 14.89
N VAL D 389 6.77 -35.99 14.10
CA VAL D 389 6.66 -34.56 13.86
C VAL D 389 6.04 -33.88 15.09
N GLN D 390 6.60 -32.74 15.48
CA GLN D 390 6.10 -31.99 16.63
C GLN D 390 5.41 -30.71 16.17
N ASP D 391 4.50 -30.21 16.99
CA ASP D 391 3.71 -29.03 16.64
C ASP D 391 4.52 -27.77 16.36
N GLY D 392 5.63 -27.60 17.07
CA GLY D 392 6.45 -26.41 16.91
C GLY D 392 7.27 -26.38 15.63
N MET D 393 7.35 -27.51 14.95
CA MET D 393 8.15 -27.61 13.74
C MET D 393 7.55 -26.82 12.58
N THR D 394 8.41 -26.30 11.71
CA THR D 394 7.98 -25.51 10.56
C THR D 394 7.20 -26.36 9.55
N ILE D 395 7.63 -27.60 9.34
CA ILE D 395 6.92 -28.51 8.45
C ILE D 395 5.54 -28.90 8.99
N ALA D 396 5.32 -28.67 10.29
CA ALA D 396 4.03 -28.94 10.90
C ALA D 396 3.13 -27.70 10.94
N LYS D 397 3.67 -26.55 10.56
CA LYS D 397 2.91 -25.30 10.63
C LYS D 397 2.62 -24.69 9.26
N GLU D 398 3.56 -24.79 8.34
CA GLU D 398 3.44 -24.10 7.06
C GLU D 398 3.03 -25.04 5.94
N GLU D 399 2.20 -24.55 5.03
CA GLU D 399 1.77 -25.32 3.87
C GLU D 399 2.96 -25.61 2.97
N ILE D 400 3.16 -26.89 2.66
CA ILE D 400 4.28 -27.32 1.83
C ILE D 400 3.87 -27.43 0.35
N PHE D 401 2.66 -27.93 0.11
CA PHE D 401 2.12 -28.08 -1.24
C PHE D 401 2.99 -29.01 -2.10
N GLY D 402 3.44 -30.09 -1.48
CA GLY D 402 4.23 -31.09 -2.17
C GLY D 402 4.00 -32.43 -1.50
N PRO D 403 4.52 -33.51 -2.10
CA PRO D 403 4.32 -34.87 -1.60
C PRO D 403 5.14 -35.12 -0.33
N VAL D 404 4.87 -34.32 0.70
CA VAL D 404 5.58 -34.44 1.96
C VAL D 404 4.58 -34.63 3.11
N MET D 405 4.66 -35.79 3.75
CA MET D 405 3.69 -36.18 4.77
C MET D 405 4.26 -36.03 6.16
N GLN D 406 3.47 -35.46 7.08
CA GLN D 406 3.89 -35.28 8.45
C GLN D 406 3.04 -36.18 9.36
N ILE D 407 3.69 -37.04 10.14
CA ILE D 407 2.95 -37.89 11.06
C ILE D 407 3.28 -37.56 12.52
N LEU D 408 2.23 -37.23 13.26
CA LEU D 408 2.38 -36.84 14.65
C LEU D 408 1.64 -37.85 15.51
N LYS D 409 2.12 -38.04 16.73
CA LYS D 409 1.50 -38.98 17.65
C LYS D 409 0.75 -38.22 18.74
N PHE D 410 -0.43 -38.71 19.11
CA PHE D 410 -1.17 -38.13 20.23
C PHE D 410 -1.71 -39.21 21.16
N LYS D 411 -2.26 -38.80 22.29
CA LYS D 411 -2.70 -39.75 23.30
C LYS D 411 -4.21 -39.71 23.53
N THR D 412 -4.72 -38.53 23.87
CA THR D 412 -6.13 -38.39 24.22
C THR D 412 -6.90 -37.52 23.22
N ILE D 413 -8.22 -37.68 23.22
CA ILE D 413 -9.07 -37.00 22.27
C ILE D 413 -9.17 -35.50 22.54
N GLU D 414 -9.01 -35.09 23.80
CA GLU D 414 -9.11 -33.68 24.17
C GLU D 414 -7.79 -32.97 23.89
N GLU D 415 -6.71 -33.74 23.87
CA GLU D 415 -5.40 -33.23 23.50
C GLU D 415 -5.31 -32.94 22.01
N VAL D 416 -5.77 -33.89 21.19
CA VAL D 416 -5.68 -33.75 19.74
C VAL D 416 -6.58 -32.62 19.24
N VAL D 417 -7.67 -32.36 19.95
CA VAL D 417 -8.53 -31.21 19.68
C VAL D 417 -7.74 -29.89 19.76
N GLY D 418 -7.06 -29.69 20.88
CA GLY D 418 -6.29 -28.48 21.09
C GLY D 418 -5.15 -28.32 20.09
N ARG D 419 -4.50 -29.43 19.76
CA ARG D 419 -3.35 -29.41 18.86
C ARG D 419 -3.75 -29.23 17.40
N ALA D 420 -4.86 -29.85 17.00
CA ALA D 420 -5.36 -29.69 15.64
C ALA D 420 -5.89 -28.27 15.41
N ASN D 421 -6.49 -27.69 16.44
CA ASN D 421 -7.05 -26.35 16.36
C ASN D 421 -5.99 -25.26 16.50
N ASN D 422 -4.84 -25.62 17.06
CA ASN D 422 -3.77 -24.65 17.24
C ASN D 422 -3.09 -24.38 15.90
N SER D 423 -3.74 -23.54 15.10
CA SER D 423 -3.26 -23.20 13.77
C SER D 423 -3.95 -21.94 13.28
N THR D 424 -3.27 -21.15 12.46
CA THR D 424 -3.90 -19.98 11.84
C THR D 424 -4.66 -20.38 10.59
N TYR D 425 -4.52 -21.65 10.21
CA TYR D 425 -5.25 -22.22 9.08
C TYR D 425 -6.50 -22.95 9.60
N GLY D 426 -7.50 -23.12 8.74
CA GLY D 426 -8.72 -23.81 9.12
C GLY D 426 -9.56 -24.19 7.91
N LEU D 427 -8.93 -24.85 6.94
CA LEU D 427 -9.63 -25.17 5.69
C LEU D 427 -10.38 -26.48 5.79
N ALA D 428 -9.69 -27.53 6.23
CA ALA D 428 -10.30 -28.85 6.31
C ALA D 428 -9.79 -29.61 7.52
N ALA D 429 -10.42 -30.74 7.80
CA ALA D 429 -9.98 -31.63 8.87
C ALA D 429 -10.68 -32.96 8.67
N ALA D 430 -10.15 -34.00 9.33
CA ALA D 430 -10.78 -35.30 9.22
C ALA D 430 -10.65 -36.13 10.50
N VAL D 431 -11.61 -37.01 10.70
CA VAL D 431 -11.61 -37.90 11.84
C VAL D 431 -11.91 -39.32 11.37
N PHE D 432 -11.04 -40.26 11.72
CA PHE D 432 -11.28 -41.66 11.43
C PHE D 432 -11.53 -42.42 12.73
N THR D 433 -12.75 -42.92 12.88
CA THR D 433 -13.18 -43.58 14.10
C THR D 433 -14.43 -44.37 13.80
N LYS D 434 -14.69 -45.40 14.59
CA LYS D 434 -15.90 -46.19 14.43
C LYS D 434 -16.94 -45.78 15.47
N ASP D 435 -16.49 -44.99 16.44
CA ASP D 435 -17.34 -44.56 17.54
C ASP D 435 -18.21 -43.37 17.17
N LEU D 436 -19.52 -43.50 17.40
CA LEU D 436 -20.49 -42.45 17.13
C LEU D 436 -20.17 -41.17 17.90
N ASP D 437 -19.90 -41.31 19.19
CA ASP D 437 -19.65 -40.16 20.07
C ASP D 437 -18.35 -39.41 19.78
N LYS D 438 -17.30 -40.14 19.43
CA LYS D 438 -16.04 -39.49 19.09
C LYS D 438 -16.15 -38.69 17.81
N ALA D 439 -16.86 -39.23 16.83
CA ALA D 439 -17.04 -38.54 15.56
C ALA D 439 -17.83 -37.25 15.76
N ASN D 440 -18.94 -37.33 16.47
CA ASN D 440 -19.77 -36.15 16.73
C ASN D 440 -19.04 -35.07 17.55
N TYR D 441 -18.27 -35.50 18.53
CA TYR D 441 -17.51 -34.56 19.37
C TYR D 441 -16.42 -33.85 18.57
N LEU D 442 -15.72 -34.61 17.74
CA LEU D 442 -14.62 -34.06 16.94
C LEU D 442 -15.08 -33.15 15.81
N SER D 443 -16.09 -33.60 15.05
CA SER D 443 -16.63 -32.80 13.96
C SER D 443 -17.13 -31.44 14.45
N GLN D 444 -17.75 -31.43 15.63
CA GLN D 444 -18.20 -30.17 16.23
C GLN D 444 -17.06 -29.32 16.80
N ALA D 445 -16.02 -29.98 17.32
CA ALA D 445 -14.92 -29.29 18.01
C ALA D 445 -13.84 -28.72 17.08
N LEU D 446 -13.65 -29.34 15.92
CA LEU D 446 -12.59 -28.94 14.99
C LEU D 446 -12.93 -27.63 14.26
N GLN D 447 -12.01 -26.67 14.34
CA GLN D 447 -12.20 -25.37 13.70
C GLN D 447 -11.75 -25.40 12.24
N ALA D 448 -12.59 -25.98 11.39
CA ALA D 448 -12.26 -26.19 9.99
C ALA D 448 -13.51 -26.06 9.14
N GLY D 449 -13.37 -25.54 7.93
CA GLY D 449 -14.52 -25.33 7.05
C GLY D 449 -15.21 -26.61 6.62
N THR D 450 -14.41 -27.63 6.35
CA THR D 450 -14.93 -28.96 6.02
C THR D 450 -14.32 -30.01 6.95
N VAL D 451 -15.17 -30.82 7.58
CA VAL D 451 -14.69 -31.96 8.34
C VAL D 451 -15.17 -33.25 7.69
N TRP D 452 -14.22 -34.12 7.33
CA TRP D 452 -14.57 -35.42 6.78
C TRP D 452 -14.51 -36.49 7.86
N VAL D 453 -15.53 -37.33 7.92
CA VAL D 453 -15.54 -38.45 8.85
C VAL D 453 -15.38 -39.76 8.10
N ASN D 454 -14.32 -40.51 8.42
CA ASN D 454 -14.01 -41.77 7.76
C ASN D 454 -13.84 -41.67 6.24
N CYS D 455 -13.47 -40.49 5.78
CA CYS D 455 -13.13 -40.27 4.38
C CYS D 455 -12.21 -39.04 4.27
N TYR D 456 -11.83 -38.69 3.05
CA TYR D 456 -11.07 -37.46 2.81
C TYR D 456 -11.19 -37.02 1.36
N ASP D 457 -11.09 -35.70 1.15
CA ASP D 457 -11.17 -35.10 -0.17
C ASP D 457 -12.43 -35.52 -0.93
N VAL D 458 -13.53 -35.66 -0.18
CA VAL D 458 -14.82 -35.90 -0.81
C VAL D 458 -15.51 -34.57 -1.05
N PHE D 459 -15.48 -34.14 -2.30
CA PHE D 459 -16.10 -32.88 -2.69
C PHE D 459 -17.36 -33.18 -3.49
N GLY D 460 -18.35 -32.31 -3.35
CA GLY D 460 -19.54 -32.37 -4.15
C GLY D 460 -19.94 -30.95 -4.47
N ALA D 461 -20.54 -30.73 -5.63
CA ALA D 461 -20.92 -29.38 -6.04
C ALA D 461 -22.01 -28.82 -5.11
N GLN D 462 -22.65 -29.72 -4.39
CA GLN D 462 -23.78 -29.40 -3.51
C GLN D 462 -23.35 -28.89 -2.13
N SER D 463 -22.19 -29.31 -1.65
CA SER D 463 -21.72 -28.96 -0.32
C SER D 463 -20.64 -27.88 -0.34
N PRO D 464 -20.87 -26.80 0.42
CA PRO D 464 -19.96 -25.64 0.44
C PRO D 464 -18.55 -25.96 0.91
N PHE D 465 -17.60 -25.13 0.49
CA PHE D 465 -16.20 -25.31 0.83
C PHE D 465 -15.53 -23.95 0.99
N GLY D 466 -14.67 -23.84 2.00
CA GLY D 466 -14.01 -22.59 2.31
C GLY D 466 -13.35 -22.69 3.67
N GLY D 467 -12.57 -21.68 4.04
CA GLY D 467 -11.81 -21.76 5.27
C GLY D 467 -12.34 -21.02 6.50
N TYR D 468 -11.90 -21.49 7.66
CA TYR D 468 -11.93 -20.73 8.90
C TYR D 468 -10.64 -19.94 8.97
N LYS D 469 -10.59 -18.94 9.85
CA LYS D 469 -9.37 -18.16 10.10
C LYS D 469 -8.70 -17.62 8.83
N MET D 470 -7.42 -17.91 8.66
CA MET D 470 -6.66 -17.34 7.54
C MET D 470 -6.64 -18.26 6.30
N SER D 471 -7.49 -19.29 6.30
CA SER D 471 -7.65 -20.15 5.12
C SER D 471 -8.62 -19.54 4.13
N GLY D 472 -9.17 -18.38 4.48
CA GLY D 472 -10.08 -17.68 3.60
C GLY D 472 -11.35 -17.22 4.30
N SER D 473 -12.26 -16.64 3.53
CA SER D 473 -13.54 -16.18 4.03
C SER D 473 -14.58 -16.34 2.92
N GLY D 474 -15.80 -16.69 3.31
CA GLY D 474 -16.83 -16.98 2.32
C GLY D 474 -16.75 -18.45 1.93
N ARG D 475 -17.76 -18.90 1.20
CA ARG D 475 -17.83 -20.28 0.78
C ARG D 475 -18.07 -20.39 -0.72
N GLU D 476 -17.49 -21.42 -1.31
CA GLU D 476 -17.80 -21.78 -2.68
C GLU D 476 -18.54 -23.11 -2.71
N LEU D 477 -19.17 -23.41 -3.84
CA LEU D 477 -20.01 -24.59 -4.01
C LEU D 477 -21.31 -24.52 -3.20
N GLY D 478 -22.28 -25.35 -3.57
CA GLY D 478 -23.58 -25.36 -2.92
C GLY D 478 -24.37 -24.07 -3.12
N GLU D 479 -25.43 -23.91 -2.34
CA GLU D 479 -26.22 -22.68 -2.38
C GLU D 479 -25.41 -21.52 -1.84
N TYR D 480 -24.55 -21.81 -0.87
CA TYR D 480 -23.73 -20.78 -0.25
C TYR D 480 -22.86 -20.02 -1.26
N GLY D 481 -22.44 -20.73 -2.32
CA GLY D 481 -21.58 -20.16 -3.33
C GLY D 481 -22.21 -19.04 -4.14
N LEU D 482 -23.52 -18.87 -4.02
CA LEU D 482 -24.25 -17.84 -4.75
C LEU D 482 -24.27 -16.53 -3.98
N GLN D 483 -24.07 -16.61 -2.67
CA GLN D 483 -24.18 -15.45 -1.78
C GLN D 483 -23.24 -14.30 -2.15
N ALA D 484 -22.00 -14.63 -2.53
CA ALA D 484 -21.03 -13.58 -2.85
C ALA D 484 -21.27 -12.98 -4.24
N TYR D 485 -22.14 -13.60 -5.02
CA TYR D 485 -22.42 -13.11 -6.37
C TYR D 485 -23.77 -12.41 -6.44
N THR D 486 -24.31 -12.10 -5.27
CA THR D 486 -25.61 -11.44 -5.17
C THR D 486 -25.51 -10.10 -4.47
N GLU D 487 -26.06 -9.06 -5.12
CA GLU D 487 -26.27 -7.79 -4.47
C GLU D 487 -27.73 -7.72 -4.06
N VAL D 488 -27.99 -7.61 -2.77
CA VAL D 488 -29.36 -7.62 -2.27
C VAL D 488 -29.96 -6.21 -2.25
N LYS D 489 -31.05 -6.03 -2.98
CA LYS D 489 -31.76 -4.75 -3.00
C LYS D 489 -33.09 -4.86 -2.27
N THR D 490 -33.35 -3.92 -1.38
CA THR D 490 -34.62 -3.88 -0.67
C THR D 490 -35.52 -2.86 -1.33
N VAL D 491 -36.72 -3.28 -1.72
CA VAL D 491 -37.72 -2.36 -2.22
C VAL D 491 -38.86 -2.31 -1.21
N THR D 492 -39.11 -1.12 -0.67
CA THR D 492 -40.15 -0.92 0.33
C THR D 492 -41.17 0.09 -0.16
N VAL D 493 -42.37 -0.40 -0.46
CA VAL D 493 -43.41 0.37 -1.12
C VAL D 493 -44.53 0.75 -0.15
N LYS D 494 -44.93 2.03 -0.18
CA LYS D 494 -46.10 2.48 0.56
C LYS D 494 -47.35 1.91 -0.09
N VAL D 495 -48.18 1.23 0.71
CA VAL D 495 -49.42 0.67 0.21
C VAL D 495 -50.59 1.30 0.97
N PRO D 496 -51.80 1.30 0.38
CA PRO D 496 -52.95 1.93 1.05
C PRO D 496 -53.30 1.26 2.40
N GLN D 497 -53.27 -0.07 2.45
CA GLN D 497 -53.55 -0.78 3.69
C GLN D 497 -52.91 -2.17 3.72
N LYS D 498 -51.90 -2.33 4.58
CA LYS D 498 -51.25 -3.61 4.82
C LYS D 498 -52.18 -4.58 5.54
N ASN D 499 -52.28 -5.78 4.99
CA ASN D 499 -53.00 -6.89 5.63
C ASN D 499 -52.11 -8.13 5.61
N SER D 500 -52.34 -9.05 6.55
CA SER D 500 -51.64 -10.33 6.54
C SER D 500 -52.01 -11.14 5.31
N VAL E 8 25.78 51.50 -28.47
CA VAL E 8 26.94 52.03 -27.76
C VAL E 8 26.88 53.56 -27.67
N PRO E 9 26.89 54.09 -26.43
CA PRO E 9 26.75 55.51 -26.15
C PRO E 9 27.86 56.34 -26.78
N ALA E 10 27.60 57.61 -27.04
CA ALA E 10 28.54 58.50 -27.69
C ALA E 10 29.80 58.71 -26.87
N PRO E 11 30.97 58.57 -27.51
CA PRO E 11 32.23 58.82 -26.81
C PRO E 11 32.50 60.31 -26.60
N ASN E 12 33.07 60.61 -25.44
CA ASN E 12 33.62 61.92 -25.18
C ASN E 12 35.11 61.81 -25.41
N GLN E 13 35.61 62.45 -26.47
CA GLN E 13 37.02 62.31 -26.81
C GLN E 13 37.91 63.15 -25.90
N GLN E 14 37.30 64.03 -25.13
CA GLN E 14 38.03 64.82 -24.15
C GLN E 14 37.40 64.69 -22.77
N PRO E 15 37.42 63.48 -22.20
CA PRO E 15 36.79 63.32 -20.89
C PRO E 15 37.65 63.97 -19.81
N GLU E 16 36.99 64.66 -18.88
CA GLU E 16 37.68 65.41 -17.83
C GLU E 16 38.16 64.52 -16.70
N VAL E 17 39.38 64.77 -16.22
CA VAL E 17 39.96 64.02 -15.11
C VAL E 17 39.60 64.64 -13.76
N PHE E 18 39.12 63.80 -12.84
CA PHE E 18 38.71 64.25 -11.51
C PHE E 18 39.63 63.74 -10.41
N CYS E 19 40.42 62.72 -10.72
CA CYS E 19 41.28 62.10 -9.72
C CYS E 19 42.70 61.90 -10.25
N ASN E 20 43.68 62.48 -9.55
CA ASN E 20 45.07 62.36 -9.97
C ASN E 20 46.05 62.40 -8.80
N GLN E 21 45.60 61.92 -7.64
CA GLN E 21 46.44 61.93 -6.45
C GLN E 21 46.55 60.56 -5.80
N ILE E 22 47.14 60.51 -4.62
CA ILE E 22 47.27 59.27 -3.87
C ILE E 22 46.01 59.02 -3.05
N PHE E 23 45.49 57.80 -3.14
CA PHE E 23 44.26 57.44 -2.45
C PHE E 23 44.59 56.64 -1.19
N ILE E 24 44.48 57.29 -0.03
CA ILE E 24 44.74 56.64 1.25
C ILE E 24 43.65 56.99 2.27
N ASN E 25 43.05 55.97 2.88
CA ASN E 25 41.96 56.15 3.85
C ASN E 25 40.77 56.91 3.27
N ASN E 26 40.44 56.62 2.01
CA ASN E 26 39.31 57.26 1.30
C ASN E 26 39.46 58.77 1.18
N GLU E 27 40.70 59.24 1.21
CA GLU E 27 41.01 60.66 1.03
C GLU E 27 42.15 60.81 0.01
N TRP E 28 42.23 61.96 -0.64
CA TRP E 28 43.23 62.20 -1.68
C TRP E 28 44.44 62.99 -1.17
N HIS E 29 45.63 62.49 -1.45
CA HIS E 29 46.86 63.07 -0.94
C HIS E 29 47.85 63.36 -2.06
N ASP E 30 48.54 64.49 -1.96
CA ASP E 30 49.71 64.73 -2.81
C ASP E 30 50.81 63.76 -2.34
N ALA E 31 51.75 63.46 -3.23
CA ALA E 31 52.93 62.72 -2.81
C ALA E 31 53.67 63.52 -1.74
N VAL E 32 54.29 62.83 -0.81
CA VAL E 32 55.05 63.48 0.27
C VAL E 32 56.05 64.51 -0.26
N SER E 33 56.71 64.18 -1.37
CA SER E 33 57.69 65.06 -2.00
C SER E 33 57.01 66.17 -2.82
N ARG E 34 55.70 66.04 -2.98
CA ARG E 34 54.86 66.93 -3.80
C ARG E 34 55.10 66.80 -5.31
N LYS E 35 56.03 65.93 -5.69
CA LYS E 35 56.33 65.69 -7.10
C LYS E 35 55.14 65.04 -7.84
N THR E 36 55.07 65.28 -9.14
CA THR E 36 54.06 64.68 -10.00
C THR E 36 54.72 64.17 -11.26
N PHE E 37 54.03 63.27 -11.97
CA PHE E 37 54.53 62.76 -13.25
C PHE E 37 53.45 62.87 -14.33
N PRO E 38 53.86 63.05 -15.58
CA PRO E 38 52.87 63.17 -16.67
C PRO E 38 52.36 61.82 -17.17
N THR E 39 51.07 61.77 -17.51
CA THR E 39 50.52 60.64 -18.24
C THR E 39 50.05 61.14 -19.61
N VAL E 40 50.46 60.41 -20.64
CA VAL E 40 50.28 60.83 -22.04
C VAL E 40 49.08 60.15 -22.74
N ASN E 41 48.47 60.87 -23.67
CA ASN E 41 47.51 60.28 -24.60
C ASN E 41 48.32 59.73 -25.77
N PRO E 42 48.36 58.39 -25.92
CA PRO E 42 49.20 57.72 -26.93
C PRO E 42 48.71 57.93 -28.36
N SER E 43 47.52 58.48 -28.52
CA SER E 43 47.00 58.73 -29.86
C SER E 43 47.55 60.04 -30.42
N THR E 44 48.00 60.90 -29.52
CA THR E 44 48.49 62.23 -29.91
C THR E 44 49.90 62.48 -29.37
N GLY E 45 50.31 61.68 -28.40
CA GLY E 45 51.62 61.85 -27.78
C GLY E 45 51.63 63.01 -26.80
N GLU E 46 50.48 63.66 -26.63
CA GLU E 46 50.39 64.82 -25.75
C GLU E 46 50.05 64.44 -24.32
N VAL E 47 50.52 65.25 -23.37
CA VAL E 47 50.27 65.01 -21.95
C VAL E 47 48.82 65.29 -21.60
N ILE E 48 48.19 64.36 -20.87
CA ILE E 48 46.81 64.53 -20.44
C ILE E 48 46.78 65.38 -19.17
N CYS E 49 47.47 64.91 -18.13
CA CYS E 49 47.54 65.62 -16.86
C CYS E 49 48.70 65.12 -15.99
N GLN E 50 48.91 65.80 -14.87
CA GLN E 50 49.91 65.38 -13.90
C GLN E 50 49.28 64.46 -12.86
N VAL E 51 50.03 63.44 -12.45
CA VAL E 51 49.58 62.51 -11.42
C VAL E 51 50.59 62.51 -10.28
N ALA E 52 50.08 62.50 -9.05
CA ALA E 52 50.94 62.46 -7.87
C ALA E 52 51.91 61.29 -7.97
N GLU E 53 53.19 61.57 -7.75
CA GLU E 53 54.22 60.56 -7.91
C GLU E 53 54.53 59.91 -6.57
N GLY E 54 53.74 58.91 -6.21
CA GLY E 54 53.93 58.20 -4.96
C GLY E 54 55.27 57.49 -4.90
N ASP E 55 55.92 57.56 -3.74
CA ASP E 55 57.19 56.86 -3.53
C ASP E 55 57.11 56.02 -2.24
N LYS E 56 58.26 55.69 -1.69
CA LYS E 56 58.37 54.84 -0.51
C LYS E 56 57.61 55.35 0.72
N GLU E 57 57.72 56.64 1.04
CA GLU E 57 57.04 57.18 2.22
C GLU E 57 55.53 57.26 2.03
N ASP E 58 55.08 57.30 0.78
CA ASP E 58 53.65 57.34 0.50
C ASP E 58 53.05 55.94 0.64
N VAL E 59 53.83 54.96 0.22
CA VAL E 59 53.48 53.55 0.36
C VAL E 59 53.40 53.17 1.84
N ASP E 60 54.32 53.71 2.63
CA ASP E 60 54.34 53.49 4.08
C ASP E 60 53.06 53.97 4.74
N LYS E 61 52.57 55.14 4.33
CA LYS E 61 51.31 55.66 4.85
C LYS E 61 50.15 54.81 4.39
N ALA E 62 50.28 54.24 3.20
CA ALA E 62 49.23 53.39 2.65
C ALA E 62 49.17 52.07 3.41
N VAL E 63 50.34 51.55 3.78
CA VAL E 63 50.39 50.30 4.53
C VAL E 63 49.87 50.49 5.96
N LYS E 64 50.24 51.61 6.59
CA LYS E 64 49.72 51.93 7.92
C LYS E 64 48.21 52.07 7.92
N ALA E 65 47.65 52.59 6.83
CA ALA E 65 46.22 52.74 6.69
C ALA E 65 45.54 51.38 6.59
N ALA E 66 46.05 50.55 5.68
CA ALA E 66 45.53 49.20 5.48
C ALA E 66 45.65 48.34 6.73
N ARG E 67 46.80 48.43 7.40
CA ARG E 67 47.04 47.67 8.63
C ARG E 67 46.01 48.00 9.70
N ALA E 68 45.71 49.29 9.84
CA ALA E 68 44.73 49.74 10.82
C ALA E 68 43.32 49.28 10.45
N ALA E 69 43.07 49.17 9.15
CA ALA E 69 41.76 48.73 8.66
C ALA E 69 41.56 47.22 8.85
N PHE E 70 42.66 46.50 9.03
CA PHE E 70 42.63 45.04 9.15
C PHE E 70 42.74 44.60 10.61
N GLN E 71 42.76 45.55 11.54
CA GLN E 71 42.84 45.24 12.96
C GLN E 71 41.63 44.45 13.43
N LEU E 72 41.84 43.51 14.34
CA LEU E 72 40.76 42.71 14.90
C LEU E 72 39.70 43.60 15.53
N GLY E 73 38.45 43.40 15.16
CA GLY E 73 37.36 44.19 15.72
C GLY E 73 37.04 45.45 14.95
N SER E 74 37.72 45.66 13.82
CA SER E 74 37.46 46.82 12.97
C SER E 74 36.19 46.58 12.14
N PRO E 75 35.59 47.66 11.62
CA PRO E 75 34.38 47.54 10.80
C PRO E 75 34.54 46.53 9.65
N TRP E 76 35.72 46.50 9.04
CA TRP E 76 35.98 45.59 7.92
C TRP E 76 36.20 44.15 8.38
N ARG E 77 36.75 43.97 9.57
CA ARG E 77 36.95 42.63 10.10
C ARG E 77 35.63 42.05 10.63
N ARG E 78 34.78 42.91 11.19
CA ARG E 78 33.53 42.47 11.82
C ARG E 78 32.40 42.38 10.81
N MET E 79 32.59 42.99 9.66
CA MET E 79 31.57 43.03 8.62
C MET E 79 31.19 41.64 8.16
N ASP E 80 29.88 41.40 8.04
CA ASP E 80 29.38 40.14 7.50
C ASP E 80 29.97 39.87 6.13
N ALA E 81 30.32 38.62 5.88
CA ALA E 81 30.87 38.19 4.60
C ALA E 81 29.88 38.48 3.48
N SER E 82 28.60 38.28 3.76
CA SER E 82 27.56 38.59 2.78
C SER E 82 27.52 40.08 2.48
N HIS E 83 27.92 40.91 3.46
CA HIS E 83 27.90 42.35 3.27
C HIS E 83 29.07 42.85 2.41
N ARG E 84 30.19 42.13 2.47
CA ARG E 84 31.28 42.36 1.53
C ARG E 84 30.75 42.13 0.11
N GLY E 85 29.91 41.11 -0.02
CA GLY E 85 29.24 40.82 -1.29
C GLY E 85 28.42 41.99 -1.79
N ARG E 86 27.59 42.55 -0.91
CA ARG E 86 26.77 43.70 -1.23
C ARG E 86 27.60 44.91 -1.66
N LEU E 87 28.77 45.05 -1.04
CA LEU E 87 29.66 46.18 -1.34
C LEU E 87 30.34 46.04 -2.70
N LEU E 88 30.72 44.81 -3.05
CA LEU E 88 31.30 44.53 -4.36
C LEU E 88 30.26 44.68 -5.45
N ASN E 89 29.01 44.32 -5.14
CA ASN E 89 27.92 44.51 -6.10
C ASN E 89 27.56 45.98 -6.29
N ARG E 90 27.58 46.73 -5.20
CA ARG E 90 27.31 48.16 -5.24
C ARG E 90 28.39 48.88 -6.06
N LEU E 91 29.65 48.50 -5.83
CA LEU E 91 30.75 49.05 -6.62
C LEU E 91 30.55 48.77 -8.10
N ALA E 92 30.06 47.58 -8.41
CA ALA E 92 29.76 47.18 -9.78
C ALA E 92 28.66 48.03 -10.40
N ASP E 93 27.66 48.38 -9.59
CA ASP E 93 26.57 49.23 -10.08
C ASP E 93 27.05 50.65 -10.36
N LEU E 94 27.99 51.15 -9.56
CA LEU E 94 28.53 52.49 -9.74
C LEU E 94 29.44 52.58 -10.97
N ILE E 95 30.19 51.51 -11.21
CA ILE E 95 30.99 51.43 -12.42
C ILE E 95 30.09 51.35 -13.67
N GLU E 96 28.98 50.62 -13.57
CA GLU E 96 28.02 50.56 -14.68
C GLU E 96 27.32 51.90 -14.90
N ARG E 97 27.10 52.64 -13.82
CA ARG E 97 26.52 53.98 -13.93
C ARG E 97 27.45 54.89 -14.70
N ASP E 98 28.76 54.76 -14.43
CA ASP E 98 29.78 55.59 -15.08
C ASP E 98 30.51 54.81 -16.17
N ARG E 99 29.81 53.86 -16.79
CA ARG E 99 30.41 52.99 -17.81
C ARG E 99 30.90 53.74 -19.03
N THR E 100 30.12 54.70 -19.50
CA THR E 100 30.49 55.46 -20.70
C THR E 100 31.72 56.33 -20.45
N TYR E 101 31.69 57.10 -19.37
CA TYR E 101 32.83 57.94 -18.99
C TYR E 101 34.11 57.12 -18.81
N LEU E 102 33.98 55.96 -18.17
CA LEU E 102 35.13 55.12 -17.84
C LEU E 102 35.74 54.47 -19.08
N ALA E 103 34.90 54.14 -20.05
CA ALA E 103 35.37 53.55 -21.30
C ALA E 103 36.14 54.59 -22.10
N ALA E 104 35.67 55.84 -22.04
CA ALA E 104 36.32 56.94 -22.76
C ALA E 104 37.65 57.32 -22.12
N LEU E 105 37.66 57.42 -20.79
CA LEU E 105 38.87 57.70 -20.04
C LEU E 105 39.90 56.58 -20.20
N GLU E 106 39.42 55.35 -20.33
CA GLU E 106 40.29 54.20 -20.54
C GLU E 106 41.01 54.33 -21.88
N THR E 107 40.23 54.53 -22.94
CA THR E 107 40.73 54.78 -24.28
C THR E 107 41.73 55.94 -24.35
N LEU E 108 41.38 57.04 -23.68
CA LEU E 108 42.21 58.24 -23.71
C LEU E 108 43.62 58.00 -23.17
N ASP E 109 43.68 57.27 -22.05
CA ASP E 109 44.94 57.04 -21.35
C ASP E 109 45.70 55.84 -21.93
N ASN E 110 44.95 54.85 -22.43
CA ASN E 110 45.52 53.59 -22.90
C ASN E 110 45.75 53.52 -24.41
N GLY E 111 44.77 53.95 -25.19
CA GLY E 111 44.88 53.91 -26.64
C GLY E 111 43.94 52.92 -27.31
N LYS E 112 43.44 51.95 -26.54
CA LYS E 112 42.55 50.93 -27.07
C LYS E 112 41.24 51.54 -27.59
N PRO E 113 40.66 50.94 -28.65
CA PRO E 113 39.42 51.44 -29.25
C PRO E 113 38.30 51.62 -28.24
N TYR E 114 37.58 52.73 -28.33
CA TYR E 114 36.52 53.06 -27.38
C TYR E 114 35.40 52.02 -27.36
N VAL E 115 35.08 51.48 -28.54
CA VAL E 115 34.05 50.44 -28.64
C VAL E 115 34.46 49.20 -27.85
N ILE E 116 35.74 48.87 -27.89
CA ILE E 116 36.28 47.74 -27.14
C ILE E 116 36.36 48.04 -25.64
N SER E 117 36.79 49.25 -25.29
CA SER E 117 36.79 49.70 -23.90
C SER E 117 35.40 49.59 -23.30
N TYR E 118 34.38 49.95 -24.08
CA TYR E 118 33.02 49.96 -23.59
C TYR E 118 32.38 48.57 -23.56
N LEU E 119 32.51 47.84 -24.66
CA LEU E 119 31.79 46.58 -24.84
C LEU E 119 32.50 45.37 -24.25
N VAL E 120 33.82 45.46 -24.14
CA VAL E 120 34.60 44.34 -23.64
C VAL E 120 35.15 44.62 -22.24
N ASP E 121 36.12 45.55 -22.15
CA ASP E 121 36.80 45.84 -20.88
C ASP E 121 35.84 46.15 -19.74
N LEU E 122 34.97 47.13 -19.95
CA LEU E 122 34.01 47.52 -18.93
C LEU E 122 33.02 46.40 -18.60
N ASP E 123 32.66 45.61 -19.61
CA ASP E 123 31.76 44.49 -19.40
C ASP E 123 32.41 43.40 -18.53
N MET E 124 33.67 43.11 -18.81
N MET E 124 33.67 43.10 -18.81
CA MET E 124 34.40 42.08 -18.07
CA MET E 124 34.38 42.08 -18.05
C MET E 124 34.73 42.55 -16.65
C MET E 124 34.72 42.55 -16.64
N VAL E 125 34.95 43.85 -16.49
CA VAL E 125 35.17 44.44 -15.17
C VAL E 125 33.93 44.24 -14.30
N LEU E 126 32.77 44.59 -14.84
CA LEU E 126 31.50 44.38 -14.18
C LEU E 126 31.28 42.91 -13.80
N LYS E 127 31.42 42.03 -14.79
CA LYS E 127 31.23 40.60 -14.57
C LYS E 127 32.22 40.00 -13.58
N CYS E 128 33.44 40.55 -13.55
CA CYS E 128 34.45 40.09 -12.59
C CYS E 128 34.05 40.45 -11.17
N LEU E 129 33.65 41.70 -10.97
CA LEU E 129 33.28 42.18 -9.65
C LEU E 129 32.03 41.47 -9.14
N ARG E 130 31.06 41.28 -10.03
CA ARG E 130 29.80 40.64 -9.67
C ARG E 130 29.97 39.15 -9.45
N TYR E 131 30.96 38.54 -10.10
CA TYR E 131 31.27 37.15 -9.87
C TYR E 131 31.84 36.96 -8.46
N TYR E 132 32.82 37.80 -8.11
CA TYR E 132 33.48 37.65 -6.82
C TYR E 132 32.62 38.09 -5.65
N ALA E 133 31.71 39.03 -5.89
CA ALA E 133 30.74 39.43 -4.90
C ALA E 133 29.97 38.20 -4.42
N GLY E 134 29.69 37.29 -5.34
CA GLY E 134 28.98 36.06 -5.03
C GLY E 134 29.79 35.11 -4.18
N TRP E 135 31.11 35.18 -4.32
CA TRP E 135 32.01 34.31 -3.57
C TRP E 135 32.20 34.75 -2.12
N ALA E 136 31.82 35.99 -1.82
CA ALA E 136 32.09 36.59 -0.51
C ALA E 136 31.73 35.71 0.71
N ASP E 137 30.57 35.06 0.65
CA ASP E 137 30.09 34.27 1.79
C ASP E 137 29.96 32.78 1.46
N LYS E 138 30.86 32.26 0.65
CA LYS E 138 30.74 30.89 0.15
C LYS E 138 32.05 30.12 0.10
N TYR E 139 33.15 30.76 0.49
CA TYR E 139 34.44 30.10 0.43
C TYR E 139 34.76 29.37 1.74
N HIS E 140 34.07 28.25 1.96
CA HIS E 140 34.09 27.55 3.25
C HIS E 140 35.42 26.94 3.66
N GLY E 141 35.69 26.96 4.96
CA GLY E 141 36.72 26.11 5.55
C GLY E 141 36.17 24.70 5.72
N LYS E 142 36.89 23.85 6.42
CA LYS E 142 36.51 22.44 6.55
C LYS E 142 36.40 21.97 8.00
N THR E 143 35.49 21.03 8.25
CA THR E 143 35.53 20.26 9.50
C THR E 143 36.12 18.91 9.16
N ILE E 144 37.12 18.51 9.94
CA ILE E 144 38.05 17.45 9.53
C ILE E 144 38.09 16.30 10.54
N PRO E 145 37.85 15.07 10.05
CA PRO E 145 37.74 13.88 10.91
C PRO E 145 39.08 13.34 11.42
N ILE E 146 39.83 14.18 12.11
CA ILE E 146 41.15 13.82 12.65
C ILE E 146 41.08 12.66 13.65
N ASP E 147 42.21 11.97 13.86
CA ASP E 147 42.27 10.86 14.81
C ASP E 147 42.13 11.36 16.25
N GLY E 148 41.82 10.43 17.16
CA GLY E 148 41.77 10.75 18.58
C GLY E 148 40.53 11.50 19.01
N ASP E 149 40.42 11.75 20.30
CA ASP E 149 39.29 12.49 20.84
C ASP E 149 39.46 13.98 20.65
N PHE E 150 39.31 14.43 19.41
CA PHE E 150 39.45 15.84 19.09
C PHE E 150 38.44 16.26 18.05
N PHE E 151 38.15 17.55 18.00
CA PHE E 151 37.42 18.11 16.87
C PHE E 151 38.33 19.10 16.16
N SER E 152 38.63 18.83 14.90
CA SER E 152 39.49 19.71 14.12
C SER E 152 38.73 20.38 12.99
N TYR E 153 39.02 21.65 12.76
CA TYR E 153 38.43 22.38 11.65
C TYR E 153 39.35 23.47 11.11
N THR E 154 39.00 24.03 9.97
CA THR E 154 39.77 25.15 9.43
C THR E 154 38.96 26.44 9.33
N ARG E 155 39.64 27.55 9.61
CA ARG E 155 39.07 28.86 9.35
C ARG E 155 39.78 29.43 8.14
N HIS E 156 39.00 29.90 7.17
CA HIS E 156 39.59 30.56 6.02
C HIS E 156 39.63 32.06 6.28
N GLU E 157 40.79 32.53 6.75
CA GLU E 157 40.95 33.91 7.17
C GLU E 157 41.61 34.73 6.06
N PRO E 158 41.50 36.07 6.13
CA PRO E 158 42.20 36.85 5.11
C PRO E 158 43.71 36.83 5.35
N VAL E 159 44.49 36.83 4.28
CA VAL E 159 45.94 36.82 4.42
C VAL E 159 46.46 38.13 5.03
N GLY E 160 45.73 39.22 4.80
CA GLY E 160 46.01 40.47 5.48
C GLY E 160 46.22 41.67 4.56
N VAL E 161 47.35 42.34 4.74
CA VAL E 161 47.70 43.49 3.91
C VAL E 161 48.29 43.02 2.59
N CYS E 162 47.53 43.24 1.52
CA CYS E 162 47.89 42.75 0.19
C CYS E 162 48.38 43.87 -0.71
N GLY E 163 49.64 43.77 -1.14
CA GLY E 163 50.17 44.68 -2.12
C GLY E 163 49.85 44.18 -3.52
N GLN E 164 49.25 45.02 -4.34
CA GLN E 164 48.85 44.60 -5.69
C GLN E 164 49.44 45.52 -6.75
N ILE E 165 50.36 44.98 -7.53
CA ILE E 165 51.03 45.73 -8.59
C ILE E 165 50.53 45.25 -9.95
N ILE E 166 50.02 46.17 -10.76
CA ILE E 166 49.34 45.81 -12.01
C ILE E 166 49.90 46.57 -13.21
N PRO E 167 49.73 46.02 -14.44
CA PRO E 167 50.26 46.67 -15.63
C PRO E 167 49.28 47.65 -16.27
N TRP E 168 49.51 47.97 -17.53
CA TRP E 168 48.79 49.02 -18.23
C TRP E 168 47.95 48.55 -19.40
N ASN E 169 48.05 47.27 -19.75
CA ASN E 169 47.37 46.78 -20.96
C ASN E 169 45.86 46.70 -20.82
N PHE E 170 45.39 46.31 -19.64
CA PHE E 170 43.97 46.32 -19.31
C PHE E 170 43.79 46.97 -17.94
N PRO E 171 43.93 48.30 -17.86
CA PRO E 171 43.98 49.00 -16.56
C PRO E 171 42.79 48.69 -15.64
N LEU E 172 41.58 48.87 -16.13
CA LEU E 172 40.39 48.62 -15.32
C LEU E 172 40.20 47.14 -15.01
N LEU E 173 40.47 46.30 -16.00
CA LEU E 173 40.26 44.87 -15.83
C LEU E 173 41.27 44.26 -14.88
N MET E 174 42.51 44.71 -14.96
CA MET E 174 43.55 44.28 -14.04
C MET E 174 43.22 44.70 -12.62
N GLN E 175 42.60 45.87 -12.48
CA GLN E 175 42.20 46.34 -11.16
C GLN E 175 41.12 45.44 -10.56
N ALA E 176 40.14 45.06 -11.38
CA ALA E 176 39.05 44.22 -10.91
C ALA E 176 39.52 42.79 -10.59
N TRP E 177 40.44 42.26 -11.39
CA TRP E 177 40.99 40.93 -11.14
C TRP E 177 41.69 40.83 -9.80
N LYS E 178 42.22 41.96 -9.33
CA LYS E 178 42.92 42.01 -8.07
C LYS E 178 41.97 42.34 -6.92
N LEU E 179 41.12 43.34 -7.11
CA LEU E 179 40.20 43.79 -6.05
C LEU E 179 39.07 42.79 -5.79
N GLY E 180 38.55 42.17 -6.85
CA GLY E 180 37.47 41.21 -6.74
C GLY E 180 37.67 40.15 -5.67
N PRO E 181 38.67 39.26 -5.84
CA PRO E 181 38.93 38.19 -4.89
C PRO E 181 39.51 38.66 -3.54
N ALA E 182 40.34 39.70 -3.56
CA ALA E 182 40.95 40.22 -2.34
C ALA E 182 39.90 40.74 -1.35
N LEU E 183 38.96 41.52 -1.86
CA LEU E 183 37.94 42.14 -1.02
C LEU E 183 36.87 41.13 -0.63
N ALA E 184 36.58 40.19 -1.52
CA ALA E 184 35.57 39.17 -1.26
C ALA E 184 35.96 38.29 -0.08
N THR E 185 37.27 38.13 0.14
CA THR E 185 37.76 37.32 1.26
C THR E 185 38.18 38.14 2.47
N GLY E 186 37.94 39.45 2.42
CA GLY E 186 38.13 40.29 3.59
C GLY E 186 39.53 40.87 3.77
N ASN E 187 40.29 40.93 2.69
CA ASN E 187 41.63 41.51 2.74
C ASN E 187 41.60 43.03 2.60
N VAL E 188 42.73 43.67 2.89
CA VAL E 188 42.89 45.09 2.63
C VAL E 188 44.03 45.26 1.63
N VAL E 189 43.97 46.35 0.86
CA VAL E 189 44.77 46.45 -0.36
C VAL E 189 45.63 47.71 -0.44
N VAL E 190 46.89 47.53 -0.85
CA VAL E 190 47.71 48.64 -1.29
C VAL E 190 48.06 48.39 -2.75
N MET E 191 47.44 49.14 -3.65
CA MET E 191 47.56 48.88 -5.08
C MET E 191 48.43 49.88 -5.82
N LYS E 192 49.42 49.39 -6.54
CA LYS E 192 50.26 50.24 -7.37
C LYS E 192 49.82 50.11 -8.83
N VAL E 193 49.23 51.17 -9.37
CA VAL E 193 48.78 51.16 -10.76
C VAL E 193 49.94 51.51 -11.69
N ALA E 194 49.80 51.18 -12.97
CA ALA E 194 50.87 51.44 -13.93
C ALA E 194 51.01 52.94 -14.16
N GLU E 195 52.25 53.40 -14.28
CA GLU E 195 52.49 54.81 -14.52
C GLU E 195 51.89 55.24 -15.86
N GLN E 196 51.82 54.31 -16.81
CA GLN E 196 51.27 54.62 -18.13
C GLN E 196 49.77 54.85 -18.11
N THR E 197 49.07 54.20 -17.16
CA THR E 197 47.61 54.26 -17.12
C THR E 197 47.05 54.33 -15.71
N PRO E 198 47.27 55.46 -15.01
CA PRO E 198 46.80 55.52 -13.63
C PRO E 198 45.41 56.13 -13.47
N LEU E 199 44.87 56.73 -14.52
CA LEU E 199 43.67 57.55 -14.41
C LEU E 199 42.38 56.80 -14.08
N THR E 200 42.08 55.74 -14.82
CA THR E 200 40.82 55.04 -14.63
C THR E 200 40.70 54.38 -13.26
N ALA E 201 41.82 53.88 -12.74
CA ALA E 201 41.83 53.20 -11.45
C ALA E 201 41.67 54.17 -10.28
N LEU E 202 42.19 55.39 -10.45
CA LEU E 202 42.04 56.41 -9.42
C LEU E 202 40.60 56.89 -9.34
N TYR E 203 39.86 56.81 -10.44
CA TYR E 203 38.46 57.21 -10.43
C TYR E 203 37.60 56.12 -9.78
N VAL E 204 37.98 54.87 -10.01
CA VAL E 204 37.32 53.75 -9.35
C VAL E 204 37.49 53.86 -7.83
N ALA E 205 38.64 54.38 -7.40
CA ALA E 205 38.89 54.63 -5.98
C ALA E 205 37.83 55.55 -5.39
N ASN E 206 37.37 56.49 -6.20
CA ASN E 206 36.29 57.37 -5.80
C ASN E 206 34.98 56.61 -5.69
N LEU E 207 34.83 55.59 -6.53
CA LEU E 207 33.62 54.77 -6.52
C LEU E 207 33.65 53.79 -5.35
N ILE E 208 34.85 53.36 -4.99
CA ILE E 208 35.06 52.50 -3.84
C ILE E 208 34.66 53.23 -2.55
N LYS E 209 35.06 54.49 -2.46
CA LYS E 209 34.63 55.36 -1.36
C LYS E 209 33.10 55.50 -1.37
N GLU E 210 32.55 55.85 -2.52
CA GLU E 210 31.10 56.04 -2.65
C GLU E 210 30.31 54.73 -2.39
N ALA E 211 30.93 53.60 -2.71
CA ALA E 211 30.30 52.29 -2.50
C ALA E 211 30.12 52.01 -1.01
N GLY E 212 31.06 52.48 -0.20
CA GLY E 212 30.91 52.40 1.25
C GLY E 212 31.95 51.58 1.95
N PHE E 213 33.00 51.20 1.24
CA PHE E 213 34.10 50.46 1.85
C PHE E 213 34.78 51.33 2.91
N PRO E 214 34.97 50.77 4.12
CA PRO E 214 35.70 51.42 5.22
C PRO E 214 37.06 51.95 4.77
N PRO E 215 37.47 53.12 5.31
CA PRO E 215 38.77 53.72 4.98
C PRO E 215 39.94 52.77 5.23
N GLY E 216 40.85 52.69 4.27
CA GLY E 216 42.05 51.87 4.44
C GLY E 216 41.93 50.48 3.85
N VAL E 217 40.71 50.06 3.52
CA VAL E 217 40.50 48.75 2.92
C VAL E 217 41.10 48.71 1.51
N VAL E 218 40.96 49.80 0.76
CA VAL E 218 41.61 49.93 -0.54
C VAL E 218 42.41 51.22 -0.62
N ASN E 219 43.73 51.10 -0.81
CA ASN E 219 44.56 52.26 -1.01
C ASN E 219 45.33 52.15 -2.32
N ILE E 220 45.38 53.26 -3.06
CA ILE E 220 46.01 53.27 -4.37
C ILE E 220 47.13 54.30 -4.44
N VAL E 221 48.34 53.81 -4.67
CA VAL E 221 49.51 54.67 -4.78
C VAL E 221 50.03 54.66 -6.21
N PRO E 222 49.66 55.68 -7.00
CA PRO E 222 50.23 55.85 -8.34
C PRO E 222 51.69 56.25 -8.26
N GLY E 223 52.46 55.96 -9.30
CA GLY E 223 53.87 56.27 -9.30
C GLY E 223 54.63 55.22 -10.08
N PHE E 224 55.94 55.23 -9.94
CA PHE E 224 56.77 54.36 -10.76
C PHE E 224 57.02 53.00 -10.13
N GLY E 225 57.67 52.13 -10.90
CA GLY E 225 57.94 50.78 -10.47
C GLY E 225 59.04 50.65 -9.44
N PRO E 226 60.28 50.97 -9.82
CA PRO E 226 61.44 50.86 -8.92
C PRO E 226 61.30 51.69 -7.65
N THR E 227 60.31 52.57 -7.59
CA THR E 227 60.11 53.41 -6.43
C THR E 227 58.93 52.94 -5.57
N ALA E 228 57.71 53.17 -6.05
CA ALA E 228 56.51 52.82 -5.27
C ALA E 228 56.24 51.32 -5.28
N GLY E 229 56.52 50.67 -6.40
CA GLY E 229 56.31 49.24 -6.52
C GLY E 229 57.29 48.44 -5.68
N ALA E 230 58.55 48.84 -5.73
CA ALA E 230 59.59 48.17 -4.96
C ALA E 230 59.34 48.31 -3.46
N ALA E 231 58.84 49.47 -3.05
CA ALA E 231 58.52 49.74 -1.65
C ALA E 231 57.49 48.75 -1.09
N ILE E 232 56.48 48.45 -1.90
CA ILE E 232 55.48 47.47 -1.54
C ILE E 232 56.10 46.08 -1.47
N ALA E 233 56.79 45.69 -2.55
CA ALA E 233 57.38 44.35 -2.62
C ALA E 233 58.38 44.08 -1.50
N SER E 234 59.00 45.13 -0.98
CA SER E 234 60.03 44.97 0.05
C SER E 234 59.54 45.35 1.46
N HIS E 235 58.30 45.80 1.56
CA HIS E 235 57.75 46.27 2.83
C HIS E 235 57.65 45.15 3.87
N GLU E 236 57.92 45.50 5.12
CA GLU E 236 57.96 44.53 6.23
C GLU E 236 56.59 44.27 6.85
N ASP E 237 55.61 45.08 6.47
CA ASP E 237 54.28 44.94 7.01
C ASP E 237 53.26 44.62 5.93
N VAL E 238 53.77 44.21 4.77
CA VAL E 238 52.91 43.73 3.70
C VAL E 238 52.94 42.21 3.73
N ASP E 239 51.77 41.62 3.92
CA ASP E 239 51.65 40.18 4.14
C ASP E 239 51.74 39.37 2.86
N LYS E 240 51.29 39.96 1.75
CA LYS E 240 51.15 39.24 0.50
C LYS E 240 51.27 40.23 -0.66
N VAL E 241 52.03 39.85 -1.68
CA VAL E 241 52.09 40.66 -2.89
C VAL E 241 51.60 39.85 -4.09
N ALA E 242 50.78 40.48 -4.93
CA ALA E 242 50.33 39.88 -6.17
C ALA E 242 50.80 40.77 -7.32
N PHE E 243 51.52 40.18 -8.26
CA PHE E 243 52.12 40.95 -9.35
C PHE E 243 51.76 40.42 -10.73
N THR E 244 51.32 41.33 -11.59
CA THR E 244 51.14 41.02 -13.01
C THR E 244 51.95 42.01 -13.84
N GLY E 245 52.83 41.48 -14.70
CA GLY E 245 53.70 42.32 -15.50
C GLY E 245 54.75 41.48 -16.19
N SER E 246 55.90 42.08 -16.49
CA SER E 246 56.96 41.36 -17.19
C SER E 246 57.63 40.32 -16.30
N THR E 247 58.16 39.28 -16.95
CA THR E 247 58.86 38.19 -16.27
C THR E 247 60.10 38.70 -15.55
N GLU E 248 60.76 39.67 -16.17
CA GLU E 248 61.99 40.23 -15.60
C GLU E 248 61.76 40.88 -14.24
N ILE E 249 60.67 41.63 -14.11
CA ILE E 249 60.32 42.31 -12.86
C ILE E 249 59.71 41.29 -11.90
N GLY E 250 59.15 40.22 -12.46
CA GLY E 250 58.69 39.10 -11.67
C GLY E 250 59.81 38.58 -10.79
N ARG E 251 61.01 38.51 -11.35
CA ARG E 251 62.19 38.11 -10.58
C ARG E 251 62.49 39.10 -9.47
N VAL E 252 62.35 40.39 -9.78
CA VAL E 252 62.60 41.45 -8.83
C VAL E 252 61.62 41.38 -7.65
N ILE E 253 60.36 41.09 -7.95
CA ILE E 253 59.33 40.94 -6.93
C ILE E 253 59.69 39.80 -5.99
N GLN E 254 60.02 38.64 -6.58
CA GLN E 254 60.29 37.45 -5.79
C GLN E 254 61.53 37.59 -4.90
N VAL E 255 62.57 38.23 -5.41
CA VAL E 255 63.78 38.46 -4.61
C VAL E 255 63.50 39.42 -3.46
N ALA E 256 62.75 40.49 -3.76
CA ALA E 256 62.38 41.48 -2.75
C ALA E 256 61.58 40.84 -1.62
N ALA E 257 60.75 39.87 -1.99
CA ALA E 257 59.95 39.10 -1.03
C ALA E 257 60.85 38.32 -0.08
N GLY E 258 61.74 37.53 -0.66
CA GLY E 258 62.65 36.71 0.12
C GLY E 258 63.60 37.53 0.96
N SER E 259 63.98 38.71 0.46
CA SER E 259 64.99 39.53 1.12
C SER E 259 64.44 40.36 2.29
N SER E 260 63.12 40.44 2.40
CA SER E 260 62.50 41.26 3.44
C SER E 260 61.77 40.44 4.53
N ASN E 261 60.45 40.31 4.39
CA ASN E 261 59.62 39.71 5.43
C ASN E 261 59.04 38.34 5.05
N LEU E 262 59.55 37.76 3.97
CA LEU E 262 59.04 36.48 3.44
C LEU E 262 57.54 36.52 3.14
N LYS E 263 57.06 37.62 2.58
CA LYS E 263 55.66 37.76 2.24
C LYS E 263 55.25 36.72 1.18
N ARG E 264 53.97 36.41 1.15
CA ARG E 264 53.43 35.49 0.15
C ARG E 264 53.41 36.16 -1.23
N VAL E 265 53.78 35.41 -2.26
CA VAL E 265 53.89 35.96 -3.61
C VAL E 265 53.21 35.11 -4.68
N THR E 266 52.34 35.73 -5.46
CA THR E 266 51.85 35.13 -6.70
C THR E 266 52.19 36.05 -7.86
N LEU E 267 52.41 35.46 -9.02
CA LEU E 267 52.84 36.20 -10.19
C LEU E 267 52.04 35.79 -11.43
N GLN E 268 51.82 36.75 -12.32
CA GLN E 268 51.29 36.47 -13.64
C GLN E 268 52.14 37.24 -14.65
N LEU E 269 52.89 36.51 -15.46
CA LEU E 269 53.95 37.10 -16.28
C LEU E 269 53.71 36.97 -17.79
N GLY E 270 54.79 37.12 -18.55
CA GLY E 270 54.69 37.15 -20.00
C GLY E 270 54.34 35.81 -20.62
N GLY E 271 54.24 35.80 -21.93
CA GLY E 271 53.95 34.58 -22.67
C GLY E 271 54.45 34.62 -24.10
N LYS E 272 54.42 33.46 -24.74
CA LYS E 272 54.71 33.34 -26.16
C LYS E 272 53.81 32.21 -26.65
N SER E 273 52.51 32.40 -26.48
CA SER E 273 51.53 31.32 -26.59
C SER E 273 51.38 30.75 -27.99
N PRO E 274 51.50 29.41 -28.11
CA PRO E 274 51.35 28.71 -29.39
C PRO E 274 49.89 28.50 -29.78
N ASN E 275 49.52 29.04 -30.94
CA ASN E 275 48.21 28.79 -31.53
C ASN E 275 48.35 27.77 -32.67
N ILE E 276 47.85 26.56 -32.44
CA ILE E 276 48.09 25.44 -33.37
C ILE E 276 46.92 25.15 -34.30
N ILE E 277 47.15 25.28 -35.60
CA ILE E 277 46.11 25.06 -36.60
C ILE E 277 46.33 23.76 -37.36
N MET E 278 45.50 22.76 -37.11
CA MET E 278 45.60 21.48 -37.81
C MET E 278 45.04 21.64 -39.22
N SER E 279 45.41 20.72 -40.11
CA SER E 279 44.95 20.76 -41.49
C SER E 279 43.43 20.67 -41.63
N ASP E 280 42.77 20.06 -40.63
CA ASP E 280 41.32 19.86 -40.71
C ASP E 280 40.51 20.92 -39.95
N ALA E 281 41.16 22.04 -39.64
CA ALA E 281 40.48 23.16 -39.00
C ALA E 281 39.51 23.81 -39.97
N ASP E 282 38.50 24.49 -39.44
CA ASP E 282 37.69 25.37 -40.28
C ASP E 282 38.57 26.57 -40.65
N MET E 283 38.83 26.74 -41.94
CA MET E 283 39.77 27.75 -42.42
C MET E 283 39.33 29.19 -42.09
N ASP E 284 38.12 29.55 -42.51
CA ASP E 284 37.59 30.90 -42.27
C ASP E 284 37.62 31.26 -40.78
N TRP E 285 37.20 30.31 -39.95
CA TRP E 285 37.14 30.52 -38.51
C TRP E 285 38.53 30.63 -37.90
N ALA E 286 39.42 29.71 -38.27
CA ALA E 286 40.76 29.67 -37.72
C ALA E 286 41.61 30.89 -38.12
N VAL E 287 41.42 31.36 -39.34
CA VAL E 287 42.12 32.56 -39.82
C VAL E 287 41.71 33.79 -39.00
N GLU E 288 40.41 34.00 -38.87
CA GLU E 288 39.90 35.15 -38.13
C GLU E 288 40.28 35.07 -36.65
N GLN E 289 40.24 33.87 -36.09
CA GLN E 289 40.55 33.68 -34.68
C GLN E 289 42.04 33.86 -34.40
N ALA E 290 42.88 33.40 -35.33
CA ALA E 290 44.32 33.57 -35.20
C ALA E 290 44.71 35.04 -35.33
N HIS E 291 43.91 35.80 -36.06
CA HIS E 291 44.13 37.23 -36.22
C HIS E 291 43.81 37.93 -34.90
N PHE E 292 42.64 37.61 -34.35
CA PHE E 292 42.23 38.11 -33.04
C PHE E 292 43.20 37.68 -31.96
N ALA E 293 43.69 36.44 -32.05
CA ALA E 293 44.59 35.87 -31.04
C ALA E 293 45.87 36.70 -30.89
N LEU E 294 46.33 37.23 -32.00
CA LEU E 294 47.57 38.00 -32.03
C LEU E 294 47.31 39.48 -31.83
N PHE E 295 46.40 40.03 -32.62
CA PHE E 295 46.27 41.48 -32.75
C PHE E 295 45.36 42.16 -31.72
N PHE E 296 44.68 41.37 -30.89
CA PHE E 296 43.77 41.95 -29.89
C PHE E 296 44.52 42.91 -28.95
N ASN E 297 43.89 44.05 -28.64
CA ASN E 297 44.45 45.06 -27.74
C ASN E 297 45.82 45.57 -28.20
N GLN E 298 45.95 45.86 -29.49
CA GLN E 298 47.20 46.35 -30.06
C GLN E 298 48.32 45.33 -29.88
N GLY E 299 47.94 44.06 -29.72
CA GLY E 299 48.89 42.99 -29.49
C GLY E 299 49.43 42.99 -28.07
N GLN E 300 48.89 43.88 -27.24
CA GLN E 300 49.35 44.02 -25.87
C GLN E 300 48.53 43.15 -24.92
N SER E 301 48.72 41.84 -25.10
CA SER E 301 48.07 40.86 -24.25
C SER E 301 49.10 39.80 -23.88
N CYS E 302 49.18 39.48 -22.60
N CYS E 302 49.16 39.48 -22.60
CA CYS E 302 50.14 38.50 -22.14
CA CYS E 302 50.09 38.49 -22.09
C CYS E 302 49.88 37.12 -22.77
C CYS E 302 49.86 37.12 -22.73
N SER E 303 48.62 36.85 -23.09
CA SER E 303 48.22 35.55 -23.63
C SER E 303 48.14 35.49 -25.17
N ALA E 304 48.64 36.53 -25.84
CA ALA E 304 48.55 36.65 -27.29
C ALA E 304 49.06 35.42 -28.04
N GLY E 305 48.34 34.98 -29.06
CA GLY E 305 48.77 33.87 -29.90
C GLY E 305 49.90 34.28 -30.83
N SER E 306 51.10 34.40 -30.26
CA SER E 306 52.25 34.97 -30.96
C SER E 306 53.15 33.92 -31.60
N ARG E 307 52.75 32.65 -31.50
CA ARG E 307 53.36 31.60 -32.30
C ARG E 307 52.25 30.82 -33.00
N THR E 308 51.93 31.23 -34.23
CA THR E 308 50.87 30.58 -35.01
C THR E 308 51.42 29.41 -35.82
N PHE E 309 51.22 28.20 -35.32
CA PHE E 309 51.67 26.98 -35.98
C PHE E 309 50.60 26.48 -36.93
N VAL E 310 50.96 26.34 -38.20
CA VAL E 310 50.01 25.90 -39.22
C VAL E 310 50.51 24.64 -39.91
N GLN E 311 49.63 23.64 -40.03
N GLN E 311 49.65 23.63 -40.00
CA GLN E 311 49.97 22.39 -40.71
CA GLN E 311 50.02 22.39 -40.69
C GLN E 311 50.32 22.71 -42.16
C GLN E 311 50.28 22.66 -42.16
N GLU E 312 51.33 22.02 -42.69
CA GLU E 312 51.85 22.32 -44.03
C GLU E 312 50.83 22.24 -45.18
N ASP E 313 49.82 21.38 -45.05
CA ASP E 313 48.86 21.21 -46.13
C ASP E 313 47.94 22.41 -46.32
N ILE E 314 47.83 23.24 -45.30
CA ILE E 314 46.98 24.42 -45.35
C ILE E 314 47.75 25.72 -45.15
N TYR E 315 49.07 25.60 -45.03
CA TYR E 315 49.93 26.75 -44.73
C TYR E 315 49.80 27.91 -45.71
N ASP E 316 50.04 27.64 -46.99
CA ASP E 316 50.02 28.69 -48.00
C ASP E 316 48.68 29.42 -48.01
N GLU E 317 47.61 28.65 -47.93
CA GLU E 317 46.28 29.22 -47.93
C GLU E 317 46.03 30.05 -46.67
N PHE E 318 46.39 29.49 -45.52
CA PHE E 318 46.21 30.16 -44.24
C PHE E 318 47.02 31.45 -44.20
N VAL E 319 48.26 31.39 -44.70
CA VAL E 319 49.13 32.56 -44.71
C VAL E 319 48.56 33.68 -45.59
N GLU E 320 48.16 33.32 -46.82
CA GLU E 320 47.56 34.27 -47.76
C GLU E 320 46.35 34.97 -47.16
N ARG E 321 45.48 34.18 -46.53
CA ARG E 321 44.28 34.71 -45.88
C ARG E 321 44.62 35.63 -44.70
N SER E 322 45.60 35.22 -43.89
CA SER E 322 46.02 35.99 -42.73
C SER E 322 46.61 37.34 -43.14
N VAL E 323 47.36 37.34 -44.23
CA VAL E 323 47.97 38.57 -44.72
C VAL E 323 46.89 39.55 -45.18
N ALA E 324 45.88 39.04 -45.88
CA ALA E 324 44.78 39.87 -46.35
C ALA E 324 43.98 40.44 -45.18
N ARG E 325 43.84 39.67 -44.11
CA ARG E 325 43.11 40.12 -42.93
C ARG E 325 43.88 41.20 -42.18
N ALA E 326 45.19 41.01 -42.06
CA ALA E 326 46.04 41.98 -41.39
C ALA E 326 46.08 43.29 -42.18
N LYS E 327 46.18 43.20 -43.49
CA LYS E 327 46.20 44.39 -44.35
C LYS E 327 44.90 45.17 -44.30
N SER E 328 43.80 44.49 -43.95
CA SER E 328 42.49 45.15 -43.89
C SER E 328 42.17 45.73 -42.52
N ARG E 329 42.92 45.31 -41.50
CA ARG E 329 42.71 45.80 -40.14
C ARG E 329 42.94 47.31 -40.05
N VAL E 330 41.92 48.03 -39.61
CA VAL E 330 41.94 49.49 -39.59
C VAL E 330 42.65 50.07 -38.36
N VAL E 331 43.72 50.84 -38.62
CA VAL E 331 44.46 51.57 -37.59
C VAL E 331 44.04 53.04 -37.62
N GLY E 332 43.84 53.64 -36.46
CA GLY E 332 43.40 55.03 -36.39
C GLY E 332 43.00 55.53 -35.03
N ASN E 333 42.31 56.67 -35.01
CA ASN E 333 41.75 57.24 -33.78
C ASN E 333 40.85 56.24 -33.08
N PRO E 334 41.24 55.83 -31.86
CA PRO E 334 40.50 54.84 -31.07
C PRO E 334 39.06 55.24 -30.77
N PHE E 335 38.77 56.54 -30.83
CA PHE E 335 37.41 57.02 -30.59
C PHE E 335 36.51 56.91 -31.83
N ASP E 336 37.10 56.65 -32.98
CA ASP E 336 36.31 56.47 -34.20
C ASP E 336 35.79 55.03 -34.26
N SER E 337 34.52 54.88 -34.63
CA SER E 337 33.88 53.57 -34.59
C SER E 337 34.45 52.56 -35.59
N LYS E 338 35.20 53.05 -36.57
CA LYS E 338 35.77 52.20 -37.62
C LYS E 338 37.14 51.65 -37.24
N THR E 339 37.76 52.24 -36.23
CA THR E 339 39.09 51.82 -35.80
C THR E 339 39.08 50.43 -35.15
N GLU E 340 39.97 49.56 -35.61
CA GLU E 340 40.15 48.25 -34.99
C GLU E 340 41.39 48.27 -34.09
N GLN E 341 42.33 49.14 -34.42
CA GLN E 341 43.60 49.19 -33.72
C GLN E 341 44.06 50.62 -33.44
N GLY E 342 44.15 50.97 -32.16
CA GLY E 342 44.66 52.26 -31.76
C GLY E 342 46.17 52.25 -31.70
N PRO E 343 46.76 53.21 -30.96
CA PRO E 343 48.22 53.26 -30.81
C PRO E 343 48.72 52.31 -29.73
N GLN E 344 50.03 52.09 -29.70
CA GLN E 344 50.64 51.37 -28.58
C GLN E 344 50.60 52.30 -27.38
N VAL E 345 50.88 51.77 -26.18
CA VAL E 345 50.66 52.51 -24.95
C VAL E 345 51.58 53.73 -24.76
N ASP E 346 52.82 53.63 -25.19
CA ASP E 346 53.75 54.74 -25.06
C ASP E 346 54.93 54.67 -26.02
N GLU E 347 55.89 55.56 -25.84
CA GLU E 347 57.06 55.61 -26.71
C GLU E 347 57.97 54.42 -26.46
N THR E 348 58.06 54.02 -25.20
CA THR E 348 58.93 52.90 -24.82
C THR E 348 58.54 51.59 -25.50
N GLN E 349 57.24 51.27 -25.47
CA GLN E 349 56.72 50.10 -26.16
C GLN E 349 56.80 50.25 -27.67
N PHE E 350 56.44 51.44 -28.14
CA PHE E 350 56.51 51.80 -29.56
C PHE E 350 57.88 51.43 -30.13
N LYS E 351 58.93 51.97 -29.52
CA LYS E 351 60.30 51.71 -29.96
C LYS E 351 60.69 50.23 -29.77
N LYS E 352 60.20 49.63 -28.70
CA LYS E 352 60.53 48.24 -28.40
C LYS E 352 60.01 47.30 -29.48
N ILE E 353 58.78 47.57 -29.94
CA ILE E 353 58.16 46.79 -31.00
C ILE E 353 58.90 46.98 -32.32
N LEU E 354 59.19 48.23 -32.67
CA LEU E 354 59.94 48.52 -33.89
C LEU E 354 61.30 47.82 -33.86
N GLY E 355 61.89 47.70 -32.68
CA GLY E 355 63.12 46.96 -32.51
C GLY E 355 62.96 45.49 -32.84
N TYR E 356 61.88 44.88 -32.35
CA TYR E 356 61.59 43.47 -32.66
C TYR E 356 61.26 43.27 -34.13
N ILE E 357 60.57 44.25 -34.71
CA ILE E 357 60.29 44.21 -36.14
C ILE E 357 61.60 44.22 -36.93
N ASN E 358 62.54 45.05 -36.49
CA ASN E 358 63.85 45.12 -37.14
C ASN E 358 64.60 43.81 -37.03
N THR E 359 64.65 43.25 -35.83
CA THR E 359 65.31 41.97 -35.60
C THR E 359 64.64 40.89 -36.43
N GLY E 360 63.31 40.94 -36.50
CA GLY E 360 62.54 40.02 -37.32
C GLY E 360 63.03 39.97 -38.75
N LYS E 361 63.28 41.14 -39.33
CA LYS E 361 63.81 41.20 -40.69
C LYS E 361 65.27 40.73 -40.77
N GLN E 362 66.09 41.17 -39.81
CA GLN E 362 67.52 40.83 -39.77
C GLN E 362 67.78 39.32 -39.71
N GLU E 363 66.91 38.57 -39.05
CA GLU E 363 67.17 37.16 -38.84
C GLU E 363 66.54 36.26 -39.90
N GLY E 364 65.81 36.87 -40.84
CA GLY E 364 65.38 36.16 -42.04
C GLY E 364 63.92 35.74 -42.08
N ALA E 365 63.12 36.25 -41.16
CA ALA E 365 61.68 36.00 -41.18
C ALA E 365 61.05 36.75 -42.35
N LYS E 366 60.11 36.09 -43.03
CA LYS E 366 59.50 36.64 -44.23
C LYS E 366 58.48 37.73 -43.90
N LEU E 367 58.88 38.99 -44.05
CA LEU E 367 57.96 40.10 -43.83
C LEU E 367 56.91 40.10 -44.92
N LEU E 368 55.65 39.92 -44.55
CA LEU E 368 54.57 39.76 -45.53
C LEU E 368 53.68 41.01 -45.66
N CYS E 369 53.56 41.77 -44.57
CA CYS E 369 52.85 43.05 -44.60
C CYS E 369 53.17 43.88 -43.37
N GLY E 370 52.79 45.16 -43.41
CA GLY E 370 53.07 46.09 -42.34
C GLY E 370 54.56 46.25 -42.09
N GLY E 371 54.93 46.39 -40.81
CA GLY E 371 56.33 46.43 -40.43
C GLY E 371 56.88 47.84 -40.26
N GLY E 372 56.04 48.84 -40.45
CA GLY E 372 56.48 50.22 -40.38
C GLY E 372 55.60 51.11 -39.52
N ILE E 373 55.97 52.38 -39.42
CA ILE E 373 55.20 53.34 -38.65
C ILE E 373 53.89 53.65 -39.37
N ALA E 374 52.78 53.60 -38.65
CA ALA E 374 51.46 53.75 -39.26
C ALA E 374 50.98 55.20 -39.35
N ALA E 375 51.52 56.07 -38.50
CA ALA E 375 51.15 57.49 -38.54
C ALA E 375 52.28 58.41 -38.10
N ASP E 376 52.07 59.71 -38.32
CA ASP E 376 53.09 60.72 -38.06
C ASP E 376 53.00 61.24 -36.62
N ARG E 377 51.87 60.97 -35.98
CA ARG E 377 51.66 61.39 -34.60
C ARG E 377 51.13 60.22 -33.76
N GLY E 378 51.59 60.14 -32.52
CA GLY E 378 51.17 59.07 -31.63
C GLY E 378 52.05 57.86 -31.84
N TYR E 379 51.63 56.73 -31.28
CA TYR E 379 52.46 55.54 -31.30
C TYR E 379 51.80 54.42 -32.07
N PHE E 380 51.42 54.71 -33.31
CA PHE E 380 50.76 53.75 -34.18
C PHE E 380 51.75 52.92 -34.99
N ILE E 381 51.57 51.60 -34.96
CA ILE E 381 52.38 50.71 -35.76
C ILE E 381 51.46 49.88 -36.67
N GLN E 382 51.91 49.63 -37.90
CA GLN E 382 51.13 48.86 -38.84
C GLN E 382 51.00 47.42 -38.37
N PRO E 383 49.85 46.78 -38.64
CA PRO E 383 49.68 45.35 -38.38
C PRO E 383 50.70 44.57 -39.21
N THR E 384 51.48 43.72 -38.54
CA THR E 384 52.68 43.16 -39.15
C THR E 384 52.67 41.64 -39.12
N VAL E 385 52.97 41.03 -40.26
CA VAL E 385 52.94 39.59 -40.38
C VAL E 385 54.26 39.05 -40.89
N PHE E 386 54.86 38.16 -40.11
CA PHE E 386 56.04 37.43 -40.56
C PHE E 386 55.65 35.99 -40.84
N GLY E 387 56.16 35.47 -41.95
CA GLY E 387 55.94 34.08 -42.32
C GLY E 387 57.25 33.32 -42.32
N ASP E 388 57.16 31.99 -42.38
CA ASP E 388 58.32 31.10 -42.34
C ASP E 388 59.21 31.31 -41.10
N VAL E 389 58.59 31.71 -40.00
CA VAL E 389 59.29 31.93 -38.74
C VAL E 389 59.81 30.60 -38.20
N GLN E 390 61.02 30.61 -37.63
CA GLN E 390 61.64 29.39 -37.12
C GLN E 390 61.80 29.46 -35.60
N ASP E 391 61.83 28.31 -34.95
CA ASP E 391 61.84 28.27 -33.49
C ASP E 391 62.99 29.05 -32.84
N GLY E 392 64.13 29.12 -33.52
CA GLY E 392 65.31 29.76 -32.96
C GLY E 392 65.40 31.25 -33.22
N MET E 393 64.39 31.81 -33.88
CA MET E 393 64.35 33.25 -34.12
C MET E 393 63.95 34.00 -32.85
N THR E 394 64.48 35.22 -32.70
CA THR E 394 64.16 36.07 -31.57
C THR E 394 62.68 36.42 -31.52
N ILE E 395 62.07 36.66 -32.67
CA ILE E 395 60.65 37.00 -32.71
C ILE E 395 59.77 35.77 -32.41
N ALA E 396 60.40 34.59 -32.40
CA ALA E 396 59.72 33.35 -32.09
C ALA E 396 59.86 32.96 -30.61
N LYS E 397 60.80 33.61 -29.92
CA LYS E 397 61.10 33.24 -28.53
C LYS E 397 60.69 34.30 -27.53
N GLU E 398 60.80 35.57 -27.92
CA GLU E 398 60.59 36.67 -26.99
C GLU E 398 59.24 37.34 -27.19
N GLU E 399 58.60 37.69 -26.08
CA GLU E 399 57.33 38.39 -26.12
C GLU E 399 57.50 39.77 -26.76
N ILE E 400 56.79 40.01 -27.87
CA ILE E 400 56.91 41.27 -28.59
C ILE E 400 55.94 42.32 -28.06
N PHE E 401 54.73 41.88 -27.71
CA PHE E 401 53.71 42.76 -27.13
C PHE E 401 53.28 43.89 -28.05
N GLY E 402 53.19 43.59 -29.34
CA GLY E 402 52.73 44.52 -30.34
C GLY E 402 52.02 43.79 -31.47
N PRO E 403 51.61 44.52 -32.50
CA PRO E 403 50.86 43.92 -33.60
C PRO E 403 51.79 43.20 -34.58
N VAL E 404 52.54 42.23 -34.08
CA VAL E 404 53.51 41.50 -34.88
C VAL E 404 53.24 40.00 -34.83
N MET E 405 52.79 39.45 -35.95
CA MET E 405 52.36 38.06 -36.04
C MET E 405 53.49 37.15 -36.51
N GLN E 406 53.61 35.97 -35.91
CA GLN E 406 54.59 34.97 -36.32
C GLN E 406 53.88 33.73 -36.81
N ILE E 407 54.13 33.34 -38.05
CA ILE E 407 53.54 32.13 -38.61
C ILE E 407 54.59 31.05 -38.86
N LEU E 408 54.40 29.88 -38.25
CA LEU E 408 55.34 28.77 -38.39
C LEU E 408 54.66 27.58 -39.06
N LYS E 409 55.45 26.75 -39.71
CA LYS E 409 54.93 25.59 -40.44
C LYS E 409 55.37 24.30 -39.77
N PHE E 410 54.45 23.36 -39.62
CA PHE E 410 54.77 22.07 -39.02
C PHE E 410 54.16 20.91 -39.82
N LYS E 411 54.58 19.70 -39.52
CA LYS E 411 54.11 18.53 -40.25
C LYS E 411 53.25 17.62 -39.38
N THR E 412 53.83 17.08 -38.31
CA THR E 412 53.14 16.08 -37.50
C THR E 412 52.70 16.62 -36.15
N ILE E 413 51.68 15.99 -35.56
CA ILE E 413 51.12 16.46 -34.30
C ILE E 413 52.13 16.27 -33.15
N GLU E 414 52.97 15.24 -33.26
CA GLU E 414 54.03 14.99 -32.29
C GLU E 414 55.11 16.06 -32.38
N GLU E 415 55.41 16.49 -33.60
CA GLU E 415 56.39 17.54 -33.83
C GLU E 415 55.93 18.86 -33.20
N VAL E 416 54.69 19.24 -33.47
CA VAL E 416 54.17 20.52 -32.98
C VAL E 416 54.02 20.56 -31.46
N VAL E 417 53.79 19.40 -30.83
CA VAL E 417 53.74 19.32 -29.38
C VAL E 417 55.09 19.73 -28.78
N GLY E 418 56.16 19.15 -29.30
CA GLY E 418 57.50 19.45 -28.84
C GLY E 418 57.90 20.89 -29.09
N ARG E 419 57.52 21.43 -30.23
CA ARG E 419 57.89 22.81 -30.60
C ARG E 419 57.09 23.84 -29.82
N ALA E 420 55.80 23.58 -29.60
CA ALA E 420 54.98 24.48 -28.82
C ALA E 420 55.44 24.50 -27.36
N ASN E 421 55.76 23.32 -26.83
CA ASN E 421 56.20 23.19 -25.43
C ASN E 421 57.64 23.63 -25.20
N ASN E 422 58.44 23.72 -26.26
CA ASN E 422 59.84 24.11 -26.12
C ASN E 422 59.94 25.62 -25.90
N SER E 423 59.63 26.03 -24.67
CA SER E 423 59.59 27.43 -24.31
C SER E 423 59.59 27.56 -22.79
N THR E 424 60.18 28.63 -22.27
CA THR E 424 60.13 28.89 -20.84
C THR E 424 58.84 29.60 -20.48
N TYR E 425 58.05 29.95 -21.49
CA TYR E 425 56.74 30.52 -21.28
C TYR E 425 55.69 29.40 -21.33
N GLY E 426 54.52 29.65 -20.75
CA GLY E 426 53.45 28.67 -20.75
C GLY E 426 52.16 29.23 -20.20
N LEU E 427 51.78 30.40 -20.67
CA LEU E 427 50.59 31.07 -20.15
C LEU E 427 49.32 30.55 -20.83
N ALA E 428 49.39 30.39 -22.14
CA ALA E 428 48.23 29.92 -22.89
C ALA E 428 48.66 29.16 -24.14
N ALA E 429 47.68 28.56 -24.80
CA ALA E 429 47.89 27.86 -26.06
C ALA E 429 46.51 27.62 -26.66
N ALA E 430 46.47 27.26 -27.94
CA ALA E 430 45.21 26.89 -28.55
C ALA E 430 45.38 25.78 -29.57
N VAL E 431 44.29 25.09 -29.86
CA VAL E 431 44.28 24.09 -30.93
C VAL E 431 43.00 24.24 -31.75
N PHE E 432 43.16 24.29 -33.07
CA PHE E 432 42.03 24.35 -33.99
C PHE E 432 41.94 23.08 -34.82
N THR E 433 40.88 22.32 -34.59
CA THR E 433 40.68 21.02 -35.23
C THR E 433 39.22 20.59 -35.10
N LYS E 434 38.77 19.79 -36.07
CA LYS E 434 37.43 19.20 -36.02
C LYS E 434 37.51 17.83 -35.36
N ASP E 435 38.72 17.31 -35.19
CA ASP E 435 38.92 15.96 -34.70
C ASP E 435 38.95 15.86 -33.18
N LEU E 436 38.04 15.06 -32.65
CA LEU E 436 37.92 14.84 -31.21
C LEU E 436 39.21 14.34 -30.58
N ASP E 437 39.83 13.33 -31.19
CA ASP E 437 41.06 12.76 -30.64
C ASP E 437 42.25 13.73 -30.66
N LYS E 438 42.40 14.49 -31.75
CA LYS E 438 43.45 15.50 -31.82
C LYS E 438 43.25 16.58 -30.76
N ALA E 439 42.01 17.06 -30.63
CA ALA E 439 41.68 18.08 -29.65
C ALA E 439 42.03 17.62 -28.23
N ASN E 440 41.60 16.42 -27.88
CA ASN E 440 41.89 15.86 -26.56
C ASN E 440 43.37 15.59 -26.32
N TYR E 441 44.07 15.07 -27.33
CA TYR E 441 45.49 14.78 -27.16
C TYR E 441 46.29 16.06 -26.96
N LEU E 442 46.01 17.08 -27.78
CA LEU E 442 46.76 18.33 -27.71
C LEU E 442 46.46 19.13 -26.44
N SER E 443 45.18 19.25 -26.07
CA SER E 443 44.80 19.96 -24.85
C SER E 443 45.56 19.43 -23.62
N GLN E 444 45.74 18.12 -23.55
CA GLN E 444 46.45 17.48 -22.45
C GLN E 444 47.97 17.64 -22.56
N ALA E 445 48.47 17.55 -23.78
CA ALA E 445 49.91 17.56 -24.04
C ALA E 445 50.57 18.93 -23.84
N LEU E 446 49.80 19.99 -24.13
CA LEU E 446 50.34 21.35 -24.10
C LEU E 446 50.66 21.81 -22.68
N GLN E 447 51.84 22.37 -22.50
CA GLN E 447 52.26 22.87 -21.19
C GLN E 447 51.91 24.33 -21.06
N ALA E 448 50.62 24.60 -20.89
CA ALA E 448 50.13 25.97 -20.81
C ALA E 448 49.01 26.09 -19.78
N GLY E 449 48.93 27.27 -19.16
CA GLY E 449 47.93 27.54 -18.15
C GLY E 449 46.51 27.39 -18.66
N THR E 450 46.25 27.95 -19.84
CA THR E 450 44.94 27.85 -20.47
C THR E 450 45.09 27.26 -21.87
N VAL E 451 44.22 26.33 -22.22
CA VAL E 451 44.17 25.82 -23.59
C VAL E 451 42.79 26.04 -24.17
N TRP E 452 42.73 26.79 -25.27
CA TRP E 452 41.49 27.03 -25.99
C TRP E 452 41.37 26.06 -27.14
N VAL E 453 40.17 25.51 -27.34
CA VAL E 453 39.94 24.61 -28.46
C VAL E 453 38.93 25.22 -29.41
N ASN E 454 39.38 25.50 -30.63
CA ASN E 454 38.56 26.15 -31.66
C ASN E 454 38.11 27.55 -31.26
N CYS E 455 38.87 28.16 -30.36
CA CYS E 455 38.66 29.57 -30.00
C CYS E 455 39.96 30.13 -29.47
N TYR E 456 39.95 31.41 -29.07
CA TYR E 456 41.13 32.02 -28.46
C TYR E 456 40.71 33.25 -27.66
N ASP E 457 41.39 33.48 -26.54
CA ASP E 457 41.15 34.65 -25.71
C ASP E 457 39.73 34.68 -25.16
N VAL E 458 39.21 33.49 -24.84
CA VAL E 458 37.89 33.39 -24.22
C VAL E 458 38.07 33.34 -22.71
N PHE E 459 37.84 34.48 -22.08
CA PHE E 459 37.99 34.62 -20.64
C PHE E 459 36.64 34.63 -19.96
N GLY E 460 36.64 34.18 -18.72
CA GLY E 460 35.45 34.19 -17.91
C GLY E 460 35.87 34.32 -16.46
N ALA E 461 35.09 35.07 -15.70
CA ALA E 461 35.37 35.25 -14.28
C ALA E 461 35.37 33.90 -13.57
N GLN E 462 34.67 32.93 -14.15
CA GLN E 462 34.47 31.62 -13.53
C GLN E 462 35.66 30.66 -13.71
N SER E 463 36.44 30.86 -14.77
CA SER E 463 37.53 29.95 -15.09
C SER E 463 38.90 30.57 -14.79
N PRO E 464 39.75 29.82 -14.07
CA PRO E 464 41.06 30.32 -13.63
C PRO E 464 42.02 30.61 -14.78
N PHE E 465 43.01 31.46 -14.51
CA PHE E 465 43.96 31.90 -15.52
C PHE E 465 45.29 32.19 -14.84
N GLY E 466 46.39 31.83 -15.50
CA GLY E 466 47.71 31.98 -14.94
C GLY E 466 48.64 31.03 -15.66
N GLY E 467 49.94 31.17 -15.44
CA GLY E 467 50.89 30.44 -16.26
C GLY E 467 51.55 29.22 -15.67
N TYR E 468 52.03 28.36 -16.58
CA TYR E 468 53.00 27.31 -16.27
C TYR E 468 54.38 27.97 -16.34
N LYS E 469 55.39 27.24 -15.86
CA LYS E 469 56.79 27.66 -15.99
C LYS E 469 57.02 29.13 -15.61
N MET E 470 57.70 29.87 -16.48
CA MET E 470 58.04 31.26 -16.18
C MET E 470 56.95 32.27 -16.56
N SER E 471 55.76 31.78 -16.92
CA SER E 471 54.63 32.66 -17.20
C SER E 471 53.92 33.09 -15.92
N GLY E 472 54.46 32.70 -14.78
CA GLY E 472 53.88 33.06 -13.50
C GLY E 472 53.56 31.86 -12.65
N SER E 473 52.98 32.10 -11.48
CA SER E 473 52.61 31.03 -10.56
C SER E 473 51.32 31.40 -9.85
N GLY E 474 50.46 30.42 -9.63
CA GLY E 474 49.16 30.68 -9.04
C GLY E 474 48.15 31.05 -10.11
N ARG E 475 46.88 31.06 -9.71
CA ARG E 475 45.79 31.33 -10.62
C ARG E 475 44.91 32.46 -10.13
N GLU E 476 44.52 33.32 -11.05
CA GLU E 476 43.49 34.31 -10.81
C GLU E 476 42.22 33.90 -11.53
N LEU E 477 41.11 34.55 -11.19
CA LEU E 477 39.77 34.18 -11.66
C LEU E 477 39.29 32.84 -11.08
N GLY E 478 37.99 32.58 -11.21
CA GLY E 478 37.40 31.36 -10.68
C GLY E 478 37.51 31.18 -9.18
N GLU E 479 37.21 29.98 -8.70
CA GLU E 479 37.35 29.65 -7.29
C GLU E 479 38.81 29.68 -6.86
N TYR E 480 39.68 29.29 -7.78
CA TYR E 480 41.11 29.21 -7.53
C TYR E 480 41.70 30.56 -7.12
N GLY E 481 41.07 31.63 -7.60
CA GLY E 481 41.57 32.97 -7.33
C GLY E 481 41.40 33.43 -5.89
N LEU E 482 40.74 32.62 -5.08
CA LEU E 482 40.53 32.96 -3.68
C LEU E 482 41.61 32.35 -2.80
N GLN E 483 42.35 31.40 -3.35
CA GLN E 483 43.34 30.63 -2.60
C GLN E 483 44.49 31.49 -2.05
N ALA E 484 45.05 32.35 -2.89
CA ALA E 484 46.20 33.14 -2.49
C ALA E 484 45.81 34.26 -1.53
N TYR E 485 44.51 34.53 -1.42
CA TYR E 485 44.01 35.60 -0.56
C TYR E 485 43.43 35.07 0.74
N THR E 486 43.67 33.80 1.00
CA THR E 486 43.19 33.15 2.20
C THR E 486 44.36 32.64 3.01
N GLU E 487 44.32 32.87 4.33
CA GLU E 487 45.27 32.23 5.25
C GLU E 487 44.55 31.17 6.05
N VAL E 488 44.99 29.92 5.90
CA VAL E 488 44.30 28.80 6.51
C VAL E 488 44.73 28.58 7.96
N LYS E 489 43.77 28.67 8.88
CA LYS E 489 44.03 28.32 10.27
C LYS E 489 43.36 27.01 10.67
N THR E 490 44.15 26.08 11.20
CA THR E 490 43.61 24.85 11.76
C THR E 490 43.32 25.02 13.26
N VAL E 491 42.10 24.71 13.67
CA VAL E 491 41.77 24.72 15.08
C VAL E 491 41.42 23.30 15.55
N THR E 492 42.30 22.74 16.39
CA THR E 492 42.10 21.38 16.89
C THR E 492 41.76 21.40 18.39
N VAL E 493 40.54 21.00 18.71
CA VAL E 493 40.01 21.10 20.07
C VAL E 493 39.83 19.72 20.72
N LYS E 494 40.35 19.55 21.94
CA LYS E 494 40.12 18.33 22.70
C LYS E 494 38.65 18.23 23.11
N VAL E 495 38.03 17.07 22.86
CA VAL E 495 36.64 16.85 23.24
C VAL E 495 36.53 15.64 24.17
N PRO E 496 35.44 15.54 24.96
CA PRO E 496 35.30 14.41 25.88
C PRO E 496 35.35 13.05 25.19
N GLN E 497 34.68 12.91 24.05
CA GLN E 497 34.65 11.64 23.32
C GLN E 497 34.24 11.85 21.86
N LYS E 498 35.18 11.62 20.95
CA LYS E 498 34.94 11.76 19.51
C LYS E 498 34.04 10.65 19.00
N ASN E 499 32.95 11.01 18.33
CA ASN E 499 32.10 10.04 17.63
C ASN E 499 31.92 10.48 16.19
N SER E 500 31.70 9.52 15.30
CA SER E 500 31.47 9.85 13.89
C SER E 500 30.23 10.72 13.73
N VAL F 8 56.00 -3.19 22.09
CA VAL F 8 57.22 -2.63 21.51
C VAL F 8 58.37 -3.64 21.59
N PRO F 9 58.80 -4.15 20.42
CA PRO F 9 59.89 -5.14 20.34
C PRO F 9 61.20 -4.56 20.83
N ALA F 10 62.01 -5.36 21.50
CA ALA F 10 63.34 -4.92 21.92
C ALA F 10 64.15 -4.56 20.68
N PRO F 11 64.77 -3.37 20.70
CA PRO F 11 65.49 -2.84 19.55
C PRO F 11 66.90 -3.40 19.41
N ASN F 12 67.32 -3.60 18.16
CA ASN F 12 68.74 -3.77 17.88
C ASN F 12 69.40 -2.43 18.09
N GLN F 13 70.21 -2.32 19.14
CA GLN F 13 70.83 -1.06 19.51
C GLN F 13 72.00 -0.74 18.60
N GLN F 14 72.35 -1.68 17.74
CA GLN F 14 73.41 -1.47 16.78
C GLN F 14 72.91 -1.79 15.37
N PRO F 15 71.90 -1.03 14.89
CA PRO F 15 71.30 -1.37 13.59
C PRO F 15 72.30 -1.17 12.46
N GLU F 16 72.42 -2.18 11.60
CA GLU F 16 73.39 -2.13 10.52
C GLU F 16 72.95 -1.14 9.43
N VAL F 17 73.92 -0.56 8.74
CA VAL F 17 73.62 0.42 7.69
C VAL F 17 73.76 -0.24 6.32
N PHE F 18 72.73 -0.11 5.50
CA PHE F 18 72.72 -0.75 4.19
C PHE F 18 72.78 0.27 3.06
N CYS F 19 72.36 1.50 3.34
CA CYS F 19 72.30 2.54 2.32
C CYS F 19 73.00 3.81 2.76
N ASN F 20 73.98 4.25 1.97
CA ASN F 20 74.73 5.44 2.34
C ASN F 20 75.21 6.24 1.14
N GLN F 21 74.60 6.01 -0.01
CA GLN F 21 74.98 6.68 -1.24
C GLN F 21 73.86 7.54 -1.81
N ILE F 22 74.06 8.04 -3.03
CA ILE F 22 73.07 8.89 -3.68
C ILE F 22 72.08 8.07 -4.51
N PHE F 23 70.79 8.28 -4.26
CA PHE F 23 69.73 7.50 -4.90
C PHE F 23 69.19 8.23 -6.14
N ILE F 24 69.53 7.71 -7.32
CA ILE F 24 69.06 8.27 -8.58
C ILE F 24 68.64 7.15 -9.51
N ASN F 25 67.46 7.27 -10.11
CA ASN F 25 66.95 6.25 -11.03
C ASN F 25 66.92 4.86 -10.42
N ASN F 26 66.44 4.77 -9.19
CA ASN F 26 66.36 3.50 -8.46
C ASN F 26 67.71 2.80 -8.29
N GLU F 27 68.79 3.56 -8.29
CA GLU F 27 70.13 2.98 -8.15
C GLU F 27 71.04 3.79 -7.25
N TRP F 28 72.08 3.15 -6.72
CA TRP F 28 72.98 3.78 -5.77
C TRP F 28 74.27 4.27 -6.42
N HIS F 29 74.57 5.54 -6.19
CA HIS F 29 75.73 6.18 -6.79
C HIS F 29 76.59 6.85 -5.73
N ASP F 30 77.90 6.74 -5.87
CA ASP F 30 78.80 7.61 -5.13
C ASP F 30 78.64 9.02 -5.70
N ALA F 31 79.03 10.02 -4.93
CA ALA F 31 79.03 11.39 -5.44
C ALA F 31 80.02 11.48 -6.61
N VAL F 32 79.81 12.46 -7.48
CA VAL F 32 80.70 12.69 -8.61
C VAL F 32 82.13 12.89 -8.10
N SER F 33 82.25 13.61 -6.99
CA SER F 33 83.55 13.90 -6.39
C SER F 33 84.14 12.70 -5.64
N ARG F 34 83.30 11.69 -5.37
CA ARG F 34 83.65 10.54 -4.55
C ARG F 34 83.94 10.90 -3.08
N LYS F 35 83.64 12.13 -2.72
CA LYS F 35 83.77 12.57 -1.32
C LYS F 35 82.63 12.01 -0.48
N THR F 36 82.92 11.70 0.78
CA THR F 36 81.88 11.30 1.72
C THR F 36 81.94 12.16 2.97
N PHE F 37 80.85 12.17 3.74
CA PHE F 37 80.82 12.88 5.01
C PHE F 37 80.29 11.97 6.10
N PRO F 38 80.84 12.10 7.32
CA PRO F 38 80.40 11.23 8.41
C PRO F 38 79.09 11.69 9.03
N THR F 39 78.27 10.73 9.46
CA THR F 39 77.13 11.06 10.31
C THR F 39 77.36 10.45 11.68
N VAL F 40 77.03 11.22 12.71
CA VAL F 40 77.40 10.89 14.09
C VAL F 40 76.19 10.44 14.93
N ASN F 41 76.41 9.43 15.76
CA ASN F 41 75.45 9.05 16.80
C ASN F 41 75.55 10.07 17.94
N PRO F 42 74.51 10.90 18.11
CA PRO F 42 74.56 12.01 19.08
C PRO F 42 74.54 11.56 20.54
N SER F 43 74.28 10.27 20.78
CA SER F 43 74.27 9.73 22.14
C SER F 43 75.67 9.42 22.65
N THR F 44 76.62 9.28 21.73
CA THR F 44 77.97 8.90 22.07
C THR F 44 79.00 9.86 21.47
N GLY F 45 78.64 10.45 20.33
CA GLY F 45 79.53 11.35 19.61
C GLY F 45 80.38 10.62 18.60
N GLU F 46 80.08 9.33 18.40
CA GLU F 46 80.86 8.48 17.51
C GLU F 46 80.27 8.42 16.11
N VAL F 47 81.12 8.28 15.11
CA VAL F 47 80.67 8.17 13.73
C VAL F 47 79.94 6.84 13.52
N ILE F 48 78.83 6.89 12.80
CA ILE F 48 78.09 5.68 12.47
C ILE F 48 78.68 5.10 11.19
N CYS F 49 78.74 5.93 10.16
CA CYS F 49 79.30 5.54 8.87
C CYS F 49 79.60 6.79 8.06
N GLN F 50 80.19 6.59 6.89
CA GLN F 50 80.37 7.68 5.94
C GLN F 50 79.17 7.69 4.99
N VAL F 51 78.82 8.88 4.51
CA VAL F 51 77.71 9.04 3.57
C VAL F 51 78.15 9.85 2.36
N ALA F 52 77.73 9.44 1.16
CA ALA F 52 78.11 10.12 -0.06
C ALA F 52 77.74 11.61 -0.02
N GLU F 53 78.71 12.47 -0.26
CA GLU F 53 78.48 13.91 -0.16
C GLU F 53 78.05 14.49 -1.51
N GLY F 54 76.74 14.57 -1.72
CA GLY F 54 76.20 15.12 -2.95
C GLY F 54 76.49 16.59 -3.09
N ASP F 55 76.68 17.02 -4.33
CA ASP F 55 76.92 18.43 -4.65
C ASP F 55 76.10 18.79 -5.88
N LYS F 56 76.41 19.94 -6.47
CA LYS F 56 75.69 20.47 -7.62
C LYS F 56 75.57 19.45 -8.75
N GLU F 57 76.68 18.75 -9.02
CA GLU F 57 76.73 17.83 -10.15
C GLU F 57 75.85 16.61 -9.94
N ASP F 58 75.69 16.21 -8.69
CA ASP F 58 74.85 15.06 -8.38
C ASP F 58 73.38 15.45 -8.47
N VAL F 59 73.08 16.68 -8.09
CA VAL F 59 71.75 17.23 -8.20
C VAL F 59 71.32 17.30 -9.66
N ASP F 60 72.26 17.70 -10.52
CA ASP F 60 72.01 17.76 -11.95
C ASP F 60 71.65 16.39 -12.52
N LYS F 61 72.31 15.36 -12.02
CA LYS F 61 71.99 13.99 -12.41
C LYS F 61 70.60 13.58 -11.96
N ALA F 62 70.21 13.99 -10.75
CA ALA F 62 68.90 13.62 -10.21
C ALA F 62 67.78 14.33 -10.95
N VAL F 63 67.95 15.64 -11.17
CA VAL F 63 66.96 16.43 -11.89
C VAL F 63 66.71 15.86 -13.28
N LYS F 64 67.79 15.50 -13.97
CA LYS F 64 67.70 14.86 -15.28
C LYS F 64 66.90 13.56 -15.21
N ALA F 65 67.18 12.76 -14.18
CA ALA F 65 66.47 11.51 -13.98
C ALA F 65 64.99 11.77 -13.73
N ALA F 66 64.71 12.72 -12.85
CA ALA F 66 63.35 13.12 -12.53
C ALA F 66 62.62 13.68 -13.76
N ARG F 67 63.28 14.57 -14.49
CA ARG F 67 62.70 15.18 -15.69
C ARG F 67 62.31 14.14 -16.73
N ALA F 68 63.18 13.14 -16.91
CA ALA F 68 62.92 12.05 -17.85
C ALA F 68 61.72 11.21 -17.40
N ALA F 69 61.63 10.99 -16.09
CA ALA F 69 60.51 10.21 -15.54
C ALA F 69 59.19 10.95 -15.71
N PHE F 70 59.25 12.28 -15.75
CA PHE F 70 58.05 13.09 -15.87
C PHE F 70 57.68 13.34 -17.33
N GLN F 71 58.40 12.72 -18.25
CA GLN F 71 58.16 12.93 -19.68
C GLN F 71 56.82 12.36 -20.10
N LEU F 72 56.07 13.15 -20.85
CA LEU F 72 54.76 12.75 -21.38
C LEU F 72 54.86 11.37 -22.02
N GLY F 73 54.02 10.44 -21.58
CA GLY F 73 54.01 9.09 -22.11
C GLY F 73 54.86 8.09 -21.33
N SER F 74 55.57 8.58 -20.31
CA SER F 74 56.38 7.70 -19.46
C SER F 74 55.47 6.80 -18.62
N PRO F 75 56.03 5.73 -18.05
CA PRO F 75 55.25 4.86 -17.16
C PRO F 75 54.58 5.61 -16.01
N TRP F 76 55.20 6.68 -15.52
CA TRP F 76 54.69 7.40 -14.36
C TRP F 76 53.62 8.45 -14.72
N ARG F 77 53.74 9.04 -15.90
CA ARG F 77 52.70 9.96 -16.38
C ARG F 77 51.45 9.20 -16.84
N ARG F 78 51.65 7.97 -17.31
CA ARG F 78 50.56 7.19 -17.87
C ARG F 78 49.89 6.28 -16.85
N MET F 79 50.51 6.18 -15.68
CA MET F 79 50.00 5.30 -14.62
C MET F 79 48.66 5.79 -14.10
N ASP F 80 47.73 4.87 -13.87
CA ASP F 80 46.44 5.22 -13.31
C ASP F 80 46.64 5.94 -11.99
N ALA F 81 45.81 6.93 -11.70
CA ALA F 81 45.89 7.65 -10.44
C ALA F 81 45.66 6.72 -9.26
N SER F 82 44.72 5.78 -9.41
CA SER F 82 44.44 4.81 -8.37
C SER F 82 45.64 3.90 -8.12
N HIS F 83 46.46 3.70 -9.15
CA HIS F 83 47.63 2.84 -9.01
C HIS F 83 48.75 3.58 -8.26
N ARG F 84 48.81 4.90 -8.42
CA ARG F 84 49.71 5.71 -7.61
C ARG F 84 49.39 5.50 -6.13
N GLY F 85 48.10 5.36 -5.83
CA GLY F 85 47.66 5.10 -4.48
C GLY F 85 48.07 3.71 -4.01
N ARG F 86 47.96 2.72 -4.89
CA ARG F 86 48.36 1.35 -4.55
C ARG F 86 49.85 1.32 -4.19
N LEU F 87 50.63 2.13 -4.90
CA LEU F 87 52.07 2.16 -4.73
C LEU F 87 52.47 2.84 -3.41
N LEU F 88 51.77 3.91 -3.06
CA LEU F 88 51.98 4.56 -1.78
C LEU F 88 51.60 3.64 -0.63
N ASN F 89 50.49 2.92 -0.78
CA ASN F 89 50.08 1.93 0.21
C ASN F 89 51.05 0.76 0.31
N ARG F 90 51.61 0.36 -0.82
CA ARG F 90 52.65 -0.67 -0.85
C ARG F 90 53.88 -0.19 -0.09
N LEU F 91 54.27 1.06 -0.35
CA LEU F 91 55.41 1.66 0.35
C LEU F 91 55.19 1.69 1.85
N ALA F 92 53.99 2.08 2.26
CA ALA F 92 53.63 2.07 3.67
C ALA F 92 53.75 0.66 4.26
N ASP F 93 53.35 -0.35 3.49
CA ASP F 93 53.43 -1.74 3.96
C ASP F 93 54.87 -2.21 4.16
N LEU F 94 55.77 -1.81 3.26
CA LEU F 94 57.18 -2.17 3.38
C LEU F 94 57.83 -1.52 4.60
N ILE F 95 57.47 -0.26 4.83
CA ILE F 95 57.96 0.50 6.00
C ILE F 95 57.47 -0.12 7.31
N GLU F 96 56.23 -0.59 7.33
CA GLU F 96 55.71 -1.33 8.50
C GLU F 96 56.41 -2.68 8.67
N ARG F 97 56.74 -3.35 7.57
CA ARG F 97 57.48 -4.61 7.64
C ARG F 97 58.82 -4.40 8.35
N ASP F 98 59.46 -3.28 8.03
CA ASP F 98 60.77 -2.94 8.57
C ASP F 98 60.67 -1.85 9.62
N ARG F 99 59.57 -1.84 10.35
CA ARG F 99 59.30 -0.79 11.34
C ARG F 99 60.28 -0.80 12.52
N THR F 100 60.53 -2.00 13.05
CA THR F 100 61.45 -2.15 14.19
C THR F 100 62.85 -1.70 13.82
N TYR F 101 63.28 -2.04 12.61
CA TYR F 101 64.61 -1.67 12.13
C TYR F 101 64.72 -0.16 11.89
N LEU F 102 63.73 0.42 11.22
CA LEU F 102 63.76 1.85 10.89
C LEU F 102 63.66 2.75 12.12
N ALA F 103 62.94 2.31 13.14
CA ALA F 103 62.81 3.06 14.37
C ALA F 103 64.11 3.06 15.15
N ALA F 104 64.79 1.92 15.16
CA ALA F 104 66.09 1.82 15.79
C ALA F 104 67.10 2.70 15.06
N LEU F 105 67.12 2.59 13.74
CA LEU F 105 68.02 3.38 12.91
C LEU F 105 67.74 4.88 13.05
N GLU F 106 66.47 5.23 13.23
CA GLU F 106 66.09 6.62 13.44
C GLU F 106 66.66 7.13 14.76
N THR F 107 66.59 6.31 15.79
CA THR F 107 67.14 6.65 17.10
C THR F 107 68.67 6.80 17.07
N LEU F 108 69.35 5.81 16.49
CA LEU F 108 70.80 5.84 16.35
C LEU F 108 71.31 7.14 15.74
N ASP F 109 70.71 7.53 14.62
CA ASP F 109 71.17 8.67 13.83
C ASP F 109 70.71 10.02 14.39
N ASN F 110 69.57 10.04 15.07
CA ASN F 110 68.94 11.28 15.52
C ASN F 110 69.02 11.56 17.03
N GLY F 111 68.91 10.51 17.83
CA GLY F 111 68.99 10.64 19.28
C GLY F 111 67.69 10.49 20.04
N LYS F 112 66.55 10.56 19.34
CA LYS F 112 65.25 10.49 20.00
C LYS F 112 65.01 9.09 20.57
N PRO F 113 64.26 9.01 21.69
CA PRO F 113 64.00 7.71 22.32
C PRO F 113 63.38 6.69 21.35
N TYR F 114 63.89 5.46 21.37
CA TYR F 114 63.41 4.42 20.45
C TYR F 114 61.92 4.12 20.59
N VAL F 115 61.42 4.19 21.83
CA VAL F 115 60.00 3.99 22.09
C VAL F 115 59.17 5.01 21.31
N ILE F 116 59.64 6.25 21.29
CA ILE F 116 58.98 7.33 20.54
C ILE F 116 59.10 7.13 19.02
N SER F 117 60.29 6.84 18.53
CA SER F 117 60.49 6.55 17.09
C SER F 117 59.54 5.45 16.62
N TYR F 118 59.34 4.45 17.47
CA TYR F 118 58.52 3.31 17.11
C TYR F 118 57.04 3.66 17.19
N LEU F 119 56.63 4.14 18.37
CA LEU F 119 55.22 4.37 18.65
C LEU F 119 54.68 5.64 17.99
N VAL F 120 55.53 6.64 17.81
CA VAL F 120 55.08 7.92 17.27
C VAL F 120 55.55 8.15 15.84
N ASP F 121 56.84 8.37 15.65
CA ASP F 121 57.39 8.70 14.34
C ASP F 121 57.01 7.71 13.25
N LEU F 122 57.28 6.44 13.48
CA LEU F 122 56.97 5.42 12.49
C LEU F 122 55.47 5.24 12.30
N ASP F 123 54.68 5.56 13.34
CA ASP F 123 53.23 5.48 13.24
C ASP F 123 52.69 6.65 12.40
N MET F 124 53.27 7.83 12.60
CA MET F 124 52.85 9.02 11.85
C MET F 124 53.26 8.93 10.38
N VAL F 125 54.39 8.28 10.11
CA VAL F 125 54.83 8.03 8.74
C VAL F 125 53.81 7.18 7.99
N LEU F 126 53.43 6.06 8.61
CA LEU F 126 52.48 5.14 8.02
C LEU F 126 51.15 5.82 7.73
N LYS F 127 50.65 6.54 8.73
CA LYS F 127 49.38 7.26 8.61
C LYS F 127 49.44 8.37 7.57
N CYS F 128 50.60 9.00 7.43
CA CYS F 128 50.76 10.07 6.44
C CYS F 128 50.70 9.51 5.02
N LEU F 129 51.50 8.48 4.76
CA LEU F 129 51.56 7.87 3.44
C LEU F 129 50.23 7.20 3.07
N ARG F 130 49.58 6.58 4.05
CA ARG F 130 48.28 5.92 3.83
C ARG F 130 47.13 6.91 3.63
N TYR F 131 47.18 8.03 4.33
CA TYR F 131 46.22 9.10 4.07
C TYR F 131 46.36 9.59 2.64
N TYR F 132 47.59 9.89 2.23
CA TYR F 132 47.80 10.47 0.90
C TYR F 132 47.60 9.49 -0.25
N ALA F 133 47.80 8.21 0.03
CA ALA F 133 47.50 7.16 -0.94
C ALA F 133 46.04 7.30 -1.39
N GLY F 134 45.18 7.62 -0.43
CA GLY F 134 43.77 7.82 -0.69
C GLY F 134 43.43 9.06 -1.49
N TRP F 135 44.34 10.04 -1.53
CA TRP F 135 44.07 11.27 -2.30
C TRP F 135 44.42 11.13 -3.77
N ALA F 136 45.25 10.13 -4.09
CA ALA F 136 45.80 9.94 -5.42
C ALA F 136 44.80 10.04 -6.56
N ASP F 137 43.59 9.52 -6.36
CA ASP F 137 42.58 9.55 -7.42
C ASP F 137 41.32 10.35 -7.07
N LYS F 138 41.42 11.31 -6.16
CA LYS F 138 40.23 12.02 -5.69
C LYS F 138 40.34 13.55 -5.69
N TYR F 139 41.48 14.08 -6.13
CA TYR F 139 41.66 15.53 -6.13
C TYR F 139 41.18 16.09 -7.46
N HIS F 140 39.86 16.07 -7.64
CA HIS F 140 39.21 16.44 -8.89
C HIS F 140 39.51 17.85 -9.38
N GLY F 141 39.42 18.04 -10.68
CA GLY F 141 39.36 19.37 -11.26
C GLY F 141 37.90 19.76 -11.33
N LYS F 142 37.58 20.75 -12.15
CA LYS F 142 36.21 21.26 -12.19
C LYS F 142 35.65 21.36 -13.61
N THR F 143 34.33 21.23 -13.75
CA THR F 143 33.66 21.69 -14.96
C THR F 143 32.93 22.99 -14.62
N ILE F 144 33.15 24.01 -15.44
CA ILE F 144 32.87 25.39 -15.04
C ILE F 144 31.91 26.08 -16.00
N PRO F 145 30.80 26.64 -15.47
CA PRO F 145 29.72 27.19 -16.30
C PRO F 145 30.03 28.59 -16.81
N ILE F 146 31.06 28.69 -17.65
CA ILE F 146 31.52 29.96 -18.19
C ILE F 146 30.47 30.55 -19.15
N ASP F 147 30.53 31.86 -19.38
CA ASP F 147 29.59 32.52 -20.30
C ASP F 147 29.85 32.06 -21.72
N GLY F 148 28.80 32.09 -22.55
CA GLY F 148 28.95 31.85 -23.98
C GLY F 148 28.86 30.39 -24.39
N ASP F 149 28.96 30.14 -25.69
CA ASP F 149 28.87 28.80 -26.23
C ASP F 149 30.19 28.04 -26.07
N PHE F 150 30.57 27.81 -24.82
CA PHE F 150 31.80 27.08 -24.53
C PHE F 150 31.59 26.09 -23.39
N PHE F 151 32.39 25.04 -23.38
CA PHE F 151 32.50 24.18 -22.23
C PHE F 151 33.90 24.35 -21.69
N SER F 152 34.00 24.75 -20.42
CA SER F 152 35.29 25.01 -19.81
C SER F 152 35.52 24.07 -18.62
N TYR F 153 36.76 23.63 -18.44
CA TYR F 153 37.08 22.76 -17.34
C TYR F 153 38.55 22.85 -16.94
N THR F 154 38.87 22.35 -15.76
CA THR F 154 40.26 22.35 -15.30
C THR F 154 40.80 20.94 -15.14
N ARG F 155 42.04 20.75 -15.59
CA ARG F 155 42.78 19.53 -15.32
C ARG F 155 43.74 19.82 -14.18
N HIS F 156 43.70 18.98 -13.16
CA HIS F 156 44.65 19.10 -12.05
C HIS F 156 45.89 18.28 -12.35
N GLU F 157 46.86 18.94 -12.99
CA GLU F 157 48.10 18.28 -13.43
C GLU F 157 49.17 18.37 -12.35
N PRO F 158 50.22 17.54 -12.46
CA PRO F 158 51.32 17.66 -11.50
C PRO F 158 52.18 18.88 -11.82
N VAL F 159 52.81 19.48 -10.81
CA VAL F 159 53.65 20.65 -11.05
C VAL F 159 54.96 20.27 -11.75
N GLY F 160 55.41 19.03 -11.55
CA GLY F 160 56.52 18.50 -12.32
C GLY F 160 57.68 18.00 -11.47
N VAL F 161 58.87 18.55 -11.73
CA VAL F 161 60.05 18.21 -10.96
C VAL F 161 60.06 18.99 -9.65
N CYS F 162 59.91 18.27 -8.54
CA CYS F 162 59.78 18.89 -7.23
C CYS F 162 61.03 18.73 -6.38
N GLY F 163 61.61 19.85 -5.97
CA GLY F 163 62.75 19.86 -5.08
C GLY F 163 62.29 19.95 -3.64
N GLN F 164 62.72 18.99 -2.83
CA GLN F 164 62.26 18.91 -1.44
C GLN F 164 63.43 18.85 -0.48
N ILE F 165 63.56 19.89 0.34
CA ILE F 165 64.67 20.02 1.28
C ILE F 165 64.12 20.00 2.70
N ILE F 166 64.60 19.06 3.53
CA ILE F 166 63.99 18.79 4.83
C ILE F 166 64.99 18.86 6.00
N PRO F 167 64.50 19.06 7.24
CA PRO F 167 65.42 19.11 8.37
C PRO F 167 65.70 17.77 9.03
N TRP F 168 66.29 17.82 10.22
CA TRP F 168 66.76 16.63 10.93
C TRP F 168 65.93 16.25 12.16
N ASN F 169 64.98 17.10 12.55
CA ASN F 169 64.25 16.87 13.80
C ASN F 169 63.30 15.67 13.74
N PHE F 170 62.60 15.53 12.61
CA PHE F 170 61.79 14.34 12.34
C PHE F 170 62.12 13.82 10.95
N PRO F 171 63.29 13.19 10.78
CA PRO F 171 63.80 12.77 9.47
C PRO F 171 62.80 11.94 8.64
N LEU F 172 62.26 10.88 9.23
CA LEU F 172 61.37 9.98 8.51
C LEU F 172 60.00 10.60 8.24
N LEU F 173 59.44 11.28 9.23
CA LEU F 173 58.15 11.91 9.08
C LEU F 173 58.21 13.09 8.10
N MET F 174 59.30 13.86 8.18
CA MET F 174 59.49 14.96 7.23
C MET F 174 59.57 14.44 5.79
N GLN F 175 60.19 13.29 5.62
CA GLN F 175 60.27 12.65 4.32
C GLN F 175 58.88 12.26 3.82
N ALA F 176 58.06 11.71 4.72
CA ALA F 176 56.71 11.28 4.38
C ALA F 176 55.77 12.47 4.12
N TRP F 177 55.94 13.55 4.88
CA TRP F 177 55.15 14.76 4.67
C TRP F 177 55.35 15.30 3.27
N LYS F 178 56.57 15.15 2.76
CA LYS F 178 56.92 15.61 1.42
C LYS F 178 56.49 14.62 0.31
N LEU F 179 56.91 13.36 0.45
CA LEU F 179 56.66 12.36 -0.59
C LEU F 179 55.18 12.04 -0.81
N GLY F 180 54.43 11.91 0.29
CA GLY F 180 53.01 11.59 0.23
C GLY F 180 52.18 12.39 -0.75
N PRO F 181 52.13 13.72 -0.60
CA PRO F 181 51.33 14.56 -1.51
C PRO F 181 51.96 14.70 -2.88
N ALA F 182 53.29 14.74 -2.94
CA ALA F 182 53.97 14.89 -4.23
C ALA F 182 53.71 13.66 -5.11
N LEU F 183 53.75 12.48 -4.50
CA LEU F 183 53.55 11.24 -5.24
C LEU F 183 52.09 10.97 -5.58
N ALA F 184 51.19 11.29 -4.64
CA ALA F 184 49.77 11.07 -4.84
C ALA F 184 49.26 11.83 -6.06
N THR F 185 49.85 12.99 -6.30
CA THR F 185 49.45 13.85 -7.41
C THR F 185 50.36 13.68 -8.63
N GLY F 186 51.26 12.70 -8.55
CA GLY F 186 52.04 12.27 -9.70
C GLY F 186 53.19 13.18 -10.09
N ASN F 187 53.83 13.79 -9.09
CA ASN F 187 55.02 14.57 -9.34
C ASN F 187 56.25 13.68 -9.27
N VAL F 188 57.40 14.23 -9.66
CA VAL F 188 58.66 13.53 -9.46
C VAL F 188 59.48 14.32 -8.44
N VAL F 189 60.38 13.66 -7.74
CA VAL F 189 61.02 14.28 -6.59
C VAL F 189 62.55 14.24 -6.63
N VAL F 190 63.17 15.35 -6.29
CA VAL F 190 64.58 15.37 -5.96
C VAL F 190 64.70 15.84 -4.51
N MET F 191 65.03 14.93 -3.61
CA MET F 191 65.01 15.23 -2.18
C MET F 191 66.39 15.44 -1.59
N LYS F 192 66.55 16.52 -0.84
CA LYS F 192 67.80 16.79 -0.16
C LYS F 192 67.60 16.63 1.34
N VAL F 193 68.09 15.52 1.88
CA VAL F 193 67.90 15.23 3.30
C VAL F 193 68.98 15.93 4.13
N ALA F 194 68.72 16.11 5.41
CA ALA F 194 69.65 16.82 6.29
C ALA F 194 70.94 16.04 6.44
N GLU F 195 72.06 16.75 6.53
CA GLU F 195 73.35 16.11 6.70
C GLU F 195 73.48 15.42 8.05
N GLN F 196 72.73 15.91 9.04
CA GLN F 196 72.77 15.31 10.37
C GLN F 196 72.09 13.95 10.41
N THR F 197 71.06 13.77 9.59
CA THR F 197 70.23 12.55 9.64
C THR F 197 69.87 11.97 8.27
N PRO F 198 70.86 11.50 7.51
CA PRO F 198 70.56 11.00 6.16
C PRO F 198 70.08 9.54 6.09
N LEU F 199 70.45 8.73 7.07
CA LEU F 199 70.35 7.27 6.98
C LEU F 199 68.96 6.63 6.75
N THR F 200 67.96 7.08 7.51
CA THR F 200 66.63 6.46 7.43
C THR F 200 65.94 6.78 6.11
N ALA F 201 66.12 8.01 5.62
CA ALA F 201 65.53 8.41 4.35
C ALA F 201 66.15 7.62 3.22
N LEU F 202 67.42 7.30 3.35
CA LEU F 202 68.11 6.53 2.32
C LEU F 202 67.64 5.08 2.30
N TYR F 203 67.23 4.55 3.44
CA TYR F 203 66.70 3.19 3.47
C TYR F 203 65.30 3.13 2.87
N VAL F 204 64.50 4.16 3.12
CA VAL F 204 63.17 4.26 2.53
C VAL F 204 63.26 4.31 1.01
N ALA F 205 64.30 4.95 0.48
CA ALA F 205 64.54 4.99 -0.95
C ALA F 205 64.68 3.57 -1.51
N ASN F 206 65.36 2.71 -0.76
CA ASN F 206 65.47 1.31 -1.13
C ASN F 206 64.09 0.64 -1.14
N LEU F 207 63.22 1.03 -0.22
CA LEU F 207 61.88 0.47 -0.16
C LEU F 207 61.00 1.03 -1.27
N ILE F 208 61.26 2.30 -1.63
CA ILE F 208 60.58 2.93 -2.75
C ILE F 208 60.83 2.13 -4.03
N LYS F 209 62.06 1.67 -4.19
CA LYS F 209 62.42 0.83 -5.33
C LYS F 209 61.72 -0.53 -5.25
N GLU F 210 61.73 -1.14 -4.08
CA GLU F 210 61.08 -2.42 -3.88
C GLU F 210 59.57 -2.35 -4.13
N ALA F 211 58.94 -1.22 -3.76
CA ALA F 211 57.50 -1.04 -3.91
C ALA F 211 57.07 -0.93 -5.37
N GLY F 212 58.02 -0.58 -6.24
CA GLY F 212 57.77 -0.56 -7.67
C GLY F 212 57.58 0.81 -8.31
N PHE F 213 58.10 1.86 -7.66
CA PHE F 213 58.07 3.18 -8.26
C PHE F 213 59.04 3.23 -9.44
N PRO F 214 58.58 3.73 -10.59
CA PRO F 214 59.44 3.85 -11.77
C PRO F 214 60.72 4.65 -11.48
N PRO F 215 61.84 4.26 -12.10
CA PRO F 215 63.12 4.95 -11.86
C PRO F 215 63.01 6.43 -12.20
N GLY F 216 63.53 7.28 -11.31
CA GLY F 216 63.48 8.72 -11.53
C GLY F 216 62.35 9.41 -10.78
N VAL F 217 61.34 8.65 -10.37
CA VAL F 217 60.20 9.24 -9.67
C VAL F 217 60.61 9.88 -8.35
N VAL F 218 61.40 9.16 -7.55
CA VAL F 218 62.01 9.73 -6.36
C VAL F 218 63.53 9.60 -6.41
N ASN F 219 64.22 10.72 -6.21
CA ASN F 219 65.68 10.75 -6.15
C ASN F 219 66.13 11.48 -4.90
N ILE F 220 67.08 10.90 -4.19
CA ILE F 220 67.53 11.48 -2.93
C ILE F 220 69.02 11.78 -2.93
N VAL F 221 69.36 13.04 -2.66
CA VAL F 221 70.75 13.44 -2.63
C VAL F 221 71.16 13.84 -1.22
N PRO F 222 71.92 13.00 -0.54
CA PRO F 222 72.49 13.39 0.75
C PRO F 222 73.64 14.36 0.49
N GLY F 223 73.87 15.28 1.41
CA GLY F 223 74.89 16.30 1.23
C GLY F 223 74.62 17.49 2.12
N PHE F 224 75.38 18.56 1.93
CA PHE F 224 75.21 19.74 2.76
C PHE F 224 74.23 20.72 2.13
N GLY F 225 73.91 21.76 2.89
CA GLY F 225 72.96 22.76 2.44
C GLY F 225 73.45 23.63 1.30
N PRO F 226 74.45 24.50 1.56
CA PRO F 226 74.93 25.47 0.57
C PRO F 226 75.42 24.82 -0.72
N THR F 227 75.60 23.51 -0.71
CA THR F 227 76.02 22.77 -1.89
C THR F 227 74.82 22.13 -2.61
N ALA F 228 74.44 20.93 -2.17
CA ALA F 228 73.36 20.21 -2.82
C ALA F 228 72.01 20.91 -2.65
N GLY F 229 71.76 21.42 -1.46
CA GLY F 229 70.53 22.14 -1.19
C GLY F 229 70.34 23.36 -2.08
N ALA F 230 71.33 24.26 -2.07
CA ALA F 230 71.28 25.47 -2.88
C ALA F 230 71.20 25.15 -4.38
N ALA F 231 71.77 24.00 -4.76
CA ALA F 231 71.74 23.56 -6.15
C ALA F 231 70.33 23.24 -6.60
N ILE F 232 69.50 22.79 -5.65
CA ILE F 232 68.12 22.46 -5.95
C ILE F 232 67.28 23.72 -6.05
N ALA F 233 67.49 24.63 -5.10
CA ALA F 233 66.72 25.87 -5.04
C ALA F 233 66.99 26.77 -6.24
N SER F 234 68.16 26.59 -6.86
CA SER F 234 68.61 27.47 -7.94
C SER F 234 68.54 26.78 -9.29
N HIS F 235 68.18 25.49 -9.29
CA HIS F 235 68.25 24.72 -10.52
C HIS F 235 67.25 25.26 -11.53
N GLU F 236 67.69 25.25 -12.79
CA GLU F 236 67.00 25.84 -13.91
C GLU F 236 65.83 24.99 -14.37
N ASP F 237 65.85 23.72 -14.00
CA ASP F 237 64.85 22.79 -14.47
C ASP F 237 64.03 22.17 -13.34
N VAL F 238 64.11 22.76 -12.15
CA VAL F 238 63.25 22.37 -11.05
C VAL F 238 62.04 23.31 -11.03
N ASP F 239 60.84 22.73 -11.08
CA ASP F 239 59.61 23.51 -11.23
C ASP F 239 59.09 24.03 -9.91
N LYS F 240 59.32 23.28 -8.85
CA LYS F 240 58.77 23.58 -7.54
C LYS F 240 59.80 23.25 -6.46
N VAL F 241 59.88 24.08 -5.44
CA VAL F 241 60.73 23.76 -4.30
C VAL F 241 59.89 23.80 -3.02
N ALA F 242 60.11 22.81 -2.16
CA ALA F 242 59.45 22.79 -0.86
C ALA F 242 60.52 22.73 0.22
N PHE F 243 60.52 23.70 1.13
CA PHE F 243 61.57 23.77 2.16
C PHE F 243 61.02 23.80 3.59
N THR F 244 61.62 22.99 4.45
CA THR F 244 61.31 23.04 5.88
C THR F 244 62.61 23.17 6.66
N GLY F 245 62.71 24.22 7.48
CA GLY F 245 63.91 24.48 8.25
C GLY F 245 63.89 25.87 8.85
N SER F 246 65.07 26.45 9.04
CA SER F 246 65.17 27.78 9.64
C SER F 246 64.65 28.89 8.72
N THR F 247 64.06 29.90 9.33
CA THR F 247 63.55 31.08 8.64
C THR F 247 64.65 31.75 7.81
N GLU F 248 65.85 31.78 8.37
CA GLU F 248 67.04 32.32 7.72
C GLU F 248 67.32 31.68 6.36
N ILE F 249 67.36 30.35 6.33
CA ILE F 249 67.57 29.62 5.07
C ILE F 249 66.32 29.70 4.17
N GLY F 250 65.16 29.91 4.79
CA GLY F 250 63.93 30.18 4.07
C GLY F 250 64.06 31.37 3.14
N ARG F 251 64.69 32.45 3.63
CA ARG F 251 64.97 33.63 2.82
C ARG F 251 65.88 33.29 1.65
N VAL F 252 66.94 32.53 1.95
CA VAL F 252 67.90 32.09 0.94
C VAL F 252 67.23 31.30 -0.19
N ILE F 253 66.28 30.44 0.19
CA ILE F 253 65.56 29.60 -0.76
C ILE F 253 64.67 30.45 -1.68
N GLN F 254 63.93 31.39 -1.09
CA GLN F 254 63.05 32.28 -1.82
C GLN F 254 63.82 33.14 -2.83
N VAL F 255 64.91 33.75 -2.37
CA VAL F 255 65.76 34.57 -3.23
C VAL F 255 66.31 33.76 -4.41
N ALA F 256 66.76 32.54 -4.12
CA ALA F 256 67.33 31.65 -5.14
C ALA F 256 66.33 31.26 -6.24
N ALA F 257 65.07 31.09 -5.87
CA ALA F 257 64.03 30.73 -6.82
C ALA F 257 63.74 31.88 -7.78
N GLY F 258 63.63 33.08 -7.23
CA GLY F 258 63.37 34.26 -8.03
C GLY F 258 64.58 34.76 -8.79
N SER F 259 65.76 34.31 -8.38
CA SER F 259 66.98 34.66 -9.08
C SER F 259 67.28 33.63 -10.17
N SER F 260 66.60 32.49 -10.10
CA SER F 260 66.77 31.44 -11.10
C SER F 260 65.60 31.40 -12.08
N ASN F 261 64.75 30.39 -11.95
CA ASN F 261 63.70 30.16 -12.93
C ASN F 261 62.29 30.46 -12.43
N LEU F 262 62.19 31.20 -11.32
CA LEU F 262 60.90 31.56 -10.73
C LEU F 262 60.05 30.33 -10.36
N LYS F 263 60.71 29.24 -10.00
CA LYS F 263 60.05 28.02 -9.55
C LYS F 263 59.10 28.32 -8.39
N ARG F 264 58.04 27.54 -8.25
CA ARG F 264 57.09 27.73 -7.15
C ARG F 264 57.74 27.41 -5.81
N VAL F 265 57.38 28.17 -4.78
CA VAL F 265 58.01 28.04 -3.46
C VAL F 265 56.99 27.97 -2.33
N THR F 266 57.15 26.98 -1.46
CA THR F 266 56.44 26.93 -0.18
C THR F 266 57.44 26.67 0.93
N LEU F 267 57.17 27.20 2.12
CA LEU F 267 58.11 27.11 3.23
C LEU F 267 57.43 26.79 4.55
N GLN F 268 58.06 25.93 5.34
CA GLN F 268 57.65 25.75 6.72
C GLN F 268 58.85 26.03 7.61
N LEU F 269 58.76 27.09 8.41
CA LEU F 269 59.93 27.61 9.10
C LEU F 269 59.78 27.55 10.63
N GLY F 270 60.55 28.37 11.34
CA GLY F 270 60.58 28.34 12.79
C GLY F 270 59.38 28.97 13.45
N GLY F 271 59.32 28.84 14.78
CA GLY F 271 58.24 29.43 15.54
C GLY F 271 58.66 29.84 16.95
N LYS F 272 57.76 30.53 17.62
CA LYS F 272 57.90 30.83 19.05
C LYS F 272 56.49 30.79 19.61
N SER F 273 55.86 29.63 19.44
CA SER F 273 54.43 29.45 19.69
C SER F 273 54.03 29.72 21.13
N PRO F 274 52.99 30.54 21.32
CA PRO F 274 52.45 30.81 22.66
C PRO F 274 51.54 29.69 23.17
N ASN F 275 51.75 29.27 24.40
CA ASN F 275 50.89 28.31 25.07
C ASN F 275 50.21 29.05 26.22
N ILE F 276 48.91 29.31 26.07
CA ILE F 276 48.20 30.19 27.01
C ILE F 276 47.33 29.42 28.01
N ILE F 277 47.74 29.44 29.27
CA ILE F 277 47.01 28.76 30.33
C ILE F 277 46.16 29.75 31.13
N MET F 278 44.85 29.74 30.89
CA MET F 278 43.92 30.60 31.63
C MET F 278 43.72 30.03 33.04
N SER F 279 43.25 30.85 33.96
CA SER F 279 43.12 30.43 35.36
C SER F 279 42.08 29.33 35.57
N ASP F 280 41.10 29.23 34.67
CA ASP F 280 40.07 28.19 34.77
C ASP F 280 40.44 26.90 34.03
N ALA F 281 41.72 26.67 33.82
CA ALA F 281 42.17 25.46 33.15
C ALA F 281 42.34 24.33 34.15
N ASP F 282 42.22 23.09 33.67
CA ASP F 282 42.54 21.93 34.49
C ASP F 282 44.04 21.94 34.73
N MET F 283 44.44 22.26 35.95
CA MET F 283 45.84 22.39 36.32
C MET F 283 46.70 21.17 35.97
N ASP F 284 46.23 19.99 36.36
CA ASP F 284 46.95 18.74 36.09
C ASP F 284 47.22 18.51 34.61
N TRP F 285 46.15 18.58 33.82
CA TRP F 285 46.24 18.43 32.37
C TRP F 285 47.13 19.52 31.75
N ALA F 286 46.90 20.77 32.16
CA ALA F 286 47.67 21.90 31.63
C ALA F 286 49.17 21.77 31.90
N VAL F 287 49.52 21.31 33.09
CA VAL F 287 50.93 21.19 33.46
C VAL F 287 51.65 20.12 32.64
N GLU F 288 50.98 18.98 32.43
CA GLU F 288 51.55 17.90 31.64
C GLU F 288 51.60 18.22 30.14
N GLN F 289 50.56 18.87 29.63
CA GLN F 289 50.53 19.24 28.21
C GLN F 289 51.53 20.34 27.88
N ALA F 290 51.79 21.20 28.86
CA ALA F 290 52.77 22.29 28.68
C ALA F 290 54.19 21.75 28.71
N HIS F 291 54.40 20.72 29.53
CA HIS F 291 55.69 20.04 29.58
C HIS F 291 55.96 19.37 28.25
N PHE F 292 54.95 18.66 27.75
CA PHE F 292 55.04 17.98 26.47
C PHE F 292 55.23 18.99 25.34
N ALA F 293 54.49 20.10 25.41
CA ALA F 293 54.54 21.15 24.38
C ALA F 293 55.95 21.70 24.12
N LEU F 294 56.74 21.78 25.18
CA LEU F 294 58.08 22.34 25.11
C LEU F 294 59.12 21.25 24.89
N PHE F 295 59.10 20.24 25.76
CA PHE F 295 60.21 19.28 25.83
C PHE F 295 60.20 18.19 24.77
N PHE F 296 59.04 17.96 24.15
CA PHE F 296 58.91 16.92 23.13
C PHE F 296 60.02 16.93 22.09
N ASN F 297 60.55 15.76 21.79
CA ASN F 297 61.61 15.62 20.80
C ASN F 297 62.84 16.42 21.20
N GLN F 298 63.22 16.32 22.47
CA GLN F 298 64.38 17.04 23.01
C GLN F 298 64.27 18.54 22.80
N GLY F 299 63.04 19.04 22.78
CA GLY F 299 62.79 20.44 22.56
C GLY F 299 62.96 20.84 21.10
N GLN F 300 63.29 19.87 20.26
CA GLN F 300 63.58 20.15 18.86
C GLN F 300 62.37 19.99 17.97
N SER F 301 61.45 20.94 18.09
CA SER F 301 60.20 20.93 17.34
C SER F 301 59.89 22.37 16.92
N CYS F 302 59.56 22.55 15.64
N CYS F 302 59.55 22.53 15.64
CA CYS F 302 59.27 23.89 15.13
CA CYS F 302 59.23 23.84 15.08
C CYS F 302 58.05 24.51 15.80
C CYS F 302 58.06 24.49 15.80
N SER F 303 57.13 23.66 16.23
CA SER F 303 55.90 24.11 16.87
C SER F 303 55.94 24.07 18.40
N ALA F 304 57.15 24.01 18.98
CA ALA F 304 57.28 23.87 20.42
C ALA F 304 56.65 25.05 21.17
N GLY F 305 55.95 24.73 22.26
CA GLY F 305 55.32 25.75 23.08
C GLY F 305 56.34 26.50 23.92
N SER F 306 57.15 27.32 23.25
CA SER F 306 58.31 27.97 23.86
C SER F 306 58.00 29.28 24.58
N ARG F 307 56.73 29.66 24.57
CA ARG F 307 56.27 30.77 25.40
C ARG F 307 55.02 30.36 26.15
N THR F 308 55.22 29.87 27.37
CA THR F 308 54.12 29.45 28.22
C THR F 308 53.59 30.65 28.99
N PHE F 309 52.42 31.13 28.61
CA PHE F 309 51.77 32.24 29.31
C PHE F 309 50.83 31.68 30.37
N VAL F 310 51.06 32.08 31.62
CA VAL F 310 50.27 31.59 32.73
C VAL F 310 49.57 32.74 33.46
N GLN F 311 48.26 32.64 33.63
N GLN F 311 48.26 32.63 33.63
CA GLN F 311 47.50 33.68 34.32
CA GLN F 311 47.48 33.63 34.36
C GLN F 311 47.95 33.77 35.78
C GLN F 311 48.03 33.77 35.77
N GLU F 312 48.12 35.01 36.25
CA GLU F 312 48.77 35.29 37.54
C GLU F 312 48.18 34.61 38.77
N ASP F 313 46.88 34.26 38.72
CA ASP F 313 46.22 33.60 39.84
C ASP F 313 46.69 32.15 40.04
N ILE F 314 47.23 31.54 38.99
CA ILE F 314 47.67 30.15 39.07
C ILE F 314 49.15 30.01 38.75
N TYR F 315 49.86 31.13 38.69
CA TYR F 315 51.27 31.13 38.32
C TYR F 315 52.13 30.26 39.25
N ASP F 316 52.07 30.54 40.54
CA ASP F 316 52.93 29.87 41.51
C ASP F 316 52.71 28.36 41.53
N GLU F 317 51.46 27.93 41.50
CA GLU F 317 51.16 26.49 41.49
C GLU F 317 51.63 25.84 40.20
N PHE F 318 51.35 26.50 39.07
CA PHE F 318 51.78 25.99 37.77
C PHE F 318 53.29 25.83 37.72
N VAL F 319 54.00 26.87 38.14
CA VAL F 319 55.45 26.87 38.11
C VAL F 319 56.02 25.74 38.95
N GLU F 320 55.50 25.62 40.17
CA GLU F 320 55.92 24.59 41.12
C GLU F 320 55.75 23.18 40.54
N ARG F 321 54.59 22.94 39.95
CA ARG F 321 54.29 21.67 39.33
C ARG F 321 55.15 21.41 38.08
N SER F 322 55.35 22.46 37.28
CA SER F 322 56.18 22.36 36.09
C SER F 322 57.62 22.00 36.45
N VAL F 323 58.16 22.65 37.47
CA VAL F 323 59.52 22.37 37.91
C VAL F 323 59.65 20.93 38.35
N ALA F 324 58.67 20.44 39.11
CA ALA F 324 58.68 19.05 39.58
C ALA F 324 58.67 18.07 38.40
N ARG F 325 57.93 18.43 37.35
CA ARG F 325 57.83 17.59 36.15
C ARG F 325 59.12 17.62 35.32
N ALA F 326 59.71 18.81 35.16
CA ALA F 326 60.94 18.95 34.42
C ALA F 326 62.13 18.30 35.14
N LYS F 327 62.07 18.27 36.46
CA LYS F 327 63.14 17.64 37.24
C LYS F 327 63.03 16.11 37.23
N SER F 328 61.82 15.60 36.99
CA SER F 328 61.59 14.17 36.99
C SER F 328 61.76 13.54 35.61
N ARG F 329 61.83 14.39 34.58
CA ARG F 329 62.01 13.93 33.21
C ARG F 329 63.33 13.20 33.07
N VAL F 330 63.28 11.97 32.59
CA VAL F 330 64.45 11.12 32.51
C VAL F 330 65.27 11.39 31.23
N VAL F 331 66.51 11.78 31.42
CA VAL F 331 67.45 11.99 30.32
C VAL F 331 68.41 10.81 30.28
N GLY F 332 68.77 10.35 29.09
CA GLY F 332 69.75 9.28 28.97
C GLY F 332 69.78 8.55 27.64
N ASN F 333 70.28 7.32 27.67
CA ASN F 333 70.32 6.46 26.50
C ASN F 333 68.93 6.34 25.88
N PRO F 334 68.78 6.79 24.63
CA PRO F 334 67.50 6.77 23.93
C PRO F 334 66.96 5.35 23.72
N PHE F 335 67.85 4.37 23.80
CA PHE F 335 67.44 2.97 23.65
C PHE F 335 66.96 2.36 24.96
N ASP F 336 67.12 3.09 26.05
CA ASP F 336 66.60 2.64 27.35
C ASP F 336 65.13 3.03 27.43
N SER F 337 64.28 2.06 27.78
CA SER F 337 62.83 2.23 27.70
C SER F 337 62.26 3.25 28.69
N LYS F 338 63.06 3.59 29.70
CA LYS F 338 62.65 4.60 30.68
C LYS F 338 63.02 6.02 30.25
N THR F 339 63.87 6.14 29.23
CA THR F 339 64.35 7.45 28.80
C THR F 339 63.25 8.27 28.12
N GLU F 340 62.99 9.46 28.66
CA GLU F 340 62.02 10.38 28.08
C GLU F 340 62.68 11.34 27.10
N GLN F 341 63.91 11.76 27.43
CA GLN F 341 64.63 12.75 26.63
C GLN F 341 66.03 12.26 26.26
N GLY F 342 66.32 12.18 24.97
CA GLY F 342 67.63 11.78 24.49
C GLY F 342 68.56 12.98 24.32
N PRO F 343 69.64 12.81 23.56
CA PRO F 343 70.58 13.91 23.33
C PRO F 343 70.08 14.84 22.24
N GLN F 344 70.69 16.03 22.14
CA GLN F 344 70.43 16.92 21.01
C GLN F 344 71.11 16.34 19.77
N VAL F 345 70.72 16.83 18.59
CA VAL F 345 71.10 16.16 17.34
C VAL F 345 72.59 16.20 17.00
N ASP F 346 73.28 17.29 17.35
CA ASP F 346 74.72 17.40 17.10
C ASP F 346 75.40 18.41 18.02
N GLU F 347 76.70 18.59 17.85
CA GLU F 347 77.46 19.48 18.72
C GLU F 347 77.09 20.93 18.53
N THR F 348 76.66 21.26 17.31
CA THR F 348 76.30 22.63 16.96
C THR F 348 75.06 23.10 17.71
N GLN F 349 74.04 22.26 17.75
CA GLN F 349 72.82 22.54 18.49
C GLN F 349 73.08 22.52 19.98
N PHE F 350 73.83 21.52 20.43
CA PHE F 350 74.26 21.38 21.82
C PHE F 350 74.85 22.69 22.36
N LYS F 351 75.74 23.31 21.59
CA LYS F 351 76.40 24.55 22.02
C LYS F 351 75.49 25.76 21.89
N LYS F 352 74.68 25.79 20.84
CA LYS F 352 73.75 26.89 20.61
C LYS F 352 72.70 26.98 21.73
N ILE F 353 72.24 25.83 22.21
CA ILE F 353 71.27 25.77 23.29
C ILE F 353 71.88 26.24 24.61
N LEU F 354 73.07 25.73 24.93
CA LEU F 354 73.78 26.18 26.13
C LEU F 354 74.00 27.69 26.08
N GLY F 355 74.21 28.21 24.86
CA GLY F 355 74.34 29.64 24.66
C GLY F 355 73.10 30.43 25.05
N TYR F 356 71.92 29.92 24.71
CA TYR F 356 70.67 30.58 25.07
C TYR F 356 70.40 30.51 26.57
N ILE F 357 70.75 29.39 27.18
CA ILE F 357 70.61 29.24 28.62
C ILE F 357 71.47 30.29 29.34
N ASN F 358 72.69 30.47 28.86
CA ASN F 358 73.57 31.49 29.40
C ASN F 358 72.97 32.89 29.23
N THR F 359 72.36 33.13 28.07
CA THR F 359 71.75 34.42 27.78
C THR F 359 70.54 34.64 28.69
N GLY F 360 69.76 33.58 28.88
CA GLY F 360 68.61 33.65 29.76
C GLY F 360 69.02 34.07 31.16
N LYS F 361 70.10 33.48 31.66
CA LYS F 361 70.61 33.81 32.98
C LYS F 361 71.07 35.26 33.08
N GLN F 362 71.83 35.69 32.08
CA GLN F 362 72.42 37.04 32.06
C GLN F 362 71.39 38.14 31.84
N GLU F 363 70.22 37.78 31.32
CA GLU F 363 69.19 38.77 31.02
C GLU F 363 68.14 38.88 32.12
N GLY F 364 68.37 38.18 33.22
CA GLY F 364 67.52 38.33 34.39
C GLY F 364 66.40 37.31 34.57
N ALA F 365 66.32 36.32 33.70
CA ALA F 365 65.30 35.28 33.86
C ALA F 365 65.66 34.37 35.03
N LYS F 366 64.65 33.89 35.74
CA LYS F 366 64.87 33.09 36.94
C LYS F 366 65.04 31.59 36.63
N LEU F 367 66.26 31.09 36.79
CA LEU F 367 66.52 29.67 36.56
C LEU F 367 65.87 28.82 37.64
N LEU F 368 64.83 28.09 37.28
CA LEU F 368 64.09 27.28 38.23
C LEU F 368 64.67 25.87 38.37
N CYS F 369 65.19 25.33 37.29
CA CYS F 369 65.84 24.01 37.29
C CYS F 369 66.68 23.79 36.04
N GLY F 370 67.52 22.75 36.06
CA GLY F 370 68.38 22.45 34.93
C GLY F 370 69.44 23.51 34.73
N GLY F 371 69.77 23.78 33.47
CA GLY F 371 70.65 24.89 33.15
C GLY F 371 72.02 24.52 32.61
N GLY F 372 72.32 23.23 32.55
CA GLY F 372 73.62 22.79 32.11
C GLY F 372 73.66 21.43 31.46
N ILE F 373 74.88 20.96 31.19
CA ILE F 373 75.11 19.66 30.54
C ILE F 373 74.65 18.52 31.46
N ALA F 374 74.06 17.48 30.86
CA ALA F 374 73.48 16.38 31.65
C ALA F 374 74.29 15.08 31.61
N ALA F 375 75.34 15.04 30.80
CA ALA F 375 76.19 13.85 30.72
C ALA F 375 77.57 14.19 30.18
N ASP F 376 78.55 13.35 30.48
CA ASP F 376 79.94 13.61 30.08
C ASP F 376 80.27 13.18 28.66
N ARG F 377 79.37 12.43 28.03
CA ARG F 377 79.51 12.10 26.62
C ARG F 377 78.16 12.19 25.91
N GLY F 378 78.18 12.55 24.64
CA GLY F 378 76.96 12.80 23.90
C GLY F 378 76.45 14.19 24.19
N TYR F 379 75.41 14.61 23.49
CA TYR F 379 74.93 15.98 23.57
C TYR F 379 73.71 16.12 24.46
N PHE F 380 73.85 15.71 25.71
CA PHE F 380 72.74 15.72 26.66
C PHE F 380 72.66 17.02 27.45
N ILE F 381 71.48 17.61 27.48
CA ILE F 381 71.24 18.84 28.22
C ILE F 381 70.11 18.63 29.21
N GLN F 382 70.28 19.15 30.43
CA GLN F 382 69.26 19.04 31.46
C GLN F 382 68.00 19.77 31.04
N PRO F 383 66.83 19.20 31.38
CA PRO F 383 65.56 19.91 31.21
C PRO F 383 65.58 21.21 32.00
N THR F 384 65.55 22.33 31.30
CA THR F 384 65.74 23.64 31.91
C THR F 384 64.45 24.47 31.90
N VAL F 385 64.17 25.14 33.01
CA VAL F 385 62.97 25.97 33.13
C VAL F 385 63.30 27.37 33.64
N PHE F 386 62.81 28.39 32.95
CA PHE F 386 62.98 29.78 33.36
C PHE F 386 61.62 30.39 33.72
N GLY F 387 61.54 31.01 34.89
CA GLY F 387 60.34 31.72 35.28
C GLY F 387 60.54 33.23 35.21
N ASP F 388 59.46 33.98 35.40
CA ASP F 388 59.49 35.44 35.35
C ASP F 388 60.12 35.98 34.05
N VAL F 389 59.83 35.30 32.95
CA VAL F 389 60.32 35.69 31.65
C VAL F 389 59.54 36.90 31.14
N GLN F 390 60.27 37.87 30.58
CA GLN F 390 59.66 39.07 30.03
C GLN F 390 59.76 39.06 28.52
N ASP F 391 58.82 39.73 27.86
CA ASP F 391 58.68 39.69 26.41
C ASP F 391 59.93 40.13 25.65
N GLY F 392 60.67 41.07 26.24
CA GLY F 392 61.83 41.62 25.57
C GLY F 392 63.04 40.71 25.59
N MET F 393 63.01 39.70 26.46
CA MET F 393 64.18 38.82 26.62
C MET F 393 64.47 38.00 25.36
N THR F 394 65.74 37.73 25.14
CA THR F 394 66.19 36.96 23.98
C THR F 394 65.55 35.56 23.96
N ILE F 395 65.47 34.92 25.12
CA ILE F 395 64.89 33.57 25.21
C ILE F 395 63.37 33.58 25.00
N ALA F 396 62.75 34.75 25.10
CA ALA F 396 61.32 34.87 24.84
C ALA F 396 61.02 35.20 23.37
N LYS F 397 62.05 35.54 22.60
CA LYS F 397 61.87 35.97 21.23
C LYS F 397 62.44 34.99 20.21
N GLU F 398 63.61 34.43 20.50
CA GLU F 398 64.31 33.56 19.56
C GLU F 398 64.04 32.07 19.80
N GLU F 399 63.96 31.33 18.69
CA GLU F 399 63.77 29.89 18.73
C GLU F 399 65.01 29.17 19.26
N ILE F 400 64.86 28.49 20.38
CA ILE F 400 65.99 27.85 21.06
C ILE F 400 66.23 26.41 20.58
N PHE F 401 65.15 25.72 20.24
CA PHE F 401 65.22 24.35 19.70
C PHE F 401 65.89 23.38 20.68
N GLY F 402 65.61 23.56 21.97
CA GLY F 402 66.16 22.71 23.00
C GLY F 402 65.23 22.63 24.19
N PRO F 403 65.59 21.82 25.20
CA PRO F 403 64.74 21.62 26.37
C PRO F 403 64.81 22.81 27.33
N VAL F 404 64.50 23.99 26.81
CA VAL F 404 64.52 25.22 27.61
C VAL F 404 63.13 25.85 27.62
N MET F 405 62.52 25.89 28.79
CA MET F 405 61.13 26.32 28.93
C MET F 405 61.01 27.76 29.43
N GLN F 406 60.13 28.53 28.81
CA GLN F 406 59.86 29.90 29.25
C GLN F 406 58.47 30.03 29.84
N ILE F 407 58.40 30.44 31.10
CA ILE F 407 57.11 30.67 31.72
C ILE F 407 56.93 32.16 31.98
N LEU F 408 55.89 32.74 31.39
CA LEU F 408 55.59 34.15 31.53
C LEU F 408 54.27 34.31 32.26
N LYS F 409 54.10 35.44 32.92
CA LYS F 409 52.89 35.69 33.69
C LYS F 409 52.05 36.78 33.02
N PHE F 410 50.73 36.55 32.96
CA PHE F 410 49.84 37.57 32.43
C PHE F 410 48.61 37.73 33.33
N LYS F 411 47.80 38.74 33.04
CA LYS F 411 46.60 39.00 33.81
C LYS F 411 45.32 38.85 32.98
N THR F 412 45.15 39.70 31.96
CA THR F 412 43.89 39.70 31.22
C THR F 412 43.97 39.04 29.85
N ILE F 413 42.81 38.69 29.32
CA ILE F 413 42.72 37.97 28.07
C ILE F 413 43.10 38.86 26.87
N GLU F 414 42.78 40.15 26.97
CA GLU F 414 43.18 41.11 25.93
C GLU F 414 44.67 41.38 25.96
N GLU F 415 45.26 41.39 27.15
CA GLU F 415 46.71 41.53 27.29
C GLU F 415 47.45 40.38 26.61
N VAL F 416 46.99 39.17 26.87
CA VAL F 416 47.71 37.98 26.41
C VAL F 416 47.57 37.78 24.90
N VAL F 417 46.50 38.29 24.31
CA VAL F 417 46.35 38.26 22.85
C VAL F 417 47.41 39.13 22.19
N GLY F 418 47.57 40.35 22.68
CA GLY F 418 48.57 41.26 22.17
C GLY F 418 50.00 40.73 22.27
N ARG F 419 50.33 40.17 23.44
CA ARG F 419 51.68 39.68 23.69
C ARG F 419 52.00 38.42 22.88
N ALA F 420 51.03 37.51 22.79
CA ALA F 420 51.21 36.29 22.01
C ALA F 420 51.32 36.57 20.51
N ASN F 421 50.51 37.49 19.99
CA ASN F 421 50.57 37.86 18.59
C ASN F 421 51.76 38.76 18.25
N ASN F 422 52.37 39.37 19.26
CA ASN F 422 53.53 40.25 19.06
C ASN F 422 54.79 39.44 18.79
N SER F 423 54.82 38.82 17.63
CA SER F 423 55.95 38.00 17.22
C SER F 423 55.94 37.98 15.69
N THR F 424 57.12 37.78 15.10
CA THR F 424 57.21 37.64 13.66
C THR F 424 56.96 36.17 13.30
N TYR F 425 56.87 35.33 14.32
CA TYR F 425 56.53 33.93 14.14
C TYR F 425 55.03 33.75 14.26
N GLY F 426 54.52 32.64 13.72
CA GLY F 426 53.10 32.35 13.80
C GLY F 426 52.78 30.93 13.37
N LEU F 427 53.58 29.97 13.85
CA LEU F 427 53.41 28.59 13.45
C LEU F 427 52.25 27.93 14.21
N ALA F 428 52.34 27.97 15.53
CA ALA F 428 51.29 27.37 16.37
C ALA F 428 50.92 28.24 17.56
N ALA F 429 49.92 27.78 18.31
CA ALA F 429 49.52 28.42 19.55
C ALA F 429 48.56 27.50 20.27
N ALA F 430 48.39 27.70 21.57
CA ALA F 430 47.41 26.90 22.29
C ALA F 430 46.73 27.70 23.38
N VAL F 431 45.51 27.29 23.71
CA VAL F 431 44.78 27.88 24.82
C VAL F 431 44.15 26.79 25.68
N PHE F 432 44.45 26.85 26.97
CA PHE F 432 43.87 25.94 27.95
C PHE F 432 42.84 26.68 28.79
N THR F 433 41.57 26.31 28.60
CA THR F 433 40.47 26.94 29.32
C THR F 433 39.28 26.00 29.30
N LYS F 434 38.36 26.18 30.23
CA LYS F 434 37.15 25.37 30.29
C LYS F 434 35.99 26.16 29.73
N ASP F 435 36.24 27.43 29.44
CA ASP F 435 35.19 28.38 29.07
C ASP F 435 34.96 28.47 27.56
N LEU F 436 33.74 28.20 27.14
CA LEU F 436 33.38 28.23 25.72
C LEU F 436 33.77 29.55 25.04
N ASP F 437 33.34 30.67 25.60
CA ASP F 437 33.57 31.98 24.98
C ASP F 437 35.05 32.35 24.85
N LYS F 438 35.82 32.07 25.90
CA LYS F 438 37.26 32.34 25.89
C LYS F 438 37.99 31.49 24.86
N ALA F 439 37.59 30.23 24.72
CA ALA F 439 38.21 29.34 23.75
C ALA F 439 37.97 29.84 22.33
N ASN F 440 36.73 30.22 22.03
CA ASN F 440 36.38 30.72 20.70
C ASN F 440 37.00 32.08 20.40
N TYR F 441 36.97 32.99 21.37
CA TYR F 441 37.55 34.31 21.18
C TYR F 441 39.04 34.24 20.89
N LEU F 442 39.74 33.40 21.64
CA LEU F 442 41.19 33.27 21.52
C LEU F 442 41.62 32.52 20.28
N SER F 443 40.89 31.45 19.92
CA SER F 443 41.27 30.66 18.75
C SER F 443 41.12 31.49 17.47
N GLN F 444 40.18 32.43 17.48
CA GLN F 444 39.98 33.36 16.37
C GLN F 444 41.02 34.49 16.37
N ALA F 445 41.36 34.99 17.57
CA ALA F 445 42.27 36.14 17.70
C ALA F 445 43.76 35.80 17.53
N LEU F 446 44.13 34.56 17.78
CA LEU F 446 45.53 34.16 17.69
C LEU F 446 45.99 34.03 16.24
N GLN F 447 47.08 34.73 15.91
CA GLN F 447 47.61 34.73 14.56
C GLN F 447 48.60 33.58 14.37
N ALA F 448 48.06 32.37 14.29
CA ALA F 448 48.91 31.19 14.12
C ALA F 448 48.25 30.19 13.18
N GLY F 449 49.08 29.40 12.50
CA GLY F 449 48.59 28.41 11.56
C GLY F 449 47.72 27.36 12.21
N THR F 450 48.15 26.84 13.35
CA THR F 450 47.37 25.89 14.12
C THR F 450 47.16 26.40 15.55
N VAL F 451 45.91 26.42 15.99
CA VAL F 451 45.59 26.74 17.38
C VAL F 451 45.01 25.51 18.06
N TRP F 452 45.68 25.03 19.11
CA TRP F 452 45.18 23.90 19.88
C TRP F 452 44.41 24.39 21.11
N VAL F 453 43.29 23.75 21.40
CA VAL F 453 42.47 24.13 22.56
C VAL F 453 42.41 22.96 23.54
N ASN F 454 42.96 23.18 24.72
CA ASN F 454 43.10 22.14 25.75
C ASN F 454 43.95 20.94 25.30
N CYS F 455 44.89 21.20 24.42
CA CYS F 455 45.86 20.19 23.99
C CYS F 455 47.03 20.87 23.29
N TYR F 456 48.00 20.08 22.87
CA TYR F 456 49.15 20.60 22.15
C TYR F 456 49.79 19.51 21.30
N ASP F 457 50.41 19.93 20.20
CA ASP F 457 51.12 19.01 19.30
C ASP F 457 50.24 17.87 18.81
N VAL F 458 48.96 18.16 18.63
CA VAL F 458 48.03 17.20 18.06
C VAL F 458 48.07 17.32 16.54
N PHE F 459 48.77 16.39 15.91
CA PHE F 459 48.90 16.37 14.46
C PHE F 459 48.09 15.25 13.86
N GLY F 460 47.64 15.45 12.63
CA GLY F 460 46.93 14.44 11.91
C GLY F 460 47.13 14.67 10.43
N ALA F 461 47.27 13.59 9.67
CA ALA F 461 47.42 13.71 8.23
C ALA F 461 46.24 14.43 7.58
N GLN F 462 45.11 14.48 8.29
CA GLN F 462 43.89 15.06 7.72
C GLN F 462 43.84 16.59 7.86
N SER F 463 44.50 17.11 8.89
CA SER F 463 44.46 18.55 9.19
C SER F 463 45.74 19.26 8.75
N PRO F 464 45.59 20.36 8.00
CA PRO F 464 46.74 21.11 7.49
C PRO F 464 47.61 21.74 8.58
N PHE F 465 48.87 21.95 8.24
CA PHE F 465 49.84 22.54 9.15
C PHE F 465 50.77 23.46 8.36
N GLY F 466 50.89 24.70 8.83
CA GLY F 466 51.75 25.66 8.19
C GLY F 466 51.78 26.95 8.99
N GLY F 467 52.65 27.89 8.60
CA GLY F 467 52.84 29.08 9.38
C GLY F 467 52.09 30.32 8.92
N TYR F 468 51.77 31.19 9.87
CA TYR F 468 51.46 32.58 9.59
C TYR F 468 52.79 33.31 9.58
N LYS F 469 52.79 34.54 9.05
CA LYS F 469 53.95 35.42 9.11
C LYS F 469 55.24 34.77 8.59
N MET F 470 56.32 34.89 9.36
CA MET F 470 57.61 34.37 8.91
C MET F 470 57.82 32.91 9.34
N SER F 471 56.75 32.27 9.80
CA SER F 471 56.81 30.84 10.08
C SER F 471 56.61 30.01 8.82
N GLY F 472 56.45 30.69 7.69
CA GLY F 472 56.33 30.02 6.40
C GLY F 472 55.07 30.42 5.67
N SER F 473 54.85 29.81 4.51
CA SER F 473 53.64 30.04 3.72
C SER F 473 53.21 28.76 3.02
N GLY F 474 51.92 28.64 2.75
CA GLY F 474 51.37 27.41 2.21
C GLY F 474 51.13 26.43 3.34
N ARG F 475 50.35 25.40 3.04
CA ARG F 475 50.03 24.40 4.06
C ARG F 475 50.43 23.01 3.60
N GLU F 476 50.83 22.17 4.56
CA GLU F 476 51.08 20.76 4.31
C GLU F 476 50.06 19.93 5.08
N LEU F 477 50.02 18.63 4.82
CA LEU F 477 48.98 17.73 5.35
C LEU F 477 47.58 18.05 4.83
N GLY F 478 46.65 17.12 5.01
CA GLY F 478 45.26 17.32 4.63
C GLY F 478 45.07 17.54 3.14
N GLU F 479 43.88 18.00 2.75
CA GLU F 479 43.61 18.27 1.35
C GLU F 479 44.45 19.43 0.84
N TYR F 480 44.66 20.41 1.71
CA TYR F 480 45.44 21.60 1.36
C TYR F 480 46.86 21.26 0.94
N GLY F 481 47.39 20.16 1.46
CA GLY F 481 48.74 19.75 1.14
C GLY F 481 48.96 19.42 -0.33
N LEU F 482 47.87 19.23 -1.07
CA LEU F 482 47.97 18.86 -2.48
C LEU F 482 48.06 20.08 -3.41
N GLN F 483 47.56 21.22 -2.93
CA GLN F 483 47.46 22.44 -3.73
C GLN F 483 48.77 22.89 -4.37
N ALA F 484 49.85 22.85 -3.59
CA ALA F 484 51.16 23.29 -4.06
C ALA F 484 51.81 22.28 -5.01
N TYR F 485 51.25 21.07 -5.10
CA TYR F 485 51.80 20.05 -5.99
C TYR F 485 50.91 19.83 -7.21
N THR F 486 49.99 20.77 -7.42
CA THR F 486 49.09 20.71 -8.56
C THR F 486 49.31 21.92 -9.45
N GLU F 487 49.39 21.69 -10.75
CA GLU F 487 49.41 22.76 -11.73
C GLU F 487 48.05 22.77 -12.42
N VAL F 488 47.31 23.85 -12.27
CA VAL F 488 45.95 23.93 -12.80
C VAL F 488 45.95 24.41 -14.25
N LYS F 489 45.32 23.62 -15.12
CA LYS F 489 45.12 24.00 -16.51
C LYS F 489 43.66 24.18 -16.87
N THR F 490 43.32 25.32 -17.44
CA THR F 490 41.97 25.54 -17.95
C THR F 490 41.92 25.10 -19.40
N VAL F 491 40.90 24.32 -19.74
CA VAL F 491 40.62 23.98 -21.12
C VAL F 491 39.23 24.50 -21.41
N THR F 492 39.13 25.42 -22.37
CA THR F 492 37.86 26.02 -22.75
C THR F 492 37.55 25.69 -24.21
N VAL F 493 36.44 25.01 -24.45
CA VAL F 493 36.14 24.44 -25.76
C VAL F 493 34.90 25.04 -26.39
N LYS F 494 35.03 25.57 -27.61
CA LYS F 494 33.89 26.06 -28.36
C LYS F 494 32.91 24.94 -28.68
N VAL F 495 31.63 25.15 -28.35
CA VAL F 495 30.62 24.14 -28.61
C VAL F 495 29.52 24.72 -29.51
N PRO F 496 28.84 23.86 -30.29
CA PRO F 496 27.77 24.35 -31.16
C PRO F 496 26.68 25.12 -30.40
N GLN F 497 26.27 24.61 -29.24
CA GLN F 497 25.26 25.30 -28.45
C GLN F 497 25.30 24.92 -26.97
N LYS F 498 25.80 25.85 -26.14
CA LYS F 498 25.83 25.64 -24.70
C LYS F 498 24.42 25.55 -24.11
N ASN F 499 24.18 24.54 -23.29
CA ASN F 499 22.95 24.42 -22.51
C ASN F 499 23.29 24.09 -21.06
N SER F 500 22.39 24.47 -20.15
CA SER F 500 22.56 24.12 -18.74
C SER F 500 22.58 22.61 -18.54
N ALA G 7 15.67 51.16 9.35
CA ALA G 7 14.56 51.96 9.83
C ALA G 7 13.26 51.54 9.15
N VAL G 8 12.20 51.41 9.93
CA VAL G 8 10.93 50.91 9.41
C VAL G 8 10.01 52.03 8.93
N PRO G 9 9.59 51.97 7.66
CA PRO G 9 8.58 52.86 7.11
C PRO G 9 7.23 52.50 7.71
N ALA G 10 6.28 53.43 7.67
CA ALA G 10 4.96 53.19 8.22
C ALA G 10 4.16 52.24 7.34
N PRO G 11 3.44 51.30 7.96
CA PRO G 11 2.68 50.32 7.19
C PRO G 11 1.41 50.93 6.62
N ASN G 12 1.09 50.56 5.39
CA ASN G 12 -0.25 50.73 4.86
C ASN G 12 -1.05 49.58 5.47
N GLN G 13 -1.92 49.89 6.43
CA GLN G 13 -2.59 48.85 7.19
C GLN G 13 -3.72 48.20 6.42
N GLN G 14 -3.96 48.67 5.20
CA GLN G 14 -4.97 48.11 4.32
C GLN G 14 -4.48 48.06 2.86
N PRO G 15 -3.58 47.12 2.55
CA PRO G 15 -3.02 47.05 1.19
C PRO G 15 -4.01 46.46 0.18
N GLU G 16 -3.93 46.92 -1.06
CA GLU G 16 -4.74 46.35 -2.12
C GLU G 16 -4.12 45.10 -2.70
N VAL G 17 -4.96 44.21 -3.22
CA VAL G 17 -4.48 43.01 -3.91
C VAL G 17 -4.50 43.24 -5.41
N PHE G 18 -3.37 42.98 -6.06
CA PHE G 18 -3.27 43.17 -7.51
C PHE G 18 -3.19 41.84 -8.26
N CYS G 19 -2.82 40.78 -7.54
CA CYS G 19 -2.69 39.46 -8.14
C CYS G 19 -3.42 38.41 -7.31
N ASN G 20 -4.32 37.66 -7.96
CA ASN G 20 -5.13 36.68 -7.27
C ASN G 20 -5.54 35.56 -8.22
N GLN G 21 -4.75 35.39 -9.28
CA GLN G 21 -5.03 34.37 -10.29
C GLN G 21 -3.91 33.34 -10.38
N ILE G 22 -4.03 32.42 -11.32
CA ILE G 22 -3.00 31.41 -11.58
C ILE G 22 -1.94 31.98 -12.52
N PHE G 23 -0.68 31.80 -12.16
CA PHE G 23 0.44 32.36 -12.92
C PHE G 23 1.11 31.28 -13.75
N ILE G 24 0.96 31.37 -15.07
CA ILE G 24 1.54 30.40 -16.00
C ILE G 24 2.05 31.13 -17.25
N ASN G 25 3.27 30.82 -17.65
CA ASN G 25 3.89 31.45 -18.82
C ASN G 25 3.93 32.97 -18.73
N ASN G 26 4.20 33.47 -17.53
CA ASN G 26 4.28 34.92 -17.27
C ASN G 26 2.97 35.65 -17.51
N GLU G 27 1.87 34.92 -17.41
CA GLU G 27 0.55 35.52 -17.59
C GLU G 27 -0.46 34.99 -16.57
N TRP G 28 -1.51 35.77 -16.33
CA TRP G 28 -2.52 35.44 -15.33
C TRP G 28 -3.73 34.75 -15.94
N HIS G 29 -4.06 33.58 -15.40
CA HIS G 29 -5.18 32.78 -15.88
C HIS G 29 -6.18 32.57 -14.76
N ASP G 30 -7.46 32.50 -15.11
CA ASP G 30 -8.43 31.98 -14.16
C ASP G 30 -8.23 30.49 -14.08
N ALA G 31 -8.83 29.85 -13.07
CA ALA G 31 -8.82 28.40 -13.04
C ALA G 31 -9.66 27.92 -14.22
N VAL G 32 -9.29 26.76 -14.77
CA VAL G 32 -10.08 26.13 -15.83
C VAL G 32 -11.56 25.99 -15.42
N SER G 33 -11.79 25.65 -14.16
CA SER G 33 -13.14 25.46 -13.64
C SER G 33 -13.85 26.78 -13.31
N ARG G 34 -13.10 27.88 -13.41
CA ARG G 34 -13.58 29.22 -13.06
C ARG G 34 -13.80 29.42 -11.54
N LYS G 35 -13.59 28.39 -10.76
CA LYS G 35 -13.75 28.49 -9.31
C LYS G 35 -12.72 29.43 -8.69
N THR G 36 -13.10 30.07 -7.57
CA THR G 36 -12.17 30.86 -6.75
C THR G 36 -12.43 30.58 -5.28
N PHE G 37 -11.38 30.57 -4.47
CA PHE G 37 -11.52 30.37 -3.03
C PHE G 37 -11.17 31.64 -2.25
N PRO G 38 -11.80 31.83 -1.09
CA PRO G 38 -11.51 33.03 -0.29
C PRO G 38 -10.25 32.87 0.53
N THR G 39 -9.55 33.98 0.77
CA THR G 39 -8.48 33.98 1.77
C THR G 39 -8.82 34.98 2.88
N VAL G 40 -8.56 34.58 4.12
CA VAL G 40 -9.01 35.34 5.29
C VAL G 40 -7.89 36.17 5.94
N ASN G 41 -8.26 37.35 6.44
CA ASN G 41 -7.40 38.09 7.35
C ASN G 41 -7.63 37.50 8.75
N PRO G 42 -6.59 36.84 9.30
CA PRO G 42 -6.74 36.16 10.58
C PRO G 42 -6.88 37.13 11.75
N SER G 43 -6.65 38.42 11.49
CA SER G 43 -6.79 39.44 12.53
C SER G 43 -8.25 39.82 12.75
N THR G 44 -9.04 39.74 11.68
CA THR G 44 -10.44 40.18 11.73
C THR G 44 -11.39 39.02 11.48
N GLY G 45 -10.91 38.01 10.74
CA GLY G 45 -11.75 36.90 10.34
C GLY G 45 -12.50 37.20 9.05
N GLU G 46 -12.32 38.40 8.52
CA GLU G 46 -13.02 38.82 7.30
C GLU G 46 -12.23 38.43 6.05
N VAL G 47 -12.96 38.08 4.99
CA VAL G 47 -12.35 37.71 3.72
C VAL G 47 -11.63 38.90 3.07
N ILE G 48 -10.39 38.67 2.67
CA ILE G 48 -9.61 39.68 1.95
C ILE G 48 -10.06 39.75 0.50
N CYS G 49 -9.98 38.62 -0.20
CA CYS G 49 -10.38 38.56 -1.60
C CYS G 49 -10.57 37.12 -2.07
N GLN G 50 -10.95 36.99 -3.34
CA GLN G 50 -11.06 35.69 -3.98
C GLN G 50 -9.78 35.36 -4.71
N VAL G 51 -9.40 34.09 -4.70
CA VAL G 51 -8.21 33.63 -5.40
C VAL G 51 -8.59 32.45 -6.27
N ALA G 52 -8.11 32.45 -7.51
CA ALA G 52 -8.41 31.38 -8.46
C ALA G 52 -8.02 30.03 -7.87
N GLU G 53 -8.95 29.07 -7.90
CA GLU G 53 -8.72 27.78 -7.28
C GLU G 53 -8.14 26.75 -8.27
N GLY G 54 -6.82 26.66 -8.29
CA GLY G 54 -6.14 25.71 -9.15
C GLY G 54 -6.45 24.27 -8.79
N ASP G 55 -6.60 23.44 -9.81
CA ASP G 55 -6.76 22.02 -9.63
C ASP G 55 -5.86 21.31 -10.63
N LYS G 56 -6.08 20.01 -10.81
CA LYS G 56 -5.24 19.19 -11.69
C LYS G 56 -5.09 19.76 -13.12
N GLU G 57 -6.18 20.22 -13.71
CA GLU G 57 -6.16 20.80 -15.05
C GLU G 57 -5.21 21.99 -15.15
N ASP G 58 -5.21 22.81 -14.11
CA ASP G 58 -4.34 23.99 -14.09
C ASP G 58 -2.88 23.61 -13.82
N VAL G 59 -2.69 22.56 -13.04
CA VAL G 59 -1.36 21.98 -12.83
C VAL G 59 -0.82 21.43 -14.14
N ASP G 60 -1.69 20.76 -14.90
CA ASP G 60 -1.29 20.19 -16.20
C ASP G 60 -0.80 21.26 -17.16
N LYS G 61 -1.42 22.44 -17.13
CA LYS G 61 -0.99 23.55 -17.98
C LYS G 61 0.32 24.12 -17.48
N ALA G 62 0.48 24.18 -16.17
CA ALA G 62 1.69 24.73 -15.57
C ALA G 62 2.89 23.83 -15.86
N VAL G 63 2.66 22.52 -15.85
CA VAL G 63 3.72 21.57 -16.11
C VAL G 63 4.14 21.56 -17.58
N LYS G 64 3.17 21.57 -18.47
CA LYS G 64 3.44 21.69 -19.91
C LYS G 64 4.28 22.92 -20.19
N ALA G 65 3.90 24.04 -19.59
CA ALA G 65 4.60 25.30 -19.77
C ALA G 65 6.03 25.20 -19.27
N ALA G 66 6.20 24.66 -18.07
CA ALA G 66 7.52 24.48 -17.47
C ALA G 66 8.38 23.58 -18.33
N ARG G 67 7.78 22.49 -18.82
CA ARG G 67 8.47 21.54 -19.69
C ARG G 67 8.97 22.21 -20.97
N ALA G 68 8.15 23.11 -21.52
CA ALA G 68 8.51 23.80 -22.76
C ALA G 68 9.64 24.79 -22.53
N ALA G 69 9.65 25.40 -21.36
CA ALA G 69 10.70 26.33 -20.97
C ALA G 69 12.03 25.61 -20.75
N PHE G 70 11.95 24.30 -20.50
CA PHE G 70 13.14 23.51 -20.16
C PHE G 70 13.71 22.79 -21.38
N GLN G 71 13.05 22.93 -22.52
CA GLN G 71 13.50 22.25 -23.72
C GLN G 71 14.91 22.67 -24.11
N LEU G 72 15.66 21.73 -24.68
CA LEU G 72 17.03 22.01 -25.09
C LEU G 72 17.01 23.10 -26.14
N GLY G 73 17.87 24.11 -25.95
CA GLY G 73 17.94 25.23 -26.87
C GLY G 73 16.97 26.35 -26.53
N SER G 74 16.23 26.19 -25.44
CA SER G 74 15.31 27.24 -25.00
C SER G 74 16.09 28.41 -24.42
N PRO G 75 15.47 29.60 -24.37
CA PRO G 75 16.13 30.76 -23.77
C PRO G 75 16.64 30.50 -22.35
N TRP G 76 15.91 29.70 -21.58
CA TRP G 76 16.30 29.42 -20.20
C TRP G 76 17.46 28.41 -20.11
N ARG G 77 17.47 27.44 -21.02
CA ARG G 77 18.55 26.46 -21.07
C ARG G 77 19.85 27.05 -21.64
N ARG G 78 19.72 28.03 -22.53
CA ARG G 78 20.88 28.62 -23.21
C ARG G 78 21.48 29.78 -22.42
N MET G 79 20.68 30.36 -21.53
CA MET G 79 21.09 31.52 -20.75
C MET G 79 22.34 31.26 -19.92
N ASP G 80 23.30 32.19 -19.98
CA ASP G 80 24.53 32.07 -19.22
C ASP G 80 24.21 31.88 -17.74
N ALA G 81 24.99 31.03 -17.09
CA ALA G 81 24.83 30.80 -15.66
C ALA G 81 24.97 32.10 -14.88
N SER G 82 25.91 32.94 -15.29
CA SER G 82 26.12 34.22 -14.64
C SER G 82 24.87 35.09 -14.75
N HIS G 83 24.18 34.97 -15.88
CA HIS G 83 22.98 35.78 -16.12
C HIS G 83 21.76 35.29 -15.32
N ARG G 84 21.74 34.01 -14.96
CA ARG G 84 20.71 33.52 -14.04
C ARG G 84 20.89 34.24 -12.70
N GLY G 85 22.14 34.52 -12.36
CA GLY G 85 22.45 35.26 -11.15
C GLY G 85 21.99 36.70 -11.23
N ARG G 86 22.22 37.33 -12.38
CA ARG G 86 21.76 38.70 -12.62
C ARG G 86 20.26 38.80 -12.41
N LEU G 87 19.53 37.81 -12.92
CA LEU G 87 18.07 37.78 -12.83
C LEU G 87 17.58 37.65 -11.39
N LEU G 88 18.25 36.80 -10.62
CA LEU G 88 17.90 36.59 -9.22
C LEU G 88 18.14 37.84 -8.40
N ASN G 89 19.21 38.55 -8.73
CA ASN G 89 19.54 39.82 -8.08
C ASN G 89 18.54 40.91 -8.45
N ARG G 90 18.11 40.92 -9.71
CA ARG G 90 17.08 41.85 -10.18
C ARG G 90 15.76 41.59 -9.45
N LEU G 91 15.44 40.31 -9.24
CA LEU G 91 14.23 39.95 -8.50
C LEU G 91 14.31 40.45 -7.06
N ALA G 92 15.48 40.28 -6.44
CA ALA G 92 15.68 40.77 -5.08
C ALA G 92 15.58 42.29 -5.03
N ASP G 93 16.10 42.97 -6.04
CA ASP G 93 15.99 44.43 -6.12
C ASP G 93 14.54 44.91 -6.24
N LEU G 94 13.75 44.23 -7.07
CA LEU G 94 12.33 44.55 -7.21
C LEU G 94 11.56 44.32 -5.90
N ILE G 95 11.90 43.23 -5.23
CA ILE G 95 11.29 42.92 -3.95
C ILE G 95 11.63 43.98 -2.89
N GLU G 96 12.87 44.47 -2.90
CA GLU G 96 13.29 45.52 -1.97
C GLU G 96 12.55 46.83 -2.24
N ARG G 97 12.33 47.14 -3.51
CA ARG G 97 11.59 48.33 -3.89
C ARG G 97 10.17 48.26 -3.34
N ASP G 98 9.57 47.07 -3.43
CA ASP G 98 8.22 46.86 -2.94
C ASP G 98 8.20 46.24 -1.55
N ARG G 99 9.19 46.55 -0.73
CA ARG G 99 9.36 45.92 0.59
C ARG G 99 8.25 46.31 1.58
N THR G 100 7.95 47.59 1.65
CA THR G 100 6.92 48.08 2.57
C THR G 100 5.57 47.47 2.23
N TYR G 101 5.27 47.40 0.94
CA TYR G 101 4.01 46.85 0.47
C TYR G 101 3.90 45.36 0.77
N LEU G 102 4.95 44.61 0.42
CA LEU G 102 4.96 43.17 0.61
C LEU G 102 4.89 42.76 2.08
N ALA G 103 5.53 43.53 2.95
CA ALA G 103 5.49 43.26 4.38
C ALA G 103 4.09 43.47 4.95
N ALA G 104 3.40 44.51 4.49
CA ALA G 104 2.03 44.77 4.95
C ALA G 104 1.07 43.71 4.42
N LEU G 105 1.23 43.35 3.15
CA LEU G 105 0.40 42.31 2.54
C LEU G 105 0.66 40.96 3.19
N GLU G 106 1.91 40.73 3.59
CA GLU G 106 2.27 39.50 4.30
C GLU G 106 1.60 39.46 5.67
N THR G 107 1.56 40.61 6.34
CA THR G 107 0.91 40.73 7.64
C THR G 107 -0.60 40.56 7.49
N LEU G 108 -1.17 41.20 6.48
CA LEU G 108 -2.60 41.09 6.18
C LEU G 108 -3.04 39.63 6.03
N ASP G 109 -2.33 38.89 5.19
CA ASP G 109 -2.72 37.52 4.83
C ASP G 109 -2.33 36.49 5.90
N ASN G 110 -1.19 36.68 6.55
CA ASN G 110 -0.67 35.69 7.49
C ASN G 110 -0.95 36.00 8.96
N GLY G 111 -0.88 37.27 9.34
CA GLY G 111 -1.17 37.69 10.69
C GLY G 111 0.02 38.12 11.53
N LYS G 112 1.22 37.76 11.12
CA LYS G 112 2.43 38.15 11.85
C LYS G 112 2.58 39.67 11.87
N PRO G 113 3.15 40.21 12.97
CA PRO G 113 3.34 41.66 13.12
C PRO G 113 4.05 42.30 11.92
N TYR G 114 3.62 43.49 11.52
CA TYR G 114 4.22 44.16 10.36
C TYR G 114 5.70 44.47 10.54
N VAL G 115 6.06 44.92 11.75
CA VAL G 115 7.45 45.24 12.04
C VAL G 115 8.34 44.03 11.78
N ILE G 116 7.86 42.86 12.20
CA ILE G 116 8.58 41.60 11.97
C ILE G 116 8.65 41.25 10.48
N SER G 117 7.51 41.31 9.79
CA SER G 117 7.45 41.06 8.35
C SER G 117 8.48 41.86 7.57
N TYR G 118 8.64 43.12 7.97
CA TYR G 118 9.52 44.05 7.28
C TYR G 118 10.98 43.84 7.66
N LEU G 119 11.23 43.70 8.96
CA LEU G 119 12.60 43.61 9.47
C LEU G 119 13.17 42.20 9.41
N VAL G 120 12.31 41.19 9.49
CA VAL G 120 12.77 39.80 9.52
C VAL G 120 12.50 39.08 8.19
N ASP G 121 11.23 38.77 7.95
CA ASP G 121 10.82 38.04 6.74
C ASP G 121 11.38 38.62 5.45
N LEU G 122 11.06 39.88 5.16
CA LEU G 122 11.51 40.54 3.94
C LEU G 122 13.04 40.66 3.87
N ASP G 123 13.69 40.79 5.02
CA ASP G 123 15.14 40.88 5.05
C ASP G 123 15.78 39.52 4.75
N MET G 124 15.13 38.45 5.18
CA MET G 124 15.64 37.11 4.96
C MET G 124 15.36 36.65 3.52
N VAL G 125 14.26 37.13 2.97
CA VAL G 125 13.93 36.86 1.57
C VAL G 125 15.00 37.44 0.66
N LEU G 126 15.37 38.69 0.93
CA LEU G 126 16.39 39.37 0.16
C LEU G 126 17.75 38.69 0.28
N LYS G 127 18.13 38.34 1.50
CA LYS G 127 19.41 37.70 1.73
C LYS G 127 19.48 36.34 1.07
N CYS G 128 18.34 35.65 1.01
CA CYS G 128 18.27 34.31 0.45
C CYS G 128 18.48 34.34 -1.07
N LEU G 129 17.78 35.25 -1.74
CA LEU G 129 17.84 35.38 -3.18
C LEU G 129 19.20 35.89 -3.66
N ARG G 130 19.79 36.81 -2.90
CA ARG G 130 21.09 37.36 -3.25
C ARG G 130 22.22 36.37 -2.95
N TYR G 131 22.00 35.53 -1.94
CA TYR G 131 22.94 34.44 -1.66
C TYR G 131 23.00 33.48 -2.85
N TYR G 132 21.84 32.99 -3.24
CA TYR G 132 21.75 32.00 -4.31
C TYR G 132 22.08 32.56 -5.69
N ALA G 133 21.81 33.86 -5.88
CA ALA G 133 22.21 34.52 -7.11
C ALA G 133 23.72 34.35 -7.30
N GLY G 134 24.44 34.37 -6.18
CA GLY G 134 25.89 34.18 -6.20
C GLY G 134 26.32 32.77 -6.55
N TRP G 135 25.46 31.79 -6.31
CA TRP G 135 25.79 30.38 -6.58
C TRP G 135 25.65 29.99 -8.04
N ALA G 136 24.92 30.79 -8.81
CA ALA G 136 24.48 30.40 -10.15
C ALA G 136 25.59 29.86 -11.05
N ASP G 137 26.76 30.49 -11.00
CA ASP G 137 27.87 30.11 -11.87
C ASP G 137 29.06 29.54 -11.10
N LYS G 138 28.80 28.96 -9.92
CA LYS G 138 29.86 28.46 -9.06
C LYS G 138 29.71 26.98 -8.65
N TYR G 139 28.60 26.35 -9.02
CA TYR G 139 28.34 24.99 -8.57
C TYR G 139 28.95 23.98 -9.53
N HIS G 140 30.28 23.93 -9.53
CA HIS G 140 31.03 23.19 -10.54
C HIS G 140 30.80 21.68 -10.50
N GLY G 141 30.96 21.05 -11.65
CA GLY G 141 31.07 19.60 -11.71
C GLY G 141 32.54 19.26 -11.53
N LYS G 142 32.93 18.07 -11.94
CA LYS G 142 34.28 17.59 -11.67
C LYS G 142 34.94 17.01 -12.91
N THR G 143 36.27 17.03 -12.92
CA THR G 143 37.01 16.20 -13.86
C THR G 143 37.68 15.12 -13.03
N ILE G 144 37.62 13.88 -13.50
CA ILE G 144 37.88 12.72 -12.64
C ILE G 144 38.94 11.75 -13.19
N PRO G 145 40.02 11.53 -12.43
CA PRO G 145 41.16 10.73 -12.90
C PRO G 145 40.87 9.24 -12.95
N ILE G 146 39.90 8.84 -13.78
CA ILE G 146 39.52 7.43 -13.93
C ILE G 146 40.67 6.58 -14.50
N ASP G 147 40.65 5.28 -14.22
CA ASP G 147 41.65 4.36 -14.76
C ASP G 147 41.53 4.27 -16.28
N GLY G 148 42.60 3.83 -16.93
CA GLY G 148 42.53 3.55 -18.35
C GLY G 148 42.66 4.79 -19.22
N ASP G 149 42.74 4.58 -20.53
CA ASP G 149 42.88 5.66 -21.49
C ASP G 149 41.57 6.40 -21.71
N PHE G 150 41.14 7.13 -20.68
CA PHE G 150 39.87 7.81 -20.73
C PHE G 150 39.96 9.17 -20.06
N PHE G 151 39.10 10.08 -20.49
CA PHE G 151 38.84 11.29 -19.74
C PHE G 151 37.41 11.25 -19.27
N SER G 152 37.20 11.54 -17.99
CA SER G 152 35.87 11.46 -17.40
C SER G 152 35.58 12.75 -16.65
N TYR G 153 34.36 13.23 -16.75
CA TYR G 153 33.97 14.43 -16.03
C TYR G 153 32.48 14.41 -15.74
N THR G 154 32.05 15.29 -14.85
CA THR G 154 30.63 15.42 -14.55
C THR G 154 30.08 16.77 -14.97
N ARG G 155 28.92 16.75 -15.60
CA ARG G 155 28.17 17.96 -15.84
C ARG G 155 27.11 18.06 -14.76
N HIS G 156 27.04 19.21 -14.09
CA HIS G 156 25.97 19.44 -13.13
C HIS G 156 24.80 20.10 -13.85
N GLU G 157 23.83 19.27 -14.23
CA GLU G 157 22.69 19.72 -15.03
C GLU G 157 21.49 20.02 -14.11
N PRO G 158 20.49 20.75 -14.61
CA PRO G 158 19.30 20.94 -13.77
C PRO G 158 18.52 19.64 -13.68
N VAL G 159 17.74 19.46 -12.63
CA VAL G 159 16.93 18.25 -12.52
C VAL G 159 15.71 18.35 -13.44
N GLY G 160 15.22 19.57 -13.67
CA GLY G 160 14.17 19.79 -14.65
C GLY G 160 12.94 20.48 -14.11
N VAL G 161 11.77 19.89 -14.38
CA VAL G 161 10.52 20.42 -13.88
C VAL G 161 10.36 20.10 -12.39
N CYS G 162 10.47 21.12 -11.55
CA CYS G 162 10.40 20.96 -10.11
C CYS G 162 9.06 21.39 -9.53
N GLY G 163 8.36 20.47 -8.87
CA GLY G 163 7.15 20.80 -8.16
C GLY G 163 7.47 21.23 -6.74
N GLN G 164 7.07 22.44 -6.36
CA GLN G 164 7.41 22.96 -5.03
C GLN G 164 6.18 23.34 -4.23
N ILE G 165 5.92 22.60 -3.16
CA ILE G 165 4.74 22.80 -2.32
C ILE G 165 5.18 23.37 -0.97
N ILE G 166 4.62 24.52 -0.59
CA ILE G 166 5.07 25.27 0.59
C ILE G 166 3.92 25.62 1.52
N PRO G 167 4.20 25.74 2.85
CA PRO G 167 3.18 26.02 3.86
C PRO G 167 2.93 27.51 4.04
N TRP G 168 2.21 27.89 5.09
CA TRP G 168 1.73 29.25 5.29
C TRP G 168 2.45 30.04 6.38
N ASN G 169 3.31 29.38 7.14
CA ASN G 169 3.95 30.04 8.29
C ASN G 169 4.93 31.15 7.92
N PHE G 170 5.69 30.94 6.85
CA PHE G 170 6.58 31.96 6.32
C PHE G 170 6.38 32.01 4.80
N PRO G 171 5.26 32.62 4.35
CA PRO G 171 4.87 32.53 2.94
C PRO G 171 5.95 33.04 1.97
N LEU G 172 6.42 34.27 2.16
CA LEU G 172 7.45 34.84 1.30
C LEU G 172 8.80 34.13 1.45
N LEU G 173 9.19 33.85 2.69
CA LEU G 173 10.48 33.22 2.94
C LEU G 173 10.55 31.80 2.36
N MET G 174 9.46 31.03 2.50
CA MET G 174 9.41 29.66 1.99
C MET G 174 9.48 29.64 0.47
N GLN G 175 8.91 30.67 -0.15
CA GLN G 175 8.99 30.81 -1.61
C GLN G 175 10.43 31.11 -2.01
N ALA G 176 11.08 31.96 -1.24
CA ALA G 176 12.47 32.32 -1.50
C ALA G 176 13.39 31.12 -1.34
N TRP G 177 13.15 30.32 -0.30
CA TRP G 177 13.95 29.13 -0.04
C TRP G 177 13.86 28.11 -1.17
N LYS G 178 12.75 28.12 -1.88
CA LYS G 178 12.54 27.20 -3.00
C LYS G 178 13.11 27.77 -4.30
N LEU G 179 12.71 28.98 -4.65
CA LEU G 179 13.09 29.58 -5.92
C LEU G 179 14.59 29.84 -6.02
N GLY G 180 15.21 30.21 -4.91
CA GLY G 180 16.64 30.48 -4.86
C GLY G 180 17.53 29.43 -5.50
N PRO G 181 17.61 28.23 -4.89
CA PRO G 181 18.47 27.16 -5.41
C PRO G 181 17.95 26.56 -6.73
N ALA G 182 16.63 26.45 -6.89
CA ALA G 182 16.06 25.92 -8.12
C ALA G 182 16.40 26.78 -9.34
N LEU G 183 16.28 28.10 -9.18
CA LEU G 183 16.57 29.01 -10.29
C LEU G 183 18.06 29.22 -10.54
N ALA G 184 18.86 29.15 -9.48
CA ALA G 184 20.30 29.34 -9.60
C ALA G 184 20.92 28.23 -10.42
N THR G 185 20.33 27.04 -10.32
CA THR G 185 20.85 25.85 -11.00
C THR G 185 20.17 25.56 -12.34
N GLY G 186 19.25 26.43 -12.76
CA GLY G 186 18.68 26.35 -14.10
C GLY G 186 17.40 25.54 -14.25
N ASN G 187 16.74 25.28 -13.13
CA ASN G 187 15.51 24.48 -13.15
C ASN G 187 14.28 25.31 -13.49
N VAL G 188 13.18 24.63 -13.77
CA VAL G 188 11.90 25.30 -13.95
C VAL G 188 10.96 24.84 -12.84
N VAL G 189 10.03 25.71 -12.46
CA VAL G 189 9.26 25.51 -11.25
C VAL G 189 7.75 25.52 -11.47
N VAL G 190 7.07 24.56 -10.86
CA VAL G 190 5.63 24.65 -10.68
C VAL G 190 5.38 24.71 -9.17
N MET G 191 5.01 25.89 -8.68
CA MET G 191 4.87 26.10 -7.24
C MET G 191 3.42 26.12 -6.79
N LYS G 192 3.14 25.33 -5.76
CA LYS G 192 1.82 25.33 -5.15
C LYS G 192 1.90 26.01 -3.79
N VAL G 193 1.40 27.24 -3.71
CA VAL G 193 1.43 27.99 -2.47
C VAL G 193 0.26 27.59 -1.57
N ALA G 194 0.42 27.82 -0.27
CA ALA G 194 -0.60 27.45 0.71
C ALA G 194 -1.87 28.25 0.52
N GLU G 195 -3.02 27.58 0.62
CA GLU G 195 -4.31 28.24 0.41
C GLU G 195 -4.57 29.35 1.42
N GLN G 196 -3.99 29.20 2.61
CA GLN G 196 -4.13 30.18 3.67
C GLN G 196 -3.38 31.47 3.35
N THR G 197 -2.32 31.38 2.57
CA THR G 197 -1.49 32.55 2.27
C THR G 197 -0.99 32.62 0.84
N PRO G 198 -1.92 32.82 -0.12
CA PRO G 198 -1.48 32.84 -1.53
C PRO G 198 -0.98 34.20 -2.00
N LEU G 199 -1.48 35.28 -1.40
CA LEU G 199 -1.34 36.62 -1.97
C LEU G 199 0.08 37.15 -2.22
N THR G 200 0.96 37.06 -1.23
CA THR G 200 2.30 37.63 -1.39
C THR G 200 3.14 36.89 -2.44
N ALA G 201 2.98 35.58 -2.52
CA ALA G 201 3.70 34.78 -3.51
C ALA G 201 3.26 35.09 -4.93
N LEU G 202 2.01 35.52 -5.08
CA LEU G 202 1.49 35.86 -6.41
C LEU G 202 2.02 37.22 -6.87
N TYR G 203 2.18 38.16 -5.94
CA TYR G 203 2.74 39.46 -6.29
C TYR G 203 4.21 39.33 -6.67
N VAL G 204 4.91 38.40 -6.02
CA VAL G 204 6.29 38.12 -6.37
C VAL G 204 6.37 37.53 -7.77
N ALA G 205 5.39 36.71 -8.12
CA ALA G 205 5.28 36.17 -9.48
C ALA G 205 5.23 37.32 -10.49
N ASN G 206 4.58 38.41 -10.12
CA ASN G 206 4.53 39.60 -10.96
C ASN G 206 5.92 40.21 -11.11
N LEU G 207 6.68 40.23 -10.02
CA LEU G 207 8.04 40.76 -10.03
C LEU G 207 8.99 39.83 -10.77
N ILE G 208 8.69 38.54 -10.74
CA ILE G 208 9.45 37.55 -11.49
C ILE G 208 9.36 37.85 -12.98
N LYS G 209 8.14 38.14 -13.43
CA LYS G 209 7.92 38.56 -14.81
C LYS G 209 8.63 39.86 -15.13
N GLU G 210 8.53 40.84 -14.22
CA GLU G 210 9.18 42.13 -14.40
C GLU G 210 10.71 42.01 -14.41
N ALA G 211 11.24 41.10 -13.60
CA ALA G 211 12.69 40.89 -13.52
C ALA G 211 13.25 40.32 -14.82
N GLY G 212 12.39 39.76 -15.66
CA GLY G 212 12.79 39.32 -16.98
C GLY G 212 13.09 37.83 -17.13
N PHE G 213 12.55 37.01 -16.23
CA PHE G 213 12.67 35.56 -16.38
C PHE G 213 11.81 35.12 -17.55
N PRO G 214 12.33 34.21 -18.39
CA PRO G 214 11.56 33.68 -19.53
C PRO G 214 10.25 33.04 -19.07
N PRO G 215 9.21 33.08 -19.93
CA PRO G 215 7.92 32.49 -19.61
C PRO G 215 8.01 30.99 -19.36
N GLY G 216 7.36 30.50 -18.30
CA GLY G 216 7.35 29.08 -18.01
C GLY G 216 8.38 28.64 -16.98
N VAL G 217 9.38 29.50 -16.73
CA VAL G 217 10.43 29.20 -15.75
C VAL G 217 9.88 29.13 -14.32
N VAL G 218 8.99 30.06 -13.97
CA VAL G 218 8.24 29.96 -12.72
C VAL G 218 6.73 30.03 -12.95
N ASN G 219 6.03 28.97 -12.55
CA ASN G 219 4.57 28.93 -12.64
C ASN G 219 4.00 28.67 -11.25
N ILE G 220 3.02 29.48 -10.84
CA ILE G 220 2.42 29.34 -9.53
C ILE G 220 0.94 28.94 -9.61
N VAL G 221 0.61 27.85 -8.92
CA VAL G 221 -0.77 27.37 -8.90
C VAL G 221 -1.35 27.43 -7.49
N PRO G 222 -2.06 28.54 -7.17
CA PRO G 222 -2.80 28.59 -5.91
C PRO G 222 -3.96 27.61 -5.94
N GLY G 223 -4.30 27.04 -4.80
CA GLY G 223 -5.36 26.06 -4.72
C GLY G 223 -5.26 25.23 -3.46
N PHE G 224 -5.99 24.13 -3.40
CA PHE G 224 -5.94 23.28 -2.21
C PHE G 224 -4.93 22.15 -2.32
N GLY G 225 -4.67 21.49 -1.19
CA GLY G 225 -3.69 20.42 -1.12
C GLY G 225 -4.02 19.15 -1.89
N PRO G 226 -5.11 18.47 -1.51
CA PRO G 226 -5.46 17.19 -2.16
C PRO G 226 -5.84 17.34 -3.62
N THR G 227 -5.96 18.58 -4.10
CA THR G 227 -6.21 18.84 -5.51
C THR G 227 -4.93 19.29 -6.22
N ALA G 228 -4.63 20.58 -6.18
CA ALA G 228 -3.46 21.13 -6.86
C ALA G 228 -2.14 20.54 -6.38
N GLY G 229 -2.01 20.36 -5.06
CA GLY G 229 -0.81 19.80 -4.48
C GLY G 229 -0.58 18.34 -4.84
N ALA G 230 -1.64 17.55 -4.81
CA ALA G 230 -1.54 16.12 -5.12
C ALA G 230 -1.30 15.89 -6.61
N ALA G 231 -1.86 16.77 -7.43
CA ALA G 231 -1.65 16.72 -8.87
C ALA G 231 -0.17 16.90 -9.20
N ILE G 232 0.49 17.79 -8.46
CA ILE G 232 1.93 18.00 -8.61
C ILE G 232 2.72 16.76 -8.19
N ALA G 233 2.44 16.27 -6.99
CA ALA G 233 3.15 15.11 -6.43
C ALA G 233 3.03 13.86 -7.31
N SER G 234 1.86 13.67 -7.92
CA SER G 234 1.57 12.48 -8.70
C SER G 234 1.77 12.67 -10.21
N HIS G 235 2.24 13.85 -10.60
CA HIS G 235 2.34 14.16 -12.02
C HIS G 235 3.41 13.32 -12.70
N GLU G 236 3.11 12.86 -13.92
CA GLU G 236 4.00 11.99 -14.67
C GLU G 236 5.13 12.74 -15.36
N ASP G 237 5.09 14.07 -15.31
CA ASP G 237 6.09 14.86 -16.02
C ASP G 237 6.81 15.87 -15.11
N VAL G 238 6.62 15.71 -13.80
CA VAL G 238 7.39 16.46 -12.81
C VAL G 238 8.57 15.59 -12.40
N ASP G 239 9.77 16.15 -12.51
CA ASP G 239 11.00 15.39 -12.29
C ASP G 239 11.36 15.32 -10.82
N LYS G 240 10.96 16.34 -10.07
CA LYS G 240 11.36 16.45 -8.67
C LYS G 240 10.31 17.21 -7.90
N VAL G 241 10.02 16.77 -6.69
CA VAL G 241 9.15 17.54 -5.81
C VAL G 241 9.84 17.89 -4.49
N ALA G 242 9.64 19.12 -4.05
CA ALA G 242 10.15 19.59 -2.77
C ALA G 242 8.94 20.01 -1.94
N PHE G 243 8.81 19.45 -0.75
CA PHE G 243 7.66 19.72 0.09
C PHE G 243 8.07 20.16 1.49
N THR G 244 7.43 21.22 1.98
CA THR G 244 7.58 21.64 3.36
C THR G 244 6.20 21.68 3.99
N GLY G 245 6.04 21.04 5.14
CA GLY G 245 4.75 20.95 5.81
C GLY G 245 4.69 19.84 6.84
N SER G 246 3.47 19.42 7.18
CA SER G 246 3.27 18.39 8.20
C SER G 246 3.82 17.02 7.79
N THR G 247 4.31 16.27 8.77
CA THR G 247 4.87 14.94 8.53
C THR G 247 3.88 14.00 7.86
N GLU G 248 2.60 14.12 8.23
CA GLU G 248 1.55 13.30 7.63
C GLU G 248 1.45 13.45 6.10
N ILE G 249 1.49 14.68 5.61
CA ILE G 249 1.41 14.96 4.19
C ILE G 249 2.72 14.58 3.47
N GLY G 250 3.84 14.67 4.19
CA GLY G 250 5.12 14.26 3.65
C GLY G 250 5.11 12.79 3.28
N ARG G 251 4.42 12.00 4.10
CA ARG G 251 4.15 10.59 3.76
C ARG G 251 3.38 10.49 2.45
N VAL G 252 2.34 11.30 2.31
CA VAL G 252 1.49 11.29 1.12
C VAL G 252 2.28 11.67 -0.13
N ILE G 253 3.16 12.66 0.00
CA ILE G 253 4.01 13.09 -1.11
C ILE G 253 4.94 11.97 -1.55
N GLN G 254 5.61 11.36 -0.57
N GLN G 254 5.62 11.35 -0.59
CA GLN G 254 6.57 10.29 -0.84
CA GLN G 254 6.57 10.28 -0.91
C GLN G 254 5.90 9.09 -1.50
C GLN G 254 5.88 9.07 -1.52
N VAL G 255 4.70 8.74 -1.03
CA VAL G 255 3.93 7.62 -1.58
C VAL G 255 3.50 7.93 -3.01
N ALA G 256 3.02 9.15 -3.23
CA ALA G 256 2.59 9.58 -4.56
C ALA G 256 3.73 9.52 -5.57
N ALA G 257 4.92 9.90 -5.13
CA ALA G 257 6.10 9.90 -6.00
C ALA G 257 6.44 8.50 -6.50
N GLY G 258 6.45 7.54 -5.58
CA GLY G 258 6.70 6.16 -5.93
C GLY G 258 5.59 5.51 -6.72
N SER G 259 4.37 6.03 -6.57
CA SER G 259 3.20 5.47 -7.25
C SER G 259 3.09 5.98 -8.69
N SER G 260 3.83 7.02 -9.01
CA SER G 260 3.77 7.64 -10.33
C SER G 260 5.07 7.44 -11.12
N ASN G 261 5.87 8.49 -11.24
CA ASN G 261 7.06 8.44 -12.09
C ASN G 261 8.40 8.33 -11.34
N LEU G 262 8.34 7.97 -10.07
CA LEU G 262 9.53 7.88 -9.22
C LEU G 262 10.35 9.16 -9.21
N LYS G 263 9.66 10.30 -9.19
CA LYS G 263 10.31 11.61 -9.12
C LYS G 263 11.14 11.74 -7.85
N ARG G 264 12.21 12.53 -7.93
CA ARG G 264 13.06 12.80 -6.78
C ARG G 264 12.31 13.62 -5.73
N VAL G 265 12.49 13.27 -4.46
CA VAL G 265 11.71 13.87 -3.38
C VAL G 265 12.57 14.33 -2.20
N THR G 266 12.44 15.59 -1.82
CA THR G 266 13.00 16.08 -0.56
C THR G 266 11.89 16.66 0.30
N LEU G 267 12.00 16.49 1.61
CA LEU G 267 10.94 16.88 2.53
C LEU G 267 11.49 17.69 3.70
N GLN G 268 10.77 18.74 4.07
CA GLN G 268 11.05 19.42 5.33
C GLN G 268 9.78 19.40 6.17
N LEU G 269 9.81 18.60 7.23
CA LEU G 269 8.62 18.31 8.01
C LEU G 269 8.64 19.00 9.37
N GLY G 270 7.74 18.58 10.25
CA GLY G 270 7.61 19.22 11.55
C GLY G 270 8.69 18.87 12.55
N GLY G 271 8.51 19.32 13.79
CA GLY G 271 9.47 19.04 14.84
C GLY G 271 8.91 19.13 16.25
N LYS G 272 9.76 18.79 17.21
CA LYS G 272 9.48 18.99 18.63
C LYS G 272 10.82 19.28 19.29
N SER G 273 11.46 20.35 18.83
CA SER G 273 12.86 20.61 19.14
C SER G 273 13.14 20.89 20.62
N PRO G 274 14.16 20.22 21.17
CA PRO G 274 14.54 20.42 22.58
C PRO G 274 15.45 21.64 22.78
N ASN G 275 15.08 22.48 23.74
CA ASN G 275 15.89 23.62 24.12
C ASN G 275 16.45 23.40 25.53
N ILE G 276 17.73 23.08 25.61
CA ILE G 276 18.34 22.62 26.84
C ILE G 276 19.08 23.73 27.57
N ILE G 277 18.62 24.04 28.78
CA ILE G 277 19.25 25.08 29.58
C ILE G 277 20.03 24.45 30.73
N MET G 278 21.35 24.44 30.61
CA MET G 278 22.23 23.94 31.67
C MET G 278 22.28 24.92 32.83
N SER G 279 22.67 24.44 34.02
CA SER G 279 22.61 25.28 35.22
C SER G 279 23.64 26.41 35.22
N ASP G 280 24.65 26.31 34.35
CA ASP G 280 25.67 27.35 34.26
C ASP G 280 25.38 28.37 33.16
N ALA G 281 24.20 28.30 32.57
CA ALA G 281 23.83 29.26 31.52
C ALA G 281 23.56 30.65 32.11
N ASP G 282 23.74 31.67 31.28
CA ASP G 282 23.32 33.02 31.61
C ASP G 282 21.80 33.04 31.70
N MET G 283 21.26 33.33 32.87
CA MET G 283 19.82 33.25 33.08
C MET G 283 19.01 34.22 32.20
N ASP G 284 19.37 35.49 32.21
CA ASP G 284 18.63 36.48 31.43
C ASP G 284 18.58 36.14 29.94
N TRP G 285 19.74 35.82 29.38
CA TRP G 285 19.84 35.46 27.96
C TRP G 285 19.03 34.22 27.64
N ALA G 286 19.21 33.18 28.45
CA ALA G 286 18.54 31.90 28.23
C ALA G 286 17.02 32.03 28.28
N VAL G 287 16.52 32.89 29.15
CA VAL G 287 15.08 33.08 29.30
C VAL G 287 14.47 33.81 28.10
N GLU G 288 15.15 34.85 27.63
CA GLU G 288 14.64 35.63 26.50
C GLU G 288 14.71 34.82 25.20
N GLN G 289 15.80 34.07 25.05
CA GLN G 289 15.99 33.22 23.88
C GLN G 289 14.98 32.06 23.85
N ALA G 290 14.74 31.45 25.00
CA ALA G 290 13.79 30.34 25.10
C ALA G 290 12.37 30.82 24.86
N HIS G 291 12.12 32.09 25.20
CA HIS G 291 10.84 32.73 24.92
C HIS G 291 10.66 32.88 23.41
N PHE G 292 11.61 33.56 22.79
CA PHE G 292 11.66 33.69 21.33
C PHE G 292 11.58 32.32 20.65
N ALA G 293 12.43 31.40 21.09
CA ALA G 293 12.50 30.03 20.56
C ALA G 293 11.13 29.37 20.39
N LEU G 294 10.26 29.55 21.37
CA LEU G 294 8.93 28.96 21.36
C LEU G 294 7.92 29.89 20.69
N PHE G 295 7.86 31.13 21.14
CA PHE G 295 6.78 32.04 20.77
C PHE G 295 6.93 32.79 19.44
N PHE G 296 8.10 32.69 18.81
CA PHE G 296 8.32 33.36 17.52
C PHE G 296 7.25 32.98 16.50
N ASN G 297 6.77 33.97 15.75
CA ASN G 297 5.82 33.75 14.66
C ASN G 297 4.53 33.05 15.13
N GLN G 298 3.97 33.55 16.22
CA GLN G 298 2.76 32.99 16.82
C GLN G 298 2.90 31.53 17.19
N GLY G 299 4.15 31.11 17.44
CA GLY G 299 4.46 29.72 17.74
C GLY G 299 4.46 28.85 16.50
N GLN G 300 4.29 29.48 15.34
CA GLN G 300 4.16 28.74 14.08
C GLN G 300 5.49 28.62 13.33
N SER G 301 6.41 27.87 13.93
CA SER G 301 7.73 27.63 13.36
C SER G 301 8.03 26.14 13.51
N CYS G 302 8.42 25.50 12.41
CA CYS G 302 8.70 24.07 12.42
C CYS G 302 9.82 23.76 13.41
N SER G 303 10.71 24.72 13.64
CA SER G 303 11.85 24.51 14.53
C SER G 303 11.66 25.16 15.90
N ALA G 304 10.40 25.33 16.32
CA ALA G 304 10.11 25.91 17.62
C ALA G 304 10.73 25.09 18.75
N GLY G 305 11.27 25.77 19.76
CA GLY G 305 11.85 25.11 20.91
C GLY G 305 10.73 24.69 21.85
N SER G 306 9.98 23.67 21.46
CA SER G 306 8.74 23.30 22.12
C SER G 306 8.94 22.29 23.25
N ARG G 307 10.20 21.97 23.54
CA ARG G 307 10.55 21.21 24.73
C ARG G 307 11.70 21.91 25.45
N THR G 308 11.36 22.81 26.37
CA THR G 308 12.38 23.55 27.10
C THR G 308 12.85 22.77 28.31
N PHE G 309 14.02 22.15 28.19
CA PHE G 309 14.64 21.41 29.29
C PHE G 309 15.48 22.36 30.15
N VAL G 310 15.21 22.40 31.46
CA VAL G 310 15.94 23.26 32.39
C VAL G 310 16.48 22.44 33.56
N GLN G 311 17.78 22.56 33.82
N GLN G 311 17.78 22.56 33.82
CA GLN G 311 18.42 21.80 34.90
CA GLN G 311 18.42 21.83 34.92
C GLN G 311 17.85 22.22 36.26
C GLN G 311 17.80 22.21 36.25
N GLU G 312 17.68 21.25 37.15
CA GLU G 312 16.94 21.44 38.40
C GLU G 312 17.36 22.59 39.32
N ASP G 313 18.66 22.88 39.41
CA ASP G 313 19.12 23.97 40.27
C ASP G 313 18.55 25.34 39.88
N ILE G 314 18.24 25.53 38.61
CA ILE G 314 17.74 26.82 38.16
C ILE G 314 16.31 26.76 37.64
N TYR G 315 15.68 25.59 37.76
CA TYR G 315 14.33 25.38 37.23
C TYR G 315 13.32 26.43 37.68
N ASP G 316 13.15 26.56 38.99
CA ASP G 316 12.13 27.45 39.56
C ASP G 316 12.27 28.89 39.10
N GLU G 317 13.49 29.41 39.19
CA GLU G 317 13.77 30.77 38.79
C GLU G 317 13.49 30.97 37.31
N PHE G 318 13.91 30.00 36.50
CA PHE G 318 13.71 30.06 35.06
C PHE G 318 12.21 30.14 34.73
N VAL G 319 11.45 29.24 35.34
CA VAL G 319 10.00 29.18 35.17
C VAL G 319 9.36 30.52 35.49
N GLU G 320 9.70 31.08 36.65
CA GLU G 320 9.15 32.35 37.10
C GLU G 320 9.42 33.48 36.12
N ARG G 321 10.66 33.56 35.66
CA ARG G 321 11.07 34.57 34.68
C ARG G 321 10.37 34.35 33.33
N SER G 322 10.26 33.08 32.92
CA SER G 322 9.63 32.71 31.66
C SER G 322 8.14 33.00 31.66
N VAL G 323 7.52 32.84 32.82
CA VAL G 323 6.10 33.12 32.97
C VAL G 323 5.87 34.62 32.95
N ALA G 324 6.78 35.36 33.59
CA ALA G 324 6.71 36.82 33.58
C ALA G 324 6.84 37.38 32.17
N ARG G 325 7.76 36.81 31.40
CA ARG G 325 7.99 37.27 30.04
C ARG G 325 6.79 36.98 29.13
N ALA G 326 6.17 35.82 29.31
CA ALA G 326 5.01 35.45 28.50
C ALA G 326 3.78 36.32 28.82
N LYS G 327 3.64 36.71 30.09
CA LYS G 327 2.54 37.55 30.50
C LYS G 327 2.70 38.99 30.01
N SER G 328 3.94 39.40 29.75
CA SER G 328 4.18 40.74 29.24
C SER G 328 4.14 40.77 27.71
N ARG G 329 4.19 39.60 27.09
CA ARG G 329 4.14 39.50 25.64
C ARG G 329 2.82 40.05 25.10
N VAL G 330 2.92 41.13 24.33
CA VAL G 330 1.73 41.85 23.85
C VAL G 330 1.09 41.21 22.64
N VAL G 331 -0.16 40.80 22.82
CA VAL G 331 -0.96 40.20 21.76
C VAL G 331 -1.97 41.23 21.26
N GLY G 332 -2.05 41.42 19.96
CA GLY G 332 -3.00 42.36 19.39
C GLY G 332 -2.86 42.57 17.90
N ASN G 333 -3.36 43.70 17.45
CA ASN G 333 -3.30 44.09 16.05
C ASN G 333 -1.86 44.12 15.54
N PRO G 334 -1.52 43.24 14.58
CA PRO G 334 -0.16 43.11 14.04
C PRO G 334 0.37 44.37 13.38
N PHE G 335 -0.51 45.33 13.08
CA PHE G 335 -0.09 46.60 12.52
C PHE G 335 0.25 47.62 13.60
N ASP G 336 -0.15 47.34 14.84
CA ASP G 336 0.26 48.17 15.97
C ASP G 336 1.65 47.75 16.40
N SER G 337 2.57 48.71 16.45
CA SER G 337 3.98 48.43 16.74
C SER G 337 4.23 47.77 18.10
N LYS G 338 3.33 47.98 19.06
CA LYS G 338 3.45 47.36 20.38
C LYS G 338 3.31 45.85 20.33
N THR G 339 2.65 45.35 19.30
CA THR G 339 2.28 43.95 19.20
C THR G 339 3.49 43.03 18.93
N GLU G 340 3.64 42.01 19.78
CA GLU G 340 4.69 41.01 19.58
C GLU G 340 4.10 39.75 18.96
N GLN G 341 2.80 39.54 19.21
CA GLN G 341 2.14 38.33 18.77
C GLN G 341 0.81 38.66 18.12
N GLY G 342 0.65 38.28 16.86
CA GLY G 342 -0.61 38.46 16.17
C GLY G 342 -1.47 37.24 16.31
N PRO G 343 -2.47 37.07 15.42
CA PRO G 343 -3.38 35.93 15.51
C PRO G 343 -2.75 34.69 14.90
N GLN G 344 -3.31 33.52 15.19
CA GLN G 344 -2.92 32.29 14.51
C GLN G 344 -3.44 32.38 13.08
N VAL G 345 -2.96 31.50 12.20
CA VAL G 345 -3.20 31.69 10.76
C VAL G 345 -4.66 31.55 10.34
N ASP G 346 -5.39 30.64 10.98
CA ASP G 346 -6.80 30.45 10.68
C ASP G 346 -7.56 29.78 11.82
N GLU G 347 -8.84 29.51 11.60
CA GLU G 347 -9.68 28.94 12.64
C GLU G 347 -9.33 27.49 12.95
N THR G 348 -8.91 26.74 11.92
CA THR G 348 -8.54 25.35 12.09
C THR G 348 -7.35 25.23 13.05
N GLN G 349 -6.30 25.98 12.77
CA GLN G 349 -5.13 26.04 13.64
C GLN G 349 -5.50 26.57 15.02
N PHE G 350 -6.30 27.64 15.03
CA PHE G 350 -6.81 28.24 16.25
C PHE G 350 -7.48 27.20 17.16
N LYS G 351 -8.38 26.40 16.61
CA LYS G 351 -9.09 25.39 17.39
C LYS G 351 -8.16 24.25 17.82
N LYS G 352 -7.25 23.89 16.93
CA LYS G 352 -6.32 22.80 17.17
C LYS G 352 -5.37 23.14 18.32
N ILE G 353 -4.90 24.38 18.35
CA ILE G 353 -4.01 24.83 19.42
C ILE G 353 -4.76 24.84 20.75
N LEU G 354 -6.00 25.32 20.73
CA LEU G 354 -6.81 25.35 21.94
C LEU G 354 -7.05 23.94 22.47
N GLY G 355 -7.25 23.00 21.56
CA GLY G 355 -7.43 21.61 21.93
C GLY G 355 -6.20 20.99 22.55
N TYR G 356 -5.03 21.52 22.20
CA TYR G 356 -3.78 21.07 22.79
C TYR G 356 -3.58 21.62 24.19
N ILE G 357 -4.02 22.86 24.39
CA ILE G 357 -3.99 23.49 25.71
C ILE G 357 -4.88 22.69 26.69
N ASN G 358 -6.02 22.22 26.19
CA ASN G 358 -6.94 21.42 27.00
C ASN G 358 -6.40 20.04 27.35
N THR G 359 -5.64 19.46 26.43
CA THR G 359 -5.04 18.15 26.67
C THR G 359 -3.95 18.23 27.73
N GLY G 360 -3.15 19.30 27.68
CA GLY G 360 -2.08 19.50 28.64
C GLY G 360 -2.58 19.67 30.07
N LYS G 361 -3.65 20.45 30.23
CA LYS G 361 -4.32 20.61 31.50
C LYS G 361 -4.91 19.27 31.95
N GLN G 362 -5.56 18.59 31.00
CA GLN G 362 -6.13 17.28 31.23
C GLN G 362 -5.10 16.28 31.74
N GLU G 363 -3.95 16.23 31.07
CA GLU G 363 -2.91 15.25 31.40
C GLU G 363 -2.01 15.68 32.55
N GLY G 364 -2.39 16.74 33.27
CA GLY G 364 -1.73 17.08 34.51
C GLY G 364 -0.52 17.99 34.43
N ALA G 365 -0.27 18.58 33.27
CA ALA G 365 0.76 19.60 33.16
C ALA G 365 0.31 20.83 33.94
N LYS G 366 1.27 21.57 34.50
CA LYS G 366 0.93 22.70 35.35
C LYS G 366 0.75 23.98 34.54
N LEU G 367 -0.48 24.43 34.38
CA LEU G 367 -0.78 25.64 33.64
C LEU G 367 -0.43 26.87 34.49
N LEU G 368 0.56 27.63 34.03
CA LEU G 368 1.11 28.73 34.82
C LEU G 368 0.54 30.09 34.40
N CYS G 369 0.26 30.25 33.11
CA CYS G 369 -0.34 31.47 32.60
C CYS G 369 -0.98 31.21 31.25
N GLY G 370 -1.79 32.14 30.77
CA GLY G 370 -2.46 31.99 29.50
C GLY G 370 -3.48 30.88 29.54
N GLY G 371 -3.65 30.16 28.43
CA GLY G 371 -4.48 28.98 28.42
C GLY G 371 -5.73 29.10 27.58
N GLY G 372 -6.13 30.33 27.27
CA GLY G 372 -7.36 30.54 26.54
C GLY G 372 -7.28 31.55 25.42
N ILE G 373 -8.45 31.85 24.86
CA ILE G 373 -8.58 32.82 23.77
C ILE G 373 -8.24 34.22 24.29
N ALA G 374 -7.62 35.02 23.43
CA ALA G 374 -7.18 36.35 23.83
C ALA G 374 -8.09 37.48 23.33
N ALA G 375 -9.02 37.15 22.42
CA ALA G 375 -9.93 38.15 21.86
C ALA G 375 -11.12 37.49 21.17
N ASP G 376 -12.22 38.22 21.05
CA ASP G 376 -13.44 37.67 20.46
C ASP G 376 -13.42 37.68 18.93
N ARG G 377 -12.63 38.59 18.36
CA ARG G 377 -12.53 38.71 16.91
C ARG G 377 -11.10 38.38 16.46
N GLY G 378 -10.97 37.53 15.46
CA GLY G 378 -9.67 37.07 15.00
C GLY G 378 -9.28 35.78 15.69
N TYR G 379 -8.13 35.22 15.33
CA TYR G 379 -7.69 33.96 15.92
C TYR G 379 -6.55 34.16 16.93
N PHE G 380 -6.81 34.97 17.95
CA PHE G 380 -5.81 35.34 18.95
C PHE G 380 -5.82 34.42 20.17
N ILE G 381 -4.67 33.88 20.49
CA ILE G 381 -4.53 33.01 21.66
C ILE G 381 -3.54 33.61 22.65
N GLN G 382 -3.84 33.50 23.94
CA GLN G 382 -2.95 34.01 24.97
C GLN G 382 -1.68 33.17 25.03
N PRO G 383 -0.54 33.83 25.29
CA PRO G 383 0.73 33.11 25.47
C PRO G 383 0.63 32.16 26.66
N THR G 384 0.82 30.87 26.39
CA THR G 384 0.53 29.83 27.36
C THR G 384 1.80 29.09 27.76
N VAL G 385 1.98 28.91 29.07
CA VAL G 385 3.14 28.19 29.61
C VAL G 385 2.71 27.04 30.51
N PHE G 386 3.23 25.84 30.24
CA PHE G 386 3.04 24.69 31.12
C PHE G 386 4.36 24.35 31.80
N GLY G 387 4.31 24.14 33.12
CA GLY G 387 5.46 23.67 33.86
C GLY G 387 5.24 22.24 34.33
N ASP G 388 6.31 21.61 34.85
CA ASP G 388 6.26 20.22 35.31
C ASP G 388 5.77 19.27 34.22
N VAL G 389 6.20 19.54 32.99
CA VAL G 389 5.83 18.70 31.86
C VAL G 389 6.66 17.41 31.88
N GLN G 390 6.02 16.30 31.53
CA GLN G 390 6.69 15.00 31.50
C GLN G 390 6.78 14.50 30.07
N ASP G 391 7.74 13.62 29.80
CA ASP G 391 8.01 13.16 28.44
C ASP G 391 6.83 12.45 27.79
N GLY G 392 6.04 11.73 28.59
CA GLY G 392 4.94 10.95 28.08
C GLY G 392 3.69 11.75 27.76
N MET G 393 3.68 13.02 28.16
CA MET G 393 2.53 13.88 27.92
C MET G 393 2.38 14.21 26.44
N THR G 394 1.14 14.36 26.00
CA THR G 394 0.84 14.65 24.61
C THR G 394 1.44 15.99 24.16
N ILE G 395 1.37 17.01 25.01
CA ILE G 395 1.95 18.31 24.67
C ILE G 395 3.47 18.26 24.60
N ALA G 396 4.07 17.18 25.10
CA ALA G 396 5.51 17.02 25.08
C ALA G 396 5.97 16.21 23.86
N LYS G 397 5.03 15.54 23.21
CA LYS G 397 5.35 14.66 22.09
C LYS G 397 4.90 15.21 20.74
N GLU G 398 3.74 15.88 20.71
CA GLU G 398 3.16 16.34 19.46
C GLU G 398 3.37 17.83 19.20
N GLU G 399 3.69 18.15 17.94
CA GLU G 399 3.84 19.54 17.51
C GLU G 399 2.54 20.31 17.67
N ILE G 400 2.57 21.40 18.42
CA ILE G 400 1.36 22.19 18.67
C ILE G 400 1.21 23.32 17.66
N PHE G 401 2.34 23.91 17.27
CA PHE G 401 2.38 24.98 16.28
C PHE G 401 1.60 26.22 16.74
N GLY G 402 1.70 26.51 18.03
CA GLY G 402 1.04 27.66 18.61
C GLY G 402 1.81 28.19 19.80
N PRO G 403 1.30 29.27 20.42
CA PRO G 403 1.96 29.93 21.55
C PRO G 403 1.81 29.15 22.84
N VAL G 404 2.24 27.89 22.84
CA VAL G 404 2.13 27.03 24.01
C VAL G 404 3.49 26.44 24.38
N MET G 405 4.06 26.93 25.48
CA MET G 405 5.40 26.57 25.92
C MET G 405 5.41 25.41 26.89
N GLN G 406 6.32 24.45 26.68
CA GLN G 406 6.52 23.32 27.58
C GLN G 406 7.85 23.47 28.32
N ILE G 407 7.84 23.30 29.63
CA ILE G 407 9.07 23.36 30.42
C ILE G 407 9.28 22.07 31.22
N LEU G 408 10.41 21.43 31.01
CA LEU G 408 10.68 20.13 31.60
C LEU G 408 11.91 20.20 32.49
N LYS G 409 11.84 19.63 33.68
CA LYS G 409 12.97 19.64 34.59
C LYS G 409 13.86 18.42 34.30
N PHE G 410 15.18 18.60 34.47
CA PHE G 410 16.11 17.47 34.36
C PHE G 410 17.30 17.63 35.32
N LYS G 411 18.08 16.58 35.48
CA LYS G 411 19.19 16.62 36.41
C LYS G 411 20.56 16.59 35.72
N THR G 412 20.77 15.64 34.82
CA THR G 412 22.11 15.43 34.26
C THR G 412 22.18 15.68 32.77
N ILE G 413 23.40 15.80 32.27
CA ILE G 413 23.65 16.02 30.85
C ILE G 413 23.39 14.74 30.05
N GLU G 414 23.62 13.58 30.66
CA GLU G 414 23.34 12.30 30.02
C GLU G 414 21.82 12.09 29.90
N GLU G 415 21.12 12.45 30.96
CA GLU G 415 19.65 12.39 30.98
C GLU G 415 19.05 13.24 29.86
N VAL G 416 19.48 14.48 29.78
CA VAL G 416 18.87 15.42 28.84
C VAL G 416 19.17 15.06 27.38
N VAL G 417 20.34 14.48 27.13
CA VAL G 417 20.67 13.95 25.80
C VAL G 417 19.69 12.85 25.37
N GLY G 418 19.47 11.89 26.27
CA GLY G 418 18.60 10.77 25.99
C GLY G 418 17.14 11.19 25.83
N ARG G 419 16.69 12.08 26.71
CA ARG G 419 15.34 12.59 26.65
C ARG G 419 15.11 13.42 25.39
N ALA G 420 16.06 14.29 25.07
CA ALA G 420 16.01 15.10 23.84
C ALA G 420 15.91 14.24 22.60
N ASN G 421 16.77 13.23 22.50
CA ASN G 421 16.81 12.35 21.34
C ASN G 421 15.69 11.32 21.28
N ASN G 422 15.00 11.11 22.39
CA ASN G 422 13.86 10.20 22.42
C ASN G 422 12.66 10.85 21.75
N SER G 423 12.68 10.86 20.42
CA SER G 423 11.66 11.49 19.61
C SER G 423 11.84 11.05 18.17
N THR G 424 10.75 10.91 17.44
CA THR G 424 10.85 10.59 16.02
C THR G 424 11.12 11.87 15.21
N TYR G 425 11.07 13.01 15.88
CA TYR G 425 11.44 14.27 15.27
C TYR G 425 12.94 14.53 15.47
N GLY G 426 13.50 15.42 14.67
CA GLY G 426 14.91 15.78 14.77
C GLY G 426 15.25 16.93 13.85
N LEU G 427 14.52 18.04 14.01
CA LEU G 427 14.71 19.19 13.14
C LEU G 427 15.78 20.13 13.67
N ALA G 428 15.62 20.54 14.92
CA ALA G 428 16.58 21.43 15.55
C ALA G 428 16.77 21.09 17.02
N ALA G 429 17.76 21.71 17.64
CA ALA G 429 17.98 21.59 19.07
C ALA G 429 18.80 22.80 19.50
N ALA G 430 18.89 23.02 20.81
CA ALA G 430 19.76 24.07 21.31
C ALA G 430 20.31 23.76 22.70
N VAL G 431 21.50 24.28 22.97
CA VAL G 431 22.08 24.15 24.29
C VAL G 431 22.58 25.50 24.81
N PHE G 432 22.23 25.79 26.06
CA PHE G 432 22.70 26.99 26.73
C PHE G 432 23.60 26.63 27.91
N THR G 433 24.89 26.92 27.74
CA THR G 433 25.90 26.59 28.74
C THR G 433 27.13 27.46 28.46
N LYS G 434 27.99 27.59 29.46
CA LYS G 434 29.23 28.33 29.28
C LYS G 434 30.43 27.39 29.19
N ASP G 435 30.17 26.11 29.42
CA ASP G 435 31.25 25.12 29.46
C ASP G 435 31.56 24.61 28.06
N LEU G 436 32.83 24.67 27.69
CA LEU G 436 33.29 24.20 26.38
C LEU G 436 32.93 22.73 26.15
N ASP G 437 33.35 21.87 27.07
CA ASP G 437 33.15 20.44 26.93
C ASP G 437 31.67 20.04 26.85
N LYS G 438 30.82 20.72 27.62
CA LYS G 438 29.40 20.40 27.63
C LYS G 438 28.74 20.77 26.30
N ALA G 439 29.10 21.92 25.77
CA ALA G 439 28.58 22.36 24.47
C ALA G 439 29.02 21.42 23.36
N ASN G 440 30.31 21.08 23.35
CA ASN G 440 30.84 20.14 22.36
C ASN G 440 30.23 18.74 22.49
N TYR G 441 30.05 18.28 23.71
CA TYR G 441 29.45 16.96 23.92
C TYR G 441 28.02 16.96 23.43
N LEU G 442 27.25 17.95 23.86
CA LEU G 442 25.83 18.05 23.49
C LEU G 442 25.60 18.26 22.00
N SER G 443 26.38 19.15 21.37
CA SER G 443 26.21 19.39 19.94
C SER G 443 26.51 18.16 19.08
N GLN G 444 27.43 17.32 19.56
CA GLN G 444 27.74 16.08 18.85
C GLN G 444 26.65 15.04 19.07
N ALA G 445 26.15 14.96 20.30
CA ALA G 445 25.23 13.88 20.70
C ALA G 445 23.80 14.07 20.22
N LEU G 446 23.35 15.33 20.16
CA LEU G 446 21.99 15.67 19.79
C LEU G 446 21.63 15.26 18.35
N GLN G 447 20.58 14.44 18.21
CA GLN G 447 20.15 13.97 16.91
C GLN G 447 19.17 14.96 16.26
N ALA G 448 19.72 16.05 15.73
CA ALA G 448 18.92 17.12 15.13
C ALA G 448 19.71 17.79 14.01
N GLY G 449 19.00 18.29 12.99
CA GLY G 449 19.63 18.89 11.83
C GLY G 449 20.42 20.14 12.14
N THR G 450 19.85 21.02 12.96
CA THR G 450 20.57 22.19 13.42
C THR G 450 20.66 22.18 14.95
N VAL G 451 21.88 22.36 15.47
CA VAL G 451 22.07 22.54 16.91
C VAL G 451 22.60 23.94 17.19
N TRP G 452 21.81 24.74 17.90
CA TRP G 452 22.21 26.09 18.29
C TRP G 452 22.90 26.09 19.66
N VAL G 453 24.00 26.83 19.77
CA VAL G 453 24.70 26.95 21.05
C VAL G 453 24.64 28.40 21.56
N ASN G 454 24.01 28.58 22.71
CA ASN G 454 23.77 29.89 23.31
C ASN G 454 22.97 30.85 22.45
N CYS G 455 22.16 30.29 21.57
CA CYS G 455 21.25 31.09 20.74
C CYS G 455 20.13 30.20 20.24
N TYR G 456 19.16 30.79 19.56
CA TYR G 456 18.09 30.01 18.96
C TYR G 456 17.57 30.69 17.71
N ASP G 457 17.05 29.89 16.79
CA ASP G 457 16.47 30.40 15.54
C ASP G 457 17.43 31.30 14.77
N VAL G 458 18.71 30.93 14.76
CA VAL G 458 19.69 31.67 13.98
C VAL G 458 19.84 31.03 12.61
N PHE G 459 19.12 31.59 11.64
CA PHE G 459 19.13 31.07 10.30
C PHE G 459 20.03 31.92 9.41
N GLY G 460 20.72 31.27 8.48
CA GLY G 460 21.53 31.97 7.51
C GLY G 460 21.42 31.23 6.20
N ALA G 461 21.34 31.96 5.10
CA ALA G 461 21.23 31.34 3.78
C ALA G 461 22.48 30.54 3.47
N GLN G 462 23.56 30.79 4.22
CA GLN G 462 24.85 30.14 4.04
C GLN G 462 24.89 28.76 4.69
N SER G 463 24.12 28.57 5.76
CA SER G 463 24.18 27.34 6.55
C SER G 463 22.95 26.47 6.32
N PRO G 464 23.19 25.18 6.03
CA PRO G 464 22.11 24.26 5.62
C PRO G 464 21.12 23.98 6.74
N PHE G 465 19.90 23.62 6.37
CA PHE G 465 18.84 23.39 7.34
C PHE G 465 17.90 22.29 6.85
N GLY G 466 17.55 21.38 7.74
CA GLY G 466 16.73 20.25 7.40
C GLY G 466 16.71 19.27 8.55
N GLY G 467 15.87 18.25 8.46
CA GLY G 467 15.66 17.37 9.59
C GLY G 467 16.35 16.03 9.59
N TYR G 468 16.61 15.53 10.80
CA TYR G 468 16.92 14.14 11.04
C TYR G 468 15.59 13.41 11.19
N LYS G 469 15.64 12.08 11.05
CA LYS G 469 14.47 11.23 11.28
C LYS G 469 13.25 11.67 10.48
N MET G 470 12.10 11.73 11.14
CA MET G 470 10.85 12.10 10.45
C MET G 470 10.61 13.61 10.39
N SER G 471 11.67 14.38 10.62
CA SER G 471 11.59 15.83 10.44
C SER G 471 11.92 16.22 9.01
N GLY G 472 12.26 15.24 8.18
CA GLY G 472 12.54 15.49 6.78
C GLY G 472 13.76 14.77 6.28
N SER G 473 14.15 15.04 5.05
CA SER G 473 15.33 14.43 4.47
C SER G 473 15.93 15.38 3.43
N GLY G 474 17.24 15.53 3.47
CA GLY G 474 17.90 16.51 2.61
C GLY G 474 17.96 17.85 3.32
N ARG G 475 18.67 18.79 2.71
CA ARG G 475 18.91 20.08 3.33
C ARG G 475 18.57 21.23 2.39
N GLU G 476 18.10 22.33 2.97
CA GLU G 476 17.89 23.55 2.23
C GLU G 476 18.90 24.58 2.71
N LEU G 477 19.03 25.68 1.96
CA LEU G 477 20.00 26.72 2.24
C LEU G 477 21.45 26.24 2.06
N GLY G 478 22.38 27.18 2.00
CA GLY G 478 23.78 26.86 1.79
C GLY G 478 24.07 26.20 0.45
N GLU G 479 25.28 25.65 0.34
CA GLU G 479 25.69 24.91 -0.84
C GLU G 479 24.88 23.62 -0.98
N TYR G 480 24.52 23.04 0.16
CA TYR G 480 23.78 21.78 0.19
C TYR G 480 22.43 21.91 -0.50
N GLY G 481 21.82 23.08 -0.38
CA GLY G 481 20.52 23.34 -0.98
C GLY G 481 20.49 23.18 -2.49
N LEU G 482 21.66 23.07 -3.09
CA LEU G 482 21.78 22.96 -4.54
C LEU G 482 21.79 21.51 -4.99
N GLN G 483 22.16 20.61 -4.08
CA GLN G 483 22.36 19.20 -4.42
C GLN G 483 21.10 18.54 -4.99
N ALA G 484 19.94 18.85 -4.42
CA ALA G 484 18.70 18.20 -4.83
C ALA G 484 18.12 18.80 -6.11
N TYR G 485 18.65 19.94 -6.52
CA TYR G 485 18.22 20.60 -7.74
C TYR G 485 19.21 20.38 -8.88
N THR G 486 20.07 19.37 -8.69
CA THR G 486 21.12 19.04 -9.66
C THR G 486 20.95 17.60 -10.12
N GLU G 487 21.08 17.36 -11.43
CA GLU G 487 21.15 16.01 -11.98
C GLU G 487 22.57 15.80 -12.50
N VAL G 488 23.30 14.88 -11.86
CA VAL G 488 24.70 14.66 -12.19
C VAL G 488 24.88 13.73 -13.39
N LYS G 489 25.49 14.24 -14.45
CA LYS G 489 25.77 13.42 -15.62
C LYS G 489 27.27 13.14 -15.78
N THR G 490 27.64 11.87 -15.86
CA THR G 490 29.02 11.50 -16.13
C THR G 490 29.27 11.37 -17.63
N VAL G 491 30.31 12.04 -18.11
CA VAL G 491 30.75 11.85 -19.49
C VAL G 491 32.14 11.25 -19.52
N THR G 492 32.24 10.03 -20.05
CA THR G 492 33.51 9.33 -20.08
C THR G 492 33.91 9.09 -21.53
N VAL G 493 35.11 9.57 -21.88
CA VAL G 493 35.55 9.62 -23.27
C VAL G 493 36.83 8.82 -23.48
N LYS G 494 36.86 8.00 -24.52
CA LYS G 494 38.08 7.30 -24.88
C LYS G 494 39.05 8.32 -25.47
N VAL G 495 40.28 8.33 -24.98
CA VAL G 495 41.32 9.24 -25.47
C VAL G 495 42.52 8.45 -25.97
N PRO G 496 43.32 9.04 -26.88
CA PRO G 496 44.47 8.33 -27.44
C PRO G 496 45.48 7.85 -26.39
N GLN G 497 45.79 8.71 -25.41
CA GLN G 497 46.71 8.33 -24.34
C GLN G 497 46.52 9.20 -23.10
N LYS G 498 46.07 8.56 -22.02
CA LYS G 498 45.90 9.24 -20.74
C LYS G 498 47.25 9.56 -20.11
N ASN G 499 47.41 10.81 -19.69
CA ASN G 499 48.54 11.24 -18.89
C ASN G 499 48.04 12.02 -17.68
N SER G 500 48.81 12.02 -16.61
CA SER G 500 48.45 12.75 -15.41
C SER G 500 48.42 14.25 -15.66
N VAL H 8 45.29 -15.71 -15.56
CA VAL H 8 44.07 -16.28 -15.01
C VAL H 8 44.32 -17.72 -14.54
N PRO H 9 44.34 -17.93 -13.22
CA PRO H 9 44.58 -19.26 -12.64
C PRO H 9 43.45 -20.23 -12.96
N ALA H 10 43.77 -21.51 -13.08
CA ALA H 10 42.76 -22.52 -13.38
C ALA H 10 41.69 -22.53 -12.29
N PRO H 11 40.41 -22.58 -12.72
CA PRO H 11 39.29 -22.56 -11.76
C PRO H 11 38.96 -23.93 -11.19
N ASN H 12 38.64 -23.97 -9.90
CA ASN H 12 37.98 -25.13 -9.34
C ASN H 12 36.55 -25.03 -9.84
N GLN H 13 36.15 -25.98 -10.67
CA GLN H 13 34.83 -25.91 -11.29
C GLN H 13 33.75 -26.40 -10.33
N GLN H 14 34.17 -26.88 -9.17
CA GLN H 14 33.23 -27.29 -8.13
C GLN H 14 33.70 -26.77 -6.78
N PRO H 15 33.64 -25.44 -6.59
CA PRO H 15 34.15 -24.85 -5.35
C PRO H 15 33.30 -25.20 -4.15
N GLU H 16 33.95 -25.33 -2.99
CA GLU H 16 33.26 -25.65 -1.76
C GLU H 16 32.51 -24.44 -1.22
N VAL H 17 31.35 -24.69 -0.61
CA VAL H 17 30.57 -23.65 0.02
C VAL H 17 30.80 -23.70 1.53
N PHE H 18 31.17 -22.58 2.13
CA PHE H 18 31.47 -22.52 3.55
C PHE H 18 30.43 -21.70 4.31
N CYS H 19 29.72 -20.84 3.60
CA CYS H 19 28.78 -19.93 4.25
C CYS H 19 27.42 -19.99 3.56
N ASN H 20 26.38 -20.32 4.33
CA ASN H 20 25.05 -20.46 3.76
C ASN H 20 23.94 -20.12 4.77
N GLN H 21 24.29 -19.29 5.74
CA GLN H 21 23.36 -18.92 6.80
C GLN H 21 23.15 -17.41 6.87
N ILE H 22 22.47 -16.96 7.91
CA ILE H 22 22.24 -15.54 8.13
C ILE H 22 23.37 -14.94 8.97
N PHE H 23 23.89 -13.79 8.53
CA PHE H 23 25.05 -13.17 9.16
C PHE H 23 24.68 -11.98 10.02
N ILE H 24 24.71 -12.18 11.35
CA ILE H 24 24.36 -11.13 12.31
C ILE H 24 25.39 -11.09 13.44
N ASN H 25 25.87 -9.90 13.78
CA ASN H 25 26.89 -9.75 14.83
C ASN H 25 28.12 -10.65 14.65
N ASN H 26 28.60 -10.75 13.41
CA ASN H 26 29.81 -11.52 13.09
C ASN H 26 29.71 -13.01 13.40
N GLU H 27 28.49 -13.52 13.37
CA GLU H 27 28.26 -14.93 13.60
C GLU H 27 27.17 -15.43 12.67
N TRP H 28 27.12 -16.75 12.49
CA TRP H 28 26.19 -17.35 11.54
C TRP H 28 24.96 -17.93 12.21
N HIS H 29 23.79 -17.56 11.70
CA HIS H 29 22.52 -17.98 12.26
C HIS H 29 21.68 -18.72 11.23
N ASP H 30 20.97 -19.75 11.67
CA ASP H 30 19.89 -20.30 10.89
C ASP H 30 18.77 -19.27 10.90
N ALA H 31 17.79 -19.44 10.01
CA ALA H 31 16.59 -18.64 10.08
C ALA H 31 15.87 -19.01 11.37
N VAL H 32 15.12 -18.07 11.94
CA VAL H 32 14.31 -18.35 13.12
C VAL H 32 13.37 -19.51 12.84
N SER H 33 12.94 -19.63 11.59
CA SER H 33 12.01 -20.68 11.16
C SER H 33 12.71 -21.99 10.81
N ARG H 34 14.05 -21.97 10.79
CA ARG H 34 14.88 -23.10 10.37
C ARG H 34 14.77 -23.39 8.88
N LYS H 35 14.01 -22.56 8.17
CA LYS H 35 13.84 -22.73 6.74
C LYS H 35 15.09 -22.41 5.94
N THR H 36 15.34 -23.20 4.90
CA THR H 36 16.39 -22.92 3.93
C THR H 36 15.78 -22.97 2.54
N PHE H 37 16.48 -22.38 1.58
CA PHE H 37 16.05 -22.43 0.19
C PHE H 37 17.21 -22.87 -0.68
N PRO H 38 16.93 -23.56 -1.79
CA PRO H 38 18.02 -24.00 -2.65
C PRO H 38 18.47 -22.93 -3.63
N THR H 39 19.79 -22.84 -3.85
CA THR H 39 20.30 -22.00 -4.92
C THR H 39 20.82 -22.92 -6.02
N VAL H 40 20.65 -22.48 -7.25
CA VAL H 40 20.88 -23.32 -8.40
C VAL H 40 22.06 -22.84 -9.25
N ASN H 41 22.80 -23.78 -9.81
CA ASN H 41 23.81 -23.50 -10.83
C ASN H 41 23.08 -23.36 -12.15
N PRO H 42 23.12 -22.16 -12.75
CA PRO H 42 22.37 -21.92 -13.98
C PRO H 42 22.91 -22.69 -15.19
N SER H 43 24.14 -23.17 -15.13
CA SER H 43 24.73 -23.90 -16.25
C SER H 43 24.16 -25.31 -16.38
N THR H 44 23.75 -25.89 -15.27
CA THR H 44 23.32 -27.28 -15.24
C THR H 44 21.89 -27.45 -14.76
N GLY H 45 21.37 -26.42 -14.10
CA GLY H 45 20.05 -26.50 -13.49
C GLY H 45 20.08 -27.29 -12.18
N GLU H 46 21.27 -27.61 -11.69
CA GLU H 46 21.42 -28.41 -10.47
C GLU H 46 21.46 -27.52 -9.23
N VAL H 47 21.01 -28.06 -8.10
CA VAL H 47 21.09 -27.37 -6.82
C VAL H 47 22.52 -27.39 -6.29
N ILE H 48 23.07 -26.22 -6.00
CA ILE H 48 24.41 -26.13 -5.44
C ILE H 48 24.39 -26.53 -3.97
N CYS H 49 23.55 -25.84 -3.20
CA CYS H 49 23.35 -26.14 -1.79
C CYS H 49 22.09 -25.41 -1.34
N GLN H 50 21.73 -25.61 -0.08
CA GLN H 50 20.66 -24.86 0.56
C GLN H 50 21.24 -23.68 1.33
N VAL H 51 20.42 -22.64 1.52
CA VAL H 51 20.84 -21.41 2.18
C VAL H 51 19.73 -20.94 3.10
N ALA H 52 20.07 -20.44 4.29
CA ALA H 52 19.08 -19.95 5.24
C ALA H 52 18.13 -18.91 4.62
N GLU H 53 16.84 -19.14 4.78
CA GLU H 53 15.82 -18.25 4.22
C GLU H 53 15.36 -17.23 5.25
N GLY H 54 16.01 -16.08 5.29
CA GLY H 54 15.64 -15.03 6.21
C GLY H 54 14.28 -14.44 5.88
N ASP H 55 13.57 -14.00 6.92
CA ASP H 55 12.27 -13.38 6.76
C ASP H 55 12.24 -12.17 7.68
N LYS H 56 11.05 -11.65 7.97
CA LYS H 56 10.91 -10.47 8.81
C LYS H 56 11.61 -10.57 10.18
N GLU H 57 11.47 -11.71 10.84
CA GLU H 57 12.04 -11.89 12.18
C GLU H 57 13.57 -11.92 12.16
N ASP H 58 14.14 -12.33 11.04
CA ASP H 58 15.60 -12.37 10.90
C ASP H 58 16.12 -10.99 10.56
N VAL H 59 15.32 -10.24 9.80
CA VAL H 59 15.61 -8.84 9.53
C VAL H 59 15.56 -8.04 10.83
N ASP H 60 14.52 -8.27 11.64
N ASP H 60 14.54 -8.27 11.66
CA ASP H 60 14.37 -7.57 12.92
CA ASP H 60 14.41 -7.50 12.90
C ASP H 60 15.59 -7.75 13.80
C ASP H 60 15.60 -7.75 13.84
N LYS H 61 16.13 -8.97 13.82
CA LYS H 61 17.33 -9.29 14.58
C LYS H 61 18.55 -8.55 14.04
N ALA H 62 18.69 -8.54 12.71
CA ALA H 62 19.80 -7.85 12.07
C ALA H 62 19.75 -6.35 12.36
N VAL H 63 18.57 -5.77 12.26
CA VAL H 63 18.38 -4.33 12.50
C VAL H 63 18.73 -3.91 13.93
N LYS H 64 18.37 -4.73 14.91
CA LYS H 64 18.70 -4.43 16.31
C LYS H 64 20.21 -4.48 16.55
N ALA H 65 20.89 -5.42 15.88
CA ALA H 65 22.33 -5.57 16.00
C ALA H 65 23.07 -4.41 15.32
N ALA H 66 22.51 -3.93 14.22
CA ALA H 66 23.03 -2.77 13.51
C ALA H 66 22.85 -1.51 14.37
N ARG H 67 21.63 -1.31 14.85
CA ARG H 67 21.30 -0.18 15.72
C ARG H 67 22.20 -0.13 16.96
N ALA H 68 22.52 -1.30 17.52
CA ALA H 68 23.36 -1.36 18.71
C ALA H 68 24.80 -0.96 18.40
N ALA H 69 25.29 -1.36 17.24
CA ALA H 69 26.66 -1.05 16.82
C ALA H 69 26.80 0.44 16.50
N PHE H 70 25.66 1.09 16.26
CA PHE H 70 25.64 2.48 15.86
C PHE H 70 25.41 3.41 17.07
N GLN H 71 25.24 2.83 18.25
CA GLN H 71 25.04 3.65 19.45
C GLN H 71 26.24 4.56 19.73
N LEU H 72 25.95 5.78 20.18
CA LEU H 72 26.98 6.74 20.53
C LEU H 72 27.92 6.11 21.56
N GLY H 73 29.22 6.20 21.32
CA GLY H 73 30.20 5.63 22.22
C GLY H 73 30.58 4.20 21.91
N SER H 74 29.94 3.60 20.90
CA SER H 74 30.24 2.21 20.52
C SER H 74 31.61 2.14 19.86
N PRO H 75 32.19 0.93 19.77
CA PRO H 75 33.48 0.79 19.07
C PRO H 75 33.47 1.38 17.65
N TRP H 76 32.39 1.15 16.90
CA TRP H 76 32.31 1.61 15.52
C TRP H 76 32.14 3.12 15.40
N ARG H 77 31.41 3.72 16.34
CA ARG H 77 31.22 5.17 16.34
C ARG H 77 32.47 5.90 16.80
N ARG H 78 33.21 5.29 17.72
CA ARG H 78 34.38 5.92 18.32
C ARG H 78 35.60 5.77 17.45
N MET H 79 35.55 4.80 16.54
CA MET H 79 36.68 4.44 15.69
C MET H 79 37.12 5.61 14.83
N ASP H 80 38.44 5.83 14.75
CA ASP H 80 39.00 6.88 13.91
C ASP H 80 38.56 6.69 12.47
N ALA H 81 38.18 7.78 11.81
CA ALA H 81 37.84 7.74 10.39
C ALA H 81 38.93 7.05 9.57
N SER H 82 40.19 7.34 9.87
CA SER H 82 41.29 6.72 9.14
C SER H 82 41.31 5.20 9.31
N HIS H 83 40.94 4.73 10.50
CA HIS H 83 40.95 3.29 10.78
C HIS H 83 39.83 2.57 10.04
N ARG H 84 38.71 3.27 9.82
CA ARG H 84 37.65 2.74 8.96
C ARG H 84 38.23 2.49 7.57
N GLY H 85 39.19 3.32 7.17
CA GLY H 85 39.88 3.15 5.91
C GLY H 85 40.84 1.97 5.93
N ARG H 86 41.48 1.74 7.08
CA ARG H 86 42.37 0.60 7.24
C ARG H 86 41.60 -0.70 7.06
N LEU H 87 40.39 -0.73 7.61
CA LEU H 87 39.56 -1.93 7.63
C LEU H 87 39.06 -2.28 6.24
N LEU H 88 38.61 -1.29 5.49
CA LEU H 88 38.17 -1.50 4.12
C LEU H 88 39.32 -2.02 3.27
N ASN H 89 40.52 -1.48 3.51
CA ASN H 89 41.72 -1.94 2.83
C ASN H 89 42.11 -3.36 3.23
N ARG H 90 41.87 -3.70 4.49
CA ARG H 90 42.09 -5.06 4.95
C ARG H 90 41.08 -6.02 4.30
N LEU H 91 39.81 -5.62 4.29
CA LEU H 91 38.77 -6.39 3.60
C LEU H 91 39.13 -6.65 2.14
N ALA H 92 39.64 -5.64 1.46
CA ALA H 92 40.04 -5.76 0.07
C ALA H 92 41.19 -6.75 -0.11
N ASP H 93 42.16 -6.71 0.80
CA ASP H 93 43.31 -7.62 0.76
C ASP H 93 42.89 -9.07 0.94
N LEU H 94 41.93 -9.30 1.83
CA LEU H 94 41.40 -10.64 2.06
C LEU H 94 40.66 -11.18 0.84
N ILE H 95 39.88 -10.31 0.21
CA ILE H 95 39.18 -10.68 -1.01
C ILE H 95 40.15 -11.04 -2.14
N GLU H 96 41.24 -10.28 -2.25
CA GLU H 96 42.27 -10.56 -3.25
C GLU H 96 42.99 -11.88 -2.95
N ARG H 97 43.18 -12.18 -1.66
CA ARG H 97 43.76 -13.45 -1.22
C ARG H 97 42.94 -14.64 -1.74
N ASP H 98 41.62 -14.53 -1.59
CA ASP H 98 40.70 -15.56 -2.04
C ASP H 98 40.07 -15.26 -3.40
N ARG H 99 40.81 -14.57 -4.26
CA ARG H 99 40.28 -14.11 -5.54
C ARG H 99 39.90 -15.25 -6.48
N THR H 100 40.79 -16.22 -6.65
CA THR H 100 40.55 -17.37 -7.51
C THR H 100 39.31 -18.14 -7.06
N TYR H 101 39.17 -18.29 -5.75
CA TYR H 101 38.03 -18.98 -5.16
C TYR H 101 36.70 -18.25 -5.38
N LEU H 102 36.66 -16.97 -5.04
CA LEU H 102 35.44 -16.16 -5.17
C LEU H 102 34.98 -16.05 -6.62
N ALA H 103 35.95 -15.93 -7.52
CA ALA H 103 35.67 -15.87 -8.95
C ALA H 103 35.00 -17.16 -9.44
N ALA H 104 35.46 -18.30 -8.93
CA ALA H 104 34.87 -19.58 -9.30
C ALA H 104 33.50 -19.76 -8.69
N LEU H 105 33.33 -19.30 -7.45
CA LEU H 105 32.05 -19.41 -6.75
C LEU H 105 31.03 -18.49 -7.42
N GLU H 106 31.50 -17.33 -7.88
CA GLU H 106 30.65 -16.35 -8.55
C GLU H 106 30.08 -16.95 -9.83
N THR H 107 30.94 -17.60 -10.60
CA THR H 107 30.56 -18.27 -11.83
C THR H 107 29.60 -19.44 -11.60
N LEU H 108 29.87 -20.22 -10.56
CA LEU H 108 29.02 -21.35 -10.20
C LEU H 108 27.58 -20.90 -9.91
N ASP H 109 27.45 -19.79 -9.19
CA ASP H 109 26.16 -19.33 -8.71
C ASP H 109 25.43 -18.42 -9.72
N ASN H 110 26.20 -17.68 -10.52
CA ASN H 110 25.67 -16.69 -11.47
C ASN H 110 25.63 -17.15 -12.93
N GLY H 111 26.66 -17.87 -13.37
CA GLY H 111 26.72 -18.35 -14.74
C GLY H 111 27.67 -17.60 -15.67
N LYS H 112 28.13 -16.42 -15.26
CA LYS H 112 29.07 -15.64 -16.09
C LYS H 112 30.39 -16.39 -16.26
N PRO H 113 31.12 -16.13 -17.37
CA PRO H 113 32.38 -16.85 -17.59
C PRO H 113 33.38 -16.60 -16.47
N TYR H 114 34.13 -17.62 -16.09
CA TYR H 114 35.08 -17.52 -14.97
C TYR H 114 36.19 -16.49 -15.24
N VAL H 115 36.63 -16.42 -16.49
CA VAL H 115 37.65 -15.47 -16.89
C VAL H 115 37.18 -14.04 -16.62
N ILE H 116 35.89 -13.81 -16.86
CA ILE H 116 35.28 -12.51 -16.60
C ILE H 116 35.12 -12.26 -15.09
N SER H 117 34.66 -13.27 -14.35
CA SER H 117 34.54 -13.17 -12.90
C SER H 117 35.88 -12.78 -12.29
N TYR H 118 36.92 -13.43 -12.76
CA TYR H 118 38.26 -13.21 -12.22
C TYR H 118 38.84 -11.86 -12.65
N LEU H 119 38.86 -11.60 -13.95
CA LEU H 119 39.57 -10.44 -14.47
C LEU H 119 38.78 -9.14 -14.37
N VAL H 120 37.46 -9.24 -14.29
CA VAL H 120 36.64 -8.03 -14.29
C VAL H 120 35.95 -7.81 -12.95
N ASP H 121 34.94 -8.63 -12.65
CA ASP H 121 34.17 -8.51 -11.42
C ASP H 121 35.03 -8.38 -10.17
N LEU H 122 35.93 -9.33 -9.96
CA LEU H 122 36.76 -9.33 -8.75
C LEU H 122 37.73 -8.16 -8.72
N ASP H 123 38.23 -7.81 -9.90
CA ASP H 123 39.12 -6.66 -10.03
C ASP H 123 38.38 -5.37 -9.67
N MET H 124 37.15 -5.23 -10.13
N MET H 124 37.14 -5.24 -10.14
CA MET H 124 36.37 -4.03 -9.89
CA MET H 124 36.37 -4.03 -9.89
C MET H 124 35.92 -3.94 -8.43
C MET H 124 35.91 -3.94 -8.43
N VAL H 125 35.73 -5.10 -7.81
CA VAL H 125 35.41 -5.15 -6.39
C VAL H 125 36.56 -4.60 -5.56
N LEU H 126 37.76 -5.08 -5.87
CA LEU H 126 38.96 -4.63 -5.16
C LEU H 126 39.14 -3.13 -5.30
N LYS H 127 38.97 -2.64 -6.52
CA LYS H 127 39.17 -1.22 -6.81
C LYS H 127 38.10 -0.36 -6.17
N CYS H 128 36.90 -0.91 -6.00
CA CYS H 128 35.82 -0.17 -5.37
C CYS H 128 36.08 0.02 -3.89
N LEU H 129 36.39 -1.08 -3.20
CA LEU H 129 36.69 -1.04 -1.77
C LEU H 129 37.92 -0.20 -1.45
N ARG H 130 38.98 -0.35 -2.25
CA ARG H 130 40.20 0.41 -2.02
C ARG H 130 40.03 1.90 -2.30
N TYR H 131 39.17 2.22 -3.25
CA TYR H 131 38.85 3.61 -3.53
C TYR H 131 38.13 4.23 -2.34
N TYR H 132 37.05 3.60 -1.89
CA TYR H 132 36.29 4.16 -0.78
C TYR H 132 37.02 4.13 0.56
N ALA H 133 38.00 3.24 0.68
CA ALA H 133 38.85 3.21 1.87
C ALA H 133 39.59 4.54 2.00
N GLY H 134 39.94 5.14 0.88
CA GLY H 134 40.58 6.43 0.85
C GLY H 134 39.67 7.59 1.23
N TRP H 135 38.37 7.42 1.08
CA TRP H 135 37.41 8.48 1.38
C TRP H 135 37.08 8.60 2.87
N ALA H 136 37.41 7.56 3.64
CA ALA H 136 36.95 7.45 5.03
C ALA H 136 37.22 8.68 5.89
N ASP H 137 38.39 9.29 5.71
CA ASP H 137 38.77 10.44 6.53
C ASP H 137 38.97 11.72 5.70
N LYS H 138 38.24 11.85 4.59
CA LYS H 138 38.42 12.99 3.69
C LYS H 138 37.13 13.68 3.24
N TYR H 139 35.99 13.19 3.73
CA TYR H 139 34.71 13.78 3.35
C TYR H 139 34.32 14.89 4.32
N HIS H 140 34.99 16.03 4.19
CA HIS H 140 34.90 17.12 5.15
C HIS H 140 33.55 17.80 5.15
N GLY H 141 33.15 18.25 6.33
CA GLY H 141 32.06 19.21 6.46
C GLY H 141 32.66 20.58 6.23
N LYS H 142 31.94 21.62 6.60
CA LYS H 142 32.33 22.97 6.26
C LYS H 142 32.30 23.90 7.46
N THR H 143 33.15 24.92 7.44
CA THR H 143 32.96 26.06 8.34
C THR H 143 32.38 27.18 7.48
N ILE H 144 31.36 27.85 8.00
CA ILE H 144 30.49 28.68 7.17
C ILE H 144 30.37 30.10 7.69
N PRO H 145 30.71 31.08 6.83
CA PRO H 145 30.74 32.51 7.21
C PRO H 145 29.35 33.13 7.31
N ILE H 146 28.56 32.66 8.28
CA ILE H 146 27.19 33.12 8.48
C ILE H 146 27.16 34.56 9.02
N ASP H 147 26.06 35.28 8.75
CA ASP H 147 25.89 36.65 9.25
C ASP H 147 25.87 36.66 10.78
N GLY H 148 26.19 37.81 11.37
CA GLY H 148 26.09 37.97 12.81
C GLY H 148 27.29 37.48 13.60
N ASP H 149 27.26 37.72 14.91
CA ASP H 149 28.31 37.26 15.82
C ASP H 149 28.10 35.78 16.13
N PHE H 150 28.41 34.93 15.16
CA PHE H 150 28.21 33.49 15.29
C PHE H 150 29.34 32.73 14.61
N PHE H 151 29.55 31.50 15.04
CA PHE H 151 30.41 30.58 14.32
C PHE H 151 29.58 29.39 13.91
N SER H 152 29.41 29.21 12.60
CA SER H 152 28.59 28.13 12.10
C SER H 152 29.43 27.16 11.27
N TYR H 153 29.16 25.87 11.44
CA TYR H 153 29.87 24.83 10.72
C TYR H 153 28.96 23.62 10.56
N THR H 154 29.38 22.65 9.76
CA THR H 154 28.60 21.43 9.61
C THR H 154 29.39 20.17 9.92
N ARG H 155 28.73 19.23 10.59
CA ARG H 155 29.29 17.91 10.82
C ARG H 155 28.69 16.95 9.81
N HIS H 156 29.55 16.15 9.17
CA HIS H 156 29.06 15.09 8.29
C HIS H 156 28.98 13.78 9.06
N GLU H 157 27.78 13.48 9.55
CA GLU H 157 27.55 12.29 10.36
C GLU H 157 27.03 11.15 9.50
N PRO H 158 27.18 9.89 9.96
CA PRO H 158 26.59 8.79 9.21
C PRO H 158 25.07 8.88 9.19
N VAL H 159 24.42 8.42 8.12
CA VAL H 159 22.96 8.48 8.08
C VAL H 159 22.34 7.51 9.11
N GLY H 160 23.07 6.45 9.44
CA GLY H 160 22.62 5.53 10.49
C GLY H 160 22.59 4.09 10.04
N VAL H 161 21.49 3.40 10.38
CA VAL H 161 21.28 2.02 9.96
C VAL H 161 20.83 1.98 8.50
N CYS H 162 21.60 1.31 7.66
CA CYS H 162 21.35 1.28 6.22
C CYS H 162 20.89 -0.08 5.70
N GLY H 163 19.66 -0.13 5.21
CA GLY H 163 19.18 -1.32 4.52
C GLY H 163 19.60 -1.30 3.06
N GLN H 164 20.33 -2.32 2.62
CA GLN H 164 20.83 -2.36 1.25
C GLN H 164 20.35 -3.61 0.52
N ILE H 165 19.60 -3.42 -0.56
CA ILE H 165 19.00 -4.52 -1.31
C ILE H 165 19.60 -4.57 -2.71
N ILE H 166 20.22 -5.70 -3.05
CA ILE H 166 20.99 -5.81 -4.29
C ILE H 166 20.51 -6.93 -5.22
N PRO H 167 20.79 -6.81 -6.54
CA PRO H 167 20.38 -7.85 -7.50
C PRO H 167 21.44 -8.92 -7.73
N TRP H 168 21.19 -9.76 -8.72
CA TRP H 168 21.97 -10.97 -8.97
C TRP H 168 22.91 -10.87 -10.16
N ASN H 169 22.90 -9.74 -10.86
CA ASN H 169 23.68 -9.62 -12.10
C ASN H 169 25.19 -9.50 -11.90
N PHE H 170 25.59 -8.76 -10.88
CA PHE H 170 26.97 -8.69 -10.44
C PHE H 170 27.01 -8.83 -8.93
N PRO H 171 26.88 -10.07 -8.43
CA PRO H 171 26.67 -10.33 -6.99
C PRO H 171 27.71 -9.66 -6.08
N LEU H 172 29.00 -9.88 -6.36
CA LEU H 172 30.08 -9.29 -5.55
C LEU H 172 30.25 -7.80 -5.75
N LEU H 173 30.20 -7.34 -6.99
CA LEU H 173 30.43 -5.93 -7.28
C LEU H 173 29.30 -5.05 -6.75
N MET H 174 28.08 -5.58 -6.73
CA MET H 174 26.94 -4.84 -6.16
C MET H 174 27.06 -4.76 -4.64
N GLN H 175 27.58 -5.82 -4.02
CA GLN H 175 27.86 -5.79 -2.60
C GLN H 175 28.92 -4.73 -2.30
N ALA H 176 29.98 -4.72 -3.11
CA ALA H 176 31.06 -3.75 -2.94
C ALA H 176 30.62 -2.28 -3.14
N TRP H 177 29.76 -2.04 -4.12
CA TRP H 177 29.25 -0.69 -4.40
C TRP H 177 28.44 -0.14 -3.24
N LYS H 178 27.85 -1.04 -2.46
CA LYS H 178 27.01 -0.67 -1.33
C LYS H 178 27.84 -0.52 -0.05
N LEU H 179 28.72 -1.48 0.20
CA LEU H 179 29.50 -1.49 1.42
C LEU H 179 30.56 -0.40 1.45
N GLY H 180 31.14 -0.11 0.29
CA GLY H 180 32.22 0.87 0.20
C GLY H 180 31.87 2.24 0.75
N PRO H 181 30.84 2.89 0.18
CA PRO H 181 30.47 4.22 0.68
C PRO H 181 29.86 4.20 2.07
N ALA H 182 29.02 3.21 2.36
CA ALA H 182 28.34 3.14 3.65
C ALA H 182 29.35 3.00 4.79
N LEU H 183 30.34 2.13 4.60
CA LEU H 183 31.31 1.84 5.64
C LEU H 183 32.37 2.95 5.76
N ALA H 184 32.75 3.54 4.63
CA ALA H 184 33.70 4.64 4.63
C ALA H 184 33.20 5.79 5.50
N THR H 185 31.88 5.98 5.53
CA THR H 185 31.28 7.11 6.22
C THR H 185 30.76 6.76 7.61
N GLY H 186 31.01 5.55 8.06
CA GLY H 186 30.71 5.18 9.44
C GLY H 186 29.30 4.69 9.69
N ASN H 187 28.62 4.27 8.62
CA ASN H 187 27.28 3.70 8.75
C ASN H 187 27.33 2.24 9.19
N VAL H 188 26.15 1.67 9.44
CA VAL H 188 26.00 0.25 9.69
C VAL H 188 24.99 -0.31 8.69
N VAL H 189 25.13 -1.58 8.35
CA VAL H 189 24.42 -2.15 7.22
C VAL H 189 23.58 -3.39 7.56
N VAL H 190 22.37 -3.46 7.00
CA VAL H 190 21.63 -4.71 6.90
C VAL H 190 21.40 -4.97 5.41
N MET H 191 22.10 -5.94 4.87
CA MET H 191 22.09 -6.18 3.44
C MET H 191 21.26 -7.40 3.06
N LYS H 192 20.41 -7.25 2.05
CA LYS H 192 19.62 -8.36 1.55
C LYS H 192 20.13 -8.72 0.16
N VAL H 193 20.85 -9.83 0.05
CA VAL H 193 21.39 -10.26 -1.23
C VAL H 193 20.33 -11.01 -2.03
N ALA H 194 20.53 -11.11 -3.34
CA ALA H 194 19.56 -11.76 -4.23
C ALA H 194 19.47 -13.24 -3.94
N GLU H 195 18.26 -13.79 -3.98
CA GLU H 195 18.05 -15.20 -3.70
C GLU H 195 18.64 -16.11 -4.77
N GLN H 196 18.87 -15.54 -5.95
CA GLN H 196 19.46 -16.29 -7.06
C GLN H 196 20.96 -16.48 -6.88
N THR H 197 21.60 -15.52 -6.20
CA THR H 197 23.05 -15.52 -6.07
C THR H 197 23.53 -15.08 -4.68
N PRO H 198 23.23 -15.88 -3.65
CA PRO H 198 23.53 -15.41 -2.29
C PRO H 198 24.94 -15.75 -1.82
N LEU H 199 25.57 -16.73 -2.46
CA LEU H 199 26.78 -17.39 -1.93
C LEU H 199 28.04 -16.54 -1.77
N THR H 200 28.40 -15.78 -2.80
CA THR H 200 29.64 -15.01 -2.75
C THR H 200 29.58 -13.89 -1.71
N ALA H 201 28.42 -13.26 -1.57
CA ALA H 201 28.25 -12.19 -0.58
C ALA H 201 28.34 -12.74 0.86
N LEU H 202 27.90 -13.97 1.06
CA LEU H 202 27.96 -14.59 2.38
C LEU H 202 29.39 -14.93 2.75
N TYR H 203 30.19 -15.35 1.77
CA TYR H 203 31.59 -15.63 2.02
C TYR H 203 32.35 -14.34 2.33
N VAL H 204 31.99 -13.25 1.66
CA VAL H 204 32.63 -11.96 1.93
C VAL H 204 32.33 -11.49 3.37
N ALA H 205 31.12 -11.78 3.86
CA ALA H 205 30.76 -11.52 5.25
C ALA H 205 31.73 -12.19 6.22
N ASN H 206 32.17 -13.39 5.86
CA ASN H 206 33.19 -14.11 6.61
C ASN H 206 34.48 -13.31 6.67
N LEU H 207 34.83 -12.67 5.56
CA LEU H 207 36.05 -11.89 5.46
C LEU H 207 35.93 -10.56 6.20
N ILE H 208 34.69 -10.07 6.31
CA ILE H 208 34.41 -8.85 7.05
C ILE H 208 34.71 -9.07 8.54
N LYS H 209 34.31 -10.22 9.06
CA LYS H 209 34.67 -10.60 10.42
C LYS H 209 36.19 -10.71 10.57
N GLU H 210 36.82 -11.42 9.64
CA GLU H 210 38.26 -11.63 9.66
C GLU H 210 39.05 -10.33 9.53
N ALA H 211 38.50 -9.38 8.78
CA ALA H 211 39.13 -8.07 8.61
C ALA H 211 39.11 -7.27 9.90
N GLY H 212 38.18 -7.60 10.80
CA GLY H 212 38.12 -6.96 12.10
C GLY H 212 37.02 -5.93 12.27
N PHE H 213 36.05 -5.89 11.35
CA PHE H 213 34.90 -5.03 11.52
C PHE H 213 34.15 -5.46 12.79
N PRO H 214 33.74 -4.48 13.60
CA PRO H 214 33.04 -4.76 14.87
C PRO H 214 31.71 -5.46 14.61
N PRO H 215 31.25 -6.28 15.56
CA PRO H 215 29.97 -6.99 15.40
C PRO H 215 28.82 -6.04 15.15
N GLY H 216 27.98 -6.36 14.17
CA GLY H 216 26.78 -5.58 13.91
C GLY H 216 26.94 -4.51 12.86
N VAL H 217 28.18 -4.20 12.47
CA VAL H 217 28.42 -3.15 11.48
C VAL H 217 27.93 -3.57 10.10
N VAL H 218 28.16 -4.82 9.73
CA VAL H 218 27.57 -5.38 8.52
C VAL H 218 26.81 -6.66 8.87
N ASN H 219 25.55 -6.71 8.45
CA ASN H 219 24.70 -7.87 8.65
C ASN H 219 24.08 -8.22 7.31
N ILE H 220 24.12 -9.50 6.95
CA ILE H 220 23.60 -9.95 5.66
C ILE H 220 22.49 -10.99 5.85
N VAL H 221 21.34 -10.73 5.24
CA VAL H 221 20.20 -11.62 5.35
C VAL H 221 19.80 -12.17 3.98
N PRO H 222 20.19 -13.42 3.70
CA PRO H 222 19.74 -14.09 2.46
C PRO H 222 18.26 -14.39 2.56
N GLY H 223 17.58 -14.50 1.43
CA GLY H 223 16.15 -14.75 1.45
C GLY H 223 15.48 -14.01 0.31
N PHE H 224 14.15 -14.10 0.24
CA PHE H 224 13.40 -13.55 -0.87
C PHE H 224 13.04 -12.08 -0.69
N GLY H 225 12.51 -11.48 -1.75
CA GLY H 225 12.19 -10.07 -1.76
C GLY H 225 10.97 -9.65 -0.96
N PRO H 226 9.80 -10.22 -1.30
CA PRO H 226 8.56 -9.83 -0.61
C PRO H 226 8.58 -10.15 0.88
N THR H 227 9.55 -10.93 1.31
CA THR H 227 9.73 -11.24 2.72
C THR H 227 10.83 -10.40 3.35
N ALA H 228 12.08 -10.82 3.16
CA ALA H 228 13.22 -10.16 3.80
C ALA H 228 13.43 -8.74 3.29
N GLY H 229 13.41 -8.57 1.97
CA GLY H 229 13.59 -7.27 1.36
C GLY H 229 12.52 -6.27 1.77
N ALA H 230 11.27 -6.71 1.81
CA ALA H 230 10.17 -5.83 2.17
C ALA H 230 10.22 -5.46 3.65
N ALA H 231 10.72 -6.39 4.46
CA ALA H 231 10.88 -6.18 5.89
C ALA H 231 11.90 -5.06 6.16
N ILE H 232 12.90 -4.96 5.29
CA ILE H 232 13.89 -3.90 5.41
C ILE H 232 13.31 -2.56 4.96
N ALA H 233 12.62 -2.56 3.83
CA ALA H 233 12.07 -1.34 3.26
C ALA H 233 11.02 -0.70 4.16
N SER H 234 10.27 -1.53 4.87
CA SER H 234 9.19 -1.05 5.73
C SER H 234 9.61 -0.93 7.20
N HIS H 235 10.87 -1.22 7.49
CA HIS H 235 11.29 -1.29 8.88
C HIS H 235 11.31 0.08 9.56
N GLU H 236 10.78 0.12 10.78
CA GLU H 236 10.61 1.35 11.52
C GLU H 236 11.91 1.89 12.11
N ASP H 237 12.96 1.08 12.09
CA ASP H 237 14.24 1.51 12.66
C ASP H 237 15.39 1.47 11.65
N VAL H 238 15.07 1.27 10.39
CA VAL H 238 16.05 1.44 9.31
C VAL H 238 15.98 2.91 8.86
N ASP H 239 17.13 3.59 8.88
CA ASP H 239 17.17 5.04 8.63
C ASP H 239 17.21 5.39 7.15
N LYS H 240 17.75 4.48 6.36
CA LYS H 240 17.96 4.74 4.95
C LYS H 240 17.94 3.41 4.22
N VAL H 241 17.39 3.39 3.01
CA VAL H 241 17.46 2.19 2.20
C VAL H 241 18.05 2.52 0.83
N ALA H 242 18.91 1.64 0.34
CA ALA H 242 19.46 1.72 -1.01
C ALA H 242 19.09 0.46 -1.77
N PHE H 243 18.42 0.61 -2.90
CA PHE H 243 17.94 -0.52 -3.66
C PHE H 243 18.45 -0.48 -5.10
N THR H 244 18.88 -1.63 -5.60
CA THR H 244 19.21 -1.80 -7.01
C THR H 244 18.42 -2.98 -7.54
N GLY H 245 17.72 -2.79 -8.66
CA GLY H 245 16.87 -3.83 -9.22
C GLY H 245 15.86 -3.29 -10.21
N SER H 246 14.72 -3.97 -10.32
CA SER H 246 13.69 -3.58 -11.28
C SER H 246 12.97 -2.31 -10.88
N THR H 247 12.52 -1.56 -11.88
CA THR H 247 11.77 -0.34 -11.66
C THR H 247 10.48 -0.63 -10.90
N GLU H 248 9.89 -1.80 -11.18
CA GLU H 248 8.67 -2.21 -10.49
C GLU H 248 8.87 -2.30 -8.97
N ILE H 249 9.97 -2.93 -8.56
CA ILE H 249 10.25 -3.07 -7.13
C ILE H 249 10.73 -1.75 -6.54
N GLY H 250 11.42 -0.96 -7.35
CA GLY H 250 11.86 0.36 -6.94
C GLY H 250 10.72 1.22 -6.45
N ARG H 251 9.55 1.04 -7.06
CA ARG H 251 8.36 1.78 -6.69
C ARG H 251 7.78 1.23 -5.41
N VAL H 252 7.91 -0.08 -5.21
CA VAL H 252 7.46 -0.73 -4.00
C VAL H 252 8.30 -0.27 -2.81
N ILE H 253 9.61 -0.16 -3.03
CA ILE H 253 10.53 0.36 -2.03
C ILE H 253 10.15 1.77 -1.61
N GLN H 254 10.01 2.64 -2.60
CA GLN H 254 9.72 4.06 -2.38
C GLN H 254 8.41 4.25 -1.64
N VAL H 255 7.40 3.46 -1.97
CA VAL H 255 6.12 3.52 -1.28
C VAL H 255 6.21 2.92 0.13
N ALA H 256 7.03 1.88 0.29
CA ALA H 256 7.25 1.27 1.61
C ALA H 256 7.91 2.25 2.58
N ALA H 257 8.84 3.04 2.06
CA ALA H 257 9.55 4.03 2.86
C ALA H 257 8.59 5.13 3.31
N GLY H 258 7.77 5.61 2.38
CA GLY H 258 6.82 6.67 2.68
C GLY H 258 5.69 6.23 3.60
N SER H 259 5.39 4.94 3.58
CA SER H 259 4.28 4.41 4.38
C SER H 259 4.73 3.95 5.76
N SER H 260 6.03 3.95 6.00
CA SER H 260 6.55 3.57 7.31
C SER H 260 7.22 4.76 8.02
N ASN H 261 8.54 4.78 8.06
CA ASN H 261 9.23 5.81 8.84
C ASN H 261 9.84 6.96 8.03
N LEU H 262 9.43 7.07 6.77
CA LEU H 262 9.97 8.09 5.86
C LEU H 262 11.48 8.01 5.74
N LYS H 263 12.02 6.78 5.76
CA LYS H 263 13.46 6.57 5.60
C LYS H 263 13.97 7.13 4.27
N ARG H 264 15.20 7.62 4.27
CA ARG H 264 15.83 8.13 3.04
C ARG H 264 15.98 7.01 2.02
N VAL H 265 15.76 7.35 0.75
CA VAL H 265 15.74 6.36 -0.31
C VAL H 265 16.55 6.77 -1.53
N THR H 266 17.41 5.88 -2.00
CA THR H 266 18.03 6.04 -3.32
C THR H 266 17.80 4.77 -4.13
N LEU H 267 17.71 4.91 -5.45
CA LEU H 267 17.37 3.80 -6.32
C LEU H 267 18.25 3.74 -7.56
N GLN H 268 18.65 2.54 -7.94
CA GLN H 268 19.30 2.32 -9.24
C GLN H 268 18.53 1.26 -9.99
N LEU H 269 17.94 1.65 -11.12
CA LEU H 269 16.95 0.81 -11.77
C LEU H 269 17.35 0.42 -13.20
N GLY H 270 16.37 0.06 -14.01
CA GLY H 270 16.62 -0.50 -15.32
C GLY H 270 16.94 0.56 -16.36
N GLY H 271 17.10 0.11 -17.59
CA GLY H 271 17.37 1.02 -18.68
C GLY H 271 17.02 0.46 -20.05
N LYS H 272 17.23 1.29 -21.05
CA LYS H 272 17.06 0.91 -22.44
C LYS H 272 17.99 1.85 -23.21
N SER H 273 19.25 1.82 -22.81
CA SER H 273 20.26 2.80 -23.20
C SER H 273 20.53 2.84 -24.70
N PRO H 274 20.50 4.04 -25.28
CA PRO H 274 20.79 4.19 -26.70
C PRO H 274 22.29 4.19 -26.97
N ASN H 275 22.71 3.38 -27.93
CA ASN H 275 24.08 3.42 -28.42
C ASN H 275 24.07 4.01 -29.83
N ILE H 276 24.61 5.22 -29.98
CA ILE H 276 24.51 5.98 -31.22
C ILE H 276 25.81 5.92 -32.04
N ILE H 277 25.70 5.37 -33.26
CA ILE H 277 26.84 5.24 -34.16
C ILE H 277 26.71 6.22 -35.33
N MET H 278 27.56 7.24 -35.37
CA MET H 278 27.52 8.19 -36.48
C MET H 278 28.22 7.59 -37.70
N SER H 279 27.94 8.11 -38.88
CA SER H 279 28.50 7.54 -40.11
C SER H 279 30.03 7.69 -40.18
N ASP H 280 30.57 8.62 -39.42
CA ASP H 280 32.01 8.88 -39.42
C ASP H 280 32.75 8.11 -38.33
N ALA H 281 32.03 7.27 -37.59
CA ALA H 281 32.64 6.47 -36.55
C ALA H 281 33.60 5.43 -37.13
N ASP H 282 34.61 5.06 -36.36
CA ASP H 282 35.46 3.92 -36.71
C ASP H 282 34.60 2.67 -36.71
N MET H 283 34.42 2.05 -37.88
CA MET H 283 33.49 0.93 -38.01
C MET H 283 33.89 -0.32 -37.22
N ASP H 284 35.16 -0.70 -37.30
CA ASP H 284 35.65 -1.90 -36.61
C ASP H 284 35.47 -1.78 -35.11
N TRP H 285 35.85 -0.63 -34.57
CA TRP H 285 35.68 -0.31 -33.16
C TRP H 285 34.20 -0.24 -32.78
N ALA H 286 33.40 0.42 -33.60
CA ALA H 286 31.98 0.61 -33.31
C ALA H 286 31.21 -0.72 -33.27
N VAL H 287 31.54 -1.61 -34.20
CA VAL H 287 30.85 -2.89 -34.27
C VAL H 287 31.17 -3.76 -33.06
N GLU H 288 32.43 -3.77 -32.65
CA GLU H 288 32.87 -4.59 -31.52
C GLU H 288 32.41 -4.02 -30.18
N GLN H 289 32.36 -2.69 -30.07
CA GLN H 289 31.88 -2.05 -28.85
C GLN H 289 30.36 -2.17 -28.68
N ALA H 290 29.63 -2.06 -29.79
CA ALA H 290 28.18 -2.25 -29.80
C ALA H 290 27.80 -3.68 -29.40
N HIS H 291 28.58 -4.64 -29.86
CA HIS H 291 28.40 -6.04 -29.50
C HIS H 291 28.61 -6.25 -28.00
N PHE H 292 29.71 -5.72 -27.48
CA PHE H 292 30.00 -5.76 -26.05
C PHE H 292 28.95 -4.98 -25.25
N ALA H 293 28.53 -3.82 -25.75
CA ALA H 293 27.54 -2.98 -25.09
C ALA H 293 26.23 -3.71 -24.78
N LEU H 294 25.86 -4.62 -25.67
CA LEU H 294 24.59 -5.34 -25.54
C LEU H 294 24.79 -6.70 -24.86
N PHE H 295 25.76 -7.46 -25.36
CA PHE H 295 25.91 -8.86 -24.98
C PHE H 295 26.71 -9.12 -23.70
N PHE H 296 27.39 -8.09 -23.18
CA PHE H 296 28.18 -8.25 -21.96
C PHE H 296 27.34 -8.85 -20.82
N ASN H 297 27.93 -9.79 -20.08
CA ASN H 297 27.27 -10.41 -18.93
C ASN H 297 25.94 -11.08 -19.27
N GLN H 298 25.92 -11.83 -20.37
CA GLN H 298 24.70 -12.49 -20.86
C GLN H 298 23.58 -11.48 -21.09
N GLY H 299 23.95 -10.25 -21.42
CA GLY H 299 22.99 -9.18 -21.60
C GLY H 299 22.36 -8.71 -20.31
N GLN H 300 22.88 -9.20 -19.19
CA GLN H 300 22.28 -8.91 -17.88
C GLN H 300 22.98 -7.73 -17.21
N SER H 301 22.74 -6.55 -17.77
CA SER H 301 23.34 -5.32 -17.30
C SER H 301 22.33 -4.18 -17.47
N CYS H 302 22.09 -3.46 -16.39
CA CYS H 302 21.10 -2.38 -16.38
C CYS H 302 21.44 -1.27 -17.39
N SER H 303 22.71 -1.18 -17.75
CA SER H 303 23.20 -0.15 -18.67
C SER H 303 23.44 -0.69 -20.08
N ALA H 304 22.91 -1.86 -20.38
CA ALA H 304 23.11 -2.50 -21.68
C ALA H 304 22.72 -1.56 -22.81
N GLY H 305 23.54 -1.53 -23.86
CA GLY H 305 23.23 -0.73 -25.04
C GLY H 305 22.17 -1.42 -25.88
N SER H 306 20.92 -1.31 -25.46
CA SER H 306 19.84 -2.13 -26.00
C SER H 306 19.05 -1.44 -27.13
N ARG H 307 19.47 -0.24 -27.50
CA ARG H 307 18.97 0.40 -28.71
C ARG H 307 20.17 0.93 -29.49
N THR H 308 20.64 0.14 -30.44
CA THR H 308 21.77 0.51 -31.27
C THR H 308 21.28 1.34 -32.45
N PHE H 309 21.50 2.65 -32.39
CA PHE H 309 21.13 3.55 -33.48
C PHE H 309 22.29 3.70 -34.45
N VAL H 310 22.04 3.37 -35.71
CA VAL H 310 23.10 3.45 -36.72
C VAL H 310 22.64 4.35 -37.85
N GLN H 311 23.48 5.34 -38.20
N GLN H 311 23.49 5.33 -38.20
CA GLN H 311 23.15 6.28 -39.26
CA GLN H 311 23.20 6.26 -39.28
C GLN H 311 22.98 5.54 -40.58
C GLN H 311 22.96 5.50 -40.57
N GLU H 312 21.99 5.95 -41.36
CA GLU H 312 21.57 5.21 -42.57
C GLU H 312 22.67 4.86 -43.56
N ASP H 313 23.68 5.71 -43.70
CA ASP H 313 24.73 5.50 -44.70
C ASP H 313 25.68 4.36 -44.38
N ILE H 314 25.64 3.86 -43.14
CA ILE H 314 26.51 2.76 -42.75
C ILE H 314 25.72 1.59 -42.18
N TYR H 315 24.39 1.74 -42.17
CA TYR H 315 23.49 0.76 -41.56
C TYR H 315 23.70 -0.67 -42.06
N ASP H 316 23.69 -0.85 -43.37
CA ASP H 316 23.81 -2.18 -43.95
C ASP H 316 25.11 -2.86 -43.57
N GLU H 317 26.21 -2.12 -43.68
CA GLU H 317 27.52 -2.64 -43.34
C GLU H 317 27.62 -3.00 -41.86
N PHE H 318 27.14 -2.10 -41.00
CA PHE H 318 27.18 -2.30 -39.56
C PHE H 318 26.40 -3.56 -39.17
N VAL H 319 25.18 -3.67 -39.69
CA VAL H 319 24.31 -4.80 -39.41
C VAL H 319 24.93 -6.13 -39.86
N GLU H 320 25.47 -6.17 -41.07
CA GLU H 320 26.16 -7.36 -41.54
C GLU H 320 27.30 -7.77 -40.61
N ARG H 321 28.15 -6.82 -40.22
CA ARG H 321 29.24 -7.10 -39.31
C ARG H 321 28.75 -7.50 -37.90
N SER H 322 27.73 -6.81 -37.41
CA SER H 322 27.15 -7.12 -36.11
C SER H 322 26.58 -8.53 -36.09
N VAL H 323 25.83 -8.88 -37.13
CA VAL H 323 25.25 -10.21 -37.25
C VAL H 323 26.33 -11.29 -37.24
N ALA H 324 27.40 -11.07 -37.99
CA ALA H 324 28.51 -12.04 -38.06
C ALA H 324 29.20 -12.22 -36.71
N ARG H 325 29.26 -11.14 -35.93
CA ARG H 325 29.94 -11.16 -34.64
C ARG H 325 29.09 -11.88 -33.60
N ALA H 326 27.77 -11.74 -33.72
CA ALA H 326 26.84 -12.39 -32.82
C ALA H 326 26.82 -13.89 -33.08
N LYS H 327 27.04 -14.26 -34.34
CA LYS H 327 26.98 -15.67 -34.72
C LYS H 327 28.24 -16.40 -34.29
N SER H 328 29.32 -15.66 -34.13
CA SER H 328 30.61 -16.22 -33.75
C SER H 328 30.82 -16.23 -32.24
N ARG H 329 29.90 -15.59 -31.50
CA ARG H 329 30.02 -15.50 -30.05
C ARG H 329 29.87 -16.88 -29.40
N VAL H 330 30.86 -17.27 -28.59
CA VAL H 330 30.87 -18.62 -28.04
C VAL H 330 29.97 -18.77 -26.83
N VAL H 331 28.96 -19.62 -26.96
CA VAL H 331 28.09 -19.95 -25.86
C VAL H 331 28.42 -21.37 -25.38
N GLY H 332 28.77 -21.49 -24.10
CA GLY H 332 29.13 -22.77 -23.52
C GLY H 332 29.35 -22.71 -22.01
N ASN H 333 29.97 -23.76 -21.48
CA ASN H 333 30.36 -23.84 -20.07
C ASN H 333 31.17 -22.61 -19.68
N PRO H 334 30.68 -21.84 -18.71
CA PRO H 334 31.36 -20.62 -18.24
C PRO H 334 32.75 -20.88 -17.67
N PHE H 335 33.05 -22.14 -17.35
CA PHE H 335 34.36 -22.49 -16.85
C PHE H 335 35.35 -22.79 -17.98
N ASP H 336 34.85 -22.88 -19.21
CA ASP H 336 35.72 -23.07 -20.36
C ASP H 336 36.23 -21.72 -20.83
N SER H 337 37.54 -21.61 -21.02
CA SER H 337 38.16 -20.32 -21.35
C SER H 337 37.74 -19.77 -22.71
N LYS H 338 37.22 -20.64 -23.57
CA LYS H 338 36.76 -20.22 -24.88
C LYS H 338 35.36 -19.61 -24.85
N THR H 339 34.65 -19.84 -23.75
CA THR H 339 33.27 -19.36 -23.61
C THR H 339 33.20 -17.85 -23.44
N GLU H 340 32.35 -17.20 -24.24
CA GLU H 340 32.13 -15.76 -24.12
C GLU H 340 30.84 -15.49 -23.36
N GLN H 341 29.88 -16.40 -23.50
CA GLN H 341 28.55 -16.23 -22.93
C GLN H 341 28.11 -17.47 -22.17
N GLY H 342 27.79 -17.29 -20.89
CA GLY H 342 27.26 -18.37 -20.08
C GLY H 342 25.74 -18.43 -20.20
N PRO H 343 25.10 -19.13 -19.26
CA PRO H 343 23.63 -19.19 -19.25
C PRO H 343 23.07 -17.96 -18.57
N GLN H 344 21.78 -17.71 -18.75
CA GLN H 344 21.10 -16.67 -18.01
C GLN H 344 21.00 -17.12 -16.55
N VAL H 345 20.68 -16.21 -15.64
CA VAL H 345 20.81 -16.49 -14.21
C VAL H 345 19.84 -17.55 -13.66
N ASP H 346 18.64 -17.64 -14.23
CA ASP H 346 17.67 -18.65 -13.80
C ASP H 346 16.60 -18.94 -14.84
N GLU H 347 15.68 -19.82 -14.50
CA GLU H 347 14.63 -20.22 -15.43
C GLU H 347 13.64 -19.08 -15.66
N THR H 348 13.40 -18.29 -14.62
CA THR H 348 12.49 -17.14 -14.72
C THR H 348 12.98 -16.13 -15.76
N GLN H 349 14.25 -15.74 -15.65
CA GLN H 349 14.85 -14.85 -16.64
C GLN H 349 14.91 -15.50 -18.02
N PHE H 350 15.30 -16.77 -18.03
CA PHE H 350 15.35 -17.60 -19.24
C PHE H 350 14.03 -17.54 -20.01
N LYS H 351 12.92 -17.74 -19.32
CA LYS H 351 11.62 -17.71 -19.96
C LYS H 351 11.22 -16.30 -20.38
N LYS H 352 11.62 -15.30 -19.59
CA LYS H 352 11.29 -13.91 -19.91
C LYS H 352 11.94 -13.46 -21.21
N ILE H 353 13.21 -13.83 -21.38
CA ILE H 353 13.94 -13.51 -22.60
C ILE H 353 13.31 -14.24 -23.79
N LEU H 354 12.88 -15.48 -23.58
CA LEU H 354 12.20 -16.23 -24.63
C LEU H 354 10.91 -15.54 -25.02
N GLY H 355 10.23 -14.98 -24.01
CA GLY H 355 9.01 -14.21 -24.23
C GLY H 355 9.25 -12.98 -25.07
N TYR H 356 10.34 -12.27 -24.78
CA TYR H 356 10.68 -11.06 -25.53
C TYR H 356 11.13 -11.37 -26.96
N ILE H 357 11.85 -12.48 -27.13
CA ILE H 357 12.29 -12.91 -28.45
C ILE H 357 11.08 -13.17 -29.35
N ASN H 358 10.12 -13.94 -28.85
CA ASN H 358 8.89 -14.17 -29.57
C ASN H 358 8.12 -12.88 -29.80
N THR H 359 8.15 -11.98 -28.82
CA THR H 359 7.49 -10.67 -28.95
C THR H 359 8.04 -9.89 -30.14
N GLY H 360 9.37 -9.78 -30.23
CA GLY H 360 10.00 -9.07 -31.33
C GLY H 360 9.60 -9.64 -32.68
N LYS H 361 9.45 -10.95 -32.76
CA LYS H 361 9.00 -11.61 -33.97
C LYS H 361 7.55 -11.27 -34.30
N GLN H 362 6.72 -11.18 -33.27
CA GLN H 362 5.30 -10.87 -33.44
C GLN H 362 5.12 -9.44 -33.94
N GLU H 363 6.00 -8.55 -33.48
CA GLU H 363 5.91 -7.12 -33.77
C GLU H 363 6.38 -6.75 -35.18
N GLY H 364 7.13 -7.64 -35.82
CA GLY H 364 7.59 -7.38 -37.16
C GLY H 364 9.03 -6.92 -37.20
N ALA H 365 9.75 -7.13 -36.11
CA ALA H 365 11.18 -6.89 -36.13
C ALA H 365 11.81 -8.02 -36.94
N LYS H 366 12.88 -7.72 -37.65
CA LYS H 366 13.52 -8.70 -38.51
C LYS H 366 14.58 -9.49 -37.76
N LEU H 367 14.29 -10.75 -37.51
CA LEU H 367 15.21 -11.64 -36.82
C LEU H 367 16.35 -11.97 -37.77
N LEU H 368 17.57 -11.56 -37.42
CA LEU H 368 18.70 -11.70 -38.32
C LEU H 368 19.60 -12.88 -37.98
N CYS H 369 19.59 -13.28 -36.70
CA CYS H 369 20.29 -14.48 -36.26
C CYS H 369 19.81 -14.90 -34.88
N GLY H 370 20.08 -16.15 -34.52
CA GLY H 370 19.71 -16.67 -33.21
C GLY H 370 18.21 -16.73 -33.01
N GLY H 371 17.77 -16.45 -31.79
CA GLY H 371 16.35 -16.37 -31.50
C GLY H 371 15.77 -17.60 -30.85
N GLY H 372 16.63 -18.55 -30.48
CA GLY H 372 16.16 -19.77 -29.87
C GLY H 372 17.00 -20.20 -28.68
N ILE H 373 16.61 -21.33 -28.10
CA ILE H 373 17.36 -21.93 -27.01
C ILE H 373 18.68 -22.46 -27.53
N ALA H 374 19.75 -22.24 -26.78
CA ALA H 374 21.10 -22.61 -27.24
C ALA H 374 21.52 -24.01 -26.81
N ALA H 375 20.93 -24.54 -25.75
CA ALA H 375 21.37 -25.84 -25.22
C ALA H 375 20.29 -26.67 -24.53
N ASP H 376 20.62 -27.94 -24.32
CA ASP H 376 19.69 -28.91 -23.73
C ASP H 376 19.53 -28.73 -22.23
N ARG H 377 20.61 -28.30 -21.57
CA ARG H 377 20.58 -28.10 -20.12
C ARG H 377 21.10 -26.73 -19.74
N GLY H 378 20.67 -26.25 -18.57
CA GLY H 378 21.02 -24.91 -18.15
C GLY H 378 20.07 -23.94 -18.81
N TYR H 379 20.41 -22.66 -18.77
CA TYR H 379 19.50 -21.64 -19.28
C TYR H 379 20.14 -20.82 -20.40
N PHE H 380 20.64 -21.52 -21.41
CA PHE H 380 21.40 -20.91 -22.48
C PHE H 380 20.53 -20.41 -23.63
N ILE H 381 20.76 -19.17 -24.02
CA ILE H 381 20.00 -18.57 -25.11
C ILE H 381 20.95 -18.05 -26.20
N GLN H 382 20.63 -18.36 -27.44
CA GLN H 382 21.44 -17.93 -28.58
C GLN H 382 21.48 -16.42 -28.67
N PRO H 383 22.68 -15.86 -28.89
CA PRO H 383 22.84 -14.43 -29.16
C PRO H 383 21.88 -14.01 -30.26
N THR H 384 20.96 -13.11 -29.94
CA THR H 384 19.90 -12.76 -30.87
C THR H 384 20.01 -11.30 -31.32
N VAL H 385 19.81 -11.08 -32.62
CA VAL H 385 19.85 -9.75 -33.19
C VAL H 385 18.61 -9.48 -34.04
N PHE H 386 17.88 -8.42 -33.70
CA PHE H 386 16.78 -7.95 -34.53
C PHE H 386 17.19 -6.70 -35.31
N GLY H 387 16.77 -6.61 -36.58
CA GLY H 387 17.05 -5.46 -37.42
C GLY H 387 15.79 -4.70 -37.78
N ASP H 388 15.97 -3.46 -38.26
CA ASP H 388 14.86 -2.59 -38.65
C ASP H 388 13.86 -2.42 -37.53
N VAL H 389 14.37 -2.28 -36.31
CA VAL H 389 13.53 -2.10 -35.15
C VAL H 389 13.03 -0.66 -35.13
N GLN H 390 11.77 -0.47 -34.74
CA GLN H 390 11.17 0.86 -34.67
C GLN H 390 10.94 1.27 -33.23
N ASP H 391 10.86 2.57 -32.98
CA ASP H 391 10.74 3.11 -31.63
C ASP H 391 9.50 2.61 -30.88
N GLY H 392 8.44 2.31 -31.63
CA GLY H 392 7.18 1.91 -31.03
C GLY H 392 7.10 0.45 -30.64
N MET H 393 8.10 -0.34 -31.04
CA MET H 393 8.12 -1.77 -30.74
C MET H 393 8.47 -2.04 -29.27
N THR H 394 7.83 -3.04 -28.68
CA THR H 394 8.06 -3.40 -27.29
C THR H 394 9.53 -3.75 -27.02
N ILE H 395 10.15 -4.48 -27.95
CA ILE H 395 11.55 -4.84 -27.80
C ILE H 395 12.47 -3.63 -27.90
N ALA H 396 11.92 -2.51 -28.37
CA ALA H 396 12.68 -1.27 -28.46
C ALA H 396 12.44 -0.38 -27.26
N LYS H 397 11.42 -0.71 -26.48
CA LYS H 397 11.05 0.12 -25.33
C LYS H 397 11.37 -0.55 -23.98
N GLU H 398 11.09 -1.85 -23.87
CA GLU H 398 11.23 -2.54 -22.60
C GLU H 398 12.60 -3.19 -22.41
N GLU H 399 13.06 -3.21 -21.15
CA GLU H 399 14.32 -3.82 -20.79
C GLU H 399 14.19 -5.34 -20.89
N ILE H 400 14.98 -5.92 -21.79
CA ILE H 400 14.94 -7.36 -22.05
C ILE H 400 15.86 -8.12 -21.09
N PHE H 401 17.04 -7.57 -20.86
CA PHE H 401 18.01 -8.15 -19.93
C PHE H 401 18.49 -9.53 -20.38
N GLY H 402 18.68 -9.68 -21.70
CA GLY H 402 19.19 -10.92 -22.26
C GLY H 402 19.99 -10.62 -23.52
N PRO H 403 20.56 -11.67 -24.13
CA PRO H 403 21.36 -11.50 -25.36
C PRO H 403 20.48 -11.19 -26.57
N VAL H 404 19.70 -10.13 -26.48
CA VAL H 404 18.83 -9.72 -27.57
C VAL H 404 19.15 -8.28 -28.00
N MET H 405 19.71 -8.14 -29.20
CA MET H 405 20.17 -6.85 -29.70
C MET H 405 19.17 -6.20 -30.65
N GLN H 406 18.95 -4.90 -30.46
CA GLN H 406 18.06 -4.13 -31.32
C GLN H 406 18.87 -3.13 -32.15
N ILE H 407 18.74 -3.19 -33.47
CA ILE H 407 19.39 -2.22 -34.34
C ILE H 407 18.38 -1.34 -35.05
N LEU H 408 18.52 -0.03 -34.88
CA LEU H 408 17.60 0.93 -35.48
C LEU H 408 18.35 1.88 -36.41
N LYS H 409 17.69 2.25 -37.51
CA LYS H 409 18.27 3.18 -38.47
C LYS H 409 17.81 4.60 -38.18
N PHE H 410 18.69 5.57 -38.39
CA PHE H 410 18.32 6.99 -38.30
C PHE H 410 19.06 7.81 -39.37
N LYS H 411 18.62 9.04 -39.57
CA LYS H 411 19.20 9.89 -40.60
C LYS H 411 20.02 11.05 -40.05
N THR H 412 19.36 11.93 -39.30
CA THR H 412 20.00 13.16 -38.79
C THR H 412 20.31 13.12 -37.30
N ILE H 413 21.26 13.94 -36.88
CA ILE H 413 21.70 13.96 -35.48
C ILE H 413 20.63 14.57 -34.57
N GLU H 414 19.83 15.50 -35.10
CA GLU H 414 18.74 16.09 -34.34
C GLU H 414 17.59 15.09 -34.21
N GLU H 415 17.46 14.19 -35.18
CA GLU H 415 16.49 13.11 -35.12
C GLU H 415 16.87 12.12 -34.03
N VAL H 416 18.14 11.73 -34.00
CA VAL H 416 18.56 10.69 -33.06
C VAL H 416 18.50 11.15 -31.61
N VAL H 417 18.77 12.44 -31.37
CA VAL H 417 18.63 13.01 -30.03
C VAL H 417 17.22 12.79 -29.49
N GLY H 418 16.23 13.17 -30.30
CA GLY H 418 14.83 13.06 -29.90
C GLY H 418 14.42 11.62 -29.68
N ARG H 419 14.82 10.75 -30.60
CA ARG H 419 14.51 9.33 -30.51
C ARG H 419 15.22 8.68 -29.32
N ALA H 420 16.50 9.01 -29.13
CA ALA H 420 17.25 8.49 -27.99
C ALA H 420 16.67 8.95 -26.65
N ASN H 421 16.16 10.18 -26.61
CA ASN H 421 15.60 10.74 -25.38
C ASN H 421 14.13 10.42 -25.17
N ASN H 422 13.49 9.83 -26.17
CA ASN H 422 12.10 9.44 -26.05
C ASN H 422 11.99 8.11 -25.32
N SER H 423 12.12 8.18 -23.99
CA SER H 423 12.10 7.02 -23.13
C SER H 423 11.90 7.48 -21.69
N THR H 424 11.33 6.62 -20.86
CA THR H 424 11.18 6.93 -19.44
C THR H 424 12.43 6.44 -18.70
N TYR H 425 13.29 5.74 -19.42
CA TYR H 425 14.58 5.31 -18.91
C TYR H 425 15.64 6.35 -19.26
N GLY H 426 16.72 6.40 -18.48
CA GLY H 426 17.79 7.35 -18.70
C GLY H 426 19.02 7.02 -17.87
N LEU H 427 19.46 5.76 -17.94
CA LEU H 427 20.59 5.31 -17.12
C LEU H 427 21.94 5.57 -17.79
N ALA H 428 22.01 5.29 -19.09
CA ALA H 428 23.27 5.41 -19.81
C ALA H 428 23.03 5.70 -21.28
N ALA H 429 24.10 6.04 -21.99
CA ALA H 429 24.05 6.24 -23.43
C ALA H 429 25.46 6.27 -23.97
N ALA H 430 25.60 6.13 -25.29
CA ALA H 430 26.88 6.32 -25.92
C ALA H 430 26.78 6.98 -27.28
N VAL H 431 27.89 7.58 -27.72
CA VAL H 431 28.00 8.12 -29.05
C VAL H 431 29.34 7.72 -29.65
N PHE H 432 29.30 7.22 -30.88
CA PHE H 432 30.50 6.89 -31.62
C PHE H 432 30.65 7.81 -32.82
N THR H 433 31.73 8.59 -32.80
CA THR H 433 31.97 9.62 -33.81
C THR H 433 33.43 10.05 -33.72
N LYS H 434 33.97 10.56 -34.82
CA LYS H 434 35.32 11.11 -34.82
C LYS H 434 35.26 12.63 -34.66
N ASP H 435 34.07 13.18 -34.78
CA ASP H 435 33.88 14.63 -34.80
C ASP H 435 33.73 15.20 -33.39
N LEU H 436 34.48 16.25 -33.11
CA LEU H 436 34.46 16.90 -31.80
C LEU H 436 33.10 17.52 -31.49
N ASP H 437 32.53 18.22 -32.46
CA ASP H 437 31.27 18.92 -32.25
C ASP H 437 30.08 17.99 -32.06
N LYS H 438 30.07 16.86 -32.76
CA LYS H 438 28.99 15.91 -32.61
C LYS H 438 29.03 15.25 -31.24
N ALA H 439 30.23 14.92 -30.78
CA ALA H 439 30.42 14.32 -29.46
C ALA H 439 29.91 15.26 -28.37
N ASN H 440 30.32 16.53 -28.45
CA ASN H 440 29.92 17.53 -27.47
C ASN H 440 28.44 17.88 -27.50
N TYR H 441 27.89 18.08 -28.69
CA TYR H 441 26.46 18.32 -28.81
C TYR H 441 25.66 17.13 -28.27
N LEU H 442 26.07 15.92 -28.64
CA LEU H 442 25.36 14.72 -28.21
C LEU H 442 25.54 14.38 -26.73
N SER H 443 26.74 14.54 -26.21
CA SER H 443 27.00 14.25 -24.80
C SER H 443 26.19 15.19 -23.91
N GLN H 444 25.97 16.42 -24.40
CA GLN H 444 25.19 17.39 -23.68
C GLN H 444 23.68 17.18 -23.85
N ALA H 445 23.29 16.74 -25.04
CA ALA H 445 21.87 16.61 -25.39
C ALA H 445 21.19 15.39 -24.76
N LEU H 446 21.94 14.30 -24.63
CA LEU H 446 21.39 13.04 -24.14
C LEU H 446 21.00 13.07 -22.66
N GLN H 447 19.76 12.69 -22.39
CA GLN H 447 19.27 12.64 -21.01
C GLN H 447 19.55 11.27 -20.42
N ALA H 448 20.80 11.07 -20.01
CA ALA H 448 21.25 9.82 -19.43
C ALA H 448 22.26 10.12 -18.33
N GLY H 449 22.37 9.24 -17.35
CA GLY H 449 23.29 9.45 -16.24
C GLY H 449 24.74 9.36 -16.64
N THR H 450 25.07 8.35 -17.44
CA THR H 450 26.42 8.19 -17.99
C THR H 450 26.37 8.21 -19.52
N VAL H 451 27.15 9.11 -20.12
CA VAL H 451 27.29 9.12 -21.57
C VAL H 451 28.70 8.71 -21.95
N TRP H 452 28.83 7.61 -22.69
CA TRP H 452 30.13 7.17 -23.16
C TRP H 452 30.42 7.71 -24.57
N VAL H 453 31.67 8.11 -24.80
CA VAL H 453 32.10 8.61 -26.11
C VAL H 453 33.20 7.70 -26.68
N ASN H 454 32.90 7.03 -27.79
CA ASN H 454 33.82 6.07 -28.41
C ASN H 454 34.23 4.91 -27.50
N CYS H 455 33.36 4.58 -26.56
CA CYS H 455 33.55 3.43 -25.69
C CYS H 455 32.19 3.08 -25.10
N TYR H 456 32.14 2.05 -24.26
CA TYR H 456 30.90 1.64 -23.60
C TYR H 456 31.21 0.80 -22.39
N ASP H 457 30.36 0.90 -21.36
CA ASP H 457 30.51 0.13 -20.12
C ASP H 457 31.86 0.36 -19.45
N VAL H 458 32.42 1.54 -19.68
CA VAL H 458 33.63 1.95 -18.99
C VAL H 458 33.24 2.48 -17.63
N PHE H 459 33.40 1.66 -16.59
CA PHE H 459 33.10 2.08 -15.24
C PHE H 459 34.38 2.38 -14.49
N GLY H 460 34.27 3.27 -13.52
CA GLY H 460 35.37 3.54 -12.61
C GLY H 460 34.79 3.95 -11.28
N ALA H 461 35.39 3.46 -10.19
CA ALA H 461 34.91 3.74 -8.85
C ALA H 461 35.00 5.23 -8.54
N GLN H 462 35.84 5.93 -9.31
CA GLN H 462 36.01 7.37 -9.17
C GLN H 462 34.85 8.15 -9.80
N SER H 463 34.22 7.57 -10.82
CA SER H 463 33.18 8.27 -11.56
C SER H 463 31.79 7.79 -11.20
N PRO H 464 30.87 8.73 -10.91
CA PRO H 464 29.53 8.43 -10.44
C PRO H 464 28.66 7.71 -11.48
N PHE H 465 27.72 6.90 -10.97
CA PHE H 465 26.81 6.17 -11.83
C PHE H 465 25.42 6.16 -11.22
N GLY H 466 24.41 6.42 -12.05
CA GLY H 466 23.03 6.46 -11.62
C GLY H 466 22.15 6.91 -12.77
N GLY H 467 20.84 6.88 -12.58
CA GLY H 467 19.93 7.18 -13.68
C GLY H 467 19.26 8.53 -13.68
N TYR H 468 18.90 8.97 -14.89
CA TYR H 468 17.91 10.01 -15.07
C TYR H 468 16.55 9.34 -15.06
N LYS H 469 15.49 10.13 -14.90
CA LYS H 469 14.12 9.64 -15.04
C LYS H 469 13.84 8.39 -14.20
N MET H 470 13.16 7.41 -14.78
CA MET H 470 12.78 6.23 -14.01
C MET H 470 13.89 5.18 -13.94
N SER H 471 15.10 5.56 -14.32
CA SER H 471 16.25 4.67 -14.16
C SER H 471 16.82 4.74 -12.75
N GLY H 472 16.24 5.63 -11.93
CA GLY H 472 16.65 5.73 -10.54
C GLY H 472 16.88 7.16 -10.07
N SER H 473 17.40 7.29 -8.85
CA SER H 473 17.70 8.58 -8.28
C SER H 473 18.94 8.46 -7.41
N GLY H 474 19.71 9.53 -7.33
CA GLY H 474 20.95 9.51 -6.59
C GLY H 474 22.05 8.90 -7.44
N ARG H 475 23.26 8.90 -6.89
CA ARG H 475 24.40 8.40 -7.64
C ARG H 475 25.24 7.50 -6.74
N GLU H 476 25.80 6.46 -7.33
CA GLU H 476 26.78 5.63 -6.63
C GLU H 476 28.14 5.85 -7.28
N LEU H 477 29.19 5.38 -6.61
CA LEU H 477 30.57 5.62 -7.04
C LEU H 477 30.98 7.09 -6.89
N GLY H 478 32.30 7.33 -6.91
CA GLY H 478 32.83 8.66 -6.77
C GLY H 478 32.55 9.33 -5.43
N GLU H 479 32.79 10.63 -5.35
CA GLU H 479 32.50 11.40 -4.16
C GLU H 479 30.99 11.46 -3.95
N TYR H 480 30.27 11.54 -5.06
CA TYR H 480 28.81 11.60 -5.07
C TYR H 480 28.15 10.46 -4.28
N GLY H 481 28.75 9.28 -4.32
CA GLY H 481 28.20 8.12 -3.64
C GLY H 481 28.24 8.19 -2.12
N LEU H 482 28.82 9.27 -1.59
CA LEU H 482 28.91 9.47 -0.15
C LEU H 482 27.77 10.34 0.39
N GLN H 483 27.10 11.06 -0.51
CA GLN H 483 26.10 12.05 -0.11
C GLN H 483 24.88 11.42 0.57
N ALA H 484 24.38 10.32 0.00
CA ALA H 484 23.19 9.66 0.56
C ALA H 484 23.50 8.91 1.84
N TYR H 485 24.78 8.70 2.13
CA TYR H 485 25.20 8.01 3.34
C TYR H 485 25.64 8.98 4.43
N THR H 486 25.41 10.26 4.18
CA THR H 486 25.78 11.33 5.10
C THR H 486 24.54 12.06 5.62
N GLU H 487 24.50 12.32 6.92
CA GLU H 487 23.49 13.19 7.50
C GLU H 487 24.17 14.47 7.93
N VAL H 488 23.73 15.59 7.37
CA VAL H 488 24.36 16.88 7.61
C VAL H 488 23.80 17.57 8.85
N LYS H 489 24.67 17.92 9.78
CA LYS H 489 24.28 18.67 10.98
C LYS H 489 24.94 20.04 11.00
N THR H 490 24.13 21.07 11.06
CA THR H 490 24.63 22.43 11.20
C THR H 490 24.72 22.79 12.67
N VAL H 491 25.89 23.23 13.10
CA VAL H 491 26.04 23.70 14.46
C VAL H 491 26.36 25.19 14.45
N THR H 492 25.49 25.98 15.08
CA THR H 492 25.63 27.43 15.06
C THR H 492 25.80 27.99 16.47
N VAL H 493 26.97 28.57 16.72
CA VAL H 493 27.42 28.95 18.06
C VAL H 493 27.53 30.46 18.23
N LYS H 494 26.89 30.99 19.25
CA LYS H 494 27.06 32.41 19.57
C LYS H 494 28.50 32.65 20.03
N VAL H 495 29.12 33.70 19.50
CA VAL H 495 30.49 34.05 19.89
C VAL H 495 30.52 35.51 20.36
N PRO H 496 31.50 35.86 21.20
CA PRO H 496 31.66 37.25 21.66
C PRO H 496 31.72 38.26 20.52
N GLN H 497 32.58 38.01 19.52
CA GLN H 497 32.72 38.92 18.39
C GLN H 497 33.28 38.21 17.16
N LYS H 498 32.43 38.05 16.14
CA LYS H 498 32.82 37.44 14.88
C LYS H 498 33.82 38.32 14.13
N ASN H 499 34.90 37.72 13.65
CA ASN H 499 35.84 38.42 12.78
C ASN H 499 36.16 37.56 11.56
N SER H 500 36.51 38.21 10.46
CA SER H 500 36.83 37.49 9.24
C SER H 500 38.03 36.58 9.45
O9 TNG I . -44.13 -39.05 25.13
N3 TNG I . -43.95 -37.99 24.65
O8 TNG I . -42.96 -37.31 24.69
O7 TNG I . -45.03 -37.47 23.89
C3 TNG I . -44.62 -36.78 22.69
C2 TNG I . -45.15 -35.32 22.69
O4 TNG I . -45.10 -34.99 24.08
N2 TNG I . -43.93 -34.31 24.46
O6 TNG I . -43.47 -33.54 23.66
O5 TNG I . -43.55 -34.56 25.55
C1 TNG I . -46.60 -35.24 22.18
O3 TNG I . -46.77 -36.14 21.06
N1 TNG I . -47.99 -36.86 21.08
O2 TNG I . -48.87 -36.41 20.40
O1 TNG I . -48.02 -37.82 21.80
PA NAD J . -60.08 -39.67 19.74
O1A NAD J . -61.42 -40.31 19.87
O2A NAD J . -59.24 -39.94 18.52
O5B NAD J . -60.30 -38.08 19.95
C5B NAD J . -59.28 -37.10 19.71
C4B NAD J . -59.99 -35.75 19.64
O4B NAD J . -60.90 -35.82 18.54
C3B NAD J . -60.83 -35.48 20.87
O3B NAD J . -60.77 -34.08 21.16
C2B NAD J . -62.26 -35.84 20.49
O2B NAD J . -63.23 -35.02 21.14
C1B NAD J . -62.24 -35.61 19.00
N9A NAD J . -63.20 -36.51 18.28
C8A NAD J . -63.67 -37.70 18.68
N7A NAD J . -64.53 -38.20 17.74
C5A NAD J . -64.61 -37.30 16.74
C6A NAD J . -65.33 -37.19 15.45
N6A NAD J . -66.17 -38.16 15.02
N1A NAD J . -65.12 -36.08 14.69
C2A NAD J . -64.30 -35.09 15.10
N3A NAD J . -63.62 -35.13 16.25
C4A NAD J . -63.73 -36.19 17.10
O3 NAD J . -59.22 -40.03 21.07
PN NAD J . -59.90 -40.91 22.25
O1N NAD J . -61.12 -41.61 21.71
O2N NAD J . -60.09 -40.03 23.47
O5D NAD J . -58.74 -41.98 22.54
C5D NAD J . -58.88 -43.28 21.99
C4D NAD J . -57.55 -43.71 21.36
O4D NAD J . -56.92 -42.59 20.71
C3D NAD J . -56.55 -44.18 22.40
O3D NAD J . -56.65 -45.60 22.60
C2D NAD J . -55.22 -43.83 21.80
O2D NAD J . -54.80 -44.97 21.04
C1D NAD J . -55.49 -42.66 20.87
MG MG K . -63.68 -41.46 20.65
C URE L . -56.92 -15.92 2.79
O URE L . -57.68 -15.24 2.08
N1 URE L . -55.65 -15.55 3.00
N2 URE L . -57.34 -17.03 3.39
NA NA M . -60.53 -35.25 33.26
PB ADP N . -63.77 -34.07 -16.74
O1B ADP N . -65.10 -34.46 -16.13
O2B ADP N . -63.14 -35.15 -17.61
O3B ADP N . -63.77 -32.70 -17.39
PA ADP N . -62.73 -35.07 -14.36
O1A ADP N . -63.92 -35.95 -14.65
O2A ADP N . -62.52 -34.51 -12.98
O3A ADP N . -62.78 -33.90 -15.46
O5' ADP N . -61.43 -35.95 -14.74
C5' ADP N . -60.10 -35.62 -14.37
C4' ADP N . -59.34 -36.93 -14.23
O4' ADP N . -59.88 -37.64 -13.12
C3' ADP N . -59.53 -37.81 -15.45
O3' ADP N . -58.29 -38.47 -15.75
C2' ADP N . -60.52 -38.86 -15.01
O2' ADP N . -60.31 -40.12 -15.67
C1' ADP N . -60.31 -38.95 -13.52
N9 ADP N . -61.56 -39.34 -12.80
C8 ADP N . -62.82 -39.15 -13.21
N7 ADP N . -63.71 -39.65 -12.31
C5 ADP N . -63.00 -40.17 -11.30
C6 ADP N . -63.32 -40.86 -10.02
N6 ADP N . -64.61 -41.08 -9.65
N1 ADP N . -62.28 -41.26 -9.25
C2 ADP N . -60.99 -41.04 -9.62
N3 ADP N . -60.64 -40.42 -10.76
C4 ADP N . -61.58 -39.99 -11.62
MG MG O . -65.90 -36.35 -15.25
C URE P . -40.53 -43.20 2.65
O URE P . -40.17 -44.33 2.99
N1 URE P . -41.76 -42.97 2.21
N2 URE P . -39.70 -42.16 2.68
NA NA Q . -59.02 -37.67 -28.22
PA NAD R . -15.76 8.09 11.30
O1A NAD R . -14.42 8.76 11.40
O2A NAD R . -16.14 7.28 10.08
O5B NAD R . -15.93 7.17 12.61
C5B NAD R . -16.91 6.16 12.77
C4B NAD R . -16.39 5.26 13.87
O4B NAD R . -15.16 4.73 13.41
C3B NAD R . -16.09 6.01 15.16
O3B NAD R . -16.41 5.16 16.27
C2B NAD R . -14.60 6.20 15.16
O2B NAD R . -14.07 6.20 16.48
C1B NAD R . -14.12 5.02 14.34
N9A NAD R . -12.83 5.34 13.65
C8A NAD R . -12.42 6.56 13.25
N7A NAD R . -11.20 6.48 12.68
C5A NAD R . -10.80 5.19 12.71
C6A NAD R . -9.61 4.42 12.26
N6A NAD R . -8.57 5.03 11.66
N1A NAD R . -9.60 3.08 12.49
C2A NAD R . -10.64 2.46 13.08
N3A NAD R . -11.74 3.10 13.51
C4A NAD R . -11.88 4.44 13.35
O3 NAD R . -16.87 9.21 11.59
PN NAD R . -16.43 10.75 11.83
O1N NAD R . -14.97 10.94 11.50
O2N NAD R . -16.98 11.20 13.16
O5D NAD R . -17.37 11.40 10.68
C5D NAD R . -16.79 11.76 9.43
C4D NAD R . -17.86 11.65 8.35
O4D NAD R . -18.42 10.34 8.25
C3D NAD R . -19.05 12.55 8.61
O3D NAD R . -18.79 13.84 8.04
C2D NAD R . -20.17 11.86 7.88
O2D NAD R . -20.19 12.36 6.55
C1D NAD R . -19.78 10.40 7.81
MG MG S . -12.93 10.29 11.60
C URE T . -15.65 -20.95 15.26
O URE T . -14.78 -21.59 15.86
N1 URE T . -16.87 -21.45 15.09
N2 URE T . -15.41 -19.74 14.74
NA NA U . -21.56 14.19 23.01
C URE V . -37.94 23.03 28.37
O URE V . -38.27 21.95 28.88
N1 URE V . -36.76 23.19 27.79
N2 URE V . -38.76 24.08 28.40
PA NAD W . -0.26 -17.23 -5.95
O1A NAD W . 1.00 -16.40 -6.08
O2A NAD W . -1.15 -17.17 -4.72
O5B NAD W . -1.12 -17.02 -7.29
C5B NAD W . -2.47 -17.45 -7.46
C4B NAD W . -3.06 -16.54 -8.55
O4B NAD W . -2.88 -15.21 -8.08
C3B NAD W . -2.29 -16.64 -9.86
O3B NAD W . -3.25 -16.49 -10.91
C2B NAD W . -1.38 -15.43 -9.88
O2B NAD W . -1.15 -14.96 -11.20
C1B NAD W . -2.15 -14.44 -9.04
N9A NAD W . -1.28 -13.44 -8.36
C8A NAD W . 0.00 -13.62 -7.98
N7A NAD W . 0.49 -12.48 -7.42
C5A NAD W . -0.50 -11.55 -7.44
C6A NAD W . -0.67 -10.14 -7.01
N6A NAD W . 0.35 -9.48 -6.43
N1A NAD W . -1.87 -9.56 -7.23
C2A NAD W . -2.89 -10.20 -7.82
N3A NAD W . -2.80 -11.48 -8.23
C4A NAD W . -1.67 -12.20 -8.07
O3 NAD W . 0.18 -18.76 -6.13
PN NAD W . 1.74 -19.13 -6.31
O1N NAD W . 2.62 -17.97 -5.87
O2N NAD W . 1.96 -19.71 -7.68
O5D NAD W . 1.81 -20.37 -5.28
C5D NAD W . 2.65 -20.19 -4.13
C4D NAD W . 2.04 -20.95 -2.96
O4D NAD W . 0.61 -20.79 -2.97
C3D NAD W . 2.30 -22.43 -3.10
O3D NAD W . 3.45 -22.81 -2.35
C2D NAD W . 1.08 -23.07 -2.50
O2D NAD W . 1.36 -23.28 -1.10
C1D NAD W . -0.03 -22.04 -2.68
MG MG X . 3.03 -15.62 -6.69
C URE Y . -25.87 -4.15 -9.71
O URE Y . -26.21 -3.06 -10.20
N1 URE Y . -26.76 -5.10 -9.45
N2 URE Y . -24.60 -4.41 -9.42
NA NA Z . 2.55 -25.30 -17.66
PB ADP AA . 56.48 47.54 -18.42
O1B ADP AA . 57.80 47.87 -17.77
O2B ADP AA . 56.57 46.83 -19.76
O3B ADP AA . 55.48 48.68 -18.45
PA ADP AA . 56.53 46.08 -16.00
O1A ADP AA . 57.86 46.79 -15.94
O2A ADP AA . 56.52 44.58 -15.83
O3A ADP AA . 55.82 46.46 -17.41
O5' ADP AA . 55.62 46.78 -14.88
C5' ADP AA . 54.33 46.31 -14.46
C4' ADP AA . 53.97 47.01 -13.14
O4' ADP AA . 55.04 46.75 -12.23
C3' ADP AA . 53.89 48.52 -13.28
O3' ADP AA . 52.88 49.02 -12.39
C2' ADP AA . 55.23 49.03 -12.81
O2' ADP AA . 55.13 50.33 -12.23
C1' ADP AA . 55.64 47.98 -11.80
N9 ADP AA . 57.11 47.86 -11.68
C8 ADP AA . 58.04 48.14 -12.63
N7 ADP AA . 59.29 47.95 -12.16
C5 ADP AA . 59.20 47.53 -10.87
C6 ADP AA . 60.14 47.14 -9.81
N6 ADP AA . 61.48 47.15 -10.01
N1 ADP AA . 59.62 46.78 -8.61
C2 ADP AA . 58.28 46.76 -8.39
N3 ADP AA . 57.37 47.09 -9.32
C4 ADP AA . 57.76 47.49 -10.57
MG MG BA . 59.68 47.76 -16.88
NA NA CA . 48.39 57.43 -20.26
C URE DA . 35.79 15.86 -25.03
O URE DA . 36.56 15.22 -24.31
N1 URE DA . 36.07 17.12 -25.39
N2 URE DA . 34.66 15.33 -25.50
PA NAD EA . 68.65 24.53 8.24
O1A NAD EA . 70.05 25.06 8.05
O2A NAD EA . 67.47 25.46 8.02
O5B NAD EA . 68.53 23.25 7.28
C5B NAD EA . 67.32 22.73 6.75
C4B NAD EA . 67.69 21.97 5.50
O4B NAD EA . 68.07 22.95 4.52
C3B NAD EA . 68.88 21.07 5.74
O3B NAD EA . 68.64 19.78 5.16
C2B NAD EA . 70.05 21.73 5.04
O2B NAD EA . 70.89 20.75 4.42
C1B NAD EA . 69.39 22.65 4.03
N9A NAD EA . 70.16 23.90 3.82
C8A NAD EA . 71.01 24.49 4.69
N7A NAD EA . 71.54 25.62 4.15
C5A NAD EA . 71.05 25.76 2.91
C6A NAD EA . 71.19 26.72 1.79
N6A NAD EA . 72.01 27.80 1.90
N1A NAD EA . 70.48 26.49 0.66
C2A NAD EA . 69.67 25.43 0.53
N3A NAD EA . 69.48 24.51 1.51
C4A NAD EA . 70.14 24.62 2.69
O3 NAD EA . 68.57 23.82 9.67
PN NAD EA . 69.90 23.77 10.61
O1N NAD EA . 70.85 24.86 10.20
O2N NAD EA . 70.43 22.36 10.70
O5D NAD EA . 69.17 24.15 12.01
C5D NAD EA . 69.33 25.48 12.51
C4D NAD EA . 68.01 26.01 13.06
O4D NAD EA . 66.89 25.50 12.31
C3D NAD EA . 67.75 25.57 14.48
O3D NAD EA . 68.38 26.45 15.43
C2D NAD EA . 66.25 25.73 14.57
O2D NAD EA . 66.01 27.11 14.86
C1D NAD EA . 65.74 25.40 13.18
MG MG FA . 71.91 26.29 8.61
NA NA GA . 73.28 11.58 13.05
PB ADP HA . -0.48 22.51 7.48
O1B ADP HA . -1.64 22.73 6.53
O2B ADP HA . -0.83 21.69 8.71
O3B ADP HA . 0.37 23.72 7.82
PA ADP HA . 0.13 20.60 5.43
O1A ADP HA . -1.33 20.24 5.55
O2A ADP HA . 1.17 19.52 5.29
O3A ADP HA . 0.56 21.57 6.65
O5' ADP HA . 0.19 21.56 4.13
C5' ADP HA . 1.39 22.16 3.62
C4' ADP HA . 1.19 22.43 2.14
O4' ADP HA . 0.95 21.20 1.47
C3' ADP HA . 0.01 23.33 1.83
O3' ADP HA . 0.37 24.22 0.76
C2' ADP HA . -1.06 22.41 1.35
O2' ADP HA . -1.90 23.07 0.40
C1' ADP HA . -0.28 21.26 0.75
N9 ADP HA . -1.01 19.96 0.86
C8 ADP HA . -1.96 19.65 1.77
N7 ADP HA . -2.41 18.40 1.57
C5 ADP HA . -1.76 17.86 0.52
C6 ADP HA . -1.78 16.56 -0.20
N6 ADP HA . -2.61 15.56 0.17
N1 ADP HA . -0.94 16.43 -1.25
C2 ADP HA . -0.11 17.42 -1.63
N3 ADP HA . -0.04 18.62 -1.01
C4 ADP HA . -0.83 18.90 0.05
MG MG IA . -3.50 19.82 5.67
NA NA JA . -4.99 34.33 4.95
C1 BTB KA . 20.89 35.16 38.09
O1 BTB KA . 19.91 35.26 39.12
C2 BTB KA . 21.14 36.53 37.49
C3 BTB KA . 21.83 37.43 38.53
O3 BTB KA . 21.40 38.79 38.38
C4 BTB KA . 19.80 37.15 37.09
O4 BTB KA . 19.22 36.35 36.05
N BTB KA . 21.99 36.39 36.29
C5 BTB KA . 23.34 35.94 36.68
C6 BTB KA . 23.71 34.64 35.95
O6 BTB KA . 22.52 33.98 35.50
C7 BTB KA . 22.08 37.68 35.58
C8 BTB KA . 22.64 37.46 34.18
O8 BTB KA . 21.75 36.64 33.43
PB ADP LA . 14.33 -9.87 -10.28
O1B ADP LA . 13.12 -10.19 -9.44
O2B ADP LA . 13.98 -9.65 -11.75
O3B ADP LA . 15.50 -10.82 -10.11
PA ADP LA . 14.06 -7.57 -8.63
O1A ADP LA . 12.70 -8.19 -8.47
O2A ADP LA . 14.16 -6.10 -8.97
O3A ADP LA . 14.85 -8.43 -9.76
O5' ADP LA . 14.86 -7.78 -7.25
C5' ADP LA . 16.08 -7.11 -6.89
C4' ADP LA . 16.28 -7.34 -5.39
O4' ADP LA . 15.14 -6.81 -4.70
C3' ADP LA . 16.34 -8.81 -5.03
O3' ADP LA . 17.34 -8.99 -4.02
C2' ADP LA . 14.99 -9.14 -4.45
O2' ADP LA . 15.06 -10.18 -3.47
C1' ADP LA . 14.54 -7.81 -3.89
N9 ADP LA . 13.05 -7.71 -3.90
C8 ADP LA . 12.20 -8.37 -4.70
N7 ADP LA . 10.91 -8.06 -4.42
C5 ADP LA . 10.92 -7.17 -3.41
C6 ADP LA . 9.91 -6.43 -2.61
N6 ADP LA . 8.59 -6.57 -2.87
N1 ADP LA . 10.35 -5.60 -1.64
C2 ADP LA . 11.66 -5.45 -1.38
N3 ADP LA . 12.63 -6.09 -2.05
C4 ADP LA . 12.33 -6.95 -3.06
MG MG MA . 10.11 -9.10 -9.15
NA NA NA . 22.44 -19.42 -8.40
#